data_5LI2
#
_entry.id   5LI2
#
loop_
_entity.id
_entity.type
_entity.pdbx_description
1 polymer 'tail sheath protein'
2 polymer 'Phage-like element PBSX protein XkdM'
#
loop_
_entity_poly.entity_id
_entity_poly.type
_entity_poly.pdbx_seq_one_letter_code
_entity_poly.pdbx_strand_id
1 'polypeptide(L)'
;MAVEPFPRRPITRPHASIEVDTSGIGGSAGSSEKVFCLIGQAEGGEPNTVYELRNYSQAKRLFRSGELLDAIELAWGSNP
NYTAGRILAMRIEDAKPASAEIGGLKITSKIYGNVANNIQVGLEKNTLSDSLRLRVIFQDDRFNEVYDNIGNIFTIKYKG
EEANATFSVEHDEETQKASRLVLKVGDQEVKSYDLTGGAYDYTNAIITDINQLPDFEAKLSPFGDKNLESSKLDKIENAN
IKDKAVYVKAVFGDLEKQTAYNGIVSFEQLNAEGEVPSNVEVEAGEESATVTATSPIKTIEPFELTKLKGGTNGEPPATW
ADKLDKFAHEGGYYIVPLSSKQSVHAEVASFVKERSDAGEPMRAIVGGGFNESKEQLFGRQASLSNPRVSLVANSGTFVM
DDGRKNHVPAYMVAVALGGLASGLEIGESITFKPLRVSSLDQIYESIDLDELNENGIISIEFVRNRTNTFFRIVDDVTTF
NDKSDPVKAEMAVGEANDFLVSELKVQLEDQFIGTRTINTSASIIKDFIQSYLGRKKRDNEIQDFPAEDVQVIVEGNEAR
ISMTVYPIRSFKKISVSLVYKQQTLQA
;
A,B,C,D,E,F
2 'polypeptide(L)'
;MALKAQNTISGKEGRLFLDGEEMAHIKTFEANVEKNKSEVNIMGRRMTGHKTTGANGTGTATFYKVTSKFVLLMMDYVKK
GSDPYFTLQAVLDDQSSGRGTERVTLYDVNFDSAKIASLDVDSEALEEEVPFTFEDFDVPEKLSDTFLEHHHHHH
;
G,H,I,J,K,L
#
# COMPACT_ATOMS: atom_id res chain seq x y z
N SER A 31 -40.23 14.20 26.57
CA SER A 31 -40.49 12.82 26.17
C SER A 31 -41.27 12.48 24.92
N SER A 32 -41.76 15.76 23.94
CA SER A 32 -42.35 16.93 24.59
C SER A 32 -43.28 16.52 25.71
N GLU A 33 -43.03 15.55 26.44
CA GLU A 33 -43.61 15.26 27.72
C GLU A 33 -45.13 15.23 27.73
N LYS A 34 -45.70 14.34 26.92
CA LYS A 34 -47.13 14.24 26.80
C LYS A 34 -47.73 13.84 28.12
N VAL A 35 -47.91 14.82 29.01
CA VAL A 35 -48.44 14.53 30.33
C VAL A 35 -49.89 14.87 30.15
N PHE A 36 -50.75 13.87 30.30
CA PHE A 36 -52.20 14.12 30.23
C PHE A 36 -52.69 14.50 31.61
N CYS A 37 -53.97 14.82 31.68
CA CYS A 37 -54.59 15.17 32.94
C CYS A 37 -56.06 14.82 32.84
N LEU A 38 -56.54 14.09 33.82
CA LEU A 38 -57.90 13.60 33.80
C LEU A 38 -58.49 13.63 35.19
N ILE A 39 -59.74 14.05 35.28
CA ILE A 39 -60.44 14.05 36.54
C ILE A 39 -61.85 13.57 36.32
N GLY A 40 -62.31 12.69 37.18
CA GLY A 40 -63.64 12.15 37.06
C GLY A 40 -63.94 11.10 38.10
N GLN A 41 -65.12 10.51 37.97
CA GLN A 41 -65.62 9.57 38.96
C GLN A 41 -65.07 8.17 38.73
N ALA A 42 -64.63 7.53 39.79
CA ALA A 42 -64.08 6.18 39.69
C ALA A 42 -64.60 5.24 40.76
N GLU A 43 -64.40 3.94 40.53
CA GLU A 43 -64.89 2.91 41.41
C GLU A 43 -64.03 2.83 42.65
N GLY A 44 -62.88 3.45 42.60
CA GLY A 44 -61.86 3.27 43.64
C GLY A 44 -60.95 4.49 43.77
N GLY A 45 -60.73 4.94 45.00
CA GLY A 45 -59.89 6.09 45.26
C GLY A 45 -58.46 5.76 44.93
N GLU A 46 -57.53 6.68 45.18
CA GLU A 46 -57.55 7.88 46.00
C GLU A 46 -58.54 8.93 45.56
N PRO A 47 -59.17 9.54 46.55
CA PRO A 47 -60.06 10.65 46.32
C PRO A 47 -59.30 11.96 46.44
N ASN A 48 -59.50 12.84 45.48
CA ASN A 48 -58.86 14.13 45.48
C ASN A 48 -57.36 14.02 45.72
N THR A 49 -56.71 13.22 44.90
CA THR A 49 -55.27 13.11 44.93
C THR A 49 -54.75 12.98 43.52
N VAL A 50 -53.66 13.68 43.23
CA VAL A 50 -53.06 13.61 41.91
C VAL A 50 -52.21 12.36 41.77
N TYR A 51 -52.81 11.20 41.98
CA TYR A 51 -52.12 9.96 41.76
C TYR A 51 -51.81 9.81 40.28
N GLU A 52 -50.60 9.40 39.96
CA GLU A 52 -50.21 9.22 38.56
C GLU A 52 -50.43 7.78 38.13
N LEU A 53 -50.71 7.61 36.85
CA LEU A 53 -51.02 6.31 36.29
C LEU A 53 -50.28 6.10 34.98
N ARG A 54 -49.75 4.91 34.77
CA ARG A 54 -48.96 4.65 33.58
C ARG A 54 -49.46 3.47 32.73
N ASN A 55 -49.93 2.42 33.40
CA ASN A 55 -50.45 1.26 32.70
C ASN A 55 -51.96 1.22 32.73
N TYR A 56 -52.54 0.30 31.97
CA TYR A 56 -53.97 0.04 32.08
C TYR A 56 -54.16 -0.83 33.29
N SER A 57 -53.47 -1.95 33.32
CA SER A 57 -53.53 -2.89 34.44
C SER A 57 -53.10 -2.23 35.72
N GLN A 58 -52.58 -1.01 35.61
CA GLN A 58 -52.14 -0.26 36.76
C GLN A 58 -53.17 0.78 37.19
N ALA A 59 -54.07 1.13 36.29
CA ALA A 59 -55.15 2.02 36.69
C ALA A 59 -56.30 1.17 37.22
N LYS A 60 -56.51 0.01 36.63
CA LYS A 60 -57.50 -0.92 37.16
C LYS A 60 -57.13 -1.26 38.60
N ARG A 61 -55.90 -1.64 38.79
CA ARG A 61 -55.39 -1.86 40.14
C ARG A 61 -55.83 -0.75 41.07
N LEU A 62 -55.90 0.48 40.55
CA LEU A 62 -56.03 1.65 41.41
C LEU A 62 -57.40 2.33 41.35
N PHE A 63 -58.04 2.31 40.20
CA PHE A 63 -59.35 2.92 40.08
C PHE A 63 -60.18 2.02 39.21
N ARG A 64 -59.96 0.73 39.35
CA ARG A 64 -60.29 -0.26 38.36
C ARG A 64 -61.07 -0.91 37.26
N SER A 65 -62.37 -1.05 37.52
CA SER A 65 -63.34 -1.52 36.56
C SER A 65 -64.26 -0.35 36.32
N GLY A 66 -64.91 -0.34 35.16
CA GLY A 66 -65.82 0.74 34.80
C GLY A 66 -67.25 0.41 35.18
N GLU A 67 -67.81 1.11 36.17
CA GLU A 67 -69.21 0.92 36.50
C GLU A 67 -69.99 1.77 35.54
N LEU A 68 -71.30 1.55 35.46
CA LEU A 68 -72.15 2.29 34.54
C LEU A 68 -72.26 3.76 34.92
N LEU A 69 -71.61 4.10 36.02
CA LEU A 69 -71.57 5.46 36.51
C LEU A 69 -70.14 5.96 36.41
N ASP A 70 -69.23 5.05 36.06
CA ASP A 70 -67.82 5.34 35.97
C ASP A 70 -67.34 5.27 34.53
N ALA A 71 -67.91 4.34 33.79
CA ALA A 71 -67.49 4.03 32.43
C ALA A 71 -66.67 5.10 31.72
N ILE A 72 -67.30 6.20 31.37
CA ILE A 72 -66.67 7.18 30.50
C ILE A 72 -65.37 7.73 31.03
N GLU A 73 -65.05 7.47 32.28
CA GLU A 73 -63.81 7.97 32.86
C GLU A 73 -62.75 6.89 32.86
N LEU A 74 -63.16 5.67 33.12
CA LEU A 74 -62.24 4.56 32.98
C LEU A 74 -61.76 4.53 31.55
N ALA A 75 -62.69 4.36 30.63
CA ALA A 75 -62.37 4.41 29.21
C ALA A 75 -61.48 5.60 28.91
N TRP A 76 -61.96 6.78 29.27
CA TRP A 76 -61.23 8.01 29.03
C TRP A 76 -59.75 7.80 29.22
N GLY A 77 -59.39 7.29 30.40
CA GLY A 77 -58.02 6.93 30.68
C GLY A 77 -57.59 5.76 29.81
N SER A 78 -58.15 4.59 30.05
CA SER A 78 -57.72 3.40 29.35
C SER A 78 -57.35 3.65 27.90
N ASN A 79 -58.33 4.02 27.09
CA ASN A 79 -58.09 4.17 25.67
C ASN A 79 -57.26 5.41 25.34
N PRO A 80 -56.65 6.00 26.36
CA PRO A 80 -55.64 7.03 26.16
C PRO A 80 -54.28 6.43 26.38
N ASN A 81 -54.13 5.63 27.43
CA ASN A 81 -52.87 4.99 27.72
C ASN A 81 -52.41 4.18 26.52
N TYR A 82 -53.24 4.12 25.49
CA TYR A 82 -52.87 3.48 24.23
C TYR A 82 -51.84 4.31 23.47
N THR A 83 -51.93 5.63 23.61
CA THR A 83 -50.92 6.54 23.09
C THR A 83 -50.21 7.21 24.26
N ALA A 84 -50.44 6.71 25.45
CA ALA A 84 -50.09 7.43 26.65
C ALA A 84 -48.88 6.95 27.40
N GLY A 85 -48.09 7.92 27.88
CA GLY A 85 -46.98 7.65 28.74
C GLY A 85 -47.46 7.79 30.17
N ARG A 86 -47.74 9.03 30.56
CA ARG A 86 -48.18 9.32 31.91
C ARG A 86 -49.53 10.04 31.94
N ILE A 87 -50.35 9.67 32.91
CA ILE A 87 -51.65 10.26 33.11
C ILE A 87 -51.78 10.63 34.56
N LEU A 88 -52.18 11.85 34.84
CA LEU A 88 -52.40 12.24 36.20
C LEU A 88 -53.89 12.34 36.40
N ALA A 89 -54.43 11.63 37.39
CA ALA A 89 -55.87 11.62 37.65
C ALA A 89 -56.23 12.13 39.02
N MET A 90 -57.49 12.47 39.19
CA MET A 90 -58.02 12.89 40.47
C MET A 90 -59.44 12.38 40.60
N ARG A 91 -59.68 11.48 41.55
CA ARG A 91 -61.01 10.90 41.69
C ARG A 91 -61.97 11.87 42.34
N ILE A 92 -63.11 12.08 41.71
CA ILE A 92 -64.16 12.90 42.31
C ILE A 92 -65.05 12.04 43.18
N GLU A 93 -65.07 12.36 44.46
CA GLU A 93 -65.93 11.69 45.42
C GLU A 93 -66.93 12.72 45.93
N LEU A 105 -58.74 6.09 65.20
CA LEU A 105 -58.63 7.33 64.56
C LEU A 105 -58.40 7.15 63.13
N LYS A 106 -59.28 7.63 62.33
CA LYS A 106 -59.15 7.51 60.93
C LYS A 106 -58.03 8.34 60.44
N ILE A 107 -56.86 7.82 60.57
CA ILE A 107 -55.68 8.51 60.23
C ILE A 107 -55.70 9.04 58.86
N THR A 108 -56.24 8.29 57.98
CA THR A 108 -56.37 8.73 56.64
C THR A 108 -57.63 8.28 56.04
N SER A 109 -58.54 9.18 55.88
CA SER A 109 -59.78 8.86 55.29
C SER A 109 -59.50 8.35 53.97
N LYS A 110 -60.06 7.25 53.61
CA LYS A 110 -59.83 6.75 52.32
C LYS A 110 -60.55 7.56 51.36
N ILE A 111 -60.84 6.98 50.25
CA ILE A 111 -61.72 7.54 49.33
C ILE A 111 -62.48 6.41 48.76
N TYR A 112 -63.58 6.68 48.16
CA TYR A 112 -64.32 5.66 47.51
C TYR A 112 -64.66 4.49 48.35
N GLY A 113 -64.64 4.66 49.62
CA GLY A 113 -65.15 3.66 50.50
C GLY A 113 -66.61 3.82 50.57
N ASN A 114 -67.27 2.93 51.21
CA ASN A 114 -68.68 3.02 51.35
C ASN A 114 -69.02 2.67 52.76
N VAL A 115 -70.26 2.53 53.03
CA VAL A 115 -70.70 2.23 54.33
C VAL A 115 -70.81 1.01 55.18
N ALA A 116 -70.82 -0.12 54.60
CA ALA A 116 -70.90 -1.32 55.32
C ALA A 116 -69.73 -2.05 54.81
N ASN A 117 -68.67 -1.38 54.52
CA ASN A 117 -67.47 -2.04 54.15
C ASN A 117 -66.96 -2.51 55.43
N ASN A 118 -66.62 -3.74 55.50
CA ASN A 118 -66.27 -4.33 56.73
C ASN A 118 -64.88 -4.10 57.12
N ILE A 119 -64.65 -4.05 58.38
CA ILE A 119 -63.37 -3.80 58.91
C ILE A 119 -62.93 -4.96 59.69
N GLN A 120 -61.67 -5.17 59.72
CA GLN A 120 -61.14 -6.31 60.36
C GLN A 120 -60.03 -5.95 61.25
N VAL A 121 -60.13 -6.35 62.47
CA VAL A 121 -59.13 -6.07 63.42
C VAL A 121 -58.33 -7.29 63.63
N GLY A 122 -57.08 -7.19 63.38
CA GLY A 122 -56.24 -8.31 63.48
C GLY A 122 -55.34 -8.19 64.64
N LEU A 123 -55.00 -9.28 65.21
CA LEU A 123 -54.00 -9.32 66.19
C LEU A 123 -52.82 -10.00 65.65
N GLU A 124 -51.86 -9.22 65.27
CA GLU A 124 -50.71 -9.73 64.64
C GLU A 124 -51.08 -10.56 63.48
N LYS A 125 -51.50 -9.93 62.44
CA LYS A 125 -51.86 -10.58 61.25
C LYS A 125 -52.75 -11.75 61.48
N ASN A 126 -53.60 -11.63 62.44
CA ASN A 126 -54.49 -12.66 62.78
C ASN A 126 -55.82 -12.11 63.08
N THR A 127 -56.80 -12.59 62.43
CA THR A 127 -58.10 -12.05 62.53
C THR A 127 -58.75 -12.27 63.84
N LEU A 128 -59.21 -11.22 64.44
CA LEU A 128 -59.91 -11.30 65.67
C LEU A 128 -61.31 -10.89 65.46
N SER A 129 -61.48 -9.72 64.95
CA SER A 129 -62.76 -9.19 64.72
C SER A 129 -62.91 -8.86 63.28
N ASP A 130 -64.02 -9.17 62.74
CA ASP A 130 -64.23 -8.99 61.36
C ASP A 130 -65.57 -8.45 61.08
N SER A 131 -66.15 -7.83 62.03
CA SER A 131 -67.45 -7.33 61.89
C SER A 131 -67.50 -5.87 61.97
N LEU A 132 -66.37 -5.26 62.05
CA LEU A 132 -66.29 -3.88 61.99
C LEU A 132 -66.76 -3.45 60.68
N ARG A 133 -67.05 -2.20 60.55
CA ARG A 133 -67.55 -1.72 59.32
C ARG A 133 -67.62 -0.26 59.29
N LEU A 134 -67.09 0.31 58.26
CA LEU A 134 -67.24 1.68 58.01
C LEU A 134 -68.67 2.01 58.12
N ARG A 135 -68.98 3.14 58.65
CA ARG A 135 -70.33 3.46 58.89
C ARG A 135 -70.68 4.82 58.47
N VAL A 136 -69.74 5.59 58.09
CA VAL A 136 -70.03 6.87 57.58
C VAL A 136 -68.98 7.36 56.70
N ILE A 137 -69.34 7.56 55.48
CA ILE A 137 -68.46 8.14 54.54
C ILE A 137 -69.08 9.39 54.06
N PHE A 138 -68.35 10.16 53.34
CA PHE A 138 -68.88 11.31 52.74
C PHE A 138 -69.18 11.05 51.32
N GLN A 139 -69.11 12.06 50.53
CA GLN A 139 -69.43 11.94 49.18
C GLN A 139 -68.36 11.28 48.41
N ASP A 140 -67.17 11.35 48.92
CA ASP A 140 -66.05 10.85 48.22
C ASP A 140 -65.64 9.53 48.71
N ASP A 141 -66.30 9.05 49.69
CA ASP A 141 -65.97 7.80 50.25
C ASP A 141 -64.97 7.93 51.31
N ARG A 142 -64.63 9.12 51.64
CA ARG A 142 -63.74 9.38 52.69
C ARG A 142 -64.32 8.83 53.93
N PHE A 143 -63.59 8.01 54.59
CA PHE A 143 -64.08 7.39 55.78
C PHE A 143 -64.24 8.33 56.90
N ASN A 144 -65.43 8.51 57.33
CA ASN A 144 -65.70 9.40 58.38
C ASN A 144 -65.95 8.72 59.67
N GLU A 145 -66.54 7.58 59.63
CA GLU A 145 -66.85 6.88 60.82
C GLU A 145 -66.94 5.42 60.64
N VAL A 146 -66.44 4.70 61.58
CA VAL A 146 -66.52 3.29 61.56
C VAL A 146 -67.04 2.78 62.85
N TYR A 147 -67.27 1.52 62.92
CA TYR A 147 -67.69 0.93 64.14
C TYR A 147 -67.17 -0.44 64.29
N ASP A 148 -66.24 -0.58 65.18
CA ASP A 148 -65.64 -1.83 65.45
C ASP A 148 -66.16 -2.41 66.72
N ASN A 149 -66.77 -3.55 66.64
CA ASN A 149 -67.22 -4.22 67.79
C ASN A 149 -66.06 -4.73 68.57
N ILE A 150 -66.12 -4.65 69.85
CA ILE A 150 -65.00 -5.00 70.64
C ILE A 150 -65.18 -6.23 71.42
N GLY A 151 -66.26 -6.88 71.25
CA GLY A 151 -66.51 -8.08 71.96
C GLY A 151 -65.36 -9.00 71.84
N ASN A 152 -65.02 -9.30 70.63
CA ASN A 152 -64.02 -10.25 70.35
C ASN A 152 -62.68 -9.77 70.77
N ILE A 153 -62.40 -8.54 70.50
CA ILE A 153 -61.11 -8.06 70.71
C ILE A 153 -60.74 -7.89 72.13
N PHE A 154 -61.60 -7.33 72.91
CA PHE A 154 -61.29 -7.18 74.28
C PHE A 154 -61.09 -8.53 74.87
N THR A 155 -61.77 -9.48 74.34
CA THR A 155 -61.58 -10.81 74.75
C THR A 155 -60.19 -11.21 74.50
N ALA A 165 -59.84 -11.32 73.27
CA ALA A 165 -58.53 -11.63 72.88
C ALA A 165 -57.54 -10.80 73.62
N THR A 166 -57.85 -9.56 73.81
CA THR A 166 -56.96 -8.66 74.42
C THR A 166 -56.77 -8.98 75.84
N PHE A 167 -57.84 -9.21 76.53
CA PHE A 167 -57.75 -9.63 77.87
C PHE A 167 -56.94 -10.85 77.92
N SER A 168 -57.18 -11.68 76.97
CA SER A 168 -56.57 -12.94 76.92
C SER A 168 -55.10 -12.91 76.76
N VAL A 169 -54.59 -11.79 76.35
CA VAL A 169 -53.20 -11.69 76.10
C VAL A 169 -52.57 -10.48 76.72
N GLU A 170 -53.07 -10.08 77.83
CA GLU A 170 -52.49 -9.05 78.57
C GLU A 170 -52.57 -7.71 77.99
N HIS A 171 -52.97 -7.64 76.76
CA HIS A 171 -53.07 -6.41 76.09
C HIS A 171 -54.41 -5.79 76.23
N ASP A 172 -54.86 -5.66 77.43
CA ASP A 172 -56.09 -5.03 77.68
C ASP A 172 -55.96 -4.04 78.76
N GLU A 173 -56.38 -2.84 78.52
CA GLU A 173 -56.87 -2.36 77.28
C GLU A 173 -55.80 -1.68 76.51
N GLU A 174 -54.60 -1.81 76.95
CA GLU A 174 -53.51 -1.25 76.26
C GLU A 174 -53.67 -1.34 74.78
N THR A 175 -53.58 -2.51 74.25
CA THR A 175 -53.73 -2.71 72.86
C THR A 175 -52.69 -2.04 72.03
N GLN A 176 -53.07 -1.68 70.84
CA GLN A 176 -52.32 -0.83 70.03
C GLN A 176 -51.25 -1.41 69.21
N LYS A 177 -50.35 -2.12 69.81
CA LYS A 177 -49.13 -2.44 69.18
C LYS A 177 -49.30 -3.45 68.12
N ALA A 178 -49.90 -4.54 68.44
CA ALA A 178 -50.07 -5.60 67.52
C ALA A 178 -51.45 -5.61 67.03
N SER A 179 -52.19 -4.66 67.44
CA SER A 179 -53.54 -4.56 67.07
C SER A 179 -53.68 -3.69 65.89
N ARG A 180 -54.28 -4.20 64.88
CA ARG A 180 -54.35 -3.53 63.65
C ARG A 180 -55.69 -3.62 63.04
N LEU A 181 -55.99 -2.73 62.18
CA LEU A 181 -57.26 -2.71 61.58
C LEU A 181 -57.16 -2.46 60.14
N VAL A 182 -57.72 -3.34 59.37
CA VAL A 182 -57.74 -3.21 57.97
C VAL A 182 -59.12 -3.22 57.47
N LEU A 183 -59.29 -2.84 56.26
CA LEU A 183 -60.58 -2.79 55.66
C LEU A 183 -60.90 -4.07 54.97
N LYS A 184 -62.05 -4.13 54.42
CA LYS A 184 -62.44 -5.25 53.66
C LYS A 184 -61.45 -5.41 52.58
N VAL A 185 -61.33 -6.59 52.08
CA VAL A 185 -60.46 -6.82 50.99
C VAL A 185 -61.23 -7.24 49.78
N GLY A 186 -61.90 -6.32 49.20
CA GLY A 186 -61.93 -5.01 49.69
C GLY A 186 -63.20 -4.30 49.44
N ASP A 187 -63.35 -3.19 50.08
CA ASP A 187 -64.40 -2.31 49.79
C ASP A 187 -64.16 -1.79 48.44
N GLN A 188 -65.08 -1.08 47.92
CA GLN A 188 -64.91 -0.46 46.67
C GLN A 188 -63.68 0.38 46.67
N GLU A 189 -63.52 1.14 47.70
CA GLU A 189 -62.53 2.13 47.72
C GLU A 189 -61.36 1.95 48.58
N VAL A 190 -60.38 2.75 48.36
CA VAL A 190 -59.09 2.58 48.94
C VAL A 190 -58.56 3.59 49.90
N LYS A 191 -57.28 3.54 50.11
CA LYS A 191 -56.55 4.56 50.78
C LYS A 191 -56.57 4.79 52.25
N SER A 192 -57.40 4.10 52.94
CA SER A 192 -57.70 4.43 54.28
C SER A 192 -56.75 3.94 55.29
N TYR A 193 -56.80 4.55 56.45
CA TYR A 193 -55.94 4.21 57.52
C TYR A 193 -56.61 4.37 58.82
N ASP A 194 -57.07 3.31 59.38
CA ASP A 194 -57.64 3.37 60.67
C ASP A 194 -56.64 2.97 61.66
N LEU A 195 -56.53 3.68 62.72
CA LEU A 195 -55.53 3.42 63.70
C LEU A 195 -56.08 3.12 65.04
N THR A 196 -55.73 2.01 65.57
CA THR A 196 -56.35 1.52 66.74
C THR A 196 -55.66 1.88 67.99
N GLY A 197 -56.38 2.41 68.91
CA GLY A 197 -55.87 2.70 70.19
C GLY A 197 -56.28 1.68 71.17
N GLY A 198 -56.63 2.11 72.33
CA GLY A 198 -56.96 1.22 73.38
C GLY A 198 -58.42 1.05 73.53
N ALA A 199 -58.80 0.12 74.32
CA ALA A 199 -60.17 -0.09 74.62
C ALA A 199 -60.57 0.94 75.59
N TYR A 200 -61.49 1.78 75.22
CA TYR A 200 -61.87 2.86 76.06
C TYR A 200 -62.51 2.35 77.28
N ASP A 201 -61.96 2.66 78.38
CA ASP A 201 -62.50 2.25 79.62
C ASP A 201 -63.09 3.39 80.35
N TYR A 202 -62.91 4.55 79.83
CA TYR A 202 -63.48 5.70 80.42
C TYR A 202 -64.81 5.94 79.84
N THR A 203 -65.82 5.66 80.60
CA THR A 203 -67.14 5.87 80.17
C THR A 203 -67.29 7.24 79.69
N ALA A 245 -38.12 -12.62 95.68
CA ALA A 245 -37.81 -12.65 94.38
C ALA A 245 -38.87 -12.16 93.59
N VAL A 246 -39.65 -11.39 94.14
CA VAL A 246 -40.60 -10.74 93.46
C VAL A 246 -40.29 -9.39 93.44
N TYR A 247 -40.58 -8.76 92.43
CA TYR A 247 -40.29 -7.46 92.31
C TYR A 247 -41.37 -6.70 91.83
N VAL A 248 -41.41 -5.55 92.24
CA VAL A 248 -42.34 -4.69 91.81
C VAL A 248 -41.82 -4.03 90.68
N LYS A 249 -42.49 -4.08 89.67
CA LYS A 249 -42.11 -3.46 88.54
C LYS A 249 -43.03 -2.48 88.18
N ALA A 250 -42.60 -1.36 87.97
CA ALA A 250 -43.41 -0.36 87.61
C ALA A 250 -42.92 0.28 86.46
N VAL A 251 -43.51 0.06 85.41
CA VAL A 251 -43.08 0.57 84.24
C VAL A 251 -43.65 1.81 83.95
N PHE A 252 -42.89 2.68 83.57
CA PHE A 252 -43.32 3.94 83.32
C PHE A 252 -42.94 4.40 82.07
N GLY A 253 -43.78 4.97 81.41
CA GLY A 253 -43.45 5.63 80.30
C GLY A 253 -44.02 6.90 80.36
N ASP A 254 -43.23 7.84 80.44
CA ASP A 254 -43.67 9.11 80.56
C ASP A 254 -44.25 9.37 81.81
N LEU A 255 -43.69 8.89 82.79
CA LEU A 255 -44.14 9.08 84.04
C LEU A 255 -45.30 8.33 84.27
N GLU A 256 -45.78 7.75 83.30
CA GLU A 256 -46.88 7.01 83.40
C GLU A 256 -46.59 5.73 83.86
N LYS A 257 -47.26 5.30 84.78
CA LYS A 257 -47.07 4.06 85.27
C LYS A 257 -47.72 3.17 84.42
N GLN A 258 -47.15 2.92 83.38
CA GLN A 258 -47.66 2.15 82.41
C GLN A 258 -47.99 0.82 82.78
N THR A 259 -47.28 0.29 83.62
CA THR A 259 -47.52 -0.96 84.06
C THR A 259 -47.02 -1.16 85.35
N ALA A 260 -47.60 -1.97 86.05
CA ALA A 260 -47.23 -2.22 87.31
C ALA A 260 -47.43 -3.56 87.63
N TYR A 261 -46.44 -4.24 87.85
CA TYR A 261 -46.56 -5.56 88.08
C TYR A 261 -45.63 -5.99 89.03
N ASN A 262 -45.83 -7.08 89.53
CA ASN A 262 -44.95 -7.65 90.35
C ASN A 262 -44.59 -8.91 89.86
N GLY A 263 -43.39 -9.12 89.68
CA GLY A 263 -42.94 -10.25 89.15
C GLY A 263 -41.97 -10.87 89.94
N ILE A 264 -41.72 -12.03 89.66
CA ILE A 264 -40.83 -12.74 90.37
C ILE A 264 -39.82 -13.25 89.56
N VAL A 265 -38.72 -13.36 90.08
CA VAL A 265 -37.68 -13.88 89.41
C VAL A 265 -37.58 -15.25 89.63
N SER A 266 -38.45 -15.76 90.32
CA SER A 266 -38.44 -17.07 90.60
C SER A 266 -39.50 -17.74 89.96
N PHE A 267 -39.19 -18.62 89.19
CA PHE A 267 -40.11 -19.29 88.48
C PHE A 267 -41.10 -19.80 89.33
N GLU A 268 -42.20 -19.95 88.83
CA GLU A 268 -43.22 -20.47 89.53
C GLU A 268 -43.94 -19.50 90.23
N GLN A 269 -43.32 -18.75 90.94
CA GLN A 269 -43.90 -17.84 91.73
C GLN A 269 -44.96 -17.20 91.08
N LEU A 270 -45.98 -17.04 91.78
CA LEU A 270 -47.10 -16.50 91.28
C LEU A 270 -47.56 -15.50 92.13
N ASN A 271 -48.39 -14.74 91.67
CA ASN A 271 -49.03 -13.85 92.42
C ASN A 271 -50.06 -14.52 93.09
N ALA A 272 -50.89 -13.83 93.66
CA ALA A 272 -51.91 -14.38 94.33
C ALA A 272 -52.90 -14.87 93.46
N GLU A 273 -52.54 -15.15 92.33
CA GLU A 273 -53.41 -15.62 91.41
C GLU A 273 -52.86 -16.67 90.69
N GLY A 274 -51.82 -17.14 91.13
CA GLY A 274 -51.14 -18.11 90.49
C GLY A 274 -50.84 -17.75 89.17
N GLU A 275 -50.69 -16.56 88.95
CA GLU A 275 -50.25 -16.11 87.77
C GLU A 275 -48.85 -16.11 87.80
N VAL A 276 -48.30 -16.88 87.03
CA VAL A 276 -46.96 -16.97 86.96
C VAL A 276 -46.37 -15.73 86.75
N PRO A 277 -45.85 -15.19 87.72
CA PRO A 277 -45.28 -13.98 87.64
C PRO A 277 -43.89 -14.06 87.60
N SER A 278 -43.40 -15.09 87.15
CA SER A 278 -42.09 -15.18 86.92
C SER A 278 -41.79 -14.40 85.80
N ASN A 279 -40.97 -13.51 85.96
CA ASN A 279 -40.66 -12.63 84.99
C ASN A 279 -40.66 -13.16 83.69
N VAL A 280 -39.76 -13.93 83.41
CA VAL A 280 -39.61 -14.42 82.17
C VAL A 280 -40.79 -14.86 81.57
N GLU A 281 -41.61 -15.40 82.29
CA GLU A 281 -42.77 -15.87 81.80
C GLU A 281 -43.70 -14.85 81.63
N VAL A 282 -43.89 -14.11 82.58
CA VAL A 282 -44.74 -13.08 82.55
C VAL A 282 -44.65 -12.42 81.31
N GLU A 283 -43.54 -12.04 80.98
CA GLU A 283 -43.34 -11.36 79.85
C GLU A 283 -43.40 -12.20 78.74
N ALA A 284 -43.07 -13.36 78.94
CA ALA A 284 -43.07 -14.27 77.95
C ALA A 284 -44.33 -14.40 77.37
N GLY A 285 -45.27 -13.96 78.03
CA GLY A 285 -46.53 -14.07 77.62
C GLY A 285 -47.18 -12.83 77.67
N GLU A 286 -46.93 -12.04 76.77
CA GLU A 286 -47.49 -10.83 76.68
C GLU A 286 -47.73 -10.20 77.90
N GLU A 287 -46.91 -10.39 78.78
CA GLU A 287 -47.10 -9.91 80.00
C GLU A 287 -47.13 -8.52 80.07
N THR A 319 -71.91 15.77 42.59
CA THR A 319 -72.37 17.00 41.96
C THR A 319 -71.34 17.52 40.95
N TRP A 320 -71.83 18.20 39.92
CA TRP A 320 -70.95 18.77 38.92
C TRP A 320 -69.77 19.46 39.59
N ALA A 321 -70.09 20.31 40.55
CA ALA A 321 -69.06 21.04 41.28
C ALA A 321 -68.03 20.12 41.88
N ASP A 322 -68.49 19.01 42.43
CA ASP A 322 -67.60 18.02 43.03
C ASP A 322 -66.54 17.61 42.02
N LYS A 323 -66.87 17.75 40.74
CA LYS A 323 -65.89 17.50 39.68
C LYS A 323 -64.94 18.66 39.54
N LEU A 324 -65.49 19.86 39.56
CA LEU A 324 -64.70 21.06 39.39
C LEU A 324 -63.72 21.26 40.54
N ASP A 325 -64.14 20.92 41.75
CA ASP A 325 -63.24 20.94 42.89
C ASP A 325 -62.04 20.07 42.57
N LYS A 326 -62.30 18.94 41.92
CA LYS A 326 -61.25 18.00 41.58
C LYS A 326 -60.33 18.57 40.52
N PHE A 327 -60.88 18.88 39.37
CA PHE A 327 -60.10 19.43 38.27
C PHE A 327 -59.16 20.53 38.74
N ALA A 328 -47.19 26.14 39.04
CA ALA A 328 -46.25 26.11 40.15
C ALA A 328 -46.24 24.64 40.53
N HIS A 329 -47.40 24.03 40.50
CA HIS A 329 -47.54 22.71 41.10
C HIS A 329 -47.45 21.48 40.21
N GLU A 330 -48.27 21.43 39.17
CA GLU A 330 -48.29 20.27 38.31
C GLU A 330 -48.04 20.54 36.83
N GLY A 331 -47.00 19.91 36.31
CA GLY A 331 -46.66 20.03 34.91
C GLY A 331 -47.49 19.06 34.08
N GLY A 332 -48.63 19.53 33.60
CA GLY A 332 -49.52 18.69 32.82
C GLY A 332 -49.79 19.31 31.47
N TYR A 333 -49.44 18.62 30.40
CA TYR A 333 -49.48 19.19 29.07
C TYR A 333 -50.86 19.19 28.42
N TYR A 334 -51.58 18.10 28.56
CA TYR A 334 -52.87 17.96 27.88
C TYR A 334 -53.98 17.82 28.91
N ILE A 335 -55.19 18.10 28.48
CA ILE A 335 -56.34 18.07 29.39
C ILE A 335 -57.49 17.25 28.81
N VAL A 336 -57.68 16.04 29.31
CA VAL A 336 -58.81 15.25 28.88
C VAL A 336 -60.05 15.79 29.52
N PRO A 337 -60.98 16.32 28.73
CA PRO A 337 -62.10 17.01 29.30
C PRO A 337 -63.42 16.42 28.84
N LEU A 338 -63.46 15.97 27.60
CA LEU A 338 -64.69 15.40 27.04
C LEU A 338 -65.23 14.28 27.88
N SER A 339 -64.43 13.83 28.84
CA SER A 339 -64.79 12.73 29.70
C SER A 339 -66.12 12.96 30.41
N SER A 340 -74.13 19.69 33.45
CA SER A 340 -72.78 19.43 33.89
C SER A 340 -71.86 19.07 32.72
N LYS A 341 -72.40 18.40 31.71
CA LYS A 341 -71.63 18.08 30.52
C LYS A 341 -70.96 19.35 30.03
N GLN A 342 -71.73 20.43 30.01
CA GLN A 342 -71.25 21.71 29.54
C GLN A 342 -70.49 22.46 30.61
N SER A 343 -71.13 22.69 31.75
CA SER A 343 -70.55 23.57 32.75
C SER A 343 -69.23 23.08 33.37
N VAL A 344 -69.00 21.78 33.37
CA VAL A 344 -67.72 21.29 33.87
C VAL A 344 -66.62 21.65 32.90
N HIS A 345 -66.69 21.08 31.70
CA HIS A 345 -65.76 21.39 30.63
C HIS A 345 -65.51 22.88 30.53
N ALA A 346 -66.59 23.63 30.35
CA ALA A 346 -66.54 25.07 30.27
C ALA A 346 -65.54 25.59 31.28
N GLU A 347 -65.67 25.10 32.51
CA GLU A 347 -64.78 25.48 33.59
C GLU A 347 -63.36 24.96 33.41
N VAL A 348 -63.23 23.73 32.92
CA VAL A 348 -61.91 23.15 32.69
C VAL A 348 -61.13 24.00 31.73
N ALA A 349 -61.81 24.52 30.72
CA ALA A 349 -61.20 25.45 29.78
C ALA A 349 -60.67 26.67 30.51
N SER A 350 -61.41 27.08 31.52
CA SER A 350 -61.06 28.26 32.29
C SER A 350 -60.00 27.93 33.33
N PHE A 351 -59.25 26.87 33.10
CA PHE A 351 -58.12 26.51 33.93
C PHE A 351 -56.89 26.53 33.05
N VAL A 352 -57.03 26.02 31.85
CA VAL A 352 -55.99 26.08 30.86
C VAL A 352 -55.84 27.51 30.40
N LYS A 353 -56.96 28.21 30.30
CA LYS A 353 -56.94 29.62 29.94
C LYS A 353 -56.06 30.40 30.90
N GLU A 354 -56.39 30.35 32.16
CA GLU A 354 -55.71 31.17 33.17
C GLU A 354 -54.29 30.69 33.38
N ARG A 355 -53.90 29.55 32.89
CA ARG A 355 -52.56 29.04 33.11
C ARG A 355 -51.72 28.99 31.84
N GLU A 360 -52.39 28.76 30.73
CA GLU A 360 -51.78 28.80 29.40
C GLU A 360 -50.52 27.96 29.25
N PRO A 361 -50.51 26.82 29.92
CA PRO A 361 -49.50 25.78 29.69
C PRO A 361 -50.23 24.46 29.56
N MET A 362 -50.87 24.25 28.43
CA MET A 362 -51.74 23.10 28.25
C MET A 362 -52.55 23.13 26.98
N ARG A 363 -53.62 22.33 26.96
CA ARG A 363 -54.46 22.23 25.79
C ARG A 363 -55.59 21.67 26.64
N ALA A 364 -56.80 22.16 26.44
CA ALA A 364 -57.93 21.69 27.23
C ALA A 364 -58.51 21.27 25.89
N ILE A 365 -58.82 19.98 25.75
CA ILE A 365 -59.38 19.43 24.51
C ILE A 365 -60.71 18.98 25.11
N VAL A 366 -61.78 19.10 24.32
CA VAL A 366 -63.13 18.93 24.82
C VAL A 366 -64.07 18.39 23.75
N GLY A 367 -65.01 17.55 24.17
CA GLY A 367 -65.93 16.88 23.26
C GLY A 367 -67.43 17.10 23.55
N GLY A 368 -68.29 16.97 22.53
CA GLY A 368 -69.71 17.32 22.59
C GLY A 368 -70.48 16.39 23.49
N GLY A 369 -71.67 16.81 23.92
CA GLY A 369 -72.52 15.99 24.78
C GLY A 369 -73.19 14.88 24.02
N PHE A 370 -77.46 13.08 11.20
CA PHE A 370 -76.58 14.22 11.05
C PHE A 370 -77.31 15.53 10.76
N ASN A 371 -78.41 15.45 10.01
CA ASN A 371 -79.21 16.63 9.72
C ASN A 371 -79.43 17.44 11.00
N GLU A 372 -80.20 16.89 11.93
CA GLU A 372 -80.40 17.52 13.22
C GLU A 372 -79.05 17.69 13.91
N SER A 373 -78.21 16.68 13.82
CA SER A 373 -76.96 16.63 14.55
C SER A 373 -76.22 17.95 14.55
N LYS A 374 -75.86 18.42 13.37
CA LYS A 374 -75.05 19.63 13.27
C LYS A 374 -75.79 20.84 13.83
N GLU A 375 -77.04 21.00 13.44
CA GLU A 375 -77.85 22.07 13.98
C GLU A 375 -77.57 22.18 15.48
N GLN A 376 -77.70 21.06 16.17
CA GLN A 376 -77.48 21.00 17.59
C GLN A 376 -76.11 21.52 17.98
N LEU A 377 -75.08 20.92 17.39
CA LEU A 377 -73.71 21.29 17.71
C LEU A 377 -73.47 22.79 17.61
N PHE A 378 -73.95 23.41 16.55
CA PHE A 378 -73.69 24.83 16.32
C PHE A 378 -74.47 25.70 17.29
N GLY A 379 -75.72 25.33 17.53
CA GLY A 379 -76.49 25.99 18.57
C GLY A 379 -75.75 26.00 19.88
N ARG A 380 -75.20 24.84 20.25
CA ARG A 380 -74.51 24.67 21.51
C ARG A 380 -73.26 25.53 21.59
N GLN A 381 -72.58 25.67 20.46
CA GLN A 381 -71.34 26.45 20.40
C GLN A 381 -71.60 27.94 20.47
N ALA A 382 -72.87 28.33 20.46
CA ALA A 382 -73.27 29.72 20.60
C ALA A 382 -74.30 29.98 21.71
N SER A 383 -75.52 29.50 21.49
CA SER A 383 -76.59 29.72 22.44
C SER A 383 -77.87 29.36 21.72
N LEU A 384 -70.46 28.33 24.81
CA LEU A 384 -70.06 29.53 24.06
C LEU A 384 -68.85 30.25 24.63
N SER A 385 -67.69 29.62 24.51
CA SER A 385 -66.45 30.21 24.92
C SER A 385 -65.51 30.17 23.73
N ASN A 386 -64.36 30.80 23.85
CA ASN A 386 -63.45 30.87 22.70
C ASN A 386 -61.97 30.95 23.08
N PRO A 387 -61.39 29.83 23.46
CA PRO A 387 -59.99 29.82 23.82
C PRO A 387 -59.13 29.21 22.73
N ARG A 388 -57.92 29.76 22.61
CA ARG A 388 -56.94 29.27 21.68
C ARG A 388 -56.40 28.00 22.28
N VAL A 389 -56.76 27.78 23.53
CA VAL A 389 -56.39 26.57 24.26
C VAL A 389 -57.54 25.58 24.25
N SER A 390 -58.68 26.06 23.80
CA SER A 390 -59.87 25.23 23.72
C SER A 390 -59.87 24.48 22.41
N LEU A 391 -59.88 23.17 22.49
CA LEU A 391 -59.97 22.33 21.31
C LEU A 391 -61.23 21.56 21.70
N VAL A 392 -62.29 21.72 20.93
CA VAL A 392 -63.48 20.91 21.07
C VAL A 392 -63.47 19.73 20.10
N ALA A 393 -64.50 18.90 20.18
CA ALA A 393 -64.32 17.47 20.00
C ALA A 393 -65.64 16.80 19.62
N ASN A 394 -65.67 16.18 18.45
CA ASN A 394 -66.48 16.66 17.36
C ASN A 394 -67.54 15.67 16.96
N SER A 395 -67.32 14.40 17.29
CA SER A 395 -68.40 13.50 17.62
C SER A 395 -68.10 12.69 18.87
N GLY A 396 -68.59 11.46 18.92
CA GLY A 396 -68.46 10.62 20.09
C GLY A 396 -68.30 9.15 19.70
N THR A 397 -67.30 8.50 20.28
CA THR A 397 -66.80 7.25 19.74
C THR A 397 -67.57 6.06 20.27
N PHE A 398 -67.61 4.98 19.51
CA PHE A 398 -68.30 3.78 19.89
C PHE A 398 -67.32 2.65 20.09
N VAL A 399 -66.89 2.43 21.33
CA VAL A 399 -65.86 1.46 21.64
C VAL A 399 -66.45 0.15 22.13
N MET A 400 -65.60 -0.83 22.40
CA MET A 400 -66.04 -2.05 23.04
C MET A 400 -65.42 -2.10 24.42
N ASP A 401 -66.20 -2.54 25.39
CA ASP A 401 -65.77 -2.50 26.78
C ASP A 401 -65.37 -3.86 27.28
N ASP A 402 -64.10 -4.20 27.12
CA ASP A 402 -63.62 -5.53 27.46
C ASP A 402 -64.01 -5.96 28.87
N GLY A 403 -64.38 -5.01 29.71
CA GLY A 403 -64.69 -5.30 31.08
C GLY A 403 -66.13 -5.75 31.29
N ARG A 404 -67.08 -4.86 31.04
CA ARG A 404 -68.48 -5.24 31.12
C ARG A 404 -68.84 -6.12 29.95
N ASN A 406 -67.97 -6.15 28.95
CA ASN A 406 -68.19 -6.89 27.73
C ASN A 406 -69.35 -6.34 26.94
N HIS A 407 -69.35 -5.03 26.73
CA HIS A 407 -70.42 -4.39 26.00
C HIS A 407 -69.90 -3.28 25.12
N VAL A 408 -70.61 -3.02 24.02
CA VAL A 408 -70.29 -1.90 23.16
C VAL A 408 -70.88 -0.63 23.74
N PRO A 409 -70.11 0.44 23.70
CA PRO A 409 -70.41 1.61 24.50
C PRO A 409 -69.96 2.89 23.81
N ALA A 410 -70.72 3.96 23.95
CA ALA A 410 -70.29 5.26 23.44
C ALA A 410 -69.42 5.98 24.45
N TYR A 411 -68.26 6.46 24.02
CA TYR A 411 -67.38 7.21 24.90
C TYR A 411 -66.92 8.51 24.27
N MET A 412 -66.68 9.52 25.09
CA MET A 412 -66.18 10.79 24.60
C MET A 412 -64.89 10.61 23.83
N VAL A 413 -64.82 11.18 22.65
CA VAL A 413 -63.67 10.96 21.79
C VAL A 413 -62.46 11.77 22.24
N ALA A 414 -62.71 12.90 22.86
CA ALA A 414 -61.63 13.77 23.33
C ALA A 414 -60.55 13.01 24.07
N VAL A 415 -60.96 12.23 25.06
CA VAL A 415 -60.05 11.40 25.83
C VAL A 415 -59.01 10.75 24.93
N ALA A 416 -59.45 10.35 23.75
CA ALA A 416 -58.59 9.64 22.83
C ALA A 416 -57.62 10.55 22.11
N LEU A 417 -58.14 11.54 21.38
CA LEU A 417 -57.31 12.46 20.61
C LEU A 417 -56.19 13.05 21.45
N GLY A 418 -56.42 13.18 22.76
CA GLY A 418 -55.43 13.74 23.65
C GLY A 418 -54.18 12.89 23.69
N GLY A 419 -54.36 11.57 23.74
CA GLY A 419 -53.24 10.66 23.68
C GLY A 419 -52.65 10.71 22.29
N LEU A 420 -53.52 10.94 21.32
CA LEU A 420 -53.11 11.05 19.95
C LEU A 420 -52.25 12.27 19.74
N ALA A 421 -52.20 13.12 20.77
CA ALA A 421 -51.31 14.29 20.73
C ALA A 421 -49.98 14.00 21.40
N SER A 422 -50.03 13.37 22.57
CA SER A 422 -48.83 12.99 23.28
C SER A 422 -47.92 12.29 22.30
N GLY A 423 -48.58 11.68 21.33
CA GLY A 423 -47.92 11.07 20.21
C GLY A 423 -47.44 12.14 19.28
N LEU A 424 -48.11 12.25 18.14
CA LEU A 424 -47.71 13.11 17.04
C LEU A 424 -47.16 14.47 17.48
N GLU A 425 -45.98 14.78 16.96
CA GLU A 425 -45.24 15.97 17.34
C GLU A 425 -45.29 16.19 18.84
N ILE A 426 -45.15 17.44 19.26
CA ILE A 426 -45.27 17.72 20.67
C ILE A 426 -46.54 18.45 21.08
N GLY A 427 -46.79 18.41 22.38
CA GLY A 427 -48.10 18.61 22.93
C GLY A 427 -48.25 19.93 23.68
N GLU A 428 -56.34 13.00 13.02
CA GLU A 428 -54.93 13.34 12.97
C GLU A 428 -54.06 12.10 12.78
N SER A 429 -54.66 11.08 12.21
CA SER A 429 -54.06 9.76 12.13
C SER A 429 -55.01 8.83 12.86
N ILE A 430 -55.52 7.84 12.15
CA ILE A 430 -56.66 7.10 12.66
C ILE A 430 -56.54 6.70 14.11
N THR A 431 -57.68 6.57 14.77
CA THR A 431 -57.74 6.19 16.16
C THR A 431 -57.85 4.70 16.26
N PHE A 432 -57.42 4.18 17.39
CA PHE A 432 -57.17 2.76 17.54
C PHE A 432 -58.40 1.88 17.56
N LYS A 433 -59.20 1.99 18.62
CA LYS A 433 -60.16 0.95 18.93
C LYS A 433 -61.58 1.33 18.63
N PRO A 434 -61.76 2.38 17.86
CA PRO A 434 -63.09 2.75 17.40
C PRO A 434 -63.70 1.59 16.65
N LEU A 435 -65.02 1.57 16.56
CA LEU A 435 -65.68 0.55 15.80
C LEU A 435 -66.89 1.16 15.14
N ARG A 436 -66.96 2.48 15.22
CA ARG A 436 -68.13 3.21 14.79
C ARG A 436 -67.98 4.60 15.34
N VAL A 437 -68.30 5.61 14.53
CA VAL A 437 -68.38 6.96 15.04
C VAL A 437 -69.76 7.57 14.85
N SER A 438 -70.14 8.48 15.72
CA SER A 438 -71.48 9.03 15.67
C SER A 438 -71.78 9.59 14.29
N TYR A 444 -70.78 10.21 13.67
CA TYR A 444 -70.91 10.70 12.32
C TYR A 444 -69.68 10.38 11.49
N GLU A 445 -69.88 10.12 10.21
CA GLU A 445 -68.79 9.75 9.33
C GLU A 445 -69.14 10.02 7.87
N SER A 446 -69.63 17.64 3.21
CA SER A 446 -68.50 18.46 2.92
C SER A 446 -68.73 19.85 3.44
N ILE A 447 -69.94 20.38 3.23
CA ILE A 447 -70.19 21.71 3.67
C ILE A 447 -70.06 21.76 5.16
N ASP A 448 -70.60 20.75 5.84
CA ASP A 448 -70.58 20.71 7.27
C ASP A 448 -69.16 20.60 7.71
N LEU A 449 -68.37 19.76 7.02
CA LEU A 449 -67.00 19.56 7.39
C LEU A 449 -66.27 20.85 7.31
N ASP A 450 -66.45 21.58 6.20
CA ASP A 450 -65.73 22.82 6.09
C ASP A 450 -66.19 23.69 7.20
N GLU A 451 -67.49 23.61 7.52
CA GLU A 451 -68.05 24.42 8.55
C GLU A 451 -67.42 24.08 9.86
N LEU A 452 -67.23 22.78 10.13
CA LEU A 452 -66.67 22.36 11.39
C LEU A 452 -65.28 22.87 11.50
N ASN A 453 -64.48 22.73 10.43
CA ASN A 453 -63.18 23.34 10.35
C ASN A 453 -63.49 24.79 10.45
N GLU A 454 -62.55 25.68 10.77
CA GLU A 454 -62.87 27.08 10.83
C GLU A 454 -63.54 27.35 12.14
N ASN A 455 -64.48 26.47 12.53
CA ASN A 455 -65.14 26.44 13.79
C ASN A 455 -64.07 26.03 14.73
N GLY A 456 -63.01 25.44 14.17
CA GLY A 456 -61.94 24.90 14.96
C GLY A 456 -62.44 23.74 15.74
N ILE A 457 -63.12 22.81 15.04
CA ILE A 457 -63.56 21.65 15.70
C ILE A 457 -62.90 20.47 15.06
N ILE A 458 -62.60 19.41 15.84
CA ILE A 458 -61.92 18.24 15.34
C ILE A 458 -62.93 17.23 14.90
N SER A 459 -62.97 17.00 13.61
CA SER A 459 -63.89 16.07 13.03
C SER A 459 -63.29 14.73 12.79
N ILE A 460 -64.15 13.71 12.60
CA ILE A 460 -63.69 12.43 12.19
C ILE A 460 -64.52 12.08 11.01
N GLU A 461 -63.90 11.62 9.91
CA GLU A 461 -64.71 11.26 8.79
C GLU A 461 -64.32 9.90 8.36
N PHE A 462 -65.27 9.18 7.73
CA PHE A 462 -64.97 7.86 7.31
C PHE A 462 -65.06 7.84 5.83
N VAL A 463 -64.01 7.33 5.16
CA VAL A 463 -64.09 7.30 3.74
C VAL A 463 -63.74 5.92 3.30
N ARG A 464 -64.66 5.27 2.58
CA ARG A 464 -64.38 3.99 2.03
C ARG A 464 -64.04 3.06 3.14
N ASN A 465 -64.54 3.34 4.34
CA ASN A 465 -64.24 2.48 5.44
C ASN A 465 -63.07 3.09 6.13
N ARG A 466 -62.92 2.79 7.43
CA ARG A 466 -61.86 3.33 8.22
C ARG A 466 -62.08 4.80 8.37
N THR A 467 -62.10 5.29 9.61
CA THR A 467 -62.32 6.69 9.81
C THR A 467 -61.00 7.28 10.16
N ASN A 468 -60.79 8.56 9.77
CA ASN A 468 -59.56 9.21 10.03
C ASN A 468 -59.85 10.60 10.49
N THR A 469 -58.86 11.26 11.10
CA THR A 469 -59.07 12.58 11.60
C THR A 469 -59.03 13.54 10.46
N PHE A 470 -60.08 14.37 10.33
CA PHE A 470 -60.13 15.31 9.26
C PHE A 470 -59.07 16.33 9.43
N PHE A 471 -58.97 16.91 10.63
CA PHE A 471 -58.05 17.99 10.78
C PHE A 471 -57.37 17.87 12.10
N MET A 491 -54.66 26.37 13.31
CA MET A 491 -53.72 25.33 13.64
C MET A 491 -53.14 25.39 15.01
N ALA A 492 -50.25 20.92 17.84
CA ALA A 492 -48.95 20.64 17.29
C ALA A 492 -48.25 21.92 17.00
N VAL A 493 -48.93 22.85 16.32
CA VAL A 493 -48.31 24.09 15.97
C VAL A 493 -47.97 24.84 17.22
N GLY A 494 -48.86 24.77 18.22
CA GLY A 494 -48.70 25.48 19.46
C GLY A 494 -47.50 25.02 20.17
N GLU A 495 -47.28 23.70 20.26
CA GLU A 495 -46.21 23.19 21.04
C GLU A 495 -44.91 23.69 20.49
N ALA A 496 -44.82 23.80 19.16
CA ALA A 496 -43.60 24.29 18.59
C ALA A 496 -43.39 25.65 19.14
N ASN A 497 -44.40 26.53 19.03
CA ASN A 497 -44.22 27.87 19.46
C ASN A 497 -44.01 27.98 20.92
N ASP A 498 -44.80 27.26 21.73
CA ASP A 498 -44.66 27.42 23.14
C ASP A 498 -43.26 27.05 23.53
N PHE A 499 -42.74 25.96 22.97
CA PHE A 499 -41.44 25.52 23.36
C PHE A 499 -40.44 26.57 23.01
N LEU A 500 -40.54 27.14 21.80
CA LEU A 500 -39.53 28.08 21.43
C LEU A 500 -39.56 29.24 22.36
N VAL A 501 -40.75 29.77 22.64
CA VAL A 501 -40.84 30.94 23.46
C VAL A 501 -40.27 30.66 24.82
N SER A 502 -40.57 29.49 25.39
CA SER A 502 -40.10 29.24 26.70
C SER A 502 -38.60 29.21 26.72
N GLU A 503 -37.99 28.53 25.73
CA GLU A 503 -36.57 28.41 25.70
C GLU A 503 -35.94 29.74 25.49
N LEU A 504 -36.53 30.59 24.64
CA LEU A 504 -35.88 31.83 24.33
C LEU A 504 -35.74 32.66 25.55
N LYS A 505 -36.77 32.70 26.41
CA LYS A 505 -36.78 33.53 27.58
C LYS A 505 -35.72 33.13 28.53
N VAL A 506 -35.47 31.82 28.68
CA VAL A 506 -34.53 31.35 29.65
C VAL A 506 -33.19 31.91 29.36
N GLN A 507 -32.90 32.12 28.06
CA GLN A 507 -31.62 32.61 27.63
C GLN A 507 -31.39 33.99 28.18
N LEU A 508 -32.39 34.55 28.89
CA LEU A 508 -32.32 35.87 29.44
C LEU A 508 -31.25 35.95 30.47
N GLU A 509 -30.82 34.82 31.02
CA GLU A 509 -29.83 34.87 32.06
C GLU A 509 -28.60 35.48 31.47
N GLN A 511 -28.38 35.24 30.18
CA GLN A 511 -27.21 35.69 29.48
C GLN A 511 -27.16 37.19 29.50
N PHE A 512 -28.33 37.87 29.42
CA PHE A 512 -28.33 39.30 29.32
C PHE A 512 -27.63 39.89 30.49
N ILE A 513 -27.86 39.35 31.69
CA ILE A 513 -27.27 39.94 32.84
C ILE A 513 -25.80 39.88 32.68
N GLY A 514 -25.31 38.81 32.03
CA GLY A 514 -23.91 38.59 31.93
C GLY A 514 -23.26 39.73 31.21
N THR A 515 -23.80 40.18 30.06
CA THR A 515 -23.10 41.22 29.36
C THR A 515 -23.95 42.43 29.16
N ARG A 516 -23.32 43.48 28.62
CA ARG A 516 -23.93 44.75 28.32
C ARG A 516 -24.63 44.63 27.00
N THR A 517 -25.39 45.68 26.63
CA THR A 517 -26.14 45.68 25.40
C THR A 517 -25.50 46.63 24.44
N ILE A 518 -25.27 46.18 23.20
CA ILE A 518 -24.66 46.98 22.18
C ILE A 518 -25.12 46.45 20.87
N ASN A 519 -24.56 47.01 19.77
CA ASN A 519 -24.91 46.52 18.47
C ASN A 519 -24.47 45.11 18.41
N THR A 520 -23.28 44.86 18.98
CA THR A 520 -22.70 43.55 18.99
C THR A 520 -23.59 42.64 19.77
N SER A 521 -24.21 43.14 20.85
CA SER A 521 -25.02 42.31 21.67
C SER A 521 -26.19 41.87 20.87
N ALA A 522 -26.58 42.68 19.86
CA ALA A 522 -27.60 42.28 18.97
C ALA A 522 -27.13 41.01 18.37
N SER A 523 -25.88 41.02 17.88
CA SER A 523 -25.29 39.81 17.38
C SER A 523 -25.00 39.05 18.62
N ILE A 524 -24.44 37.83 18.55
CA ILE A 524 -24.20 37.15 19.79
C ILE A 524 -25.51 36.62 20.30
N ILE A 525 -26.36 37.48 20.92
CA ILE A 525 -27.62 36.99 21.37
C ILE A 525 -28.33 36.47 20.18
N LYS A 526 -28.33 37.27 19.10
CA LYS A 526 -28.99 36.91 17.89
C LYS A 526 -28.39 35.65 17.38
N ASP A 527 -27.05 35.56 17.39
CA ASP A 527 -26.46 34.38 16.85
C ASP A 527 -26.85 33.22 17.68
N PHE A 528 -26.89 33.38 19.01
CA PHE A 528 -27.19 32.27 19.86
C PHE A 528 -28.58 31.77 19.60
N ILE A 529 -29.57 32.67 19.58
CA ILE A 529 -30.91 32.23 19.38
C ILE A 529 -31.04 31.68 18.00
N GLN A 530 -30.36 32.31 17.03
CA GLN A 530 -30.48 31.89 15.68
C GLN A 530 -30.00 30.49 15.57
N SER A 531 -28.91 30.15 16.27
CA SER A 531 -28.38 28.84 16.16
C SER A 531 -29.43 27.89 16.64
N TYR A 532 -30.14 28.26 17.72
CA TYR A 532 -31.15 27.40 18.25
C TYR A 532 -32.23 27.24 17.23
N LEU A 533 -32.69 28.35 16.64
CA LEU A 533 -33.77 28.30 15.70
C LEU A 533 -33.38 27.51 14.50
N GLY A 534 -32.15 27.71 14.01
CA GLY A 534 -31.74 27.04 12.82
C GLY A 534 -31.75 25.57 13.07
N ARG A 535 -31.34 25.17 14.27
CA ARG A 535 -31.28 23.77 14.59
C ARG A 535 -32.65 23.21 14.45
N LYS A 536 -33.66 23.96 14.90
CA LYS A 536 -35.00 23.46 14.84
C LYS A 536 -35.35 23.21 13.41
N LYS A 537 -34.91 24.09 12.52
CA LYS A 537 -35.25 23.93 11.13
C LYS A 537 -34.59 22.71 10.57
N ARG A 538 -33.30 22.53 10.88
CA ARG A 538 -32.56 21.44 10.30
C ARG A 538 -33.15 20.14 10.74
N ASP A 539 -33.46 20.02 12.03
CA ASP A 539 -34.00 18.80 12.54
C ASP A 539 -35.31 18.64 11.86
N ASN A 540 -35.99 19.76 11.65
CA ASN A 540 -37.30 19.71 11.10
C ASN A 540 -38.17 20.11 12.21
N GLU A 541 -39.23 20.84 11.91
CA GLU A 541 -40.02 21.35 12.97
C GLU A 541 -40.28 22.78 12.65
N ILE A 542 -39.30 23.44 12.04
CA ILE A 542 -39.53 24.79 11.61
C ILE A 542 -39.06 24.83 10.20
N GLN A 543 -39.77 25.59 9.34
CA GLN A 543 -39.39 25.62 7.96
C GLN A 543 -39.37 27.04 7.52
N ASP A 544 -38.67 27.31 6.41
CA ASP A 544 -38.59 28.62 5.83
C ASP A 544 -38.23 29.61 6.89
N PHE A 545 -37.10 29.39 7.58
CA PHE A 545 -36.70 30.31 8.58
C PHE A 545 -35.64 31.17 7.99
N PRO A 546 -35.59 37.64 12.89
CA PRO A 546 -34.84 37.75 14.10
C PRO A 546 -35.11 39.07 14.75
N ALA A 547 -34.26 39.52 15.69
CA ALA A 547 -34.57 40.67 16.51
C ALA A 547 -33.76 41.90 16.32
N GLU A 548 -34.47 43.04 16.41
CA GLU A 548 -33.95 44.37 16.47
C GLU A 548 -34.98 45.12 17.26
N ASP A 549 -34.73 45.42 18.54
CA ASP A 549 -35.78 46.05 19.30
C ASP A 549 -36.03 47.41 18.79
N VAL A 550 -34.96 48.17 18.57
CA VAL A 550 -35.18 49.50 18.13
C VAL A 550 -35.62 49.38 16.72
N GLN A 551 -36.20 50.41 16.22
CA GLN A 551 -36.61 50.37 14.87
C GLN A 551 -35.36 50.38 14.09
N VAL A 552 -35.37 49.89 12.84
CA VAL A 552 -34.14 49.88 12.14
C VAL A 552 -33.70 51.28 11.98
N ILE A 553 -32.69 51.67 12.78
CA ILE A 553 -32.16 52.98 12.75
C ILE A 553 -30.84 52.90 13.43
N VAL A 554 -30.12 54.03 13.50
CA VAL A 554 -28.88 54.02 14.20
C VAL A 554 -29.17 53.74 15.63
N GLU A 555 -30.26 54.33 16.13
CA GLU A 555 -30.65 54.19 17.50
C GLU A 555 -31.08 52.79 17.73
N GLY A 556 -30.91 52.32 18.98
CA GLY A 556 -31.26 51.00 19.38
C GLY A 556 -31.64 51.05 20.83
N ASN A 557 -32.18 49.93 21.34
CA ASN A 557 -32.58 49.88 22.72
C ASN A 557 -32.24 48.50 23.20
N GLU A 558 -32.84 48.08 24.32
CA GLU A 558 -32.56 46.77 24.84
C GLU A 558 -33.14 45.80 23.86
N ALA A 559 -32.74 44.52 23.95
CA ALA A 559 -33.21 43.61 22.95
C ALA A 559 -34.36 42.84 23.46
N ARG A 560 -35.36 42.67 22.60
CA ARG A 560 -36.46 41.81 22.89
C ARG A 560 -36.37 40.80 21.81
N ILE A 561 -36.70 39.54 22.09
CA ILE A 561 -36.58 38.62 21.00
C ILE A 561 -37.90 38.49 20.34
N SER A 562 -37.97 38.91 19.08
CA SER A 562 -39.18 38.76 18.34
C SER A 562 -38.82 37.88 17.22
N MET A 563 -39.67 36.90 16.93
CA MET A 563 -39.33 36.02 15.86
C MET A 563 -40.56 35.67 15.15
N THR A 564 -40.41 35.37 13.85
CA THR A 564 -41.52 34.95 13.07
C THR A 564 -41.15 33.55 12.72
N VAL A 565 -41.88 32.56 13.27
CA VAL A 565 -41.49 31.21 12.99
C VAL A 565 -42.66 30.50 12.42
N TYR A 566 -42.39 29.47 11.60
CA TYR A 566 -43.47 28.75 10.98
C TYR A 566 -43.31 27.30 11.33
N PRO A 567 -44.35 26.69 11.82
CA PRO A 567 -44.30 25.31 12.15
C PRO A 567 -44.27 24.57 10.86
N ILE A 568 -43.70 23.36 10.84
CA ILE A 568 -43.51 22.73 9.57
C ILE A 568 -44.80 22.57 8.83
N ARG A 569 -45.84 22.03 9.48
CA ARG A 569 -47.02 21.81 8.70
C ARG A 569 -47.99 22.90 8.97
N SER A 570 -47.83 24.03 8.27
CA SER A 570 -48.78 25.10 8.35
C SER A 570 -48.23 26.22 7.55
N PHE A 571 -49.00 26.74 6.58
CA PHE A 571 -48.43 27.79 5.81
C PHE A 571 -48.81 29.08 6.46
N LYS A 572 -48.12 29.39 7.56
CA LYS A 572 -48.37 30.62 8.25
C LYS A 572 -47.20 30.86 9.13
N LYS A 573 -46.78 32.13 9.24
CA LYS A 573 -45.68 32.47 10.08
C LYS A 573 -46.30 33.18 11.22
N ILE A 574 -45.90 32.84 12.47
CA ILE A 574 -46.53 33.52 13.55
C ILE A 574 -45.52 34.42 14.16
N SER A 575 -45.99 35.57 14.65
CA SER A 575 -45.06 36.52 15.21
C SER A 575 -45.13 36.40 16.67
N VAL A 576 -43.97 36.16 17.31
CA VAL A 576 -43.96 36.08 18.74
C VAL A 576 -42.92 37.03 19.21
N SER A 577 -43.22 37.75 20.31
CA SER A 577 -42.25 38.66 20.82
C SER A 577 -42.06 38.35 22.26
N LEU A 578 -40.80 38.23 22.70
CA LEU A 578 -40.52 38.05 24.07
C LEU A 578 -39.64 39.21 24.39
N VAL A 579 -39.73 39.79 25.60
CA VAL A 579 -38.93 40.97 25.72
C VAL A 579 -38.03 40.86 26.91
N SER B 31 -5.26 -15.03 47.60
CA SER B 31 -5.65 -16.16 46.80
C SER B 31 -7.10 -16.41 46.40
N SER B 32 -8.35 -13.61 48.00
CA SER B 32 -8.27 -13.12 49.37
C SER B 32 -7.97 -14.23 50.35
N GLU B 33 -7.18 -15.14 50.04
CA GLU B 33 -6.52 -16.06 50.95
C GLU B 33 -7.48 -16.79 51.88
N LYS B 34 -8.41 -17.54 51.31
CA LYS B 34 -9.40 -18.24 52.09
C LYS B 34 -8.71 -19.26 52.98
N VAL B 35 -8.18 -18.81 54.11
CA VAL B 35 -7.48 -19.70 55.01
C VAL B 35 -8.55 -20.05 56.01
N PHE B 36 -8.92 -21.32 56.08
CA PHE B 36 -9.88 -21.75 57.08
C PHE B 36 -9.14 -22.09 58.36
N CYS B 37 -9.90 -22.44 59.39
CA CYS B 37 -9.33 -22.83 60.66
C CYS B 37 -10.30 -23.76 61.32
N LEU B 38 -9.80 -24.90 61.76
CA LEU B 38 -10.64 -25.93 62.34
C LEU B 38 -9.93 -26.60 63.49
N ILE B 39 -10.66 -26.86 64.55
CA ILE B 39 -10.11 -27.58 65.67
C ILE B 39 -11.15 -28.55 66.18
N GLY B 40 -10.72 -29.77 66.44
CA GLY B 40 -11.61 -30.79 66.92
C GLY B 40 -10.93 -32.13 67.10
N GLN B 41 -11.73 -33.12 67.44
CA GLN B 41 -11.23 -34.45 67.77
C GLN B 41 -10.99 -35.28 66.52
N ALA B 42 -9.85 -35.94 66.47
CA ALA B 42 -9.51 -36.78 65.32
C ALA B 42 -8.96 -38.14 65.70
N GLU B 43 -8.93 -39.04 64.74
CA GLU B 43 -8.50 -40.40 64.95
C GLU B 43 -7.00 -40.47 65.04
N GLY B 44 -6.34 -39.39 64.63
CA GLY B 44 -4.89 -39.41 64.46
C GLY B 44 -4.30 -38.02 64.63
N GLY B 45 -3.23 -37.92 65.42
CA GLY B 45 -2.56 -36.66 65.67
C GLY B 45 -1.89 -36.18 64.40
N GLU B 46 -1.17 -35.05 64.45
CA GLU B 46 -0.61 -34.32 65.58
C GLU B 46 -1.62 -33.78 66.54
N PRO B 47 -1.28 -33.87 67.83
CA PRO B 47 -2.09 -33.28 68.88
C PRO B 47 -1.59 -31.88 69.18
N ASN B 48 -2.51 -30.95 69.28
CA ASN B 48 -2.17 -29.57 69.59
C ASN B 48 -1.04 -29.06 68.72
N THR B 49 -1.23 -29.16 67.42
CA THR B 49 -0.30 -28.60 66.46
C THR B 49 -1.07 -28.02 65.30
N VAL B 50 -0.65 -26.85 64.83
CA VAL B 50 -1.30 -26.22 63.70
C VAL B 50 -0.82 -26.81 62.39
N TYR B 51 -0.95 -28.12 62.26
CA TYR B 51 -0.63 -28.77 61.00
C TYR B 51 -1.58 -28.28 59.92
N GLU B 52 -1.05 -27.97 58.76
CA GLU B 52 -1.88 -27.51 57.65
C GLU B 52 -2.28 -28.65 56.76
N LEU B 53 -3.45 -28.53 56.15
CA LEU B 53 -4.00 -29.58 55.30
C LEU B 53 -4.54 -29.00 54.02
N ARG B 54 -4.32 -29.69 52.91
CA ARG B 54 -4.73 -29.17 51.61
C ARG B 54 -5.64 -30.12 50.81
N ASN B 55 -5.36 -31.41 50.91
CA ASN B 55 -6.17 -32.40 50.20
C ASN B 55 -7.08 -33.14 51.15
N TYR B 56 -7.99 -33.93 50.60
CA TYR B 56 -8.77 -34.85 51.39
C TYR B 56 -7.90 -36.03 51.71
N SER B 57 -7.39 -36.66 50.66
CA SER B 57 -6.51 -37.81 50.78
C SER B 57 -5.26 -37.46 51.59
N GLN B 58 -5.12 -36.18 51.87
CA GLN B 58 -3.98 -35.69 52.64
C GLN B 58 -4.35 -35.44 54.09
N ALA B 59 -5.62 -35.30 54.37
CA ALA B 59 -6.03 -35.19 55.76
C ALA B 59 -6.30 -36.57 56.30
N LYS B 60 -6.83 -37.47 55.47
CA LYS B 60 -6.98 -38.85 55.86
C LYS B 60 -5.61 -39.41 56.23
N ARG B 61 -4.66 -39.22 55.34
CA ARG B 61 -3.29 -39.59 55.63
C ARG B 61 -2.90 -39.15 57.04
N LEU B 62 -3.41 -38.01 57.48
CA LEU B 62 -2.89 -37.37 58.68
C LEU B 62 -3.83 -37.41 59.88
N PHE B 63 -5.12 -37.37 59.65
CA PHE B 63 -6.08 -37.43 60.75
C PHE B 63 -7.22 -38.29 60.30
N ARG B 64 -6.89 -39.29 59.52
CA ARG B 64 -7.82 -39.97 58.64
C ARG B 64 -9.14 -40.53 58.17
N SER B 65 -9.73 -41.32 59.05
CA SER B 65 -11.06 -41.85 58.88
C SER B 65 -11.89 -41.23 59.98
N GLY B 66 -13.20 -41.17 59.76
CA GLY B 66 -14.11 -40.58 60.74
C GLY B 66 -14.68 -41.62 61.67
N GLU B 67 -14.31 -41.61 62.94
CA GLU B 67 -14.91 -42.52 63.89
C GLU B 67 -16.19 -41.87 64.34
N LEU B 68 -17.06 -42.64 64.99
CA LEU B 68 -18.35 -42.13 65.44
C LEU B 68 -18.20 -41.07 66.52
N LEU B 69 -16.95 -40.83 66.91
CA LEU B 69 -16.62 -39.84 67.90
C LEU B 69 -15.84 -38.73 67.22
N ASP B 70 -15.50 -38.97 65.95
CA ASP B 70 -14.69 -38.04 65.19
C ASP B 70 -15.51 -37.43 64.05
N ALA B 71 -16.40 -38.23 63.49
CA ALA B 71 -17.18 -37.87 62.32
C ALA B 71 -17.27 -36.38 62.02
N ILE B 72 -18.00 -35.66 62.83
CA ILE B 72 -18.34 -34.29 62.49
C ILE B 72 -17.14 -33.38 62.28
N GLU B 73 -15.95 -33.85 62.61
CA GLU B 73 -14.76 -33.03 62.41
C GLU B 73 -14.03 -33.45 61.16
N LEU B 74 -14.03 -34.74 60.87
CA LEU B 74 -13.50 -35.18 59.62
C LEU B 74 -14.30 -34.54 58.52
N ALA B 75 -15.59 -34.82 58.50
CA ALA B 75 -16.50 -34.19 57.56
C ALA B 75 -16.25 -32.69 57.49
N TRP B 76 -16.32 -32.05 58.65
CA TRP B 76 -16.14 -30.61 58.74
C TRP B 76 -15.04 -30.16 57.79
N GLY B 77 -13.87 -30.80 57.93
CA GLY B 77 -12.77 -30.55 57.02
C GLY B 77 -13.12 -31.04 55.62
N SER B 78 -13.23 -32.36 55.46
CA SER B 78 -13.44 -32.93 54.14
C SER B 78 -14.35 -32.10 53.26
N ASN B 79 -15.61 -31.98 53.65
CA ASN B 79 -16.56 -31.31 52.79
C ASN B 79 -16.38 -29.79 52.78
N PRO B 80 -15.23 -29.35 53.28
CA PRO B 80 -14.82 -27.97 53.10
C PRO B 80 -13.75 -27.90 52.03
N ASN B 81 -12.81 -28.82 52.08
CA ASN B 81 -11.76 -28.87 51.09
C ASN B 81 -12.36 -28.94 49.69
N TYR B 82 -13.67 -29.07 49.62
CA TYR B 82 -14.40 -29.03 48.35
C TYR B 82 -14.39 -27.63 47.74
N THR B 83 -14.39 -26.61 48.60
CA THR B 83 -14.23 -25.23 48.20
C THR B 83 -12.92 -24.70 48.75
N ALA B 84 -12.10 -25.61 49.27
CA ALA B 84 -10.98 -25.22 50.11
C ALA B 84 -9.61 -25.29 49.48
N GLY B 85 -8.81 -24.28 49.78
CA GLY B 85 -7.42 -24.26 49.41
C GLY B 85 -6.62 -24.80 50.56
N ARG B 86 -6.56 -24.02 51.64
CA ARG B 86 -5.80 -24.40 52.81
C ARG B 86 -6.67 -24.44 54.07
N ILE B 87 -6.40 -25.43 54.91
CA ILE B 87 -7.10 -25.60 56.17
C ILE B 87 -6.06 -25.81 57.25
N LEU B 88 -6.16 -25.06 58.32
CA LEU B 88 -5.26 -25.27 59.43
C LEU B 88 -6.04 -25.94 60.53
N ALA B 89 -5.57 -27.09 61.00
CA ALA B 89 -6.27 -27.83 62.05
C ALA B 89 -5.44 -28.01 63.31
N MET B 90 -6.13 -28.36 64.38
CA MET B 90 -5.48 -28.66 65.65
C MET B 90 -6.24 -29.78 66.33
N ARG B 91 -5.60 -30.92 66.50
CA ARG B 91 -6.29 -32.06 67.09
C ARG B 91 -6.43 -31.92 68.58
N ILE B 92 -7.66 -32.07 69.08
CA ILE B 92 -7.89 -32.05 70.52
C ILE B 92 -7.73 -33.45 71.08
N GLU B 93 -6.75 -33.60 71.97
CA GLU B 93 -6.51 -34.84 72.67
C GLU B 93 -6.79 -34.60 74.13
N LEU B 105 13.69 -42.35 75.80
CA LEU B 105 13.20 -41.07 76.06
C LEU B 105 12.24 -40.66 75.03
N LYS B 106 11.04 -40.43 75.43
CA LYS B 106 10.04 -40.03 74.52
C LYS B 106 10.32 -38.67 74.00
N ILE B 107 11.18 -38.60 73.04
CA ILE B 107 11.61 -37.38 72.50
C ILE B 107 10.50 -36.52 72.07
N THR B 108 9.51 -37.11 71.51
CA THR B 108 8.37 -36.39 71.10
C THR B 108 7.14 -37.16 71.33
N SER B 109 6.40 -36.78 72.31
CA SER B 109 5.18 -37.44 72.59
C SER B 109 4.35 -37.31 71.41
N LYS B 110 3.79 -38.37 70.96
CA LYS B 110 2.95 -38.29 69.83
C LYS B 110 1.70 -37.65 70.22
N ILE B 111 0.70 -37.92 69.47
CA ILE B 111 -0.61 -37.57 69.84
C ILE B 111 -1.46 -38.67 69.38
N TYR B 112 -2.63 -38.77 69.89
CA TYR B 112 -3.54 -39.75 69.44
C TYR B 112 -3.04 -41.15 69.46
N GLY B 113 -2.04 -41.40 70.23
CA GLY B 113 -1.62 -42.73 70.48
C GLY B 113 -2.49 -43.29 71.52
N ASN B 114 -2.36 -44.54 71.80
CA ASN B 114 -3.13 -45.16 72.81
C ASN B 114 -2.23 -46.04 73.60
N VAL B 115 -2.79 -46.82 74.45
CA VAL B 115 -2.04 -47.69 75.28
C VAL B 115 -1.37 -49.00 75.13
N ALA B 116 -1.77 -49.77 74.17
CA ALA B 116 -1.19 -51.04 73.96
C ALA B 116 -0.82 -50.94 72.54
N ASN B 117 -0.41 -49.80 72.09
CA ASN B 117 0.08 -49.69 70.77
C ASN B 117 1.43 -50.23 70.89
N ASN B 118 1.77 -51.12 70.03
CA ASN B 118 2.97 -51.84 70.15
C ASN B 118 4.12 -51.12 69.60
N ILE B 119 5.25 -51.37 70.18
CA ILE B 119 6.44 -50.73 69.80
C ILE B 119 7.39 -51.74 69.31
N GLN B 120 8.22 -51.34 68.41
CA GLN B 120 9.11 -52.25 67.80
C GLN B 120 10.48 -51.71 67.77
N VAL B 121 11.38 -52.46 68.28
CA VAL B 121 12.73 -52.07 68.33
C VAL B 121 13.46 -52.78 67.26
N GLY B 122 14.04 -52.05 66.39
CA GLY B 122 14.71 -52.62 65.30
C GLY B 122 16.17 -52.46 65.43
N LEU B 123 16.88 -53.40 64.92
CA LEU B 123 18.27 -53.28 64.81
C LEU B 123 18.62 -53.11 63.39
N GLU B 124 18.89 -51.91 63.02
CA GLU B 124 19.14 -51.61 61.67
C GLU B 124 18.06 -52.11 60.81
N LYS B 125 16.95 -51.45 60.86
CA LYS B 125 15.83 -51.79 60.07
C LYS B 125 15.53 -53.24 60.11
N ASN B 126 15.74 -53.83 61.23
CA ASN B 126 15.50 -55.20 61.39
C ASN B 126 14.87 -55.45 62.71
N THR B 127 13.77 -56.10 62.72
CA THR B 127 13.00 -56.28 63.89
C THR B 127 13.64 -57.18 64.89
N LEU B 128 13.77 -56.70 66.08
CA LEU B 128 14.29 -57.48 67.15
C LEU B 128 13.22 -57.72 68.15
N SER B 129 12.65 -56.67 68.62
CA SER B 129 11.65 -56.74 69.59
C SER B 129 10.42 -56.09 69.08
N ASP B 130 9.31 -56.69 69.32
CA ASP B 130 8.10 -56.21 68.80
C ASP B 130 7.02 -56.29 69.79
N SER B 131 7.37 -56.34 71.01
CA SER B 131 6.41 -56.48 72.03
C SER B 131 6.36 -55.31 72.93
N LEU B 132 7.10 -54.32 72.59
CA LEU B 132 7.03 -53.10 73.28
C LEU B 132 5.68 -52.56 73.11
N ARG B 133 5.33 -51.62 73.89
CA ARG B 133 4.04 -51.08 73.81
C ARG B 133 3.88 -49.87 74.65
N LEU B 134 3.39 -48.84 74.07
CA LEU B 134 3.02 -47.68 74.78
C LEU B 134 2.19 -48.11 75.93
N ARG B 135 2.36 -47.48 77.03
CA ARG B 135 1.69 -47.91 78.19
C ARG B 135 1.05 -46.81 78.94
N VAL B 136 1.32 -45.62 78.58
CA VAL B 136 0.66 -44.54 79.19
C VAL B 136 0.61 -43.37 78.32
N ILE B 137 -0.57 -42.98 77.98
CA ILE B 137 -0.80 -41.81 77.24
C ILE B 137 -1.62 -40.91 78.06
N PHE B 138 -1.76 -39.70 77.63
CA PHE B 138 -2.63 -38.80 78.28
C PHE B 138 -3.91 -38.71 77.57
N GLN B 139 -4.53 -37.59 77.65
CA GLN B 139 -5.79 -37.42 77.05
C GLN B 139 -5.67 -37.23 75.59
N ASP B 140 -4.55 -36.79 75.16
CA ASP B 140 -4.36 -36.47 73.79
C ASP B 140 -3.65 -37.54 73.07
N ASP B 141 -3.27 -38.55 73.76
CA ASP B 141 -2.56 -39.59 73.16
C ASP B 141 -1.11 -39.36 73.17
N ARG B 142 -0.72 -38.32 73.80
CA ARG B 142 0.65 -38.02 73.96
C ARG B 142 1.29 -39.13 74.69
N PHE B 143 2.30 -39.68 74.14
CA PHE B 143 2.94 -40.79 74.74
C PHE B 143 3.67 -40.43 75.98
N ASN B 144 3.25 -40.97 77.07
CA ASN B 144 3.86 -40.68 78.30
C ASN B 144 4.74 -41.77 78.78
N GLU B 145 4.41 -42.97 78.50
CA GLU B 145 5.18 -44.07 78.95
C GLU B 145 5.06 -45.27 78.10
N VAL B 146 6.14 -45.93 77.90
CA VAL B 146 6.15 -47.13 77.16
C VAL B 146 6.86 -48.18 77.91
N TYR B 147 6.83 -49.37 77.40
CA TYR B 147 7.56 -50.43 77.99
C TYR B 147 8.08 -51.38 76.99
N ASP B 148 9.35 -51.34 76.81
CA ASP B 148 10.01 -52.19 75.89
C ASP B 148 10.71 -53.30 76.57
N ASN B 149 10.32 -54.51 76.29
CA ASN B 149 10.98 -55.64 76.83
C ASN B 149 12.33 -55.77 76.25
N ILE B 150 13.29 -56.12 77.02
CA ILE B 150 14.63 -56.14 76.55
C ILE B 150 15.20 -57.50 76.41
N GLY B 151 14.41 -58.49 76.63
CA GLY B 151 14.88 -59.80 76.51
C GLY B 151 15.56 -60.00 75.22
N ASN B 152 14.85 -59.73 74.18
CA ASN B 152 15.31 -59.96 72.87
C ASN B 152 16.43 -59.07 72.52
N ILE B 153 16.34 -57.85 72.87
CA ILE B 153 17.29 -56.91 72.43
C ILE B 153 18.61 -57.05 73.08
N PHE B 154 18.64 -57.22 74.35
CA PHE B 154 19.90 -57.39 74.99
C PHE B 154 20.56 -58.59 74.45
N THR B 155 19.77 -59.52 74.05
CA THR B 155 20.28 -60.67 73.41
C THR B 155 20.98 -60.28 72.18
N ALA B 165 20.25 -59.83 71.24
CA ALA B 165 20.78 -59.37 70.03
C ALA B 165 21.92 -58.44 70.26
N THR B 166 21.81 -57.63 71.24
CA THR B 166 22.80 -56.65 71.52
C THR B 166 24.05 -57.28 71.99
N PHE B 167 23.93 -58.17 72.91
CA PHE B 167 25.04 -58.89 73.36
C PHE B 167 25.65 -59.56 72.20
N SER B 168 24.82 -60.06 71.37
CA SER B 168 25.22 -60.82 70.25
C SER B 168 26.01 -60.04 69.26
N VAL B 169 25.96 -58.77 69.34
CA VAL B 169 26.62 -57.95 68.39
C VAL B 169 27.43 -56.87 69.00
N GLU B 170 27.96 -57.11 70.14
CA GLU B 170 28.85 -56.21 70.74
C GLU B 170 28.26 -54.96 71.23
N HIS B 171 27.06 -54.70 70.84
CA HIS B 171 26.41 -53.51 71.23
C HIS B 171 25.64 -53.65 72.48
N ASP B 172 26.28 -54.14 73.50
CA ASP B 172 25.68 -54.25 74.75
C ASP B 172 26.55 -53.71 75.81
N GLU B 173 26.03 -52.83 76.62
CA GLU B 173 24.73 -52.27 76.51
C GLU B 173 24.76 -50.97 75.80
N GLU B 174 25.86 -50.67 75.21
CA GLU B 174 25.98 -49.49 74.45
C GLU B 174 24.73 -49.16 73.70
N THR B 175 24.44 -49.93 72.70
CA THR B 175 23.27 -49.73 71.94
C THR B 175 23.24 -48.43 71.20
N GLN B 176 22.06 -47.96 70.98
CA GLN B 176 21.85 -46.64 70.55
C GLN B 176 21.91 -46.37 69.10
N LYS B 177 22.98 -46.74 68.48
CA LYS B 177 23.28 -46.25 67.19
C LYS B 177 22.40 -46.82 66.15
N ALA B 178 22.32 -48.11 66.10
CA ALA B 178 21.57 -48.78 65.12
C ALA B 178 20.32 -49.27 65.71
N SER B 179 20.12 -48.95 66.93
CA SER B 179 18.98 -49.38 67.63
C SER B 179 17.92 -48.36 67.57
N ARG B 180 16.80 -48.74 67.11
CA ARG B 180 15.76 -47.82 66.86
C ARG B 180 14.45 -48.33 67.32
N LEU B 181 13.55 -47.46 67.54
CA LEU B 181 12.28 -47.84 68.02
C LEU B 181 11.22 -47.15 67.30
N VAL B 182 10.32 -47.89 66.75
CA VAL B 182 9.21 -47.35 66.07
C VAL B 182 7.95 -47.84 66.67
N LEU B 183 6.88 -47.23 66.33
CA LEU B 183 5.61 -47.60 66.84
C LEU B 183 4.94 -48.59 65.95
N LYS B 184 3.79 -49.00 66.34
CA LYS B 184 3.01 -49.87 65.55
C LYS B 184 2.81 -49.22 64.26
N VAL B 185 2.56 -49.98 63.25
CA VAL B 185 2.26 -49.43 61.99
C VAL B 185 0.87 -49.76 61.57
N GLY B 186 -0.06 -49.12 62.19
CA GLY B 186 0.23 -48.20 63.21
C GLY B 186 -0.79 -48.12 64.27
N ASP B 187 -0.45 -47.47 65.32
CA ASP B 187 -1.38 -47.13 66.31
C ASP B 187 -2.31 -46.17 65.71
N GLN B 188 -3.33 -45.84 66.40
CA GLN B 188 -4.23 -44.85 65.96
C GLN B 188 -3.51 -43.60 65.65
N GLU B 189 -2.66 -43.20 66.53
CA GLU B 189 -2.06 -41.93 66.47
C GLU B 189 -0.65 -41.81 66.11
N VAL B 190 -0.26 -40.62 65.81
CA VAL B 190 1.00 -40.35 65.22
C VAL B 190 2.03 -39.57 65.96
N LYS B 191 2.99 -39.09 65.25
CA LYS B 191 3.92 -38.12 65.71
C LYS B 191 5.04 -38.39 66.66
N SER B 192 5.09 -39.56 67.18
CA SER B 192 5.93 -39.84 68.27
C SER B 192 7.35 -40.12 67.95
N TYR B 193 8.18 -40.01 68.95
CA TYR B 193 9.57 -40.22 68.81
C TYR B 193 10.16 -40.80 70.03
N ASP B 194 10.35 -42.07 70.03
CA ASP B 194 11.00 -42.69 71.12
C ASP B 194 12.43 -42.87 70.81
N LEU B 195 13.28 -42.56 71.72
CA LEU B 195 14.68 -42.62 71.48
C LEU B 195 15.39 -43.54 72.39
N THR B 196 16.09 -44.47 71.84
CA THR B 196 16.65 -45.53 72.59
C THR B 196 18.03 -45.29 73.05
N GLY B 197 18.26 -45.47 74.29
CA GLY B 197 19.56 -45.40 74.83
C GLY B 197 20.12 -46.73 75.05
N GLY B 198 20.79 -46.90 76.13
CA GLY B 198 21.45 -48.13 76.42
C GLY B 198 20.66 -48.99 77.33
N ALA B 199 21.09 -50.19 77.49
CA ALA B 199 20.48 -51.08 78.40
C ALA B 199 20.91 -50.71 79.75
N TYR B 200 20.02 -50.33 80.59
CA TYR B 200 20.38 -49.87 81.88
C TYR B 200 20.95 -50.97 82.67
N ASP B 201 22.14 -50.80 83.10
CA ASP B 201 22.79 -51.78 83.89
C ASP B 201 22.93 -51.33 85.28
N TYR B 202 22.57 -50.12 85.53
CA TYR B 202 22.60 -49.60 86.85
C TYR B 202 21.31 -49.84 87.50
N THR B 203 21.28 -50.77 88.40
CA THR B 203 20.12 -51.08 89.11
C THR B 203 19.57 -49.86 89.70
N ALA B 245 51.35 -57.88 69.04
CA ALA B 245 50.53 -57.35 68.12
C ALA B 245 49.22 -57.20 68.62
N VAL B 246 49.13 -57.07 69.83
CA VAL B 246 47.96 -56.77 70.43
C VAL B 246 48.06 -55.49 70.98
N TYR B 247 47.06 -54.80 70.96
CA TYR B 247 47.08 -53.54 71.42
C TYR B 247 46.00 -53.26 72.27
N VAL B 248 46.22 -52.46 73.15
CA VAL B 248 45.26 -52.03 73.98
C VAL B 248 44.67 -50.89 73.40
N LYS B 249 43.46 -50.93 73.24
CA LYS B 249 42.79 -49.89 72.73
C LYS B 249 41.88 -49.39 73.66
N ALA B 250 41.92 -48.19 73.89
CA ALA B 250 41.08 -47.62 74.76
C ALA B 250 40.46 -46.50 74.19
N VAL B 251 39.29 -46.63 73.86
CA VAL B 251 38.62 -45.65 73.24
C VAL B 251 37.96 -44.80 74.13
N PHE B 252 38.10 -43.59 73.93
CA PHE B 252 37.56 -42.68 74.75
C PHE B 252 36.80 -41.73 74.09
N GLY B 253 35.72 -41.43 74.58
CA GLY B 253 35.02 -40.39 74.14
C GLY B 253 34.66 -39.61 75.23
N ASP B 254 35.16 -38.49 75.30
CA ASP B 254 34.92 -37.68 76.34
C ASP B 254 35.52 -38.12 77.53
N LEU B 255 36.65 -38.56 77.44
CA LEU B 255 37.32 -39.01 78.51
C LEU B 255 36.82 -40.24 78.95
N GLU B 256 35.80 -40.63 78.40
CA GLU B 256 35.23 -41.79 78.74
C GLU B 256 35.84 -42.86 78.09
N LYS B 257 36.16 -43.82 78.78
CA LYS B 257 36.73 -44.90 78.25
C LYS B 257 35.72 -45.69 77.70
N GLN B 258 35.27 -45.30 76.64
CA GLN B 258 34.23 -45.88 76.01
C GLN B 258 34.39 -47.24 75.68
N THR B 259 35.52 -47.62 75.39
CA THR B 259 35.77 -48.91 75.09
C THR B 259 37.11 -49.24 75.36
N ALA B 260 37.34 -50.40 75.66
CA ALA B 260 38.57 -50.83 75.97
C ALA B 260 38.75 -52.15 75.53
N TYR B 261 39.59 -52.33 74.66
CA TYR B 261 39.77 -53.53 74.12
C TYR B 261 41.11 -53.75 73.82
N ASN B 262 41.43 -54.92 73.61
CA ASN B 262 42.66 -55.25 73.19
C ASN B 262 42.57 -55.97 72.00
N GLY B 263 43.19 -55.53 71.04
CA GLY B 263 43.12 -56.11 69.82
C GLY B 263 44.37 -56.41 69.30
N ILE B 264 44.38 -57.18 68.34
CA ILE B 264 45.52 -57.56 67.78
C ILE B 264 45.55 -57.26 66.42
N VAL B 265 46.65 -57.03 65.95
CA VAL B 265 46.80 -56.77 64.65
C VAL B 265 47.11 -57.93 63.95
N SER B 266 47.14 -58.97 64.58
CA SER B 266 47.43 -60.14 64.01
C SER B 266 46.32 -60.98 63.96
N PHE B 267 45.95 -61.33 62.85
CA PHE B 267 44.87 -62.10 62.67
C PHE B 267 44.93 -63.24 63.48
N GLU B 268 43.86 -63.72 63.81
CA GLU B 268 43.80 -64.82 64.55
C GLU B 268 43.83 -64.58 65.91
N GLN B 269 44.75 -63.90 66.33
CA GLN B 269 44.94 -63.65 67.63
C GLN B 269 43.74 -63.41 68.30
N LEU B 270 43.64 -63.95 69.40
CA LEU B 270 42.52 -63.88 70.14
C LEU B 270 42.84 -63.53 71.45
N ASN B 271 41.92 -63.13 72.14
CA ASN B 271 42.05 -62.92 73.45
C ASN B 271 41.98 -64.16 74.09
N ALA B 272 41.85 -64.15 75.30
CA ALA B 272 41.76 -65.29 76.00
C ALA B 272 40.50 -65.89 75.89
N GLU B 273 39.85 -65.59 74.89
CA GLU B 273 38.62 -66.10 74.68
C GLU B 273 38.47 -66.50 73.35
N GLY B 274 39.49 -66.54 72.67
CA GLY B 274 39.46 -66.84 71.37
C GLY B 274 38.60 -65.98 70.65
N GLU B 275 38.47 -64.86 71.10
CA GLU B 275 37.79 -63.91 70.44
C GLU B 275 38.68 -63.27 69.56
N VAL B 276 38.47 -63.42 68.37
CA VAL B 276 39.27 -62.86 67.45
C VAL B 276 39.39 -61.48 67.64
N PRO B 277 40.45 -61.10 68.15
CA PRO B 277 40.68 -59.81 68.42
C PRO B 277 41.52 -59.22 67.46
N SER B 278 41.54 -59.71 66.35
CA SER B 278 42.18 -59.11 65.34
C SER B 278 41.44 -57.97 64.98
N ASN B 279 42.04 -56.91 65.04
CA ASN B 279 41.44 -55.73 64.81
C ASN B 279 40.46 -55.76 63.81
N VAL B 280 40.84 -55.90 62.66
CA VAL B 280 39.99 -55.85 61.62
C VAL B 280 38.81 -56.57 61.79
N GLU B 281 38.88 -57.63 62.40
CA GLU B 281 37.81 -58.40 62.60
C GLU B 281 37.04 -57.93 63.66
N VAL B 282 37.62 -57.70 64.71
CA VAL B 282 37.01 -57.23 65.79
C VAL B 282 36.07 -56.24 65.44
N GLU B 283 36.48 -55.31 64.77
CA GLU B 283 35.68 -54.30 64.40
C GLU B 283 34.82 -54.69 63.37
N ALA B 284 35.25 -55.56 62.62
CA ALA B 284 34.54 -56.01 61.58
C ALA B 284 33.30 -56.52 62.00
N GLY B 285 33.21 -56.79 63.18
CA GLY B 285 32.10 -57.33 63.70
C GLY B 285 31.67 -56.62 64.82
N GLU B 286 31.08 -55.56 64.60
CA GLU B 286 30.59 -54.79 65.58
C GLU B 286 31.35 -54.76 66.75
N GLU B 287 32.57 -54.81 66.61
CA GLU B 287 33.38 -54.88 67.66
C GLU B 287 33.33 -53.77 68.49
N THR B 319 -12.67 -33.32 77.15
CA THR B 319 -13.53 -32.32 77.77
C THR B 319 -13.69 -31.11 76.86
N TRP B 320 -14.84 -30.44 76.99
CA TRP B 320 -15.10 -29.26 76.20
C TRP B 320 -13.88 -28.35 76.21
N ALA B 321 -13.37 -28.08 77.40
CA ALA B 321 -12.20 -27.24 77.55
C ALA B 321 -11.04 -27.70 76.72
N ASP B 322 -10.83 -29.01 76.69
CA ASP B 322 -9.76 -29.60 75.91
C ASP B 322 -9.87 -29.15 74.47
N LYS B 323 -11.07 -28.78 74.05
CA LYS B 323 -11.27 -28.22 72.73
C LYS B 323 -10.85 -26.76 72.70
N LEU B 324 -11.25 -26.02 73.72
CA LEU B 324 -10.95 -24.61 73.79
C LEU B 324 -9.45 -24.36 73.91
N ASP B 325 -8.75 -25.21 74.65
CA ASP B 325 -7.30 -25.14 74.70
C ASP B 325 -6.75 -25.20 73.30
N LYS B 326 -7.35 -26.05 72.48
CA LYS B 326 -6.91 -26.24 71.12
C LYS B 326 -7.20 -25.02 70.27
N PHE B 327 -8.46 -24.65 70.16
CA PHE B 327 -8.85 -23.50 69.38
C PHE B 327 -7.96 -22.29 69.66
N ALA B 328 -0.56 -12.21 65.39
CA ALA B 328 0.90 -12.15 65.38
C ALA B 328 1.29 -13.48 64.77
N HIS B 329 0.57 -14.52 65.15
CA HIS B 329 1.02 -15.85 64.83
C HIS B 329 0.46 -16.56 63.62
N GLU B 330 -0.87 -16.65 63.53
CA GLU B 330 -1.49 -17.36 62.43
C GLU B 330 -2.49 -16.56 61.62
N GLY B 331 -2.22 -16.44 60.34
CA GLY B 331 -3.11 -15.75 59.42
C GLY B 331 -4.22 -16.67 58.95
N GLY B 332 -5.33 -16.67 59.68
CA GLY B 332 -6.44 -17.53 59.35
C GLY B 332 -7.70 -16.71 59.13
N TYR B 333 -8.26 -16.79 57.93
CA TYR B 333 -9.37 -15.92 57.54
C TYR B 333 -10.73 -16.35 58.08
N TYR B 334 -11.02 -17.65 58.00
CA TYR B 334 -12.34 -18.14 58.36
C TYR B 334 -12.23 -19.08 59.54
N ILE B 335 -13.34 -19.28 60.23
CA ILE B 335 -13.35 -20.12 61.41
C ILE B 335 -14.46 -21.15 61.38
N VAL B 336 -14.13 -22.40 61.10
CA VAL B 336 -15.13 -23.44 61.13
C VAL B 336 -15.43 -23.77 62.58
N PRO B 337 -16.66 -23.51 63.01
CA PRO B 337 -16.96 -23.63 64.42
C PRO B 337 -18.10 -24.58 64.67
N LEU B 338 -19.08 -24.60 63.77
CA LEU B 338 -20.24 -25.45 63.92
C LEU B 338 -19.87 -26.90 64.10
N SER B 339 -18.60 -27.21 63.87
CA SER B 339 -18.08 -28.55 63.96
C SER B 339 -18.38 -29.20 65.31
N SER B 340 -21.39 -28.27 75.74
CA SER B 340 -20.19 -27.98 74.98
C SER B 340 -20.51 -27.49 73.57
N LYS B 341 -21.59 -27.99 72.99
CA LYS B 341 -22.02 -27.52 71.68
C LYS B 341 -22.06 -26.00 71.69
N GLN B 342 -22.61 -25.46 72.76
CA GLN B 342 -22.74 -24.03 72.91
C GLN B 342 -21.48 -23.40 73.44
N SER B 343 -21.01 -23.85 74.58
CA SER B 343 -19.91 -23.16 75.24
C SER B 343 -18.58 -23.14 74.49
N VAL B 344 -18.35 -24.12 73.63
CA VAL B 344 -17.15 -24.10 72.81
C VAL B 344 -17.23 -22.98 71.79
N HIS B 345 -18.18 -23.12 70.88
CA HIS B 345 -18.45 -22.10 69.88
C HIS B 345 -18.45 -20.71 70.50
N ALA B 346 -19.31 -20.54 71.49
CA ALA B 346 -19.41 -19.28 72.20
C ALA B 346 -18.02 -18.72 72.42
N GLU B 347 -17.13 -19.56 72.90
CA GLU B 347 -15.76 -19.17 73.13
C GLU B 347 -14.99 -18.90 71.85
N VAL B 348 -15.21 -19.70 70.83
CA VAL B 348 -14.54 -19.51 69.54
C VAL B 348 -14.84 -18.14 69.00
N ALA B 349 -16.08 -17.70 69.17
CA ALA B 349 -16.49 -16.35 68.79
C ALA B 349 -15.65 -15.33 69.53
N SER B 350 -15.35 -15.64 70.78
CA SER B 350 -14.59 -14.74 71.62
C SER B 350 -13.09 -14.85 71.34
N PHE B 351 -12.76 -15.32 70.16
CA PHE B 351 -11.39 -15.34 69.70
C PHE B 351 -11.29 -14.49 68.46
N VAL B 352 -12.30 -14.61 67.60
CA VAL B 352 -12.42 -13.76 66.45
C VAL B 352 -12.77 -12.37 66.90
N LYS B 353 -13.58 -12.27 67.94
CA LYS B 353 -13.92 -10.97 68.52
C LYS B 353 -12.67 -10.22 68.90
N GLU B 354 -11.89 -10.81 69.78
CA GLU B 354 -10.72 -10.13 70.34
C GLU B 354 -9.65 -9.93 69.30
N ARG B 355 -9.72 -10.55 68.16
CA ARG B 355 -8.68 -10.43 67.15
C ARG B 355 -9.15 -9.68 65.91
N GLU B 360 -10.42 -9.83 65.60
CA GLU B 360 -11.07 -9.11 64.51
C GLU B 360 -10.36 -9.19 63.16
N PRO B 361 -9.76 -10.33 62.88
CA PRO B 361 -9.26 -10.65 61.56
C PRO B 361 -9.74 -12.05 61.21
N MET B 362 -11.02 -12.16 60.88
CA MET B 362 -11.63 -13.48 60.69
C MET B 362 -13.13 -13.43 60.53
N ARG B 363 -13.77 -14.57 60.75
CA ARG B 363 -15.21 -14.68 60.58
C ARG B 363 -15.21 -15.94 61.45
N ALA B 364 -16.16 -16.01 62.38
CA ALA B 364 -16.22 -17.17 63.25
C ALA B 364 -17.60 -17.37 62.66
N ILE B 365 -17.83 -18.54 62.07
CA ILE B 365 -19.11 -18.87 61.45
C ILE B 365 -19.45 -20.05 62.36
N VAL B 366 -20.75 -20.19 62.67
CA VAL B 366 -21.20 -21.12 63.68
C VAL B 366 -22.58 -21.67 63.40
N GLY B 367 -22.80 -22.92 63.76
CA GLY B 367 -24.04 -23.63 63.48
C GLY B 367 -24.76 -24.22 64.69
N GLY B 368 -26.09 -24.40 64.61
CA GLY B 368 -26.95 -24.79 65.73
C GLY B 368 -26.68 -26.20 66.19
N GLY B 369 -27.11 -26.53 67.40
CA GLY B 369 -26.92 -27.87 67.95
C GLY B 369 -27.89 -28.88 67.35
N PHE B 370 -40.43 -28.33 62.05
CA PHE B 370 -40.06 -26.94 62.04
C PHE B 370 -40.81 -26.11 63.08
N ASN B 371 -42.08 -26.42 63.32
CA ASN B 371 -42.87 -25.73 64.33
C ASN B 371 -42.07 -25.56 65.60
N GLU B 372 -41.79 -26.65 66.29
CA GLU B 372 -40.93 -26.63 67.46
C GLU B 372 -39.57 -26.08 67.09
N SER B 373 -39.06 -26.51 65.94
CA SER B 373 -37.71 -26.20 65.54
C SER B 373 -37.32 -24.76 65.79
N LYS B 374 -38.04 -23.83 65.19
CA LYS B 374 -37.67 -22.43 65.30
C LYS B 374 -37.77 -21.94 66.74
N GLU B 375 -38.86 -22.26 67.40
CA GLU B 375 -39.00 -21.91 68.81
C GLU B 375 -37.66 -22.16 69.50
N GLN B 376 -37.16 -23.37 69.34
CA GLN B 376 -35.91 -23.76 69.94
C GLN B 376 -34.78 -22.82 69.57
N LEU B 377 -34.56 -22.65 68.27
CA LEU B 377 -33.48 -21.82 67.78
C LEU B 377 -33.47 -20.43 68.41
N PHE B 378 -34.64 -19.80 68.48
CA PHE B 378 -34.74 -18.44 68.98
C PHE B 378 -34.52 -18.38 70.48
N GLY B 379 -35.08 -19.33 71.20
CA GLY B 379 -34.80 -19.45 72.61
C GLY B 379 -33.31 -19.52 72.87
N ARG B 380 -32.63 -20.35 72.08
CA ARG B 380 -31.20 -20.57 72.24
C ARG B 380 -30.40 -19.30 71.96
N GLN B 381 -30.87 -18.51 71.01
CA GLN B 381 -30.18 -17.28 70.62
C GLN B 381 -30.37 -16.18 71.65
N ALA B 382 -31.19 -16.43 72.66
CA ALA B 382 -31.40 -15.50 73.76
C ALA B 382 -31.21 -16.12 75.14
N SER B 383 -32.11 -17.00 75.54
CA SER B 383 -32.05 -17.62 76.85
C SER B 383 -33.39 -18.29 77.06
N LEU B 384 -26.29 -16.67 73.51
CA LEU B 384 -26.70 -15.27 73.52
C LEU B 384 -25.54 -14.29 73.46
N SER B 385 -24.88 -14.24 72.32
CA SER B 385 -23.81 -13.30 72.08
C SER B 385 -24.14 -12.53 70.82
N ASN B 386 -23.37 -11.52 70.51
CA ASN B 386 -23.69 -10.69 69.35
C ASN B 386 -22.48 -10.05 68.67
N PRO B 387 -21.75 -10.84 67.90
CA PRO B 387 -20.60 -10.31 67.20
C PRO B 387 -20.88 -10.08 65.73
N ARG B 388 -20.25 -9.03 65.21
CA ARG B 388 -20.33 -8.69 63.81
C ARG B 388 -19.47 -9.68 63.09
N VAL B 389 -18.70 -10.42 63.88
CA VAL B 389 -17.84 -11.48 63.38
C VAL B 389 -18.51 -12.82 63.55
N SER B 390 -19.60 -12.82 64.29
CA SER B 390 -20.35 -14.03 64.53
C SER B 390 -21.33 -14.25 63.41
N LEU B 391 -21.21 -15.37 62.73
CA LEU B 391 -22.14 -15.73 61.67
C LEU B 391 -22.57 -17.08 62.25
N VAL B 392 -23.85 -17.20 62.59
CA VAL B 392 -24.44 -18.46 62.97
C VAL B 392 -25.11 -19.13 61.77
N ALA B 393 -25.65 -20.32 62.00
CA ALA B 393 -25.61 -21.37 61.00
C ALA B 393 -26.69 -22.41 61.26
N ASN B 394 -27.58 -22.58 60.30
CA ASN B 394 -28.97 -22.22 60.48
C ASN B 394 -29.89 -23.41 60.38
N SER B 395 -29.43 -24.45 59.71
CA SER B 395 -29.79 -25.81 60.08
C SER B 395 -28.59 -26.74 60.12
N GLY B 396 -28.79 -27.99 59.77
CA GLY B 396 -27.75 -29.00 59.86
C GLY B 396 -27.87 -30.03 58.74
N THR B 397 -26.76 -30.29 58.07
CA THR B 397 -26.80 -30.92 56.77
C THR B 397 -26.81 -32.43 56.89
N PHE B 398 -27.37 -33.10 55.89
CA PHE B 398 -27.43 -34.55 55.87
C PHE B 398 -26.60 -35.10 54.72
N VAL B 399 -25.36 -35.46 55.02
CA VAL B 399 -24.41 -35.89 54.00
C VAL B 399 -24.33 -37.40 53.91
N MET B 400 -23.54 -37.90 52.97
CA MET B 400 -23.25 -39.33 52.92
C MET B 400 -21.79 -39.52 53.26
N ASP B 401 -21.49 -40.54 54.04
CA ASP B 401 -20.15 -40.73 54.54
C ASP B 401 -19.43 -41.84 53.81
N ASP B 402 -18.74 -41.48 52.74
CA ASP B 402 -18.11 -42.48 51.88
C ASP B 402 -17.23 -43.44 52.66
N GLY B 403 -16.87 -43.09 53.88
CA GLY B 403 -15.96 -43.92 54.66
C GLY B 403 -16.69 -45.01 55.42
N ARG B 404 -17.51 -44.63 56.38
CA ARG B 404 -18.31 -45.62 57.09
C ARG B 404 -19.40 -46.16 56.19
N ASN B 406 -19.62 -45.46 55.08
CA ASN B 406 -20.67 -45.81 54.15
C ASN B 406 -22.04 -45.63 54.76
N HIS B 407 -22.28 -44.47 55.36
CA HIS B 407 -23.55 -44.21 55.99
C HIS B 407 -23.97 -42.77 55.80
N VAL B 408 -25.28 -42.54 55.80
CA VAL B 408 -25.82 -41.20 55.75
C VAL B 408 -25.81 -40.60 57.14
N PRO B 409 -25.41 -39.34 57.23
CA PRO B 409 -25.06 -38.76 58.50
C PRO B 409 -25.37 -37.28 58.55
N ALA B 410 -25.79 -36.78 59.70
CA ALA B 410 -25.99 -35.34 59.86
C ALA B 410 -24.70 -34.65 60.27
N TYR B 411 -24.34 -33.60 59.57
CA TYR B 411 -23.15 -32.84 59.92
C TYR B 411 -23.42 -31.35 60.00
N MET B 412 -22.68 -30.65 60.86
CA MET B 412 -22.83 -29.21 60.99
C MET B 412 -22.62 -28.54 59.65
N VAL B 413 -23.51 -27.65 59.27
CA VAL B 413 -23.47 -27.03 57.97
C VAL B 413 -22.40 -25.95 57.89
N ALA B 414 -22.12 -25.31 59.01
CA ALA B 414 -21.14 -24.24 59.07
C ALA B 414 -19.84 -24.61 58.38
N VAL B 415 -19.30 -25.75 58.74
CA VAL B 415 -18.08 -26.26 58.13
C VAL B 415 -18.08 -26.04 56.62
N ALA B 416 -19.25 -26.20 56.03
CA ALA B 416 -19.40 -26.12 54.60
C ALA B 416 -19.40 -24.68 54.09
N LEU B 417 -20.34 -23.88 54.58
CA LEU B 417 -20.47 -22.49 54.15
C LEU B 417 -19.15 -21.74 54.22
N GLY B 418 -18.29 -22.15 55.15
CA GLY B 418 -17.00 -21.51 55.33
C GLY B 418 -16.14 -21.66 54.09
N GLY B 419 -16.15 -22.84 53.50
CA GLY B 419 -15.44 -23.06 52.26
C GLY B 419 -16.16 -22.31 51.16
N LEU B 420 -17.47 -22.23 51.30
CA LEU B 420 -18.30 -21.52 50.36
C LEU B 420 -17.98 -20.03 50.38
N ALA B 421 -17.20 -19.62 51.38
CA ALA B 421 -16.73 -18.24 51.46
C ALA B 421 -15.36 -18.07 50.82
N SER B 422 -14.45 -18.99 51.13
CA SER B 422 -13.12 -18.97 50.55
C SER B 422 -13.28 -18.83 49.06
N GLY B 423 -14.42 -19.33 48.61
CA GLY B 423 -14.84 -19.20 47.24
C GLY B 423 -15.33 -17.77 47.03
N LEU B 424 -16.64 -17.65 46.90
CA LEU B 424 -17.30 -16.40 46.52
C LEU B 424 -16.68 -15.17 47.17
N GLU B 425 -16.37 -14.20 46.31
CA GLU B 425 -15.67 -12.98 46.71
C GLU B 425 -14.55 -13.29 47.69
N ILE B 426 -14.20 -12.32 48.52
CA ILE B 426 -13.20 -12.59 49.52
C ILE B 426 -13.70 -12.70 50.95
N GLY B 427 -12.84 -13.24 51.79
CA GLY B 427 -13.25 -13.86 53.02
C GLY B 427 -12.83 -13.07 54.25
N GLU B 428 -25.82 -19.22 49.71
CA GLU B 428 -24.99 -18.27 48.97
C GLU B 428 -24.53 -18.85 47.64
N SER B 429 -25.29 -19.79 47.13
CA SER B 429 -24.90 -20.59 45.99
C SER B 429 -24.88 -22.01 46.47
N ILE B 430 -25.70 -22.86 45.86
CA ILE B 430 -25.97 -24.17 46.44
C ILE B 430 -24.74 -24.89 46.93
N THR B 431 -24.94 -25.73 47.93
CA THR B 431 -23.87 -26.50 48.52
C THR B 431 -23.78 -27.83 47.82
N PHE B 432 -22.60 -28.41 47.88
CA PHE B 432 -22.25 -29.53 47.02
C PHE B 432 -22.96 -30.83 47.31
N LYS B 433 -22.64 -31.44 48.45
CA LYS B 433 -22.93 -32.83 48.65
C LYS B 433 -24.09 -33.09 49.58
N PRO B 434 -24.84 -32.06 49.88
CA PRO B 434 -26.06 -32.21 50.66
C PRO B 434 -26.96 -33.23 49.99
N LEU B 435 -27.85 -33.82 50.75
CA LEU B 435 -28.81 -34.75 50.20
C LEU B 435 -30.11 -34.58 50.94
N ARG B 436 -30.17 -33.55 51.75
CA ARG B 436 -31.26 -33.35 52.66
C ARG B 436 -30.82 -32.29 53.64
N VAL B 437 -31.70 -31.35 53.96
CA VAL B 437 -31.43 -30.43 55.03
C VAL B 437 -32.49 -30.50 56.14
N SER B 438 -32.08 -30.19 57.36
CA SER B 438 -32.99 -30.34 58.48
C SER B 438 -34.28 -29.59 58.23
N TYR B 444 -34.17 -28.42 57.60
CA TYR B 444 -35.34 -27.64 57.23
C TYR B 444 -35.19 -27.09 55.82
N GLU B 445 -36.30 -26.98 55.10
CA GLU B 445 -36.28 -26.52 53.73
C GLU B 445 -37.65 -26.00 53.31
N SER B 446 -42.01 -18.44 55.31
CA SER B 446 -41.57 -17.14 54.89
C SER B 446 -41.40 -16.27 56.09
N ILE B 447 -42.35 -16.31 57.03
CA ILE B 447 -42.23 -15.46 58.17
C ILE B 447 -40.99 -15.82 58.92
N ASP B 448 -40.75 -17.14 59.08
CA ASP B 448 -39.61 -17.59 59.80
C ASP B 448 -38.38 -17.16 59.10
N LEU B 449 -38.37 -17.29 57.76
CA LEU B 449 -37.22 -16.94 56.98
C LEU B 449 -36.89 -15.50 57.20
N ASP B 450 -37.91 -14.63 57.11
CA ASP B 450 -37.60 -13.25 57.29
C ASP B 450 -37.09 -13.07 58.67
N GLU B 451 -37.65 -13.84 59.61
CA GLU B 451 -37.24 -13.74 60.97
C GLU B 451 -35.81 -14.15 61.09
N LEU B 452 -35.40 -15.23 60.40
CA LEU B 452 -34.06 -15.70 60.51
C LEU B 452 -33.12 -14.68 59.97
N ASN B 453 -33.45 -14.09 58.81
CA ASN B 453 -32.73 -12.96 58.29
C ASN B 453 -32.92 -11.93 59.34
N GLU B 454 -32.14 -10.86 59.41
CA GLU B 454 -32.37 -9.86 60.43
C GLU B 454 -31.78 -10.36 61.71
N ASN B 455 -32.02 -11.64 62.03
CA ASN B 455 -31.45 -12.36 63.11
C ASN B 455 -30.03 -12.51 62.73
N GLY B 456 -29.77 -12.33 61.42
CA GLY B 456 -28.45 -12.53 60.88
C GLY B 456 -28.10 -13.97 60.97
N ILE B 457 -29.02 -14.83 60.51
CA ILE B 457 -28.70 -16.21 60.50
C ILE B 457 -28.73 -16.68 59.08
N ILE B 458 -27.88 -17.67 58.74
CA ILE B 458 -27.78 -18.17 57.39
C ILE B 458 -28.70 -19.34 57.23
N SER B 459 -29.72 -19.14 56.42
CA SER B 459 -30.69 -20.16 56.17
C SER B 459 -30.43 -20.92 54.91
N ILE B 460 -31.06 -22.10 54.79
CA ILE B 460 -31.02 -22.83 53.57
C ILE B 460 -32.44 -23.14 53.25
N GLU B 461 -32.88 -22.89 52.01
CA GLU B 461 -34.24 -23.21 51.71
C GLU B 461 -34.26 -24.03 50.48
N PHE B 462 -35.29 -24.86 50.34
CA PHE B 462 -35.37 -25.69 49.17
C PHE B 462 -36.58 -25.29 48.42
N VAL B 463 -36.42 -25.02 47.13
CA VAL B 463 -37.57 -24.64 46.38
C VAL B 463 -37.62 -25.49 45.15
N ARG B 464 -38.72 -26.23 44.98
CA ARG B 464 -38.91 -26.99 43.80
C ARG B 464 -37.77 -27.95 43.67
N ASN B 465 -37.17 -28.33 44.79
CA ASN B 465 -36.07 -29.24 44.72
C ASN B 465 -34.84 -28.41 44.71
N ARG B 466 -33.72 -29.00 45.14
CA ARG B 466 -32.46 -28.31 45.21
C ARG B 466 -32.58 -27.23 46.24
N THR B 467 -31.65 -27.22 47.20
CA THR B 467 -31.70 -26.23 48.22
C THR B 467 -30.64 -25.23 47.91
N ASN B 468 -30.89 -23.96 48.28
CA ASN B 468 -29.94 -22.92 48.01
C ASN B 468 -29.85 -22.04 49.21
N THR B 469 -28.78 -21.24 49.28
CA THR B 469 -28.60 -20.39 50.42
C THR B 469 -29.51 -19.22 50.30
N PHE B 470 -30.31 -18.98 51.35
CA PHE B 470 -31.23 -17.88 51.33
C PHE B 470 -30.50 -16.60 51.31
N PHE B 471 -29.54 -16.44 52.23
CA PHE B 471 -28.90 -15.17 52.33
C PHE B 471 -27.45 -15.37 52.55
N MET B 491 -25.27 -7.43 56.21
CA MET B 491 -24.37 -7.98 55.23
C MET B 491 -22.94 -8.07 55.64
N ALA B 492 -18.68 -11.34 52.88
CA ALA B 492 -18.29 -10.81 51.61
C ALA B 492 -18.15 -9.33 51.72
N VAL B 493 -19.15 -8.65 52.29
CA VAL B 493 -19.11 -7.22 52.41
C VAL B 493 -17.96 -6.84 53.28
N GLY B 494 -17.73 -7.62 54.35
CA GLY B 494 -16.72 -7.34 55.32
C GLY B 494 -15.37 -7.39 54.69
N GLU B 495 -15.10 -8.41 53.87
CA GLU B 495 -13.80 -8.58 53.34
C GLU B 495 -13.44 -7.41 52.50
N ALA B 496 -14.43 -6.85 51.78
CA ALA B 496 -14.13 -5.72 50.97
C ALA B 496 -13.64 -4.64 51.90
N ASN B 497 -14.42 -4.36 52.95
CA ASN B 497 -14.04 -3.29 53.82
C ASN B 497 -12.77 -3.56 54.55
N ASP B 498 -12.60 -4.77 55.08
CA ASP B 498 -11.42 -5.02 55.85
C ASP B 498 -10.23 -4.79 54.99
N PHE B 499 -10.28 -5.30 53.75
CA PHE B 499 -9.13 -5.17 52.89
C PHE B 499 -8.85 -3.74 52.65
N LEU B 500 -9.88 -2.94 52.37
CA LEU B 500 -9.58 -1.57 52.06
C LEU B 500 -8.94 -0.91 53.22
N VAL B 501 -9.49 -1.10 54.43
CA VAL B 501 -8.97 -0.43 55.58
C VAL B 501 -7.55 -0.82 55.80
N SER B 502 -7.22 -2.11 55.64
CA SER B 502 -5.89 -2.51 55.93
C SER B 502 -4.94 -1.85 54.97
N GLU B 503 -5.30 -1.82 53.68
CA GLU B 503 -4.42 -1.26 52.70
C GLU B 503 -4.27 0.20 52.94
N LEU B 504 -5.35 0.90 53.31
CA LEU B 504 -5.25 2.32 53.42
C LEU B 504 -4.25 2.70 54.45
N LYS B 505 -4.24 1.99 55.59
CA LYS B 505 -3.38 2.31 56.70
C LYS B 505 -1.94 2.17 56.33
N VAL B 506 -1.60 1.15 55.52
CA VAL B 506 -0.23 0.89 55.20
C VAL B 506 0.34 2.06 54.50
N GLN B 507 -0.50 2.78 53.73
CA GLN B 507 -0.06 3.90 52.97
C GLN B 507 0.43 4.98 53.89
N LEU B 508 0.33 4.78 55.21
CA LEU B 508 0.73 5.74 56.20
C LEU B 508 2.20 5.98 56.12
N GLU B 509 2.96 5.05 55.53
CA GLU B 509 4.39 5.23 55.49
C GLU B 509 4.66 6.49 54.75
N GLN B 511 3.81 6.79 53.76
CA GLN B 511 3.97 7.93 52.90
C GLN B 511 3.93 9.18 53.71
N PHE B 512 3.11 9.23 54.78
CA PHE B 512 2.95 10.45 55.51
C PHE B 512 4.27 10.90 56.04
N ILE B 513 5.08 9.97 56.54
CA ILE B 513 6.31 10.38 57.13
C ILE B 513 7.12 11.05 56.08
N GLY B 514 6.98 10.60 54.83
CA GLY B 514 7.78 11.09 53.76
C GLY B 514 7.56 12.56 53.60
N THR B 515 6.30 13.06 53.56
CA THR B 515 6.14 14.45 53.32
C THR B 515 5.38 15.13 54.41
N ARG B 516 5.30 16.46 54.30
CA ARG B 516 4.61 17.32 55.22
C ARG B 516 3.16 17.32 54.88
N THR B 517 2.33 17.96 55.74
CA THR B 517 0.91 17.99 55.55
C THR B 517 0.52 19.37 55.15
N ILE B 518 -0.28 19.50 54.08
CA ILE B 518 -0.74 20.76 53.58
C ILE B 518 -2.02 20.52 52.86
N ASN B 519 -2.57 21.58 52.22
CA ASN B 519 -3.77 21.42 51.47
C ASN B 519 -3.45 20.47 50.36
N THR B 520 -2.25 20.63 49.80
CA THR B 520 -1.81 19.81 48.71
C THR B 520 -1.71 18.41 49.18
N SER B 521 -1.28 18.20 50.44
CA SER B 521 -1.12 16.87 50.94
C SER B 521 -2.44 16.21 51.00
N ALA B 522 -3.50 17.02 51.15
CA ALA B 522 -4.82 16.50 51.09
C ALA B 522 -4.93 15.85 49.75
N SER B 523 -4.52 16.59 48.70
CA SER B 523 -4.48 16.01 47.39
C SER B 523 -3.29 15.12 47.45
N ILE B 524 -2.92 14.38 46.40
CA ILE B 524 -1.77 13.55 46.54
C ILE B 524 -2.17 12.36 47.35
N ILE B 525 -2.26 12.47 48.69
CA ILE B 525 -2.67 11.35 49.46
C ILE B 525 -4.02 10.96 48.98
N LYS B 526 -4.90 11.96 48.83
CA LYS B 526 -6.23 11.73 48.39
C LYS B 526 -6.19 11.13 47.04
N ASP B 527 -5.34 11.67 46.15
CA ASP B 527 -5.33 11.13 44.82
C ASP B 527 -4.86 9.72 44.88
N PHE B 528 -3.86 9.43 45.72
CA PHE B 528 -3.33 8.09 45.75
C PHE B 528 -4.36 7.12 46.21
N ILE B 529 -5.05 7.41 47.32
CA ILE B 529 -6.03 6.49 47.81
C ILE B 529 -7.14 6.41 46.84
N GLN B 530 -7.51 7.54 46.24
CA GLN B 530 -8.60 7.57 45.34
C GLN B 530 -8.33 6.66 44.20
N SER B 531 -7.07 6.66 43.72
CA SER B 531 -6.76 5.85 42.59
C SER B 531 -6.98 4.43 42.99
N TYR B 532 -6.62 4.07 44.23
CA TYR B 532 -6.78 2.73 44.67
C TYR B 532 -8.25 2.41 44.71
N LEU B 533 -9.05 3.31 45.29
CA LEU B 533 -10.45 3.06 45.44
C LEU B 533 -11.10 2.96 44.10
N GLY B 534 -10.72 3.84 43.16
CA GLY B 534 -11.37 3.84 41.89
C GLY B 534 -11.09 2.55 41.22
N ARG B 535 -9.87 2.02 41.39
CA ARG B 535 -9.51 0.80 40.74
C ARG B 535 -10.44 -0.26 41.22
N LYS B 536 -10.77 -0.25 42.52
CA LYS B 536 -11.62 -1.26 43.06
C LYS B 536 -12.95 -1.18 42.37
N LYS B 537 -13.41 0.03 42.09
CA LYS B 537 -14.70 0.17 41.46
C LYS B 537 -14.66 -0.36 40.07
N ARG B 538 -13.60 -0.01 39.30
CA ARG B 538 -13.52 -0.39 37.93
C ARG B 538 -13.49 -1.88 37.81
N ASP B 539 -12.67 -2.52 38.65
CA ASP B 539 -12.54 -3.94 38.59
C ASP B 539 -13.88 -4.49 38.95
N ASN B 540 -14.53 -3.80 39.90
CA ASN B 540 -15.77 -4.27 40.39
C ASN B 540 -15.47 -4.69 41.77
N GLU B 541 -16.41 -4.47 42.67
CA GLU B 541 -16.11 -4.75 44.03
C GLU B 541 -16.60 -3.58 44.81
N ILE B 542 -16.49 -2.38 44.24
CA ILE B 542 -17.04 -1.23 44.89
C ILE B 542 -17.86 -0.56 43.85
N GLN B 543 -19.01 0.03 44.24
CA GLN B 543 -19.85 0.65 43.28
C GLN B 543 -20.26 1.99 43.82
N ASP B 544 -20.69 2.87 42.92
CA ASP B 544 -21.16 4.18 43.27
C ASP B 544 -20.18 4.84 44.17
N PHE B 545 -18.92 4.96 43.71
CA PHE B 545 -17.95 5.61 44.52
C PHE B 545 -17.79 6.99 44.00
N PRO B 546 -14.30 10.86 50.22
CA PRO B 546 -12.89 10.91 50.48
C PRO B 546 -12.62 11.68 51.73
N ALA B 547 -11.38 12.16 51.95
CA ALA B 547 -11.01 12.70 53.24
C ALA B 547 -10.71 14.17 53.30
N GLU B 548 -11.15 14.76 54.43
CA GLU B 548 -10.85 16.09 54.87
C GLU B 548 -10.94 15.99 56.36
N ASP B 549 -9.78 15.95 57.08
CA ASP B 549 -9.88 15.75 58.49
C ASP B 549 -10.51 16.92 59.13
N VAL B 550 -10.05 18.12 58.76
CA VAL B 550 -10.60 19.26 59.39
C VAL B 550 -11.97 19.39 58.84
N GLN B 551 -12.78 20.14 59.50
CA GLN B 551 -14.09 20.34 59.01
C GLN B 551 -13.91 21.16 57.80
N VAL B 552 -14.86 21.14 56.85
CA VAL B 552 -14.63 21.92 55.68
C VAL B 552 -14.56 23.33 56.11
N ILE B 553 -13.34 23.88 56.12
CA ILE B 553 -13.10 25.23 56.49
C ILE B 553 -11.74 25.55 55.99
N VAL B 554 -11.29 26.80 56.20
CA VAL B 554 -9.98 27.15 55.79
C VAL B 554 -9.04 26.33 56.60
N GLU B 555 -9.36 26.17 57.89
CA GLU B 555 -8.52 25.44 58.80
C GLU B 555 -8.53 24.00 58.42
N GLY B 556 -7.43 23.30 58.74
CA GLY B 556 -7.26 21.92 58.44
C GLY B 556 -6.38 21.34 59.50
N ASN B 557 -6.25 20.00 59.49
CA ASN B 557 -5.44 19.33 60.46
C ASN B 557 -4.77 18.21 59.75
N GLU B 558 -4.25 17.22 60.50
CA GLU B 558 -3.61 16.10 59.89
C GLU B 558 -4.67 15.34 59.18
N ALA B 559 -4.28 14.43 58.27
CA ALA B 559 -5.30 13.77 57.52
C ALA B 559 -5.58 12.44 58.09
N ARG B 560 -6.87 12.12 58.15
CA ARG B 560 -7.28 10.81 58.53
C ARG B 560 -8.01 10.34 57.33
N ILE B 561 -7.94 9.04 56.99
CA ILE B 561 -8.65 8.68 55.81
C ILE B 561 -9.98 8.17 56.21
N SER B 562 -11.03 8.88 55.79
CA SER B 562 -12.36 8.43 56.07
C SER B 562 -12.96 8.21 54.74
N MET B 563 -13.66 7.09 54.58
CA MET B 563 -14.23 6.86 53.30
C MET B 563 -15.54 6.22 53.50
N THR B 564 -16.43 6.45 52.52
CA THR B 564 -17.70 5.83 52.56
C THR B 564 -17.67 4.94 51.37
N VAL B 565 -17.65 3.61 51.57
CA VAL B 565 -17.55 2.76 50.43
C VAL B 565 -18.68 1.81 50.46
N TYR B 566 -19.10 1.33 49.28
CA TYR B 566 -20.22 0.43 49.23
C TYR B 566 -19.76 -0.80 48.50
N PRO B 567 -20.01 -1.94 49.09
CA PRO B 567 -19.63 -3.17 48.47
C PRO B 567 -20.58 -3.37 47.34
N ILE B 568 -20.19 -4.11 46.30
CA ILE B 568 -21.01 -4.15 45.14
C ILE B 568 -22.38 -4.64 45.46
N ARG B 569 -22.51 -5.78 46.17
CA ARG B 569 -23.84 -6.26 46.37
C ARG B 569 -24.29 -5.89 47.73
N SER B 570 -24.80 -4.66 47.87
CA SER B 570 -25.38 -4.23 49.11
C SER B 570 -25.72 -2.80 48.94
N PHE B 571 -26.99 -2.42 49.19
CA PHE B 571 -27.29 -1.04 49.00
C PHE B 571 -27.09 -0.35 50.30
N LYS B 572 -25.82 -0.11 50.65
CA LYS B 572 -25.51 0.57 51.86
C LYS B 572 -24.10 1.04 51.73
N LYS B 573 -23.83 2.25 52.23
CA LYS B 573 -22.51 2.78 52.19
C LYS B 573 -22.03 2.72 53.60
N ILE B 574 -20.81 2.24 53.82
CA ILE B 574 -20.39 2.17 55.19
C ILE B 574 -19.34 3.20 55.38
N SER B 575 -19.31 3.79 56.58
CA SER B 575 -18.34 4.83 56.82
C SER B 575 -17.24 4.24 57.60
N VAL B 576 -16.01 4.38 57.09
CA VAL B 576 -14.88 3.87 57.82
C VAL B 576 -13.92 4.99 57.95
N SER B 577 -13.29 5.12 59.13
CA SER B 577 -12.34 6.16 59.31
C SER B 577 -11.07 5.53 59.81
N LEU B 578 -9.95 5.89 59.17
CA LEU B 578 -8.68 5.43 59.65
C LEU B 578 -7.96 6.69 59.91
N VAL B 579 -7.10 6.77 60.94
CA VAL B 579 -6.56 8.07 61.16
C VAL B 579 -5.09 8.03 61.19
N SER C 31 34.58 -29.71 20.84
CA SER C 31 33.77 -30.59 20.01
C SER C 31 32.57 -31.34 20.58
N SER C 32 32.88 -30.09 23.79
CA SER C 32 33.97 -30.08 24.76
C SER C 32 34.98 -31.16 24.47
N GLU C 33 35.28 -31.47 23.31
CA GLU C 33 36.45 -32.21 22.89
C GLU C 33 36.62 -33.55 23.58
N LYS C 34 35.64 -34.42 23.45
CA LYS C 34 35.67 -35.71 24.11
C LYS C 34 36.83 -36.51 23.59
N VAL C 35 38.02 -36.25 24.13
CA VAL C 35 39.22 -36.94 23.68
C VAL C 35 39.34 -38.03 24.71
N PHE C 36 39.24 -39.28 24.27
CA PHE C 36 39.43 -40.39 25.18
C PHE C 36 40.91 -40.73 25.22
N CYS C 37 41.26 -41.69 26.07
CA CYS C 37 42.62 -42.15 26.19
C CYS C 37 42.59 -43.58 26.64
N LEU C 38 43.31 -44.44 25.93
CA LEU C 38 43.29 -45.85 26.20
C LEU C 38 44.66 -46.44 26.00
N ILE C 39 45.05 -47.33 26.90
CA ILE C 39 46.30 -48.02 26.77
C ILE C 39 46.10 -49.46 27.16
N GLY C 40 46.65 -50.36 26.35
CA GLY C 40 46.51 -51.78 26.61
C GLY C 40 47.16 -52.63 25.54
N GLN C 41 46.97 -53.93 25.68
CA GLN C 41 47.62 -54.90 24.81
C GLN C 41 46.84 -55.09 23.52
N ALA C 42 47.55 -55.10 22.40
CA ALA C 42 46.91 -55.28 21.10
C ALA C 42 47.64 -56.27 20.21
N GLU C 43 46.94 -56.71 19.17
CA GLU C 43 47.46 -57.71 18.26
C GLU C 43 48.47 -57.09 17.32
N GLY C 44 48.49 -55.77 17.28
CA GLY C 44 49.27 -55.05 16.27
C GLY C 44 49.71 -53.68 16.76
N GLY C 45 50.97 -53.34 16.57
CA GLY C 45 51.52 -52.07 16.98
C GLY C 45 50.92 -50.98 16.14
N GLU C 46 51.36 -49.72 16.33
CA GLU C 46 52.55 -49.21 17.01
C GLU C 46 52.63 -49.53 18.47
N PRO C 47 53.85 -49.84 18.90
CA PRO C 47 54.13 -50.05 20.31
C PRO C 47 54.60 -48.75 20.93
N ASN C 48 54.06 -48.43 22.08
CA ASN C 48 54.43 -47.23 22.81
C ASN C 48 54.43 -46.02 21.91
N THR C 49 53.30 -45.78 21.26
CA THR C 49 53.11 -44.59 20.46
C THR C 49 51.69 -44.09 20.63
N VAL C 50 51.52 -42.78 20.76
CA VAL C 50 50.20 -42.21 20.90
C VAL C 50 49.53 -42.07 19.55
N TYR C 51 49.40 -43.19 18.85
CA TYR C 51 48.66 -43.18 17.61
C TYR C 51 47.20 -42.88 17.88
N GLU C 52 46.60 -42.00 17.09
CA GLU C 52 45.20 -41.66 17.27
C GLU C 52 44.32 -42.53 16.40
N LEU C 53 43.10 -42.77 16.86
CA LEU C 53 42.17 -43.64 16.17
C LEU C 53 40.79 -43.00 16.13
N ARG C 54 40.10 -43.12 15.00
CA ARG C 54 38.80 -42.47 14.86
C ARG C 54 37.68 -43.43 14.46
N ASN C 55 37.98 -44.40 13.61
CA ASN C 55 36.99 -45.37 13.19
C ASN C 55 37.19 -46.71 13.88
N TYR C 56 36.24 -47.61 13.71
CA TYR C 56 36.42 -48.99 14.13
C TYR C 56 37.27 -49.67 13.10
N SER C 57 36.82 -49.62 11.85
CA SER C 57 37.52 -50.21 10.72
C SER C 57 38.90 -49.59 10.58
N GLN C 58 39.15 -48.55 11.35
CA GLN C 58 40.44 -47.87 11.31
C GLN C 58 41.32 -48.28 12.48
N ALA C 59 40.73 -48.83 13.51
CA ALA C 59 41.55 -49.36 14.59
C ALA C 59 41.89 -50.82 14.29
N LYS C 60 40.96 -51.53 13.67
CA LYS C 60 41.25 -52.88 13.21
C LYS C 60 42.41 -52.83 12.24
N ARG C 61 42.30 -51.95 11.26
CA ARG C 61 43.41 -51.71 10.35
C ARG C 61 44.73 -51.62 11.11
N LEU C 62 44.69 -51.04 12.31
CA LEU C 62 45.90 -50.64 13.00
C LEU C 62 46.26 -51.48 14.21
N PHE C 63 45.27 -51.98 14.93
CA PHE C 63 45.54 -52.80 16.09
C PHE C 63 44.51 -53.91 16.09
N ARG C 64 44.17 -54.35 14.90
CA ARG C 64 42.94 -55.06 14.63
C ARG C 64 41.78 -55.98 14.89
N SER C 65 42.14 -57.19 15.31
CA SER C 65 41.20 -58.21 15.76
C SER C 65 41.50 -58.41 17.22
N GLY C 66 40.51 -58.89 17.97
CA GLY C 66 40.68 -59.12 19.40
C GLY C 66 41.10 -60.54 19.69
N GLU C 67 42.32 -60.75 20.15
CA GLU C 67 42.74 -62.09 20.54
C GLU C 67 42.25 -62.29 21.95
N LEU C 68 42.25 -63.53 22.43
CA LEU C 68 41.77 -63.83 23.77
C LEU C 68 42.65 -63.23 24.85
N LEU C 69 43.71 -62.57 24.41
CA LEU C 69 44.64 -61.90 25.29
C LEU C 69 44.54 -60.41 25.04
N ASP C 70 43.79 -60.05 24.00
CA ASP C 70 43.64 -58.67 23.59
C ASP C 70 42.21 -58.18 23.82
N ALA C 71 41.27 -59.09 23.64
CA ALA C 71 39.84 -58.79 23.69
C ALA C 71 39.45 -57.50 24.41
N ILE C 72 39.60 -57.48 25.72
CA ILE C 72 39.05 -56.40 26.51
C ILE C 72 39.58 -55.02 26.14
N GLU C 73 40.62 -54.96 25.31
CA GLU C 73 41.16 -53.67 24.90
C GLU C 73 40.65 -53.29 23.53
N LEU C 74 40.51 -54.27 22.66
CA LEU C 74 39.89 -54.02 21.39
C LEU C 74 38.49 -53.50 21.66
N ALA C 75 37.69 -54.33 22.31
CA ALA C 75 36.35 -53.92 22.71
C ALA C 75 36.38 -52.55 23.35
N TRP C 76 37.19 -52.41 24.38
CA TRP C 76 37.31 -51.16 25.11
C TRP C 76 37.23 -49.99 24.15
N GLY C 77 38.10 -50.01 23.14
CA GLY C 77 38.06 -49.02 22.09
C GLY C 77 36.79 -49.16 21.27
N SER C 78 36.67 -50.24 20.52
CA SER C 78 35.54 -50.40 19.62
C SER C 78 34.24 -49.86 20.18
N ASN C 79 33.74 -50.46 21.25
CA ASN C 79 32.44 -50.08 21.76
C ASN C 79 32.47 -48.73 22.48
N PRO C 80 33.56 -47.98 22.27
CA PRO C 80 33.60 -46.60 22.68
C PRO C 80 33.42 -45.71 21.46
N ASN C 81 34.10 -46.06 20.38
CA ASN C 81 33.98 -45.31 19.16
C ASN C 81 32.53 -45.21 18.73
N TYR C 82 31.66 -45.90 19.46
CA TYR C 82 30.22 -45.80 19.24
C TYR C 82 29.68 -44.44 19.67
N THR C 83 30.28 -43.87 20.71
CA THR C 83 29.99 -42.52 21.16
C THR C 83 31.22 -41.65 20.93
N ALA C 84 32.19 -42.18 20.18
CA ALA C 84 33.51 -41.61 20.15
C ALA C 84 33.88 -40.84 18.91
N GLY C 85 34.56 -39.72 19.13
CA GLY C 85 35.13 -38.95 18.06
C GLY C 85 36.57 -39.39 17.89
N ARG C 86 37.40 -39.05 18.87
CA ARG C 86 38.81 -39.38 18.82
C ARG C 86 39.26 -40.21 20.02
N ILE C 87 40.13 -41.17 19.76
CA ILE C 87 40.68 -42.02 20.80
C ILE C 87 42.18 -42.05 20.61
N LEU C 88 42.92 -41.81 21.68
CA LEU C 88 44.35 -41.91 21.59
C LEU C 88 44.75 -43.18 22.33
N ALA C 89 45.49 -44.06 21.64
CA ALA C 89 45.90 -45.33 22.24
C ALA C 89 47.40 -45.49 22.31
N MET C 90 47.83 -46.43 23.14
CA MET C 90 49.24 -46.77 23.24
C MET C 90 49.35 -48.26 23.47
N ARG C 91 49.94 -48.98 22.53
CA ARG C 91 50.04 -50.42 22.66
C ARG C 91 51.11 -50.83 23.64
N ILE C 92 50.74 -51.68 24.59
CA ILE C 92 51.70 -52.22 25.53
C ILE C 92 52.33 -53.48 24.96
N GLU C 93 53.64 -53.44 24.76
CA GLU C 93 54.40 -54.57 24.29
C GLU C 93 55.35 -54.97 25.39
N LEU C 105 69.88 -52.47 9.11
CA LEU C 105 69.71 -51.70 10.28
C LEU C 105 68.28 -51.50 10.55
N LYS C 106 67.82 -51.98 11.65
CA LYS C 106 66.48 -51.82 12.00
C LYS C 106 66.17 -50.40 12.30
N ILE C 107 65.95 -49.66 11.28
CA ILE C 107 65.73 -48.26 11.39
C ILE C 107 64.66 -47.93 12.32
N THR C 108 63.63 -48.71 12.31
CA THR C 108 62.56 -48.51 13.21
C THR C 108 62.02 -49.79 13.67
N SER C 109 62.30 -50.12 14.89
CA SER C 109 61.78 -51.32 15.44
C SER C 109 60.34 -51.22 15.39
N LYS C 110 59.69 -52.22 14.91
CA LYS C 110 58.29 -52.19 14.87
C LYS C 110 57.78 -52.36 16.22
N ILE C 111 56.58 -52.80 16.31
CA ILE C 111 56.04 -53.23 17.52
C ILE C 111 55.20 -54.40 17.19
N TYR C 112 54.88 -55.18 18.15
CA TYR C 112 54.01 -56.28 17.94
C TYR C 112 54.42 -57.21 16.86
N GLY C 113 55.66 -57.20 16.51
CA GLY C 113 56.18 -58.19 15.65
C GLY C 113 56.48 -59.39 16.46
N ASN C 114 56.85 -60.44 15.82
CA ASN C 114 57.20 -61.63 16.52
C ASN C 114 58.41 -62.19 15.88
N VAL C 115 58.77 -63.36 16.29
CA VAL C 115 59.93 -64.00 15.77
C VAL C 115 60.30 -64.73 14.55
N ALA C 116 59.36 -65.26 13.86
CA ALA C 116 59.62 -65.96 12.67
C ALA C 116 58.73 -65.27 11.70
N ASN C 117 58.58 -64.00 11.84
CA ASN C 117 57.86 -63.26 10.88
C ASN C 117 58.82 -63.14 9.79
N ASN C 118 58.40 -63.45 8.62
CA ASN C 118 59.30 -63.53 7.53
C ASN C 118 59.56 -62.23 6.90
N ILE C 119 60.71 -62.10 6.37
CA ILE C 119 61.14 -60.90 5.77
C ILE C 119 61.40 -61.14 4.35
N GLN C 120 61.20 -60.16 3.55
CA GLN C 120 61.33 -60.29 2.16
C GLN C 120 62.14 -59.23 1.58
N VAL C 121 63.14 -59.59 0.87
CA VAL C 121 63.99 -58.65 0.26
C VAL C 121 63.66 -58.57 -1.17
N GLY C 122 63.31 -57.42 -1.61
CA GLY C 122 62.90 -57.25 -2.93
C GLY C 122 63.91 -56.49 -3.69
N LEU C 123 64.01 -56.77 -4.93
CA LEU C 123 64.79 -55.99 -5.81
C LEU C 123 63.89 -55.26 -6.72
N GLU C 124 63.70 -54.02 -6.42
CA GLU C 124 62.79 -53.23 -7.15
C GLU C 124 61.47 -53.88 -7.21
N LYS C 125 60.78 -53.86 -6.11
CA LYS C 125 59.48 -54.41 -6.03
C LYS C 125 59.40 -55.77 -6.62
N ASN C 126 60.44 -56.51 -6.47
CA ASN C 126 60.50 -57.82 -7.00
C ASN C 126 61.14 -58.71 -6.02
N THR C 127 60.49 -59.77 -5.68
CA THR C 127 60.93 -60.64 -4.66
C THR C 127 62.16 -61.39 -5.02
N LEU C 128 63.14 -61.32 -4.19
CA LEU C 128 64.34 -62.05 -4.36
C LEU C 128 64.47 -63.06 -3.28
N SER C 129 64.42 -62.59 -2.08
CA SER C 129 64.55 -63.42 -0.96
C SER C 129 63.36 -63.30 -0.10
N ASP C 130 62.88 -64.38 0.39
CA ASP C 130 61.68 -64.37 1.14
C ASP C 130 61.79 -65.24 2.31
N SER C 131 62.96 -65.51 2.73
CA SER C 131 63.16 -66.38 3.82
C SER C 131 63.77 -65.72 4.98
N LEU C 132 63.91 -64.44 4.88
CA LEU C 132 64.34 -63.68 5.97
C LEU C 132 63.33 -63.80 7.02
N ARG C 133 63.67 -63.42 8.19
CA ARG C 133 62.78 -63.54 9.27
C ARG C 133 63.26 -62.88 10.49
N LEU C 134 62.45 -62.07 11.06
CA LEU C 134 62.71 -61.50 12.33
C LEU C 134 63.11 -62.60 13.23
N ARG C 135 64.05 -62.34 14.07
CA ARG C 135 64.54 -63.36 14.90
C ARG C 135 64.68 -62.99 16.30
N VAL C 136 64.49 -61.75 16.60
CA VAL C 136 64.49 -61.36 17.95
C VAL C 136 63.72 -60.13 18.16
N ILE C 137 62.70 -60.25 18.93
CA ILE C 137 61.92 -59.14 19.32
C ILE C 137 61.98 -59.04 20.78
N PHE C 138 61.50 -57.97 21.30
CA PHE C 138 61.42 -57.82 22.71
C PHE C 138 60.05 -58.11 23.17
N GLN C 139 59.67 -57.51 24.23
CA GLN C 139 58.40 -57.75 24.78
C GLN C 139 57.33 -57.09 24.02
N ASP C 140 57.67 -56.06 23.32
CA ASP C 140 56.71 -55.28 22.64
C ASP C 140 56.64 -55.62 21.21
N ASP C 141 57.48 -56.49 20.78
CA ASP C 141 57.51 -56.85 19.43
C ASP C 141 58.41 -55.99 18.66
N ARG C 142 59.10 -55.14 19.34
CA ARG C 142 60.05 -54.32 18.72
C ARG C 142 61.08 -55.17 18.10
N PHE C 143 61.32 -54.99 16.85
CA PHE C 143 62.25 -55.81 16.17
C PHE C 143 63.65 -55.55 16.58
N ASN C 144 64.26 -56.54 17.14
CA ASN C 144 65.59 -56.40 17.59
C ASN C 144 66.58 -57.04 16.70
N GLU C 145 66.21 -58.11 16.09
CA GLU C 145 67.10 -58.80 15.24
C GLU C 145 66.44 -59.58 14.18
N VAL C 146 66.99 -59.58 13.03
CA VAL C 146 66.48 -60.34 11.95
C VAL C 146 67.57 -61.12 11.33
N TYR C 147 67.21 -61.96 10.40
CA TYR C 147 68.19 -62.69 9.69
C TYR C 147 67.79 -62.93 8.29
N ASP C 148 68.44 -62.25 7.40
CA ASP C 148 68.19 -62.36 6.03
C ASP C 148 69.22 -63.18 5.35
N ASN C 149 68.81 -64.27 4.76
CA ASN C 149 69.71 -65.07 4.02
C ASN C 149 70.11 -64.36 2.78
N ILE C 150 71.33 -64.47 2.40
CA ILE C 150 71.81 -63.72 1.29
C ILE C 150 72.12 -64.54 0.11
N GLY C 151 71.86 -65.79 0.16
CA GLY C 151 72.14 -66.63 -0.93
C GLY C 151 71.56 -66.08 -2.16
N ASN C 152 70.29 -65.86 -2.12
CA ASN C 152 69.58 -65.44 -3.26
C ASN C 152 69.95 -64.08 -3.67
N ILE C 153 70.10 -63.20 -2.74
CA ILE C 153 70.30 -61.85 -3.04
C ILE C 153 71.63 -61.56 -3.61
N PHE C 154 72.66 -62.07 -3.04
CA PHE C 154 73.95 -61.83 -3.57
C PHE C 154 74.00 -62.36 -4.95
N THR C 155 73.26 -63.37 -5.19
CA THR C 155 73.14 -63.90 -6.49
C THR C 155 72.60 -62.86 -7.39
N ALA C 165 71.38 -62.53 -7.19
CA ALA C 165 70.74 -61.52 -7.93
C ALA C 165 71.60 -60.31 -8.00
N THR C 166 72.24 -59.98 -6.94
CA THR C 166 73.02 -58.81 -6.87
C THR C 166 74.21 -58.90 -7.75
N PHE C 167 74.89 -59.97 -7.67
CA PHE C 167 75.98 -60.20 -8.53
C PHE C 167 75.49 -60.11 -9.91
N SER C 168 74.35 -60.65 -10.12
CA SER C 168 73.78 -60.75 -11.40
C SER C 168 73.46 -59.43 -12.01
N VAL C 169 73.41 -58.42 -11.23
CA VAL C 169 73.04 -57.14 -11.72
C VAL C 169 73.96 -56.06 -11.29
N GLU C 170 75.19 -56.37 -11.13
CA GLU C 170 76.17 -55.40 -10.86
C GLU C 170 76.11 -54.78 -9.54
N HIS C 171 75.05 -55.01 -8.85
CA HIS C 171 74.87 -54.44 -7.57
C HIS C 171 75.39 -55.30 -6.48
N ASP C 172 76.60 -55.72 -6.60
CA ASP C 172 77.21 -56.50 -5.61
C ASP C 172 78.55 -55.97 -5.27
N GLU C 173 78.80 -55.72 -4.02
CA GLU C 173 77.87 -55.83 -2.95
C GLU C 173 77.26 -54.52 -2.64
N GLU C 174 77.48 -53.57 -3.48
CA GLU C 174 76.90 -52.30 -3.32
C GLU C 174 75.52 -52.37 -2.76
N THR C 175 74.60 -52.84 -3.54
CA THR C 175 73.26 -52.97 -3.11
C THR C 175 72.60 -51.68 -2.78
N GLN C 176 71.66 -51.75 -1.89
CA GLN C 176 71.12 -50.62 -1.27
C GLN C 176 70.02 -49.92 -1.94
N LYS C 177 70.23 -49.54 -3.15
CA LYS C 177 69.38 -48.59 -3.77
C LYS C 177 68.05 -49.15 -4.10
N ALA C 178 68.04 -50.25 -4.79
CA ALA C 178 66.84 -50.84 -5.22
C ALA C 178 66.54 -52.01 -4.38
N SER C 179 67.35 -52.21 -3.42
CA SER C 179 67.21 -53.31 -2.56
C SER C 179 66.44 -52.93 -1.37
N ARG C 180 65.40 -53.63 -1.11
CA ARG C 180 64.51 -53.27 -0.10
C ARG C 180 64.08 -54.44 0.70
N LEU C 181 63.64 -54.19 1.87
CA LEU C 181 63.23 -55.25 2.72
C LEU C 181 61.97 -54.94 3.38
N VAL C 182 61.02 -55.80 3.23
CA VAL C 182 59.77 -55.65 3.87
C VAL C 182 59.48 -56.83 4.70
N LEU C 183 58.51 -56.71 5.54
CA LEU C 183 58.13 -57.76 6.41
C LEU C 183 57.08 -58.61 5.80
N LYS C 184 56.69 -59.61 6.51
CA LYS C 184 55.65 -60.44 6.09
C LYS C 184 54.47 -59.59 5.87
N VAL C 185 53.56 -60.03 5.07
CA VAL C 185 52.36 -59.31 4.87
C VAL C 185 51.19 -60.09 5.33
N GLY C 186 51.06 -60.20 6.60
CA GLY C 186 51.99 -59.61 7.49
C GLY C 186 52.16 -60.35 8.76
N ASP C 187 53.15 -59.98 9.47
CA ASP C 187 53.33 -60.43 10.78
C ASP C 187 52.23 -59.86 11.58
N GLN C 188 52.11 -60.28 12.79
CA GLN C 188 51.15 -59.73 13.65
C GLN C 188 51.29 -58.27 13.73
N GLU C 189 52.49 -57.82 13.89
CA GLU C 189 52.74 -56.47 14.18
C GLU C 189 53.34 -55.61 13.16
N VAL C 190 53.29 -54.35 13.41
CA VAL C 190 53.61 -53.36 12.46
C VAL C 190 54.78 -52.47 12.64
N LYS C 191 54.79 -51.40 11.91
CA LYS C 191 55.69 -50.31 12.12
C LYS C 191 57.13 -50.31 11.78
N SER C 192 57.64 -51.42 11.37
CA SER C 192 59.03 -51.61 11.30
C SER C 192 59.67 -51.09 10.07
N TYR C 193 60.97 -50.93 10.16
CA TYR C 193 61.74 -50.41 9.08
C TYR C 193 63.09 -51.00 9.05
N ASP C 194 63.29 -51.97 8.23
CA ASP C 194 64.57 -52.53 8.07
C ASP C 194 65.23 -51.92 6.90
N LEU C 195 66.46 -51.56 7.03
CA LEU C 195 67.14 -50.88 5.99
C LEU C 195 68.35 -51.60 5.53
N THR C 196 68.41 -51.88 4.27
CA THR C 196 69.40 -52.74 3.74
C THR C 196 70.60 -52.05 3.26
N GLY C 197 71.73 -52.48 3.69
CA GLY C 197 72.95 -51.98 3.19
C GLY C 197 73.55 -52.90 2.23
N GLY C 198 74.83 -53.08 2.30
CA GLY C 198 75.53 -53.88 1.37
C GLY C 198 75.80 -55.24 1.87
N ALA C 199 76.25 -56.09 1.03
CA ALA C 199 76.62 -57.39 1.41
C ALA C 199 77.93 -57.32 2.08
N TYR C 200 78.00 -57.66 3.32
CA TYR C 200 79.20 -57.52 4.05
C TYR C 200 80.23 -58.42 3.51
N ASP C 201 81.30 -57.86 3.08
CA ASP C 201 82.38 -58.61 2.56
C ASP C 201 83.53 -58.61 3.48
N TYR C 202 83.43 -57.85 4.52
CA TYR C 202 84.45 -57.82 5.49
C TYR C 202 84.16 -58.83 6.52
N THR C 203 84.89 -59.88 6.52
CA THR C 203 84.74 -60.90 7.47
C THR C 203 84.79 -60.33 8.82
N ALA C 245 89.00 -45.88 -26.88
CA ALA C 245 87.74 -45.53 -26.58
C ALA C 245 87.31 -46.16 -25.40
N VAL C 246 88.19 -46.49 -24.61
CA VAL C 246 87.90 -46.96 -23.38
C VAL C 246 88.32 -46.02 -22.44
N TYR C 247 87.65 -45.90 -21.43
CA TYR C 247 87.95 -44.99 -20.49
C TYR C 247 87.92 -45.51 -19.20
N VAL C 248 88.70 -45.02 -18.41
CA VAL C 248 88.72 -45.37 -17.13
C VAL C 248 87.84 -44.52 -16.43
N LYS C 249 86.97 -45.05 -15.78
CA LYS C 249 86.09 -44.34 -15.06
C LYS C 249 86.23 -44.63 -13.70
N ALA C 250 86.36 -43.69 -12.94
CA ALA C 250 86.48 -43.88 -11.62
C ALA C 250 85.57 -43.06 -10.92
N VAL C 251 84.60 -43.61 -10.43
CA VAL C 251 83.64 -42.91 -9.80
C VAL C 251 83.88 -42.77 -8.43
N PHE C 252 83.74 -41.66 -7.96
CA PHE C 252 84.01 -41.40 -6.67
C PHE C 252 82.95 -40.75 -6.03
N GLY C 253 82.65 -41.16 -4.92
CA GLY C 253 81.82 -40.47 -4.14
C GLY C 253 82.39 -40.33 -2.89
N ASP C 254 82.70 -39.19 -2.54
CA ASP C 254 83.31 -38.96 -1.37
C ASP C 254 84.63 -39.42 -1.34
N LEU C 255 85.30 -39.24 -2.35
CA LEU C 255 86.57 -39.63 -2.43
C LEU C 255 86.67 -41.03 -2.56
N GLU C 256 85.63 -41.65 -2.44
CA GLU C 256 85.61 -42.99 -2.54
C GLU C 256 85.54 -43.39 -3.87
N LYS C 257 86.33 -44.25 -4.22
CA LYS C 257 86.33 -44.72 -5.47
C LYS C 257 85.30 -45.67 -5.57
N GLN C 258 84.18 -45.22 -5.66
CA GLN C 258 83.07 -45.98 -5.67
C GLN C 258 83.00 -46.94 -6.70
N THR C 259 83.49 -46.64 -7.77
CA THR C 259 83.49 -47.50 -8.82
C THR C 259 84.56 -47.24 -9.70
N ALA C 260 85.00 -48.20 -10.31
CA ALA C 260 86.03 -48.09 -11.16
C ALA C 260 85.87 -48.95 -12.24
N TYR C 261 85.72 -48.44 -13.34
CA TYR C 261 85.49 -49.20 -14.42
C TYR C 261 86.09 -48.67 -15.55
N ASN C 262 86.20 -49.42 -16.52
CA ASN C 262 86.66 -48.99 -17.70
C ASN C 262 85.71 -49.26 -18.69
N GLY C 263 85.32 -48.32 -19.35
CA GLY C 263 84.37 -48.45 -20.29
C GLY C 263 84.76 -47.97 -21.54
N ILE C 264 84.07 -48.29 -22.48
CA ILE C 264 84.36 -47.92 -23.72
C ILE C 264 83.30 -47.23 -24.32
N VAL C 265 83.60 -46.38 -25.14
CA VAL C 265 82.68 -45.68 -25.80
C VAL C 265 82.39 -46.29 -27.02
N SER C 266 82.96 -47.35 -27.26
CA SER C 266 82.75 -48.00 -28.41
C SER C 266 82.07 -49.20 -28.20
N PHE C 267 81.00 -49.31 -28.77
CA PHE C 267 80.22 -50.39 -28.61
C PHE C 267 80.95 -51.56 -28.84
N GLU C 268 80.57 -52.56 -28.25
CA GLU C 268 81.16 -53.73 -28.43
C GLU C 268 82.24 -53.93 -27.56
N GLN C 269 83.09 -53.07 -27.54
CA GLN C 269 84.21 -53.20 -26.82
C GLN C 269 83.97 -53.76 -25.56
N LEU C 270 84.80 -54.60 -25.20
CA LEU C 270 84.67 -55.27 -24.05
C LEU C 270 85.87 -55.25 -23.34
N ASN C 271 85.80 -55.56 -22.17
CA ASN C 271 86.91 -55.73 -21.42
C ASN C 271 87.42 -56.99 -21.72
N ALA C 272 88.29 -57.42 -20.98
CA ALA C 272 88.84 -58.63 -21.16
C ALA C 272 88.00 -59.66 -20.77
N GLU C 273 86.79 -59.41 -20.74
CA GLU C 273 85.89 -60.33 -20.35
C GLU C 273 84.78 -60.33 -21.21
N GLY C 274 84.90 -59.68 -22.24
CA GLY C 274 83.88 -59.53 -23.09
C GLY C 274 82.74 -58.99 -22.48
N GLU C 275 82.94 -58.26 -21.52
CA GLU C 275 81.95 -57.57 -20.94
C GLU C 275 81.79 -56.37 -21.62
N VAL C 276 80.73 -56.21 -22.22
CA VAL C 276 80.49 -55.10 -22.90
C VAL C 276 80.64 -53.94 -22.11
N PRO C 277 81.67 -53.30 -22.29
CA PRO C 277 81.96 -52.21 -21.58
C PRO C 277 81.71 -51.03 -22.30
N SER C 278 80.87 -51.10 -23.19
CA SER C 278 80.46 -49.98 -23.80
C SER C 278 79.66 -49.26 -22.91
N ASN C 279 80.02 -48.12 -22.66
CA ASN C 279 79.39 -47.34 -21.75
C ASN C 279 78.00 -47.52 -21.70
N VAL C 280 77.36 -47.09 -22.64
CA VAL C 280 76.02 -47.12 -22.64
C VAL C 280 75.45 -48.32 -22.21
N GLU C 281 76.03 -49.35 -22.51
CA GLU C 281 75.55 -50.54 -22.15
C GLU C 281 75.87 -50.84 -20.82
N VAL C 282 77.04 -50.71 -20.51
CA VAL C 282 77.47 -50.94 -19.26
C VAL C 282 76.55 -50.45 -18.31
N GLU C 283 76.24 -49.27 -18.42
CA GLU C 283 75.39 -48.68 -17.57
C GLU C 283 74.08 -49.08 -17.81
N ALA C 284 73.82 -49.38 -18.95
CA ALA C 284 72.59 -49.76 -19.32
C ALA C 284 72.16 -50.88 -18.60
N GLY C 285 73.05 -51.51 -18.05
CA GLY C 285 72.78 -52.63 -17.37
C GLY C 285 73.34 -52.59 -16.09
N GLU C 286 72.76 -51.92 -15.26
CA GLU C 286 73.17 -51.81 -13.99
C GLU C 286 74.55 -51.80 -13.81
N GLU C 287 75.21 -51.24 -14.69
CA GLU C 287 76.53 -51.25 -14.67
C GLU C 287 77.08 -50.60 -13.56
N THR C 319 53.95 -57.55 31.45
CA THR C 319 53.85 -57.31 32.88
C THR C 319 52.97 -56.09 33.16
N TRP C 320 52.32 -56.11 34.31
CA TRP C 320 51.48 -55.00 34.71
C TRP C 320 52.20 -53.69 34.45
N ALA C 321 53.43 -53.60 34.93
CA ALA C 321 54.23 -52.41 34.74
C ALA C 321 54.34 -52.00 33.30
N ASP C 322 54.51 -52.98 32.42
CA ASP C 322 54.61 -52.74 31.01
C ASP C 322 53.39 -51.95 30.54
N LYS C 323 52.30 -52.08 31.27
CA LYS C 323 51.10 -51.29 31.00
C LYS C 323 51.27 -49.87 31.51
N LEU C 324 51.78 -49.77 32.73
CA LEU C 324 51.94 -48.47 33.36
C LEU C 324 52.96 -47.61 32.63
N ASP C 325 54.01 -48.23 32.11
CA ASP C 325 54.95 -47.51 31.28
C ASP C 325 54.21 -46.88 30.13
N LYS C 326 53.25 -47.60 29.60
CA LYS C 326 52.46 -47.14 28.47
C LYS C 326 51.57 -45.98 28.86
N PHE C 327 50.67 -46.23 29.80
CA PHE C 327 49.76 -45.21 30.26
C PHE C 327 50.46 -43.88 30.51
N ALA C 328 51.21 -30.75 29.12
CA ALA C 328 52.11 -30.04 28.24
C ALA C 328 51.95 -30.77 26.93
N HIS C 329 51.86 -32.08 27.00
CA HIS C 329 51.97 -32.88 25.81
C HIS C 329 50.70 -33.35 25.11
N GLU C 330 49.82 -34.01 25.85
CA GLU C 330 48.61 -34.54 25.24
C GLU C 330 47.31 -34.09 25.88
N GLY C 331 46.47 -33.46 25.07
CA GLY C 331 45.17 -33.02 25.51
C GLY C 331 44.16 -34.15 25.45
N GLY C 332 44.03 -34.88 26.54
CA GLY C 332 43.12 -36.00 26.58
C GLY C 332 42.11 -35.83 27.72
N TYR C 333 40.84 -35.80 27.38
CA TYR C 333 39.81 -35.46 28.34
C TYR C 333 39.38 -36.61 29.25
N TYR C 334 39.22 -37.80 28.67
CA TYR C 334 38.70 -38.93 29.43
C TYR C 334 39.74 -40.03 29.48
N ILE C 335 39.60 -40.92 30.44
CA ILE C 335 40.56 -42.00 30.63
C ILE C 335 39.89 -43.35 30.73
N VAL C 336 39.95 -44.14 29.68
CA VAL C 336 39.41 -45.48 29.75
C VAL C 336 40.36 -46.35 30.56
N PRO C 337 39.91 -46.83 31.70
CA PRO C 337 40.83 -47.51 32.59
C PRO C 337 40.36 -48.91 32.93
N LEU C 338 39.05 -49.09 33.04
CA LEU C 338 38.49 -50.38 33.38
C LEU C 338 38.94 -51.47 32.44
N SER C 339 39.58 -51.07 31.34
CA SER C 339 40.04 -51.97 30.32
C SER C 339 40.94 -53.06 30.88
N SER C 340 47.13 -56.94 38.98
CA SER C 340 47.27 -55.91 37.96
C SER C 340 45.95 -55.20 37.67
N LYS C 341 44.84 -55.94 37.75
CA LYS C 341 43.53 -55.34 37.57
C LYS C 341 43.44 -54.10 38.45
N GLN C 342 43.90 -54.24 39.68
CA GLN C 342 43.85 -53.16 40.64
C GLN C 342 45.01 -52.21 40.48
N SER C 343 46.22 -52.73 40.56
CA SER C 343 47.39 -51.86 40.60
C SER C 343 47.64 -51.00 39.36
N VAL C 344 47.15 -51.43 38.21
CA VAL C 344 47.28 -50.61 37.02
C VAL C 344 46.37 -49.41 37.14
N HIS C 345 45.07 -49.66 37.15
CA HIS C 345 44.07 -48.63 37.35
C HIS C 345 44.47 -47.67 38.45
N ALA C 346 44.70 -48.23 39.63
CA ALA C 346 45.13 -47.46 40.78
C ALA C 346 46.12 -46.41 40.34
N GLU C 347 47.10 -46.86 39.57
CA GLU C 347 48.13 -45.97 39.05
C GLU C 347 47.59 -44.99 38.01
N VAL C 348 46.69 -45.43 37.15
CA VAL C 348 46.11 -44.57 36.14
C VAL C 348 45.41 -43.40 36.80
N ALA C 349 44.76 -43.66 37.91
CA ALA C 349 44.13 -42.61 38.70
C ALA C 349 45.18 -41.61 39.15
N SER C 350 46.36 -42.12 39.47
CA SER C 350 47.44 -41.28 39.95
C SER C 350 48.16 -40.60 38.80
N PHE C 351 47.47 -40.46 37.68
CA PHE C 351 47.97 -39.70 36.54
C PHE C 351 47.02 -38.56 36.29
N VAL C 352 45.73 -38.87 36.39
CA VAL C 352 44.70 -37.85 36.31
C VAL C 352 44.77 -36.99 37.54
N LYS C 353 45.06 -37.61 38.67
CA LYS C 353 45.22 -36.87 39.92
C LYS C 353 46.27 -35.80 39.76
N GLU C 354 47.47 -36.19 39.42
CA GLU C 354 48.61 -35.28 39.38
C GLU C 354 48.46 -34.28 38.23
N ARG C 355 47.55 -34.47 37.32
CA ARG C 355 47.42 -33.58 36.18
C ARG C 355 46.11 -32.79 36.21
N GLU C 360 45.08 -33.40 36.76
CA GLU C 360 43.79 -32.76 36.98
C GLU C 360 43.19 -32.08 35.76
N PRO C 361 43.40 -32.67 34.60
CA PRO C 361 42.71 -32.29 33.38
C PRO C 361 42.21 -33.56 32.72
N MET C 362 41.17 -34.14 33.28
CA MET C 362 40.71 -35.44 32.83
C MET C 362 39.63 -36.05 33.71
N ARG C 363 39.47 -37.37 33.61
CA ARG C 363 38.46 -38.06 34.36
C ARG C 363 39.19 -39.38 34.14
N ALA C 364 39.33 -40.17 35.19
CA ALA C 364 40.03 -41.45 35.06
C ALA C 364 38.71 -42.06 35.50
N ILE C 365 38.18 -42.96 34.68
CA ILE C 365 36.91 -43.62 34.97
C ILE C 365 37.47 -45.05 35.03
N VAL C 366 36.91 -45.85 35.93
CA VAL C 366 37.48 -47.15 36.25
C VAL C 366 36.41 -48.16 36.66
N GLY C 367 36.63 -49.41 36.30
CA GLY C 367 35.67 -50.48 36.54
C GLY C 367 36.20 -51.69 37.33
N GLY C 368 35.31 -52.43 38.01
CA GLY C 368 35.67 -53.50 38.95
C GLY C 368 36.28 -54.67 38.25
N GLY C 369 36.97 -55.54 39.00
CA GLY C 369 37.58 -56.73 38.43
C GLY C 369 36.57 -57.82 38.16
N PHE C 370 24.57 -61.51 43.47
CA PHE C 370 24.72 -60.18 44.01
C PHE C 370 25.01 -60.15 45.51
N ASN C 371 24.43 -61.08 46.26
CA ASN C 371 24.68 -61.18 47.69
C ASN C 371 26.17 -61.06 47.97
N GLU C 372 26.93 -62.07 47.57
CA GLU C 372 28.38 -62.02 47.68
C GLU C 372 28.91 -60.81 46.92
N SER C 373 28.36 -60.58 45.74
CA SER C 373 28.87 -59.57 44.84
C SER C 373 29.24 -58.27 45.54
N LYS C 374 28.27 -57.64 46.17
CA LYS C 374 28.50 -56.35 46.77
C LYS C 374 29.53 -56.42 47.89
N GLU C 375 29.39 -57.40 48.76
CA GLU C 375 30.37 -57.61 49.80
C GLU C 375 31.77 -57.43 49.21
N GLN C 376 32.02 -58.15 48.13
CA GLN C 376 33.29 -58.08 47.45
C GLN C 376 33.66 -56.67 47.07
N LEU C 377 32.78 -56.02 46.31
CA LEU C 377 33.03 -54.68 45.83
C LEU C 377 33.44 -53.72 46.94
N PHE C 378 32.74 -53.75 48.06
CA PHE C 378 32.99 -52.82 49.15
C PHE C 378 34.29 -53.14 49.85
N GLY C 379 34.55 -54.42 50.08
CA GLY C 379 35.83 -54.83 50.60
C GLY C 379 36.97 -54.27 49.76
N ARG C 380 36.82 -54.40 48.44
CA ARG C 380 37.85 -53.97 47.51
C ARG C 380 38.07 -52.47 47.56
N GLN C 381 36.99 -51.73 47.77
CA GLN C 381 37.05 -50.28 47.81
C GLN C 381 37.67 -49.76 49.10
N ALA C 382 37.96 -50.67 50.02
CA ALA C 382 38.63 -50.34 51.27
C ALA C 382 39.87 -51.20 51.56
N SER C 383 39.66 -52.47 51.86
CA SER C 383 40.75 -53.36 52.19
C SER C 383 40.11 -54.60 52.78
N LEU C 384 41.69 -48.87 47.27
CA LEU C 384 41.37 -47.90 48.32
C LEU C 384 42.00 -46.54 48.09
N SER C 385 41.52 -45.83 47.08
CA SER C 385 41.95 -44.48 46.80
C SER C 385 40.72 -43.61 46.75
N ASN C 386 40.90 -42.31 46.66
CA ASN C 386 39.75 -41.41 46.69
C ASN C 386 39.95 -40.11 45.91
N PRO C 387 39.84 -40.18 44.60
CA PRO C 387 39.99 -39.00 43.78
C PRO C 387 38.66 -38.46 43.29
N ARG C 388 38.59 -37.15 43.20
CA ARG C 388 37.43 -36.47 42.66
C ARG C 388 37.47 -36.67 41.17
N VAL C 389 38.60 -37.18 40.71
CA VAL C 389 38.80 -37.50 39.31
C VAL C 389 38.59 -38.98 39.08
N SER C 390 38.49 -39.71 40.18
CA SER C 390 38.27 -41.14 40.11
C SER C 390 36.80 -41.42 39.99
N LEU C 391 36.41 -42.08 38.92
CA LEU C 391 35.03 -42.48 38.73
C LEU C 391 35.27 -43.99 38.58
N VAL C 392 34.74 -44.77 39.50
CA VAL C 392 34.74 -46.21 39.37
C VAL C 392 33.43 -46.72 38.78
N ALA C 393 33.34 -48.02 38.58
CA ALA C 393 32.64 -48.56 37.42
C ALA C 393 32.22 -50.01 37.67
N ASN C 394 30.93 -50.25 37.62
CA ASN C 394 30.17 -50.65 38.78
C ASN C 394 29.59 -52.04 38.65
N SER C 395 29.42 -52.49 37.42
CA SER C 395 29.55 -53.89 37.10
C SER C 395 30.40 -54.11 35.85
N GLY C 396 30.06 -55.15 35.09
CA GLY C 396 30.84 -55.53 33.92
C GLY C 396 29.94 -56.09 32.83
N THR C 397 30.13 -55.59 31.61
CA THR C 397 29.12 -55.72 30.58
C THR C 397 29.29 -57.02 29.81
N PHE C 398 28.20 -57.52 29.25
CA PHE C 398 28.23 -58.74 28.48
C PHE C 398 27.89 -58.47 27.02
N VAL C 399 28.91 -58.28 26.20
CA VAL C 399 28.73 -57.88 24.81
C VAL C 399 28.79 -59.08 23.88
N MET C 400 28.59 -58.83 22.59
CA MET C 400 28.81 -59.87 21.60
C MET C 400 29.99 -59.45 20.75
N ASP C 401 30.84 -60.40 20.41
CA ASP C 401 32.09 -60.10 19.74
C ASP C 401 32.03 -60.46 18.28
N ASP C 402 31.60 -59.52 17.45
CA ASP C 402 31.38 -59.79 16.05
C ASP C 402 32.59 -60.43 15.37
N GLY C 403 33.74 -60.34 16.00
CA GLY C 403 34.97 -60.86 15.41
C GLY C 403 35.17 -62.34 15.67
N ARG C 404 35.37 -62.71 16.92
CA ARG C 404 35.48 -64.11 17.26
C ARG C 404 34.13 -64.78 17.16
N ASN C 406 33.10 -63.95 17.09
CA ASN C 406 31.72 -64.43 17.04
C ASN C 406 31.34 -65.11 18.34
N HIS C 407 31.60 -64.45 19.45
CA HIS C 407 31.28 -65.02 20.75
C HIS C 407 30.79 -63.96 21.71
N VAL C 408 29.96 -64.37 22.65
CA VAL C 408 29.51 -63.48 23.71
C VAL C 408 30.56 -63.42 24.80
N PRO C 409 30.80 -62.21 25.30
CA PRO C 409 32.00 -61.97 26.08
C PRO C 409 31.75 -60.88 27.13
N ALA C 410 32.36 -61.03 28.29
CA ALA C 410 32.28 -59.99 29.31
C ALA C 410 33.37 -58.95 29.10
N TYR C 411 32.99 -57.69 29.08
CA TYR C 411 33.96 -56.61 28.93
C TYR C 411 33.78 -55.52 29.97
N MET C 412 34.87 -54.87 30.37
CA MET C 412 34.80 -53.78 31.32
C MET C 412 33.86 -52.71 30.83
N VAL C 413 32.95 -52.27 31.69
CA VAL C 413 31.93 -51.32 31.29
C VAL C 413 32.48 -49.90 31.18
N ALA C 414 33.49 -49.61 31.97
CA ALA C 414 34.09 -48.28 31.98
C ALA C 414 34.38 -47.77 30.58
N VAL C 415 35.06 -48.58 29.79
CA VAL C 415 35.38 -48.24 28.41
C VAL C 415 34.19 -47.60 27.72
N ALA C 416 33.00 -48.09 28.05
CA ALA C 416 31.80 -47.64 27.40
C ALA C 416 31.32 -46.29 27.93
N LEU C 417 31.07 -46.21 29.23
CA LEU C 417 30.57 -44.98 29.85
C LEU C 417 31.42 -43.77 29.46
N GLY C 418 32.70 -44.00 29.21
CA GLY C 418 33.61 -42.94 28.85
C GLY C 418 33.20 -42.27 27.54
N GLY C 419 32.79 -43.08 26.58
CA GLY C 419 32.28 -42.54 25.33
C GLY C 419 30.94 -41.91 25.61
N LEU C 420 30.23 -42.49 26.55
CA LEU C 420 28.93 -41.99 26.95
C LEU C 420 29.07 -40.62 27.59
N ALA C 421 30.31 -40.22 27.86
CA ALA C 421 30.58 -38.89 28.38
C ALA C 421 30.93 -37.92 27.27
N SER C 422 31.80 -38.35 26.35
CA SER C 422 32.17 -37.54 25.21
C SER C 422 30.91 -37.03 24.59
N GLY C 423 29.87 -37.83 24.77
CA GLY C 423 28.54 -37.49 24.37
C GLY C 423 27.99 -36.47 25.34
N LEU C 424 27.06 -36.93 26.17
CA LEU C 424 26.29 -36.09 27.07
C LEU C 424 27.11 -34.97 27.71
N GLU C 425 26.59 -33.75 27.59
CA GLU C 425 27.27 -32.56 28.04
C GLU C 425 28.74 -32.59 27.69
N ILE C 426 29.54 -31.88 28.46
CA ILE C 426 30.98 -31.96 28.22
C ILE C 426 31.78 -32.73 29.27
N GLY C 427 33.00 -33.04 28.88
CA GLY C 427 33.74 -34.13 29.47
C GLY C 427 34.92 -33.66 30.32
N GLU C 428 23.60 -43.34 32.60
CA GLU C 428 23.50 -41.95 32.20
C GLU C 428 22.77 -41.79 30.88
N SER C 429 21.95 -42.78 30.56
CA SER C 429 21.35 -42.90 29.24
C SER C 429 21.81 -44.23 28.70
N ILE C 430 20.87 -45.11 28.41
CA ILE C 430 21.22 -46.50 28.18
C ILE C 430 22.42 -46.69 27.27
N THR C 431 23.12 -47.79 27.48
CA THR C 431 24.29 -48.12 26.69
C THR C 431 23.87 -48.97 25.52
N PHE C 432 24.69 -48.93 24.48
CA PHE C 432 24.29 -49.42 23.18
C PHE C 432 24.16 -50.92 23.07
N LYS C 433 25.28 -51.63 23.15
CA LYS C 433 25.33 -52.99 22.67
C LYS C 433 25.35 -54.02 23.76
N PRO C 434 25.03 -53.61 24.97
CA PRO C 434 24.91 -54.55 26.07
C PRO C 434 23.87 -55.60 25.71
N LEU C 435 23.94 -56.74 26.36
CA LEU C 435 22.97 -57.77 26.14
C LEU C 435 22.71 -58.47 27.46
N ARG C 436 23.26 -57.89 28.51
CA ARG C 436 23.26 -58.51 29.81
C ARG C 436 24.25 -57.74 30.64
N VAL C 437 23.90 -57.47 31.89
CA VAL C 437 24.85 -56.90 32.83
C VAL C 437 25.06 -57.80 34.06
N SER C 438 26.24 -57.73 34.64
CA SER C 438 26.56 -58.62 35.73
C SER C 438 25.50 -58.52 36.83
N TYR C 444 25.03 -57.30 37.07
CA TYR C 444 23.95 -57.08 38.02
C TYR C 444 22.92 -56.11 37.48
N GLU C 445 21.67 -56.32 37.84
CA GLU C 445 20.59 -55.50 37.33
C GLU C 445 19.38 -55.56 38.26
N SER C 446 17.79 -51.91 46.28
CA SER C 446 17.67 -50.51 46.50
C SER C 446 18.67 -50.07 47.52
N ILE C 447 18.81 -50.84 48.61
CA ILE C 447 19.73 -50.44 49.63
C ILE C 447 21.11 -50.40 49.05
N ASP C 448 21.45 -51.42 48.25
CA ASP C 448 22.75 -51.51 47.69
C ASP C 448 22.95 -50.37 46.76
N LEU C 449 21.92 -50.04 45.96
CA LEU C 449 22.02 -48.98 45.01
C LEU C 449 22.30 -47.71 45.72
N ASP C 450 21.55 -47.42 46.80
CA ASP C 450 21.80 -46.18 47.46
C ASP C 450 23.19 -46.23 47.99
N GLU C 451 23.63 -47.43 48.42
CA GLU C 451 24.93 -47.59 48.96
C GLU C 451 25.94 -47.30 47.90
N LEU C 452 25.71 -47.79 46.67
CA LEU C 452 26.67 -47.60 45.62
C LEU C 452 26.77 -46.15 45.30
N ASN C 453 25.64 -45.44 45.22
CA ASN C 453 25.61 -44.01 45.10
C ASN C 453 26.25 -43.57 46.36
N GLU C 454 26.75 -42.34 46.50
CA GLU C 454 27.34 -41.94 47.75
C GLU C 454 28.73 -42.48 47.81
N ASN C 455 28.89 -43.76 47.42
CA ASN C 455 30.14 -44.43 47.25
C ASN C 455 30.73 -43.78 46.06
N GLY C 456 29.88 -43.09 45.28
CA GLY C 456 30.28 -42.50 44.05
C GLY C 456 30.66 -43.55 43.08
N ILE C 457 29.76 -44.55 42.93
CA ILE C 457 30.03 -45.55 41.96
C ILE C 457 28.94 -45.51 40.95
N ILE C 458 29.25 -45.83 39.68
CA ILE C 458 28.30 -45.78 38.60
C ILE C 458 27.65 -47.12 38.45
N SER C 459 26.38 -47.18 38.76
CA SER C 459 25.63 -48.40 38.67
C SER C 459 24.86 -48.52 37.40
N ILE C 460 24.43 -49.74 37.07
CA ILE C 460 23.55 -49.95 35.97
C ILE C 460 22.43 -50.76 36.53
N GLU C 461 21.17 -50.37 36.27
CA GLU C 461 20.11 -51.18 36.79
C GLU C 461 19.18 -51.47 35.67
N PHE C 462 18.47 -52.60 35.79
CA PHE C 462 17.57 -52.96 34.74
C PHE C 462 16.20 -52.95 35.31
N VAL C 463 15.28 -52.24 34.65
CA VAL C 463 13.95 -52.23 35.18
C VAL C 463 13.02 -52.57 34.08
N ARG C 464 12.24 -53.64 34.27
CA ARG C 464 11.24 -53.99 33.32
C ARG C 464 11.89 -54.23 32.00
N ASN C 465 13.17 -54.62 32.02
CA ASN C 465 13.86 -54.85 30.79
C ASN C 465 14.57 -53.58 30.47
N ARG C 466 15.64 -53.69 29.68
CA ARG C 466 16.43 -52.55 29.30
C ARG C 466 17.12 -52.03 30.52
N THR C 467 18.44 -51.90 30.47
CA THR C 467 19.15 -51.42 31.61
C THR C 467 19.52 -50.00 31.32
N ASN C 468 19.58 -49.17 32.39
CA ASN C 468 19.89 -47.79 32.23
C ASN C 468 20.84 -47.40 33.30
N THR C 469 21.53 -46.25 33.12
CA THR C 469 22.49 -45.82 34.09
C THR C 469 21.74 -45.24 35.26
N PHE C 470 22.05 -45.72 36.47
CA PHE C 470 21.40 -45.23 37.63
C PHE C 470 21.78 -43.82 37.88
N PHE C 471 23.09 -43.54 37.86
CA PHE C 471 23.50 -42.22 38.22
C PHE C 471 24.59 -41.79 37.32
N MET C 491 28.36 -35.33 42.33
CA MET C 491 28.19 -35.06 40.93
C MET C 491 29.40 -34.61 40.20
N ALA C 492 30.10 -34.50 34.21
CA ALA C 492 29.33 -33.48 33.57
C ALA C 492 29.42 -32.22 34.36
N VAL C 493 29.21 -32.30 35.67
CA VAL C 493 29.23 -31.13 36.49
C VAL C 493 30.61 -30.56 36.47
N GLY C 494 31.63 -31.43 36.46
CA GLY C 494 33.00 -31.03 36.51
C GLY C 494 33.37 -30.25 35.30
N GLU C 495 32.95 -30.72 34.11
CA GLU C 495 33.35 -30.10 32.90
C GLU C 495 32.86 -28.69 32.88
N ALA C 496 31.65 -28.46 33.42
CA ALA C 496 31.15 -27.13 33.42
C ALA C 496 32.11 -26.31 34.20
N ASN C 497 32.44 -26.75 35.43
CA ASN C 497 33.29 -25.97 36.26
C ASN C 497 34.67 -25.83 35.71
N ASP C 498 35.25 -26.92 35.22
CA ASP C 498 36.61 -26.82 34.75
C ASP C 498 36.66 -25.82 33.65
N PHE C 499 35.69 -25.87 32.73
CA PHE C 499 35.73 -24.98 31.61
C PHE C 499 35.65 -23.57 32.10
N LEU C 500 34.74 -23.29 33.04
CA LEU C 500 34.61 -21.93 33.45
C LEU C 500 35.88 -21.44 34.04
N VAL C 501 36.48 -22.24 34.93
CA VAL C 501 37.66 -21.80 35.61
C VAL C 501 38.74 -21.53 34.62
N SER C 502 38.91 -22.41 33.61
CA SER C 502 39.98 -22.22 32.70
C SER C 502 39.79 -20.93 31.96
N GLU C 503 38.56 -20.67 31.49
CA GLU C 503 38.32 -19.50 30.71
C GLU C 503 38.51 -18.27 31.56
N LEU C 504 38.10 -18.31 32.83
CA LEU C 504 38.16 -17.12 33.61
C LEU C 504 39.58 -16.67 33.75
N LYS C 505 40.51 -17.61 33.98
CA LYS C 505 41.88 -17.29 34.22
C LYS C 505 42.51 -16.63 33.03
N VAL C 506 42.14 -17.07 31.81
CA VAL C 506 42.76 -16.55 30.63
C VAL C 506 42.51 -15.10 30.54
N GLN C 507 41.36 -14.65 31.04
CA GLN C 507 40.97 -13.27 30.98
C GLN C 507 41.94 -12.43 31.77
N LEU C 508 42.91 -13.06 32.43
CA LEU C 508 43.88 -12.39 33.25
C LEU C 508 44.72 -11.49 32.42
N GLU C 509 44.79 -11.73 31.11
CA GLU C 509 45.64 -10.91 30.30
C GLU C 509 45.17 -9.50 30.41
N GLN C 511 43.85 -9.33 30.57
CA GLN C 511 43.22 -8.05 30.63
C GLN C 511 43.76 -7.28 31.79
N PHE C 512 44.07 -7.95 32.92
CA PHE C 512 44.47 -7.23 34.10
C PHE C 512 45.68 -6.43 33.81
N ILE C 513 46.64 -6.97 33.06
CA ILE C 513 47.84 -6.26 32.82
C ILE C 513 47.48 -4.99 32.12
N GLY C 514 46.45 -5.05 31.27
CA GLY C 514 46.09 -3.93 30.46
C GLY C 514 45.75 -2.75 31.33
N THR C 515 44.90 -2.92 32.37
CA THR C 515 44.54 -1.76 33.12
C THR C 515 44.88 -1.89 34.56
N ARG C 516 44.67 -0.79 35.29
CA ARG C 516 44.91 -0.67 36.71
C ARG C 516 43.74 -1.25 37.43
N THR C 517 43.86 -1.36 38.76
CA THR C 517 42.82 -1.93 39.57
C THR C 517 42.18 -0.83 40.38
N ILE C 518 40.84 -0.77 40.36
CA ILE C 518 40.10 0.22 41.08
C ILE C 518 38.75 -0.34 41.36
N ASN C 519 37.86 0.48 41.94
CA ASN C 519 36.53 0.03 42.20
C ASN C 519 35.92 -0.26 40.88
N THR C 520 36.22 0.60 39.90
CA THR C 520 35.69 0.46 38.58
C THR C 520 36.20 -0.81 37.99
N SER C 521 37.46 -1.17 38.29
CA SER C 521 38.02 -2.35 37.73
C SER C 521 37.27 -3.53 38.23
N ALA C 522 36.68 -3.40 39.42
CA ALA C 522 35.83 -4.43 39.93
C ALA C 522 34.77 -4.59 38.91
N SER C 523 34.16 -3.47 38.50
CA SER C 523 33.20 -3.53 37.43
C SER C 523 34.05 -3.73 36.23
N ILE C 524 33.49 -3.84 35.02
CA ILE C 524 34.37 -4.06 33.91
C ILE C 524 34.82 -5.49 33.93
N ILE C 525 35.80 -5.84 34.78
CA ILE C 525 36.20 -7.21 34.84
C ILE C 525 34.99 -7.99 35.20
N LYS C 526 34.28 -7.53 36.24
CA LYS C 526 33.12 -8.19 36.72
C LYS C 526 32.13 -8.25 35.61
N ASP C 527 31.92 -7.13 34.89
CA ASP C 527 30.94 -7.16 33.86
C ASP C 527 31.35 -8.13 32.82
N PHE C 528 32.65 -8.18 32.48
CA PHE C 528 33.09 -9.05 31.43
C PHE C 528 32.84 -10.48 31.79
N ILE C 529 33.26 -10.90 32.99
CA ILE C 529 33.09 -12.27 33.36
C ILE C 529 31.63 -12.55 33.49
N GLN C 530 30.88 -11.58 34.02
CA GLN C 530 29.48 -11.79 34.23
C GLN C 530 28.83 -12.06 32.93
N SER C 531 29.23 -11.33 31.89
CA SER C 531 28.60 -11.52 30.62
C SER C 531 28.83 -12.92 30.20
N TYR C 532 30.06 -13.43 30.44
CA TYR C 532 30.37 -14.77 30.04
C TYR C 532 29.51 -15.71 30.81
N LEU C 533 29.41 -15.52 32.13
CA LEU C 533 28.66 -16.42 32.95
C LEU C 533 27.21 -16.39 32.57
N GLY C 534 26.67 -15.19 32.32
CA GLY C 534 25.28 -15.08 32.03
C GLY C 534 25.00 -15.83 30.77
N ARG C 535 25.92 -15.75 29.81
CA ARG C 535 25.72 -16.40 28.55
C ARG C 535 25.56 -17.86 28.81
N LYS C 536 26.36 -18.40 29.74
CA LYS C 536 26.31 -19.81 30.01
C LYS C 536 24.95 -20.14 30.50
N LYS C 537 24.35 -19.26 31.31
CA LYS C 537 23.07 -19.54 31.86
C LYS C 537 22.03 -19.52 30.78
N ARG C 538 22.08 -18.51 29.89
CA ARG C 538 21.07 -18.37 28.89
C ARG C 538 21.09 -19.55 27.98
N ASP C 539 22.29 -19.97 27.56
CA ASP C 539 22.40 -21.07 26.66
C ASP C 539 21.88 -22.24 27.40
N ASN C 540 22.17 -22.27 28.70
CA ASN C 540 21.80 -23.39 29.49
C ASN C 540 23.09 -24.03 29.82
N GLU C 541 23.19 -24.55 31.03
CA GLU C 541 24.45 -25.08 31.43
C GLU C 541 24.69 -24.57 32.80
N ILE C 542 24.25 -23.35 33.08
CA ILE C 542 24.34 -22.86 34.42
C ILE C 542 22.98 -22.35 34.75
N GLN C 543 22.54 -22.51 36.01
CA GLN C 543 21.23 -22.08 36.36
C GLN C 543 21.33 -21.33 37.65
N ASP C 544 20.31 -20.51 37.93
CA ASP C 544 20.22 -19.75 39.14
C ASP C 544 21.50 -19.03 39.37
N PHE C 545 21.91 -18.22 38.40
CA PHE C 545 23.12 -17.47 38.58
C PHE C 545 22.73 -16.10 38.97
N PRO C 546 29.56 -13.21 42.31
CA PRO C 546 30.63 -12.60 41.58
C PRO C 546 31.73 -12.23 42.53
N ALA C 547 32.65 -11.32 42.13
CA ALA C 547 33.86 -11.10 42.90
C ALA C 547 34.01 -9.76 43.55
N GLU C 548 34.58 -9.83 44.77
CA GLU C 548 35.05 -8.72 45.56
C GLU C 548 36.17 -9.32 46.37
N ASP C 549 37.42 -9.04 46.01
CA ASP C 549 38.48 -9.68 46.73
C ASP C 549 38.52 -9.20 48.13
N VAL C 550 38.45 -7.88 48.30
CA VAL C 550 38.53 -7.39 49.63
C VAL C 550 37.25 -7.73 50.26
N GLN C 551 37.22 -7.70 51.54
CA GLN C 551 36.01 -7.98 52.21
C GLN C 551 35.12 -6.83 51.89
N VAL C 552 33.80 -7.00 51.97
CA VAL C 552 32.98 -5.89 51.62
C VAL C 552 33.28 -4.81 52.59
N ILE C 553 34.02 -3.80 52.12
CA ILE C 553 34.40 -2.68 52.92
C ILE C 553 34.84 -1.62 51.97
N VAL C 554 35.21 -0.46 52.50
CA VAL C 554 35.70 0.58 51.64
C VAL C 554 36.96 0.08 51.03
N GLU C 555 37.78 -0.61 51.85
CA GLU C 555 39.04 -1.10 51.41
C GLU C 555 38.82 -2.19 50.42
N GLY C 556 39.79 -2.36 49.51
CA GLY C 556 39.74 -3.34 48.47
C GLY C 556 41.15 -3.74 48.17
N ASN C 557 41.30 -4.80 47.35
CA ASN C 557 42.60 -5.27 47.00
C ASN C 557 42.52 -5.69 45.57
N GLU C 558 43.49 -6.49 45.10
CA GLU C 558 43.47 -6.93 43.74
C GLU C 558 42.31 -7.83 43.60
N ALA C 559 41.88 -8.12 42.36
CA ALA C 559 40.70 -8.91 42.22
C ALA C 559 41.04 -10.33 41.96
N ARG C 560 40.30 -11.21 42.64
CA ARG C 560 40.41 -12.61 42.37
C ARG C 560 39.05 -12.96 41.93
N ILE C 561 38.89 -13.89 40.98
CA ILE C 561 37.55 -14.14 40.58
C ILE C 561 37.06 -15.32 41.35
N SER C 562 36.05 -15.09 42.19
CA SER C 562 35.45 -16.15 42.92
C SER C 562 34.06 -16.20 42.46
N MET C 563 33.55 -17.40 42.19
CA MET C 563 32.22 -17.45 41.72
C MET C 563 31.58 -18.66 42.28
N THR C 564 30.25 -18.57 42.46
CA THR C 564 29.52 -19.70 42.94
C THR C 564 28.66 -20.05 41.77
N VAL C 565 28.90 -21.19 41.14
CA VAL C 565 28.13 -21.50 39.97
C VAL C 565 27.49 -22.82 40.18
N TYR C 566 26.34 -23.04 39.53
CA TYR C 566 25.65 -24.29 39.70
C TYR C 566 25.43 -24.88 38.34
N PRO C 567 25.80 -26.11 38.19
CA PRO C 567 25.62 -26.78 36.93
C PRO C 567 24.17 -27.03 36.81
N ILE C 568 23.64 -27.13 35.57
CA ILE C 568 22.22 -27.18 35.44
C ILE C 568 21.64 -28.33 36.21
N ARG C 569 22.18 -29.55 36.05
CA ARG C 569 21.53 -30.62 36.72
C ARG C 569 22.28 -30.96 37.96
N SER C 570 22.01 -30.21 39.03
CA SER C 570 22.57 -30.51 40.30
C SER C 570 22.16 -29.43 41.23
N PHE C 571 21.55 -29.77 42.37
CA PHE C 571 21.14 -28.71 43.22
C PHE C 571 22.23 -28.45 44.19
N LYS C 572 23.28 -27.77 43.70
CA LYS C 572 24.38 -27.44 44.56
C LYS C 572 25.14 -26.36 43.86
N LYS C 573 25.63 -25.38 44.63
CA LYS C 573 26.39 -24.32 44.07
C LYS C 573 27.79 -24.59 44.51
N ILE C 574 28.76 -24.49 43.59
CA ILE C 574 30.08 -24.78 44.03
C ILE C 574 30.84 -23.51 44.04
N SER C 575 31.76 -23.37 45.01
CA SER C 575 32.49 -22.15 45.11
C SER C 575 33.83 -22.36 44.50
N VAL C 576 34.18 -21.53 43.52
CA VAL C 576 35.48 -21.66 42.94
C VAL C 576 36.12 -20.32 43.02
N SER C 577 37.43 -20.30 43.34
CA SER C 577 38.10 -19.05 43.41
C SER C 577 39.32 -19.14 42.54
N LEU C 578 39.51 -18.13 41.68
CA LEU C 578 40.70 -18.07 40.89
C LEU C 578 41.28 -16.76 41.28
N VAL C 579 42.62 -16.63 41.34
CA VAL C 579 43.05 -15.37 41.84
C VAL C 579 44.00 -14.72 40.90
N SER D 31 39.44 -15.19 -26.96
CA SER D 31 38.35 -16.04 -27.38
C SER D 31 38.08 -17.39 -26.74
N SER D 32 40.70 -17.20 -24.49
CA SER D 32 42.13 -16.99 -24.65
C SER D 32 42.61 -17.34 -26.04
N GLU D 33 41.90 -17.10 -27.03
CA GLU D 33 42.35 -17.03 -28.40
C GLU D 33 43.08 -18.29 -28.87
N LYS D 34 42.40 -19.42 -28.81
CA LYS D 34 43.00 -20.68 -29.18
C LYS D 34 43.37 -20.65 -30.65
N VAL D 35 44.51 -20.05 -30.96
CA VAL D 35 44.95 -19.94 -32.34
C VAL D 35 45.89 -21.10 -32.47
N PHE D 36 45.55 -22.05 -33.33
CA PHE D 36 46.45 -23.16 -33.58
C PHE D 36 47.42 -22.78 -34.66
N CYS D 37 48.35 -23.69 -34.95
CA CYS D 37 49.32 -23.47 -36.00
C CYS D 37 49.73 -24.82 -36.53
N LEU D 38 49.68 -24.97 -37.84
CA LEU D 38 49.95 -26.25 -38.47
C LEU D 38 50.69 -26.04 -39.77
N ILE D 39 51.67 -26.88 -40.01
CA ILE D 39 52.39 -26.83 -41.25
C ILE D 39 52.65 -28.24 -41.72
N GLY D 40 52.41 -28.49 -43.00
CA GLY D 40 52.61 -29.80 -43.56
C GLY D 40 52.22 -29.88 -45.01
N GLN D 41 52.29 -31.09 -45.54
CA GLN D 41 52.07 -31.33 -46.96
C GLN D 41 50.59 -31.44 -47.29
N ALA D 42 50.16 -30.76 -48.33
CA ALA D 42 48.76 -30.81 -48.75
C ALA D 42 48.56 -31.02 -50.24
N GLU D 43 47.35 -31.38 -50.61
CA GLU D 43 47.01 -31.69 -51.98
C GLU D 43 46.89 -30.42 -52.79
N GLY D 44 46.80 -29.29 -52.09
CA GLY D 44 46.46 -28.03 -52.74
C GLY D 44 47.04 -26.84 -51.99
N GLY D 45 47.66 -25.92 -52.71
CA GLY D 45 48.25 -24.74 -52.12
C GLY D 45 47.17 -23.84 -51.59
N GLU D 46 47.52 -22.66 -51.06
CA GLU D 46 48.75 -21.89 -51.16
C GLU D 46 49.97 -22.58 -50.59
N PRO D 47 51.08 -22.41 -51.30
CA PRO D 47 52.37 -22.90 -50.83
C PRO D 47 53.07 -21.79 -50.06
N ASN D 48 53.62 -22.14 -48.92
CA ASN D 48 54.35 -21.19 -48.10
C ASN D 48 53.58 -19.90 -47.91
N THR D 49 52.36 -20.03 -47.42
CA THR D 49 51.55 -18.87 -47.07
C THR D 49 50.77 -19.18 -45.81
N VAL D 50 50.69 -18.20 -44.91
CA VAL D 50 49.95 -18.37 -43.69
C VAL D 50 48.47 -18.15 -43.91
N TYR D 51 47.90 -18.92 -44.83
CA TYR D 51 46.47 -18.85 -45.05
C TYR D 51 45.76 -19.37 -43.81
N GLU D 52 44.72 -18.67 -43.38
CA GLU D 52 43.97 -19.09 -42.21
C GLU D 52 42.77 -19.95 -42.61
N LEU D 53 42.40 -20.85 -41.72
CA LEU D 53 41.32 -21.79 -41.99
C LEU D 53 40.38 -21.89 -40.79
N ARG D 54 39.09 -21.95 -41.04
CA ARG D 54 38.12 -21.97 -39.95
C ARG D 54 37.16 -23.16 -39.98
N ASN D 55 36.75 -23.56 -41.17
CA ASN D 55 35.86 -24.69 -41.32
C ASN D 55 36.59 -25.93 -41.81
N TYR D 56 35.91 -27.07 -41.81
CA TYR D 56 36.43 -28.25 -42.45
C TYR D 56 36.20 -28.10 -43.92
N SER D 57 34.94 -27.88 -44.29
CA SER D 57 34.53 -27.69 -45.67
C SER D 57 35.24 -26.50 -46.28
N GLN D 58 35.95 -25.76 -45.44
CA GLN D 58 36.68 -24.59 -45.89
C GLN D 58 38.17 -24.88 -46.05
N ALA D 59 38.64 -25.94 -45.41
CA ALA D 59 40.01 -26.35 -45.64
C ALA D 59 40.07 -27.29 -46.81
N LYS D 60 39.05 -28.13 -46.96
CA LYS D 60 38.94 -28.97 -48.14
C LYS D 60 38.91 -28.09 -49.38
N ARG D 61 38.04 -27.10 -49.36
CA ARG D 61 38.01 -26.11 -50.41
C ARG D 61 39.42 -25.66 -50.78
N LEU D 62 40.29 -25.58 -49.78
CA LEU D 62 41.56 -24.90 -49.96
C LEU D 62 42.78 -25.81 -49.98
N PHE D 63 42.75 -26.90 -49.24
CA PHE D 63 43.86 -27.83 -49.24
C PHE D 63 43.28 -29.22 -49.20
N ARG D 64 42.16 -29.37 -49.88
CA ARG D 64 41.24 -30.44 -49.65
C ARG D 64 40.76 -31.83 -49.29
N SER D 65 41.37 -32.79 -49.96
CA SER D 65 41.19 -34.20 -49.68
C SER D 65 42.53 -34.69 -49.18
N GLY D 66 42.51 -35.79 -48.42
CA GLY D 66 43.75 -36.34 -47.88
C GLY D 66 44.31 -37.43 -48.78
N GLU D 67 45.45 -37.18 -49.41
CA GLU D 67 46.09 -38.22 -50.20
C GLU D 67 46.89 -39.05 -49.23
N LEU D 68 47.33 -40.23 -49.66
CA LEU D 68 48.10 -41.12 -48.80
C LEU D 68 49.45 -40.54 -48.43
N LEU D 69 49.73 -39.37 -48.97
CA LEU D 69 50.96 -38.66 -48.71
C LEU D 69 50.62 -37.40 -47.95
N ASP D 70 49.33 -37.13 -47.85
CA ASP D 70 48.84 -35.92 -47.21
C ASP D 70 48.10 -36.24 -45.92
N ALA D 71 47.42 -37.37 -45.92
CA ALA D 71 46.55 -37.80 -44.82
C ALA D 71 46.80 -37.12 -43.49
N ILE D 72 47.91 -37.46 -42.85
CA ILE D 72 48.12 -37.05 -41.48
C ILE D 72 48.08 -35.55 -41.26
N GLU D 73 48.08 -34.77 -42.32
CA GLU D 73 48.03 -33.32 -42.17
C GLU D 73 46.63 -32.81 -42.38
N LEU D 74 45.92 -33.41 -43.31
CA LEU D 74 44.52 -33.09 -43.46
C LEU D 74 43.84 -33.40 -42.16
N ALA D 75 43.88 -34.66 -41.76
CA ALA D 75 43.34 -35.07 -40.47
C ALA D 75 43.78 -34.11 -39.38
N TRP D 76 45.08 -33.94 -39.26
CA TRP D 76 45.65 -33.08 -38.23
C TRP D 76 44.79 -31.84 -38.06
N GLY D 77 44.55 -31.15 -39.17
CA GLY D 77 43.65 -30.01 -39.17
C GLY D 77 42.23 -30.45 -38.89
N SER D 78 41.64 -31.17 -39.82
CA SER D 78 40.24 -31.55 -39.69
C SER D 78 39.82 -31.86 -38.27
N ASN D 79 40.38 -32.94 -37.71
CA ASN D 79 39.95 -33.37 -36.39
C ASN D 79 40.45 -32.46 -35.28
N PRO D 80 40.92 -31.29 -35.66
CA PRO D 80 41.20 -30.23 -34.69
C PRO D 80 40.09 -29.21 -34.76
N ASN D 81 39.69 -28.84 -35.96
CA ASN D 81 38.62 -27.89 -36.14
C ASN D 81 37.37 -28.35 -35.40
N TYR D 82 37.43 -29.54 -34.84
CA TYR D 82 36.35 -30.06 -34.00
C TYR D 82 36.28 -29.32 -32.67
N THR D 83 37.44 -28.89 -32.16
CA THR D 83 37.53 -28.03 -30.99
C THR D 83 38.07 -26.68 -31.42
N ALA D 84 38.13 -26.45 -32.72
CA ALA D 84 38.89 -25.35 -33.25
C ALA D 84 38.12 -24.14 -33.73
N GLY D 85 38.66 -22.98 -33.42
CA GLY D 85 38.14 -21.73 -33.94
C GLY D 85 38.93 -21.39 -35.18
N ARG D 86 40.19 -21.02 -34.98
CA ARG D 86 41.05 -20.64 -36.08
C ARG D 86 42.31 -21.49 -36.16
N ILE D 87 42.71 -21.80 -37.38
CA ILE D 87 43.90 -22.58 -37.64
C ILE D 87 44.69 -21.86 -38.71
N LEU D 88 45.97 -21.65 -38.46
CA LEU D 88 46.81 -21.05 -39.45
C LEU D 88 47.70 -22.13 -40.02
N ALA D 89 47.67 -22.32 -41.33
CA ALA D 89 48.47 -23.36 -41.97
C ALA D 89 49.47 -22.83 -42.97
N MET D 90 50.44 -23.67 -43.32
CA MET D 90 51.42 -23.34 -44.33
C MET D 90 51.75 -24.60 -45.11
N ARG D 91 51.42 -24.63 -46.39
CA ARG D 91 51.65 -25.81 -47.18
C ARG D 91 53.12 -25.98 -47.54
N ILE D 92 53.67 -27.15 -47.26
CA ILE D 92 55.04 -27.43 -47.66
C ILE D 92 55.05 -28.02 -49.07
N GLU D 93 55.71 -27.32 -49.97
CA GLU D 93 55.88 -27.76 -51.34
C GLU D 93 57.35 -28.00 -51.55
N LEU D 105 53.62 -14.14 -68.17
CA LEU D 105 54.39 -13.95 -67.01
C LEU D 105 53.69 -14.52 -65.85
N LYS D 106 54.29 -15.46 -65.23
CA LYS D 106 53.71 -16.08 -64.09
C LYS D 106 53.68 -15.13 -62.96
N ILE D 107 52.70 -14.29 -62.97
CA ILE D 107 52.57 -13.27 -61.99
C ILE D 107 52.62 -13.78 -60.63
N THR D 108 52.01 -14.90 -60.42
CA THR D 108 52.02 -15.51 -59.15
C THR D 108 52.12 -16.96 -59.26
N SER D 109 53.26 -17.49 -58.96
CA SER D 109 53.44 -18.89 -58.99
C SER D 109 52.49 -19.47 -58.06
N LYS D 110 51.76 -20.44 -58.47
CA LYS D 110 50.85 -21.04 -57.60
C LYS D 110 51.60 -21.85 -56.62
N ILE D 111 50.93 -22.79 -56.08
CA ILE D 111 51.56 -23.78 -55.31
C ILE D 111 50.85 -25.04 -55.61
N TYR D 112 51.44 -26.14 -55.32
CA TYR D 112 50.79 -27.38 -55.50
C TYR D 112 50.26 -27.63 -56.85
N GLY D 113 50.75 -26.94 -57.82
CA GLY D 113 50.47 -27.25 -59.17
C GLY D 113 51.35 -28.35 -59.59
N ASN D 114 51.15 -28.87 -60.74
CA ASN D 114 51.96 -29.91 -61.23
C ASN D 114 52.27 -29.63 -62.66
N VAL D 115 52.86 -30.55 -63.32
CA VAL D 115 53.22 -30.38 -64.68
C VAL D 115 52.54 -30.44 -65.99
N ALA D 116 51.44 -31.09 -66.06
CA ALA D 116 50.71 -31.20 -67.27
C ALA D 116 49.38 -30.73 -66.84
N ASN D 117 49.32 -29.78 -65.97
CA ASN D 117 48.08 -29.21 -65.63
C ASN D 117 47.83 -28.32 -66.75
N ASN D 118 46.67 -28.40 -67.31
CA ASN D 118 46.38 -27.72 -68.51
C ASN D 118 45.99 -26.32 -68.28
N ILE D 119 46.29 -25.51 -69.24
CA ILE D 119 46.02 -24.13 -69.17
C ILE D 119 45.09 -23.77 -70.24
N GLN D 120 44.29 -22.80 -70.00
CA GLN D 120 43.29 -22.42 -70.91
C GLN D 120 43.29 -20.97 -71.15
N VAL D 121 43.39 -20.59 -72.37
CA VAL D 121 43.39 -19.23 -72.72
C VAL D 121 42.07 -18.88 -73.24
N GLY D 122 41.44 -17.95 -72.62
CA GLY D 122 40.14 -17.58 -73.00
C GLY D 122 40.14 -16.23 -73.61
N LEU D 123 39.25 -16.04 -74.51
CA LEU D 123 39.02 -14.77 -75.05
C LEU D 123 37.72 -14.28 -74.57
N GLU D 124 37.75 -13.44 -73.60
CA GLU D 124 36.58 -12.97 -72.99
C GLU D 124 35.74 -14.11 -72.55
N LYS D 125 36.15 -14.74 -71.51
CA LYS D 125 35.45 -15.83 -70.96
C LYS D 125 35.00 -16.81 -71.98
N ASN D 126 35.81 -16.99 -72.96
CA ASN D 126 35.51 -17.89 -74.00
C ASN D 126 36.73 -18.63 -74.38
N THR D 127 36.64 -19.92 -74.37
CA THR D 127 37.76 -20.75 -74.58
C THR D 127 38.29 -20.71 -75.96
N LEU D 128 39.54 -20.45 -76.08
CA LEU D 128 40.20 -20.46 -77.34
C LEU D 128 41.17 -21.57 -77.39
N SER D 129 42.05 -21.58 -76.44
CA SER D 129 43.05 -22.55 -76.38
C SER D 129 42.96 -23.27 -75.09
N ASP D 130 43.11 -24.54 -75.12
CA ASP D 130 42.95 -25.32 -73.95
C ASP D 130 43.97 -26.36 -73.87
N SER D 131 45.05 -26.17 -74.52
CA SER D 131 46.07 -27.14 -74.55
C SER D 131 47.31 -26.67 -73.92
N LEU D 132 47.25 -25.52 -73.36
CA LEU D 132 48.34 -25.03 -72.61
C LEU D 132 48.53 -25.93 -71.47
N ARG D 133 49.64 -25.82 -70.84
CA ARG D 133 49.92 -26.66 -69.76
C ARG D 133 51.14 -26.27 -69.04
N LEU D 134 51.02 -26.15 -67.76
CA LEU D 134 52.14 -25.95 -66.93
C LEU D 134 53.15 -26.96 -67.29
N ARG D 135 54.37 -26.58 -67.28
CA ARG D 135 55.38 -27.46 -67.71
C ARG D 135 56.55 -27.52 -66.82
N VAL D 136 56.59 -26.69 -65.85
CA VAL D 136 57.63 -26.76 -64.90
C VAL D 136 57.24 -26.17 -63.62
N ILE D 137 57.21 -26.98 -62.62
CA ILE D 137 56.97 -26.54 -61.31
C ILE D 137 58.14 -26.88 -60.49
N PHE D 138 58.19 -26.38 -59.31
CA PHE D 138 59.22 -26.73 -58.42
C PHE D 138 58.74 -27.75 -57.47
N GLN D 139 59.29 -27.75 -56.31
CA GLN D 139 58.95 -28.71 -55.35
C GLN D 139 57.65 -28.42 -54.72
N ASP D 140 57.26 -27.19 -54.75
CA ASP D 140 56.08 -26.77 -54.08
C ASP D 140 54.94 -26.64 -55.00
N ASP D 141 55.18 -26.85 -56.24
CA ASP D 141 54.17 -26.71 -57.21
C ASP D 141 54.09 -25.34 -57.72
N ARG D 142 54.99 -24.52 -57.30
CA ARG D 142 55.07 -23.21 -57.78
C ARG D 142 55.28 -23.25 -59.24
N PHE D 143 54.44 -22.60 -59.97
CA PHE D 143 54.53 -22.63 -61.39
C PHE D 143 55.72 -21.91 -61.90
N ASN D 144 56.59 -22.61 -62.53
CA ASN D 144 57.77 -22.03 -63.03
C ASN D 144 57.72 -21.82 -64.50
N GLU D 145 57.07 -22.70 -65.20
CA GLU D 145 57.00 -22.59 -66.61
C GLU D 145 55.81 -23.22 -67.19
N VAL D 146 55.25 -22.60 -68.17
CA VAL D 146 54.14 -23.13 -68.86
C VAL D 146 54.38 -23.08 -70.31
N TYR D 147 53.49 -23.66 -71.05
CA TYR D 147 53.58 -23.59 -72.47
C TYR D 147 52.25 -23.53 -73.11
N ASP D 148 51.94 -22.40 -73.63
CA ASP D 148 50.71 -22.18 -74.28
C ASP D 148 50.87 -22.17 -75.75
N ASN D 149 50.22 -23.07 -76.41
CA ASN D 149 50.24 -23.09 -77.83
C ASN D 149 49.49 -21.93 -78.37
N ILE D 150 49.96 -21.34 -79.41
CA ILE D 150 49.36 -20.16 -79.89
C ILE D 150 48.67 -20.32 -81.19
N GLY D 151 48.63 -21.50 -81.68
CA GLY D 151 47.99 -21.73 -82.92
C GLY D 151 46.64 -21.16 -82.92
N ASN D 152 45.87 -21.57 -81.98
CA ASN D 152 44.51 -21.19 -81.91
C ASN D 152 44.35 -19.76 -81.61
N ILE D 153 45.13 -19.26 -80.72
CA ILE D 153 44.93 -17.94 -80.27
C ILE D 153 45.31 -16.92 -81.24
N PHE D 154 46.43 -17.05 -81.87
CA PHE D 154 46.80 -16.08 -82.84
C PHE D 154 45.80 -16.07 -83.91
N THR D 155 45.20 -17.18 -84.13
CA THR D 155 44.15 -17.26 -85.07
C THR D 155 43.05 -16.37 -84.64
N ALA D 165 42.42 -16.72 -83.57
CA ALA D 165 41.40 -15.94 -83.02
C ALA D 165 41.80 -14.52 -82.92
N THR D 166 43.00 -14.29 -82.57
CA THR D 166 43.49 -12.97 -82.38
C THR D 166 43.55 -12.22 -83.64
N PHE D 167 44.10 -12.83 -84.64
CA PHE D 167 44.12 -12.25 -85.91
C PHE D 167 42.74 -11.96 -86.30
N SER D 168 41.89 -12.87 -86.00
CA SER D 168 40.54 -12.82 -86.39
C SER D 168 39.80 -11.69 -85.79
N VAL D 169 40.32 -11.11 -84.77
CA VAL D 169 39.64 -10.07 -84.10
C VAL D 169 40.49 -8.87 -83.85
N GLU D 170 41.40 -8.61 -84.71
CA GLU D 170 42.16 -7.44 -84.64
C GLU D 170 43.12 -7.37 -83.55
N HIS D 171 43.01 -8.26 -82.61
CA HIS D 171 43.87 -8.27 -81.50
C HIS D 171 45.08 -9.09 -81.71
N ASP D 172 45.77 -8.84 -82.77
CA ASP D 172 46.97 -9.51 -83.03
C ASP D 172 48.04 -8.56 -83.41
N GLU D 173 49.16 -8.63 -82.75
CA GLU D 173 49.41 -9.48 -81.64
C GLU D 173 49.20 -8.76 -80.36
N GLU D 174 48.63 -7.62 -80.43
CA GLU D 174 48.33 -6.88 -79.27
C GLU D 174 47.90 -7.75 -78.14
N THR D 175 46.74 -8.32 -78.24
CA THR D 175 46.24 -9.18 -77.24
C THR D 175 46.03 -8.52 -75.92
N GLN D 176 46.14 -9.29 -74.89
CA GLN D 176 46.23 -8.79 -73.59
C GLN D 176 44.97 -8.51 -72.87
N LYS D 177 44.13 -7.72 -73.45
CA LYS D 177 43.07 -7.14 -72.73
C LYS D 177 42.01 -8.11 -72.38
N ALA D 178 41.53 -8.80 -73.35
CA ALA D 178 40.47 -9.72 -73.17
C ALA D 178 41.01 -11.09 -73.18
N SER D 179 42.28 -11.19 -73.27
CA SER D 179 42.91 -12.43 -73.32
C SER D 179 43.34 -12.83 -71.97
N ARG D 180 42.93 -13.98 -71.57
CA ARG D 180 43.15 -14.41 -70.25
C ARG D 180 43.55 -15.83 -70.20
N LEU D 181 44.18 -16.20 -69.14
CA LEU D 181 44.65 -17.53 -69.02
C LEU D 181 44.36 -18.06 -67.69
N VAL D 182 43.70 -19.16 -67.65
CA VAL D 182 43.40 -19.81 -66.44
C VAL D 182 43.93 -21.19 -66.44
N LEU D 183 43.97 -21.79 -65.31
CA LEU D 183 44.46 -23.11 -65.19
C LEU D 183 43.39 -24.12 -65.33
N LYS D 184 43.74 -25.34 -65.25
CA LYS D 184 42.81 -26.39 -65.28
C LYS D 184 41.86 -26.16 -64.19
N VAL D 185 40.70 -26.68 -64.30
CA VAL D 185 39.75 -26.58 -63.26
C VAL D 185 39.42 -27.92 -62.70
N GLY D 186 40.33 -28.45 -61.97
CA GLY D 186 41.57 -27.82 -61.75
C GLY D 186 42.70 -28.75 -61.58
N ASP D 187 43.86 -28.20 -61.61
CA ASP D 187 45.02 -28.92 -61.26
C ASP D 187 44.93 -29.20 -59.82
N GLN D 188 45.81 -29.98 -59.33
CA GLN D 188 45.85 -30.24 -57.94
C GLN D 188 45.92 -28.97 -57.18
N GLU D 189 46.77 -28.10 -57.59
CA GLU D 189 47.08 -26.95 -56.85
C GLU D 189 46.60 -25.65 -57.30
N VAL D 190 46.71 -24.70 -56.43
CA VAL D 190 46.10 -23.43 -56.61
C VAL D 190 46.94 -22.21 -56.75
N LYS D 191 46.33 -21.09 -56.56
CA LYS D 191 46.98 -19.83 -56.40
C LYS D 191 47.61 -19.06 -57.50
N SER D 192 47.68 -19.62 -58.66
CA SER D 192 48.50 -19.11 -59.68
C SER D 192 47.91 -18.01 -60.47
N TYR D 193 48.78 -17.29 -61.14
CA TYR D 193 48.41 -16.18 -61.93
C TYR D 193 49.25 -16.04 -63.12
N ASP D 194 48.79 -16.49 -64.23
CA ASP D 194 49.50 -16.31 -65.44
C ASP D 194 48.97 -15.15 -66.15
N LEU D 195 49.82 -14.32 -66.64
CA LEU D 195 49.40 -13.12 -67.27
C LEU D 195 49.84 -13.00 -68.69
N THR D 196 48.91 -12.83 -69.56
CA THR D 196 49.16 -12.91 -70.95
C THR D 196 49.49 -11.63 -71.58
N GLY D 197 50.56 -11.61 -72.30
CA GLY D 197 50.91 -10.47 -73.06
C GLY D 197 50.58 -10.66 -74.48
N GLY D 198 51.44 -10.24 -75.34
CA GLY D 198 51.20 -10.29 -76.73
C GLY D 198 51.84 -11.45 -77.38
N ALA D 199 51.51 -11.69 -78.60
CA ALA D 199 52.12 -12.71 -79.34
C ALA D 199 53.44 -12.25 -79.76
N TYR D 200 54.48 -12.90 -79.33
CA TYR D 200 55.79 -12.45 -79.60
C TYR D 200 56.05 -12.55 -81.04
N ASP D 201 56.36 -11.47 -81.64
CA ASP D 201 56.67 -11.43 -83.02
C ASP D 201 58.11 -11.19 -83.24
N TYR D 202 58.81 -10.92 -82.20
CA TYR D 202 60.21 -10.73 -82.28
C TYR D 202 60.89 -12.02 -82.11
N THR D 203 61.40 -12.56 -83.15
CA THR D 203 62.10 -13.77 -83.09
C THR D 203 63.14 -13.69 -82.08
N ALA D 245 37.19 11.39 -96.16
CA ALA D 245 36.62 10.99 -95.01
C ALA D 245 37.30 9.91 -94.45
N VAL D 246 38.48 9.79 -94.75
CA VAL D 246 39.29 8.89 -94.16
C VAL D 246 40.23 9.57 -93.39
N TYR D 247 40.59 9.04 -92.36
CA TYR D 247 41.46 9.64 -91.54
C TYR D 247 42.48 8.78 -91.10
N VAL D 248 43.55 9.31 -90.88
CA VAL D 248 44.58 8.64 -90.39
C VAL D 248 44.53 8.72 -88.99
N LYS D 249 44.52 7.66 -88.38
CA LYS D 249 44.49 7.63 -87.04
C LYS D 249 45.65 7.02 -86.54
N ALA D 250 46.27 7.63 -85.70
CA ALA D 250 47.39 7.12 -85.16
C ALA D 250 47.33 7.16 -83.76
N VAL D 251 47.13 6.11 -83.18
CA VAL D 251 46.97 6.06 -81.84
C VAL D 251 48.18 5.84 -81.17
N PHE D 252 48.40 6.57 -80.21
CA PHE D 252 49.55 6.50 -79.52
C PHE D 252 49.37 6.35 -78.15
N GLY D 253 50.07 5.53 -77.59
CA GLY D 253 50.11 5.46 -76.26
C GLY D 253 51.44 5.46 -75.86
N ASP D 254 51.84 6.43 -75.23
CA ASP D 254 53.12 6.55 -74.86
C ASP D 254 53.99 6.76 -75.92
N LEU D 255 53.61 7.54 -76.80
CA LEU D 255 54.37 7.82 -77.87
C LEU D 255 54.41 6.76 -78.76
N GLU D 256 53.88 5.72 -78.39
CA GLU D 256 53.86 4.63 -79.17
C GLU D 256 52.81 4.68 -80.07
N LYS D 257 53.07 4.43 -81.24
CA LYS D 257 52.12 4.44 -82.18
C LYS D 257 51.47 3.21 -82.11
N GLN D 258 50.67 3.08 -81.20
CA GLN D 258 50.01 1.95 -80.93
C GLN D 258 49.20 1.44 -81.98
N THR D 259 48.66 2.25 -82.71
CA THR D 259 47.91 1.86 -83.76
C THR D 259 47.87 2.84 -84.76
N ALA D 260 47.72 2.44 -85.91
CA ALA D 260 47.70 3.28 -86.95
C ALA D 260 46.81 2.82 -87.93
N TYR D 261 45.83 3.52 -88.15
CA TYR D 261 44.88 3.12 -89.00
C TYR D 261 44.35 4.18 -89.71
N ASN D 262 43.70 3.92 -90.72
CA ASN D 262 43.05 4.85 -91.41
C ASN D 262 41.70 4.50 -91.50
N GLY D 263 40.89 5.32 -91.10
CA GLY D 263 39.57 5.05 -91.08
C GLY D 263 38.81 6.03 -91.73
N ILE D 264 37.66 5.73 -92.00
CA ILE D 264 36.86 6.57 -92.65
C ILE D 264 35.70 6.84 -91.93
N VAL D 265 35.21 7.93 -92.08
CA VAL D 265 34.07 8.29 -91.48
C VAL D 265 32.97 8.04 -92.30
N SER D 266 33.20 7.50 -93.38
CA SER D 266 32.21 7.22 -94.24
C SER D 266 32.02 5.85 -94.35
N PHE D 267 30.90 5.44 -94.05
CA PHE D 267 30.60 4.13 -94.07
C PHE D 267 30.94 3.56 -95.31
N GLU D 268 31.23 2.38 -95.30
CA GLU D 268 31.52 1.73 -96.42
C GLU D 268 32.87 1.78 -96.75
N GLN D 269 33.38 2.89 -96.78
CA GLN D 269 34.66 3.08 -97.17
C GLN D 269 35.51 2.11 -96.64
N LEU D 270 36.35 1.68 -97.43
CA LEU D 270 37.20 0.70 -97.10
C LEU D 270 38.50 1.05 -97.46
N ASN D 271 39.40 0.40 -96.95
CA ASN D 271 40.67 0.54 -97.33
C ASN D 271 40.83 -0.19 -98.52
N ALA D 272 41.97 -0.37 -98.89
CA ALA D 272 42.24 -1.06 -100.01
C ALA D 272 42.08 -2.44 -99.83
N GLU D 273 41.34 -2.79 -98.93
CA GLU D 273 41.12 -4.09 -98.66
C GLU D 273 39.76 -4.33 -98.42
N GLY D 274 39.00 -3.42 -98.70
CA GLY D 274 37.68 -3.50 -98.44
C GLY D 274 37.42 -3.77 -97.08
N GLU D 275 38.26 -3.37 -96.28
CA GLU D 275 38.05 -3.43 -94.96
C GLU D 275 37.35 -2.29 -94.57
N VAL D 276 36.22 -2.46 -94.14
CA VAL D 276 35.47 -1.44 -93.74
C VAL D 276 36.12 -0.66 -92.78
N PRO D 277 36.59 0.41 -93.16
CA PRO D 277 37.27 1.22 -92.35
C PRO D 277 36.48 2.31 -91.93
N SER D 278 35.28 2.15 -91.92
CA SER D 278 34.47 3.08 -91.38
C SER D 278 34.62 3.02 -89.99
N ASN D 279 34.98 4.07 -89.44
CA ASN D 279 35.25 4.13 -88.13
C ASN D 279 34.44 3.34 -87.32
N VAL D 280 33.28 3.67 -87.19
CA VAL D 280 32.43 3.05 -86.36
C VAL D 280 32.49 1.65 -86.44
N GLU D 281 32.68 1.15 -87.54
CA GLU D 281 32.72 -0.17 -87.70
C GLU D 281 33.97 -0.69 -87.35
N VAL D 282 34.95 -0.14 -87.84
CA VAL D 282 36.19 -0.52 -87.56
C VAL D 282 36.34 -0.83 -86.19
N GLU D 283 35.98 0.04 -85.41
CA GLU D 283 36.10 -0.13 -84.08
C GLU D 283 35.12 -0.99 -83.59
N ALA D 284 34.06 -0.99 -84.22
CA ALA D 284 33.02 -1.77 -83.86
C ALA D 284 33.39 -3.12 -83.82
N GLY D 285 34.40 -3.42 -84.43
CA GLY D 285 34.83 -4.67 -84.51
C GLY D 285 36.18 -4.78 -84.15
N GLU D 286 36.41 -4.75 -82.95
CA GLU D 286 37.65 -4.87 -82.46
C GLU D 286 38.65 -4.28 -83.23
N GLU D 287 38.36 -3.24 -83.81
CA GLU D 287 39.20 -2.64 -84.63
C GLU D 287 40.37 -2.20 -84.02
N THR D 319 61.34 -32.68 -48.81
CA THR D 319 62.37 -32.96 -47.83
C THR D 319 61.98 -32.46 -46.45
N TRP D 320 62.48 -33.14 -45.42
CA TRP D 320 62.20 -32.72 -44.06
C TRP D 320 62.37 -31.22 -43.92
N ALA D 321 63.50 -30.72 -44.40
CA ALA D 321 63.80 -29.31 -44.33
C ALA D 321 62.73 -28.46 -44.97
N ASP D 322 62.20 -28.93 -46.09
CA ASP D 322 61.14 -28.23 -46.79
C ASP D 322 59.98 -28.00 -45.85
N LYS D 323 59.87 -28.83 -44.83
CA LYS D 323 58.87 -28.65 -43.80
C LYS D 323 59.29 -27.56 -42.83
N LEU D 324 60.55 -27.62 -42.42
CA LEU D 324 61.08 -26.67 -41.47
C LEU D 324 61.09 -25.25 -42.03
N ASP D 325 61.38 -25.12 -43.31
CA ASP D 325 61.28 -23.82 -43.96
C ASP D 325 59.89 -23.28 -43.76
N LYS D 326 58.91 -24.16 -43.86
CA LYS D 326 57.52 -23.78 -43.72
C LYS D 326 57.20 -23.36 -42.31
N PHE D 327 57.38 -24.27 -41.36
CA PHE D 327 57.12 -24.00 -39.98
C PHE D 327 57.68 -22.64 -39.54
N ALA D 328 56.36 -10.96 -33.50
CA ALA D 328 56.18 -9.68 -34.15
C ALA D 328 55.11 -9.95 -35.17
N HIS D 329 55.17 -11.10 -35.79
CA HIS D 329 54.35 -11.35 -36.95
C HIS D 329 53.05 -12.10 -36.80
N GLU D 330 53.11 -13.29 -36.20
CA GLU D 330 51.92 -14.10 -36.07
C GLU D 330 51.56 -14.52 -34.66
N GLY D 331 50.38 -14.14 -34.23
CA GLY D 331 49.88 -14.50 -32.90
C GLY D 331 49.26 -15.89 -32.93
N GLY D 332 50.08 -16.90 -32.67
CA GLY D 332 49.61 -18.27 -32.69
C GLY D 332 49.84 -18.94 -31.35
N TYR D 333 48.77 -19.39 -30.71
CA TYR D 333 48.87 -19.89 -29.35
C TYR D 333 49.37 -21.33 -29.23
N TYR D 334 48.88 -22.20 -30.09
CA TYR D 334 49.22 -23.61 -29.98
C TYR D 334 49.96 -24.07 -31.22
N ILE D 335 50.67 -25.18 -31.11
CA ILE D 335 51.48 -25.68 -32.20
C ILE D 335 51.22 -27.16 -32.47
N VAL D 336 50.47 -27.45 -33.52
CA VAL D 336 50.27 -28.84 -33.88
C VAL D 336 51.53 -29.37 -34.53
N PRO D 337 52.17 -30.33 -33.90
CA PRO D 337 53.48 -30.75 -34.36
C PRO D 337 53.52 -32.23 -34.66
N LEU D 338 52.81 -33.02 -33.87
CA LEU D 338 52.79 -34.45 -34.05
C LEU D 338 52.40 -34.87 -35.45
N SER D 339 51.92 -33.89 -36.21
CA SER D 339 51.46 -34.12 -37.57
C SER D 339 52.52 -34.78 -38.44
N SER D 340 62.91 -37.66 -40.08
CA SER D 340 62.15 -36.43 -40.14
C SER D 340 61.06 -36.36 -39.08
N LYS D 341 60.47 -37.50 -38.75
CA LYS D 341 59.47 -37.56 -37.69
C LYS D 341 60.03 -36.85 -36.47
N GLN D 342 61.29 -37.13 -36.16
CA GLN D 342 61.95 -36.56 -35.01
C GLN D 342 62.49 -35.18 -35.31
N SER D 343 63.34 -35.07 -36.31
CA SER D 343 64.05 -33.84 -36.53
C SER D 343 63.19 -32.63 -36.89
N VAL D 344 62.02 -32.84 -37.46
CA VAL D 344 61.13 -31.73 -37.72
C VAL D 344 60.59 -31.19 -36.42
N HIS D 345 59.80 -32.01 -35.73
CA HIS D 345 59.27 -31.67 -34.43
C HIS D 345 60.33 -31.04 -33.54
N ALA D 346 61.42 -31.76 -33.36
CA ALA D 346 62.53 -31.28 -32.57
C ALA D 346 62.77 -29.82 -32.87
N GLU D 347 62.79 -29.49 -34.14
CA GLU D 347 62.99 -28.12 -34.58
C GLU D 347 61.79 -27.22 -34.26
N VAL D 348 60.58 -27.74 -34.42
CA VAL D 348 59.39 -26.97 -34.12
C VAL D 348 59.40 -26.53 -32.67
N ALA D 349 59.86 -27.40 -31.80
CA ALA D 349 60.03 -27.07 -30.39
C ALA D 349 60.98 -25.89 -30.25
N SER D 350 61.99 -25.87 -31.10
CA SER D 350 63.00 -24.83 -31.06
C SER D 350 62.51 -23.56 -31.76
N PHE D 351 61.21 -23.42 -31.85
CA PHE D 351 60.60 -22.20 -32.38
C PHE D 351 59.73 -21.62 -31.28
N VAL D 352 59.03 -22.49 -30.57
CA VAL D 352 58.27 -22.10 -29.43
C VAL D 352 59.22 -21.74 -28.31
N LYS D 353 60.31 -22.47 -28.22
CA LYS D 353 61.35 -22.18 -27.24
C LYS D 353 61.82 -20.74 -27.38
N GLU D 354 62.32 -20.42 -28.55
CA GLU D 354 62.95 -19.12 -28.78
C GLU D 354 61.92 -18.00 -28.75
N ARG D 355 60.64 -18.30 -28.79
CA ARG D 355 59.63 -17.27 -28.82
C ARG D 355 58.79 -17.21 -27.54
N GLU D 360 58.60 -18.37 -26.95
CA GLU D 360 57.93 -18.50 -25.66
C GLU D 360 56.58 -17.83 -25.57
N PRO D 361 55.84 -17.86 -26.66
CA PRO D 361 54.43 -17.49 -26.67
C PRO D 361 53.69 -18.57 -27.42
N MET D 362 53.48 -19.71 -26.79
CA MET D 362 52.92 -20.86 -27.46
C MET D 362 52.98 -22.13 -26.64
N ARG D 363 52.87 -23.27 -27.32
CA ARG D 363 52.86 -24.56 -26.67
C ARG D 363 53.22 -25.24 -27.98
N ALA D 364 54.17 -26.16 -27.92
CA ALA D 364 54.58 -26.85 -29.14
C ALA D 364 54.12 -28.10 -28.42
N ILE D 365 53.20 -28.85 -29.02
CA ILE D 365 52.67 -30.07 -28.43
C ILE D 365 53.14 -31.01 -29.55
N VAL D 366 53.54 -32.22 -29.15
CA VAL D 366 54.22 -33.14 -30.05
C VAL D 366 53.93 -34.59 -29.72
N GLY D 367 53.85 -35.43 -30.75
CA GLY D 367 53.49 -36.83 -30.60
C GLY D 367 54.51 -37.84 -31.18
N GLY D 368 54.51 -39.07 -30.65
CA GLY D 368 55.53 -40.08 -30.96
C GLY D 368 55.43 -40.56 -32.38
N GLY D 369 56.49 -41.20 -32.89
CA GLY D 369 56.51 -41.73 -34.25
C GLY D 369 55.71 -43.01 -34.35
N PHE D 370 52.55 -53.28 -25.96
CA PHE D 370 53.00 -52.26 -25.02
C PHE D 370 54.35 -52.57 -24.37
N ASN D 371 54.61 -53.85 -24.11
CA ASN D 371 55.89 -54.27 -23.55
C ASN D 371 57.03 -53.57 -24.26
N GLU D 372 57.25 -53.93 -25.52
CA GLU D 372 58.24 -53.25 -26.34
C GLU D 372 57.92 -51.77 -26.42
N SER D 373 56.64 -51.46 -26.59
CA SER D 373 56.20 -50.11 -26.84
C SER D 373 56.91 -49.07 -25.97
N LYS D 374 56.76 -49.20 -24.68
CA LYS D 374 57.30 -48.21 -23.76
C LYS D 374 58.82 -48.14 -23.85
N GLU D 375 59.47 -49.29 -23.84
CA GLU D 375 60.91 -49.34 -24.01
C GLU D 375 61.30 -48.36 -25.10
N GLN D 376 60.66 -48.50 -26.24
CA GLN D 376 60.92 -47.64 -27.38
C GLN D 376 60.78 -46.18 -27.04
N LEU D 377 59.60 -45.81 -26.54
CA LEU D 377 59.30 -44.43 -26.22
C LEU D 377 60.38 -43.79 -25.34
N PHE D 378 60.81 -44.50 -24.30
CA PHE D 378 61.76 -43.95 -23.35
C PHE D 378 63.14 -43.83 -23.96
N GLY D 379 63.55 -44.84 -24.71
CA GLY D 379 64.78 -44.75 -25.47
C GLY D 379 64.80 -43.50 -26.32
N ARG D 380 63.70 -43.27 -27.03
CA ARG D 380 63.59 -42.14 -27.94
C ARG D 380 63.68 -40.81 -27.22
N GLN D 381 63.13 -40.76 -26.02
CA GLN D 381 63.12 -39.54 -25.23
C GLN D 381 64.49 -39.22 -24.63
N ALA D 382 65.42 -40.14 -24.81
CA ALA D 382 66.81 -39.95 -24.37
C ALA D 382 67.85 -40.17 -25.47
N SER D 383 68.02 -41.42 -25.88
CA SER D 383 69.01 -41.76 -26.88
C SER D 383 69.14 -43.27 -26.84
N LEU D 384 65.52 -36.06 -27.66
CA LEU D 384 66.08 -35.73 -26.36
C LEU D 384 66.23 -34.24 -26.12
N SER D 385 65.10 -33.56 -25.98
CA SER D 385 65.07 -32.15 -25.65
C SER D 385 64.23 -31.98 -24.42
N ASN D 386 64.19 -30.78 -23.86
CA ASN D 386 63.45 -30.57 -22.63
C ASN D 386 62.90 -29.17 -22.45
N PRO D 387 61.81 -28.86 -23.14
CA PRO D 387 61.20 -27.56 -23.02
C PRO D 387 59.95 -27.58 -22.16
N ARG D 388 59.77 -26.48 -21.44
CA ARG D 388 58.60 -26.29 -20.62
C ARG D 388 57.47 -25.97 -21.55
N VAL D 389 57.84 -25.73 -22.81
CA VAL D 389 56.89 -25.47 -23.87
C VAL D 389 56.66 -26.73 -24.68
N SER D 390 57.49 -27.72 -24.43
CA SER D 390 57.38 -28.99 -25.13
C SER D 390 56.38 -29.86 -24.42
N LEU D 391 55.35 -30.26 -25.12
CA LEU D 391 54.35 -31.16 -24.57
C LEU D 391 54.47 -32.25 -25.66
N VAL D 392 54.91 -33.44 -25.25
CA VAL D 392 54.87 -34.60 -26.11
C VAL D 392 53.63 -35.43 -25.88
N ALA D 393 53.49 -36.50 -26.66
CA ALA D 393 52.19 -36.91 -27.15
C ALA D 393 52.18 -38.38 -27.56
N ASN D 394 51.35 -39.16 -26.90
CA ASN D 394 51.81 -40.20 -26.02
C ASN D 394 51.42 -41.59 -26.49
N SER D 395 50.37 -41.65 -27.30
CA SER D 395 50.29 -42.66 -28.34
C SER D 395 49.86 -42.07 -29.67
N GLY D 396 49.11 -42.85 -30.44
CA GLY D 396 48.71 -42.43 -31.78
C GLY D 396 47.33 -42.97 -32.12
N THR D 397 46.47 -42.09 -32.63
CA THR D 397 45.04 -42.34 -32.63
C THR D 397 44.62 -43.10 -33.88
N PHE D 398 43.52 -43.85 -33.77
CA PHE D 398 43.02 -44.62 -34.89
C PHE D 398 41.66 -44.08 -35.31
N VAL D 399 41.64 -43.20 -36.29
CA VAL D 399 40.42 -42.52 -36.72
C VAL D 399 39.80 -43.19 -37.93
N MET D 400 38.66 -42.69 -38.37
CA MET D 400 38.09 -43.13 -39.62
C MET D 400 38.14 -41.97 -40.59
N ASP D 401 38.46 -42.28 -41.84
CA ASP D 401 38.70 -41.24 -42.84
C ASP D 401 37.54 -41.11 -43.79
N ASP D 402 36.59 -40.26 -43.45
CA ASP D 402 35.37 -40.14 -44.22
C ASP D 402 35.63 -39.91 -45.70
N GLY D 403 36.84 -39.50 -46.05
CA GLY D 403 37.16 -39.18 -47.42
C GLY D 403 37.58 -40.39 -48.22
N ARG D 404 38.70 -41.00 -47.87
CA ARG D 404 39.11 -42.22 -48.54
C ARG D 404 38.23 -43.37 -48.12
N ASN D 406 37.47 -43.14 -47.04
CA ASN D 406 36.61 -44.16 -46.47
C ASN D 406 37.41 -45.31 -45.90
N HIS D 407 38.40 -44.98 -45.09
CA HIS D 407 39.24 -46.00 -44.50
C HIS D 407 39.63 -45.65 -43.08
N VAL D 408 39.86 -46.67 -42.26
CA VAL D 408 40.36 -46.48 -40.91
C VAL D 408 41.86 -46.27 -40.95
N PRO D 409 42.34 -45.31 -40.17
CA PRO D 409 43.68 -44.80 -40.35
C PRO D 409 44.28 -44.34 -39.03
N ALA D 410 45.57 -44.55 -38.85
CA ALA D 410 46.27 -44.03 -37.68
C ALA D 410 46.72 -42.60 -37.90
N TYR D 411 46.40 -41.71 -36.97
CA TYR D 411 46.84 -40.34 -37.07
C TYR D 411 47.47 -39.84 -35.78
N MET D 412 48.42 -38.92 -35.89
CA MET D 412 49.07 -38.34 -34.73
C MET D 412 48.04 -37.73 -33.80
N VAL D 413 48.11 -38.05 -32.52
CA VAL D 413 47.11 -37.61 -31.57
C VAL D 413 47.29 -36.15 -31.20
N ALA D 414 48.53 -35.68 -31.23
CA ALA D 414 48.83 -34.30 -30.88
C ALA D 414 47.88 -33.31 -31.53
N VAL D 415 47.76 -33.42 -32.85
CA VAL D 415 46.85 -32.57 -33.61
C VAL D 415 45.54 -32.37 -32.88
N ALA D 416 45.08 -33.42 -32.23
CA ALA D 416 43.80 -33.40 -31.57
C ALA D 416 43.84 -32.66 -30.24
N LEU D 417 44.69 -33.12 -29.32
CA LEU D 417 44.79 -32.53 -27.99
C LEU D 417 44.96 -31.01 -28.06
N GLY D 418 45.57 -30.53 -29.14
CA GLY D 418 45.80 -29.11 -29.31
C GLY D 418 44.49 -28.35 -29.40
N GLY D 419 43.53 -28.90 -30.12
CA GLY D 419 42.21 -28.31 -30.17
C GLY D 419 41.55 -28.48 -28.83
N LEU D 420 41.87 -29.59 -28.18
CA LEU D 420 41.34 -29.89 -26.88
C LEU D 420 41.85 -28.88 -25.85
N ALA D 421 42.82 -28.07 -26.27
CA ALA D 421 43.32 -27.01 -25.42
C ALA D 421 42.62 -25.69 -25.70
N SER D 422 42.47 -25.37 -26.99
CA SER D 422 41.77 -24.16 -27.41
C SER D 422 40.47 -24.14 -26.66
N GLY D 423 40.00 -25.33 -26.35
CA GLY D 423 38.84 -25.54 -25.55
C GLY D 423 39.20 -25.24 -24.10
N LEU D 424 39.29 -26.31 -23.33
CA LEU D 424 39.46 -26.25 -21.87
C LEU D 424 40.41 -25.15 -21.43
N GLU D 425 39.93 -24.34 -20.49
CA GLU D 425 40.64 -23.16 -20.01
C GLU D 425 41.29 -22.41 -21.14
N ILE D 426 42.36 -21.69 -20.84
CA ILE D 426 43.07 -21.02 -21.91
C ILE D 426 44.43 -21.61 -22.27
N GLY D 427 44.90 -21.18 -23.43
CA GLY D 427 45.89 -21.94 -24.17
C GLY D 427 47.25 -21.27 -24.20
N GLU D 428 42.49 -35.24 -21.20
CA GLU D 428 42.04 -34.00 -20.57
C GLU D 428 40.54 -33.80 -20.76
N SER D 429 39.83 -34.89 -20.95
CA SER D 429 38.45 -34.86 -21.36
C SER D 429 38.39 -35.58 -22.68
N ILE D 430 37.62 -36.66 -22.74
CA ILE D 430 37.73 -37.59 -23.85
C ILE D 430 37.79 -36.90 -25.21
N THR D 431 38.45 -37.56 -26.15
CA THR D 431 38.59 -37.05 -27.50
C THR D 431 37.46 -37.57 -28.34
N PHE D 432 37.16 -36.84 -29.40
CA PHE D 432 35.92 -37.03 -30.13
C PHE D 432 35.83 -38.31 -30.94
N LYS D 433 36.62 -38.40 -31.99
CA LYS D 433 36.36 -39.36 -33.03
C LYS D 433 37.28 -40.55 -33.03
N PRO D 434 38.00 -40.72 -31.94
CA PRO D 434 38.83 -41.91 -31.78
C PRO D 434 37.96 -43.14 -31.90
N LEU D 435 38.58 -44.26 -32.23
CA LEU D 435 37.85 -45.51 -32.31
C LEU D 435 38.76 -46.61 -31.83
N ARG D 436 39.89 -46.21 -31.27
CA ARG D 436 40.93 -47.13 -30.91
C ARG D 436 42.17 -46.29 -30.65
N VAL D 437 42.90 -46.62 -29.60
CA VAL D 437 44.18 -45.99 -29.37
C VAL D 437 45.33 -47.03 -29.33
N SER D 438 46.51 -46.61 -29.72
CA SER D 438 47.61 -47.54 -29.82
C SER D 438 47.80 -48.28 -28.50
N TYR D 444 47.62 -47.56 -27.40
CA TYR D 444 47.69 -48.18 -26.09
C TYR D 444 46.56 -47.67 -25.20
N GLU D 445 46.06 -48.55 -24.32
CA GLU D 445 44.96 -48.20 -23.46
C GLU D 445 44.92 -49.10 -22.23
N SER D 446 49.98 -49.31 -14.84
CA SER D 446 50.00 -48.26 -13.86
C SER D 446 51.39 -47.76 -13.69
N ILE D 447 52.37 -48.67 -13.63
CA ILE D 447 53.71 -48.23 -13.42
C ILE D 447 54.13 -47.39 -14.58
N ASP D 448 53.77 -47.83 -15.79
CA ASP D 448 54.16 -47.13 -16.98
C ASP D 448 53.48 -45.79 -16.97
N LEU D 449 52.21 -45.75 -16.58
CA LEU D 449 51.47 -44.53 -16.57
C LEU D 449 52.13 -43.56 -15.66
N ASP D 450 52.49 -44.01 -14.44
CA ASP D 450 53.09 -43.07 -13.54
C ASP D 450 54.38 -42.62 -14.16
N GLU D 451 55.05 -43.56 -14.86
CA GLU D 451 56.30 -43.25 -15.48
C GLU D 451 56.09 -42.22 -16.53
N LEU D 452 55.01 -42.35 -17.33
CA LEU D 452 54.78 -41.43 -18.40
C LEU D 452 54.52 -40.06 -17.83
N ASN D 453 53.70 -39.98 -16.78
CA ASN D 453 53.51 -38.77 -16.03
C ASN D 453 54.87 -38.50 -15.50
N GLU D 454 55.23 -37.30 -15.06
CA GLU D 454 56.55 -37.08 -14.52
C GLU D 454 57.49 -36.90 -15.67
N ASN D 455 57.36 -37.77 -16.69
CA ASN D 455 58.05 -37.69 -17.94
C ASN D 455 57.46 -36.51 -18.59
N GLY D 456 56.28 -36.10 -18.10
CA GLY D 456 55.53 -35.02 -18.69
C GLY D 456 55.08 -35.43 -20.04
N ILE D 457 54.46 -36.61 -20.12
CA ILE D 457 53.92 -37.02 -21.36
C ILE D 457 52.45 -37.18 -21.21
N ILE D 458 51.67 -36.90 -22.28
CA ILE D 458 50.23 -36.98 -22.23
C ILE D 458 49.78 -38.33 -22.66
N SER D 459 49.23 -39.06 -21.72
CA SER D 459 48.76 -40.39 -21.97
C SER D 459 47.30 -40.46 -22.24
N ILE D 460 46.85 -41.57 -22.83
CA ILE D 460 45.45 -41.80 -22.99
C ILE D 460 45.22 -43.17 -22.44
N GLU D 461 44.22 -43.34 -21.57
CA GLU D 461 43.99 -44.65 -21.06
C GLU D 461 42.56 -45.00 -21.26
N PHE D 462 42.27 -46.29 -21.36
CA PHE D 462 40.91 -46.68 -21.57
C PHE D 462 40.51 -47.48 -20.39
N VAL D 463 39.37 -47.12 -19.77
CA VAL D 463 38.96 -47.88 -18.64
C VAL D 463 37.52 -48.26 -18.84
N ARG D 464 37.25 -49.56 -18.84
CA ARG D 464 35.90 -50.02 -18.92
C ARG D 464 35.30 -49.49 -20.18
N ASN D 465 36.14 -49.24 -21.19
CA ASN D 465 35.62 -48.73 -22.42
C ASN D 465 35.74 -47.25 -22.34
N ARG D 466 35.81 -46.59 -23.52
CA ARG D 466 35.95 -45.17 -23.59
C ARG D 466 37.29 -44.81 -23.05
N THR D 467 38.07 -44.07 -23.84
CA THR D 467 39.38 -43.69 -23.41
C THR D 467 39.31 -42.26 -23.00
N ASN D 468 40.13 -41.88 -22.00
CA ASN D 468 40.13 -40.53 -21.53
C ASN D 468 41.54 -40.10 -21.32
N THR D 469 41.76 -38.78 -21.22
CA THR D 469 43.08 -38.28 -21.05
C THR D 469 43.51 -38.50 -19.63
N PHE D 470 44.66 -39.14 -19.44
CA PHE D 470 45.14 -39.40 -18.12
C PHE D 470 45.48 -38.13 -17.45
N PHE D 471 46.27 -37.28 -18.12
CA PHE D 471 46.73 -36.11 -17.45
C PHE D 471 46.69 -34.96 -18.39
N MET D 491 52.60 -29.42 -14.45
CA MET D 491 51.39 -28.85 -14.96
C MET D 491 51.55 -27.68 -15.87
N ALA D 492 47.31 -25.39 -19.51
CA ALA D 492 46.28 -24.71 -18.81
C ALA D 492 46.88 -23.87 -17.73
N VAL D 493 47.78 -24.44 -16.93
CA VAL D 493 48.37 -23.71 -15.85
C VAL D 493 49.18 -22.59 -16.42
N GLY D 494 49.87 -22.85 -17.54
CA GLY D 494 50.74 -21.89 -18.17
C GLY D 494 49.97 -20.71 -18.62
N GLU D 495 48.81 -20.92 -19.26
CA GLU D 495 48.09 -19.84 -19.83
C GLU D 495 47.69 -18.89 -18.76
N ALA D 496 47.34 -19.42 -17.57
CA ALA D 496 46.96 -18.55 -16.52
C ALA D 496 48.13 -17.67 -16.24
N ASN D 497 49.31 -18.27 -16.03
CA ASN D 497 50.43 -17.48 -15.68
C ASN D 497 50.87 -16.56 -16.76
N ASP D 498 50.91 -17.04 -18.01
CA ASP D 498 51.39 -16.19 -19.05
C ASP D 498 50.51 -14.99 -19.14
N PHE D 499 49.19 -15.20 -19.05
CA PHE D 499 48.30 -14.08 -19.19
C PHE D 499 48.55 -13.10 -18.10
N LEU D 500 48.70 -13.59 -16.86
CA LEU D 500 48.85 -12.64 -15.80
C LEU D 500 50.09 -11.84 -16.01
N VAL D 501 51.21 -12.50 -16.34
CA VAL D 501 52.44 -11.79 -16.47
C VAL D 501 52.33 -10.77 -17.55
N SER D 502 51.69 -11.11 -18.68
CA SER D 502 51.65 -10.17 -19.74
C SER D 502 50.88 -8.95 -19.32
N GLU D 503 49.73 -9.16 -18.66
CA GLU D 503 48.92 -8.06 -18.28
C GLU D 503 49.62 -7.21 -17.26
N LEU D 504 50.36 -7.84 -16.33
CA LEU D 504 50.94 -7.06 -15.28
C LEU D 504 51.91 -6.08 -15.84
N LYS D 505 52.72 -6.49 -16.83
CA LYS D 505 53.74 -5.68 -17.39
C LYS D 505 53.18 -4.47 -18.06
N VAL D 506 52.03 -4.62 -18.74
CA VAL D 506 51.47 -3.53 -19.49
C VAL D 506 51.15 -2.41 -18.57
N GLN D 507 50.80 -2.72 -17.32
CA GLN D 507 50.43 -1.74 -16.34
C GLN D 507 51.60 -0.85 -16.07
N LEU D 508 52.77 -1.13 -16.66
CA LEU D 508 53.98 -0.38 -16.46
C LEU D 508 53.80 1.02 -16.93
N GLU D 509 52.84 1.26 -17.83
CA GLU D 509 52.69 2.58 -18.36
C GLU D 509 52.41 3.50 -17.21
N GLN D 511 51.71 2.98 -16.20
CA GLN D 511 51.28 3.74 -15.06
C GLN D 511 52.48 4.26 -14.33
N PHE D 512 53.59 3.50 -14.29
CA PHE D 512 54.73 3.90 -13.51
C PHE D 512 55.21 5.23 -13.98
N ILE D 513 55.25 5.45 -15.29
CA ILE D 513 55.77 6.68 -15.78
C ILE D 513 54.94 7.78 -15.24
N GLY D 514 53.64 7.52 -15.07
CA GLY D 514 52.71 8.54 -14.68
C GLY D 514 53.12 9.09 -13.33
N THR D 515 53.41 8.24 -12.34
CA THR D 515 53.70 8.80 -11.05
C THR D 515 55.04 8.40 -10.55
N ARG D 516 55.42 8.99 -9.41
CA ARG D 516 56.67 8.76 -8.73
C ARG D 516 56.53 7.51 -7.92
N THR D 517 57.65 7.04 -7.32
CA THR D 517 57.66 5.85 -6.55
C THR D 517 57.82 6.21 -5.10
N ILE D 518 56.98 5.65 -4.23
CA ILE D 518 57.03 5.90 -2.83
C ILE D 518 56.43 4.73 -2.13
N ASN D 519 56.27 4.82 -0.79
CA ASN D 519 55.67 3.76 -0.06
C ASN D 519 54.28 3.64 -0.57
N THR D 520 53.64 4.79 -0.80
CA THR D 520 52.30 4.85 -1.27
C THR D 520 52.23 4.21 -2.62
N SER D 521 53.28 4.40 -3.45
CA SER D 521 53.25 3.86 -4.77
C SER D 521 53.24 2.38 -4.67
N ALA D 522 53.78 1.84 -3.57
CA ALA D 522 53.71 0.44 -3.33
C ALA D 522 52.26 0.13 -3.31
N SER D 523 51.49 0.91 -2.53
CA SER D 523 50.07 0.75 -2.54
C SER D 523 49.67 1.35 -3.84
N ILE D 524 48.39 1.38 -4.21
CA ILE D 524 48.08 1.95 -5.49
C ILE D 524 48.46 0.96 -6.54
N ILE D 525 49.76 0.85 -6.89
CA ILE D 525 50.12 -0.11 -7.89
C ILE D 525 49.70 -1.44 -7.36
N LYS D 526 50.03 -1.70 -6.09
CA LYS D 526 49.71 -2.94 -5.46
C LYS D 526 48.24 -3.10 -5.47
N ASP D 527 47.50 -2.05 -5.12
CA ASP D 527 46.08 -2.20 -5.07
C ASP D 527 45.58 -2.49 -6.44
N PHE D 528 46.13 -1.83 -7.47
CA PHE D 528 45.63 -2.02 -8.80
C PHE D 528 45.83 -3.43 -9.24
N ILE D 529 47.05 -3.96 -9.08
CA ILE D 529 47.31 -5.29 -9.53
C ILE D 529 46.51 -6.24 -8.70
N GLN D 530 46.40 -5.94 -7.40
CA GLN D 530 45.71 -6.83 -6.52
C GLN D 530 44.29 -6.95 -6.96
N SER D 531 43.70 -5.83 -7.39
CA SER D 531 42.32 -5.88 -7.78
C SER D 531 42.23 -6.81 -8.94
N TYR D 532 43.21 -6.74 -9.86
CA TYR D 532 43.16 -7.59 -11.01
C TYR D 532 43.28 -9.01 -10.57
N LEU D 533 44.23 -9.31 -9.69
CA LEU D 533 44.45 -10.66 -9.26
C LEU D 533 43.26 -11.18 -8.55
N GLY D 534 42.65 -10.35 -7.68
CA GLY D 534 41.55 -10.82 -6.90
C GLY D 534 40.43 -11.18 -7.82
N ARG D 535 40.25 -10.38 -8.88
CA ARG D 535 39.18 -10.62 -9.80
C ARG D 535 39.36 -11.99 -10.37
N LYS D 536 40.62 -12.36 -10.67
CA LYS D 536 40.87 -13.63 -11.27
C LYS D 536 40.42 -14.70 -10.32
N LYS D 537 40.64 -14.48 -9.03
CA LYS D 537 40.28 -15.49 -8.06
C LYS D 537 38.78 -15.62 -8.00
N ARG D 538 38.07 -14.47 -7.95
CA ARG D 538 36.64 -14.50 -7.78
C ARG D 538 36.02 -15.19 -8.95
N ASP D 539 36.46 -14.86 -10.16
CA ASP D 539 35.89 -15.44 -11.33
C ASP D 539 36.21 -16.89 -11.25
N ASN D 540 37.40 -17.18 -10.73
CA ASN D 540 37.84 -18.52 -10.70
C ASN D 540 38.95 -18.57 -11.68
N GLU D 541 39.98 -19.33 -11.38
CA GLU D 541 41.10 -19.31 -12.24
C GLU D 541 42.30 -19.21 -11.37
N ILE D 542 42.17 -18.49 -10.26
CA ILE D 542 43.25 -18.46 -9.32
C ILE D 542 42.63 -18.76 -8.00
N GLN D 543 43.34 -19.50 -7.14
CA GLN D 543 42.77 -19.84 -5.87
C GLN D 543 43.79 -19.58 -4.82
N ASP D 544 43.32 -19.47 -3.56
CA ASP D 544 44.17 -19.25 -2.43
C ASP D 544 45.11 -18.13 -2.71
N PHE D 545 44.57 -16.96 -3.05
CA PHE D 545 45.43 -15.84 -3.30
C PHE D 545 45.41 -15.00 -2.08
N PRO D 546 52.12 -10.49 -2.95
CA PRO D 546 52.19 -9.27 -3.69
C PRO D 546 53.60 -8.74 -3.66
N ALA D 547 53.81 -7.45 -3.96
CA ALA D 547 55.15 -6.94 -4.17
C ALA D 547 55.68 -5.97 -3.18
N GLU D 548 57.00 -6.14 -2.91
CA GLU D 548 57.84 -5.26 -2.16
C GLU D 548 59.20 -5.48 -2.74
N ASP D 549 59.70 -4.55 -3.59
CA ASP D 549 60.95 -4.83 -4.22
C ASP D 549 62.04 -4.85 -3.21
N VAL D 550 62.06 -3.83 -2.34
CA VAL D 550 63.12 -3.80 -1.40
C VAL D 550 62.82 -4.88 -0.44
N GLN D 551 63.80 -5.25 0.29
CA GLN D 551 63.57 -6.26 1.27
C GLN D 551 62.72 -5.62 2.29
N VAL D 552 61.95 -6.40 3.07
CA VAL D 552 61.11 -5.74 4.01
C VAL D 552 61.99 -5.00 4.96
N ILE D 553 62.03 -3.67 4.79
CA ILE D 553 62.84 -2.82 5.61
C ILE D 553 62.31 -1.45 5.39
N VAL D 554 62.89 -0.47 6.09
CA VAL D 554 62.47 0.87 5.90
C VAL D 554 62.81 1.23 4.50
N GLU D 555 64.00 0.79 4.04
CA GLU D 555 64.48 1.10 2.73
C GLU D 555 63.61 0.40 1.73
N GLY D 556 63.53 0.99 0.53
CA GLY D 556 62.74 0.48 -0.54
C GLY D 556 63.41 0.88 -1.82
N ASN D 557 62.93 0.34 -2.95
CA ASN D 557 63.49 0.65 -4.22
C ASN D 557 62.35 0.73 -5.19
N GLU D 558 62.63 0.64 -6.50
CA GLU D 558 61.59 0.69 -7.46
C GLU D 558 60.80 -0.56 -7.31
N ALA D 559 59.58 -0.60 -7.87
CA ALA D 559 58.78 -1.76 -7.64
C ALA D 559 58.88 -2.70 -8.78
N ARG D 560 58.98 -3.98 -8.43
CA ARG D 560 58.92 -5.01 -9.42
C ARG D 560 57.73 -5.79 -9.00
N ILE D 561 56.96 -6.33 -9.94
CA ILE D 561 55.82 -7.05 -9.46
C ILE D 561 56.18 -8.48 -9.37
N SER D 562 56.18 -9.02 -8.15
CA SER D 562 56.44 -10.41 -7.98
C SER D 562 55.21 -10.95 -7.37
N MET D 563 54.75 -12.09 -7.87
CA MET D 563 53.55 -12.62 -7.31
C MET D 563 53.66 -14.08 -7.26
N THR D 564 52.97 -14.68 -6.28
CA THR D 564 52.93 -16.09 -6.19
C THR D 564 51.51 -16.42 -6.47
N VAL D 565 51.23 -17.06 -7.61
CA VAL D 565 49.87 -17.31 -7.92
C VAL D 565 49.70 -18.76 -8.14
N TYR D 566 48.48 -19.29 -7.89
CA TYR D 566 48.26 -20.69 -8.05
C TYR D 566 47.09 -20.85 -8.99
N PRO D 567 47.27 -21.66 -9.99
CA PRO D 567 46.21 -21.90 -10.93
C PRO D 567 45.22 -22.74 -10.22
N ILE D 568 43.94 -22.68 -10.62
CA ILE D 568 42.96 -23.35 -9.82
C ILE D 568 43.25 -24.80 -9.67
N ARG D 569 43.52 -25.52 -10.78
CA ARG D 569 43.71 -26.92 -10.60
C ARG D 569 45.16 -27.24 -10.58
N SER D 570 45.79 -27.07 -9.41
CA SER D 570 47.15 -27.46 -9.25
C SER D 570 47.54 -27.04 -7.88
N PHE D 571 48.07 -27.97 -7.06
CA PHE D 571 48.41 -27.53 -5.75
C PHE D 571 49.84 -27.12 -5.77
N LYS D 572 50.08 -25.91 -6.32
CA LYS D 572 51.41 -25.40 -6.36
C LYS D 572 51.29 -23.94 -6.62
N LYS D 573 52.13 -23.13 -5.97
CA LYS D 573 52.11 -21.73 -6.17
C LYS D 573 53.34 -21.45 -6.95
N ILE D 574 53.24 -20.63 -8.02
CA ILE D 574 54.42 -20.40 -8.76
C ILE D 574 54.83 -19.00 -8.53
N SER D 575 56.15 -18.75 -8.51
CA SER D 575 56.62 -17.44 -8.24
C SER D 575 57.01 -16.82 -9.53
N VAL D 576 56.41 -15.64 -9.82
CA VAL D 576 56.78 -14.97 -11.03
C VAL D 576 57.16 -13.59 -10.65
N SER D 577 58.23 -13.07 -11.28
CA SER D 577 58.64 -11.74 -10.97
C SER D 577 58.72 -10.98 -12.26
N LEU D 578 58.12 -9.79 -12.29
CA LEU D 578 58.24 -8.95 -13.44
C LEU D 578 58.84 -7.72 -12.87
N VAL D 579 59.72 -7.00 -13.61
CA VAL D 579 60.31 -5.91 -12.91
C VAL D 579 60.13 -4.65 -13.67
N SER E 31 4.48 14.03 -47.99
CA SER E 31 3.50 12.95 -47.99
C SER E 31 3.91 11.50 -48.22
N SER E 32 7.29 12.17 -48.56
CA SER E 32 8.06 13.05 -49.42
C SER E 32 7.28 13.42 -50.68
N GLU E 33 6.06 13.61 -50.63
CA GLU E 33 5.27 14.29 -51.63
C GLU E 33 5.42 13.74 -53.04
N LYS E 34 5.10 12.46 -53.20
CA LYS E 34 5.26 11.81 -54.48
C LYS E 34 4.36 12.45 -55.49
N VAL E 35 4.80 13.58 -56.05
CA VAL E 35 3.99 14.31 -57.01
C VAL E 35 4.54 13.81 -58.32
N PHE E 36 3.71 13.13 -59.10
CA PHE E 36 4.14 12.70 -60.42
C PHE E 36 3.88 13.80 -61.42
N CYS E 37 4.28 13.58 -62.65
CA CYS E 37 4.05 14.53 -63.72
C CYS E 37 3.99 13.77 -65.02
N LEU E 38 2.93 14.02 -65.78
CA LEU E 38 2.68 13.28 -67.00
C LEU E 38 2.12 14.20 -68.06
N ILE E 39 2.60 14.03 -69.27
CA ILE E 39 2.08 14.79 -70.38
C ILE E 39 1.95 13.88 -71.58
N GLY E 40 0.82 13.98 -72.25
CA GLY E 40 0.58 13.14 -73.41
C GLY E 40 -0.80 13.35 -74.01
N GLN E 41 -1.10 12.55 -75.01
CA GLN E 41 -2.32 12.70 -75.77
C GLN E 41 -3.50 12.01 -75.08
N ALA E 42 -4.62 12.70 -75.01
CA ALA E 42 -5.81 12.15 -74.37
C ALA E 42 -7.09 12.35 -75.18
N GLU E 43 -8.11 11.61 -74.82
CA GLU E 43 -9.38 11.62 -75.53
C GLU E 43 -10.15 12.88 -75.18
N GLY E 44 -9.73 13.55 -74.13
CA GLY E 44 -10.51 14.65 -73.56
C GLY E 44 -9.63 15.67 -72.85
N GLY E 45 -9.86 16.94 -73.13
CA GLY E 45 -9.09 18.02 -72.53
C GLY E 45 -9.40 18.10 -71.05
N GLU E 46 -8.84 19.08 -70.34
CA GLU E 46 -8.19 20.31 -70.74
C GLU E 46 -6.95 20.13 -71.58
N PRO E 47 -6.81 21.00 -72.57
CA PRO E 47 -5.62 21.04 -73.39
C PRO E 47 -4.64 22.05 -72.81
N ASN E 48 -3.39 21.64 -72.71
CA ASN E 48 -2.35 22.52 -72.21
C ASN E 48 -2.75 23.18 -70.91
N THR E 49 -3.13 22.35 -69.94
CA THR E 49 -3.42 22.83 -68.60
C THR E 49 -2.91 21.83 -67.60
N VAL E 50 -2.31 22.32 -66.52
CA VAL E 50 -1.81 21.45 -65.48
C VAL E 50 -2.93 21.02 -64.55
N TYR E 51 -3.96 20.41 -65.11
CA TYR E 51 -5.02 19.86 -64.29
C TYR E 51 -4.48 18.72 -63.46
N GLU E 52 -4.82 18.70 -62.18
CA GLU E 52 -4.36 17.63 -61.31
C GLU E 52 -5.38 16.49 -61.25
N LEU E 53 -4.87 15.29 -61.03
CA LEU E 53 -5.70 14.09 -61.02
C LEU E 53 -5.34 13.22 -59.83
N ARG E 54 -6.35 12.64 -59.18
CA ARG E 54 -6.10 11.84 -57.99
C ARG E 54 -6.65 10.42 -58.06
N ASN E 55 -7.82 10.27 -58.68
CA ASN E 55 -8.43 8.96 -58.82
C ASN E 55 -8.29 8.43 -60.23
N TYR E 56 -8.65 7.17 -60.42
CA TYR E 56 -8.76 6.62 -61.77
C TYR E 56 -10.06 7.10 -62.34
N SER E 57 -11.15 6.81 -61.62
CA SER E 57 -12.48 7.21 -62.02
C SER E 57 -12.58 8.72 -62.13
N GLN E 58 -11.53 9.40 -61.71
CA GLN E 58 -11.48 10.86 -61.77
C GLN E 58 -10.66 11.34 -62.95
N ALA E 59 -9.81 10.48 -63.49
CA ALA E 59 -9.11 10.85 -64.70
C ALA E 59 -9.94 10.46 -65.90
N LYS E 60 -10.65 9.34 -65.80
CA LYS E 60 -11.58 8.96 -66.85
C LYS E 60 -12.61 10.07 -67.02
N ARG E 61 -13.19 10.46 -65.91
CA ARG E 61 -14.09 11.61 -65.91
C ARG E 61 -13.52 12.75 -66.75
N LEU E 62 -12.20 12.91 -66.71
CA LEU E 62 -11.58 14.13 -67.23
C LEU E 62 -10.79 13.93 -68.51
N PHE E 63 -10.17 12.78 -68.69
CA PHE E 63 -9.42 12.52 -69.90
C PHE E 63 -9.68 11.09 -70.30
N ARG E 64 -10.90 10.65 -70.05
CA ARG E 64 -11.24 9.26 -69.92
C ARG E 64 -11.18 7.78 -70.20
N SER E 65 -11.27 7.47 -71.48
CA SER E 65 -11.09 6.13 -72.00
C SER E 65 -9.84 6.18 -72.84
N GLY E 66 -9.19 5.04 -73.03
CA GLY E 66 -7.97 4.97 -73.81
C GLY E 66 -8.26 4.61 -75.26
N GLU E 67 -8.06 5.54 -76.19
CA GLU E 67 -8.21 5.22 -77.59
C GLU E 67 -6.91 4.60 -78.03
N LEU E 68 -6.90 3.96 -79.19
CA LEU E 68 -5.71 3.29 -79.70
C LEU E 68 -4.60 4.28 -80.04
N LEU E 69 -4.91 5.56 -79.86
CA LEU E 69 -3.98 6.63 -80.10
C LEU E 69 -3.67 7.30 -78.77
N ASP E 70 -4.41 6.90 -77.74
CA ASP E 70 -4.28 7.46 -76.42
C ASP E 70 -3.73 6.45 -75.43
N ALA E 71 -4.09 5.20 -75.63
CA ALA E 71 -3.76 4.11 -74.73
C ALA E 71 -2.60 4.36 -73.77
N ILE E 72 -1.40 4.40 -74.31
CA ILE E 72 -0.21 4.40 -73.47
C ILE E 72 -0.14 5.57 -72.50
N GLU E 73 -1.01 6.55 -72.64
CA GLU E 73 -1.01 7.68 -71.73
C GLU E 73 -2.08 7.53 -70.67
N LEU E 74 -3.21 6.98 -71.07
CA LEU E 74 -4.23 6.66 -70.10
C LEU E 74 -3.62 5.68 -69.12
N ALA E 75 -3.21 4.52 -69.63
CA ALA E 75 -2.52 3.54 -68.82
C ALA E 75 -1.46 4.20 -67.97
N TRP E 76 -0.55 4.90 -68.62
CA TRP E 76 0.55 5.55 -67.95
C TRP E 76 0.08 6.14 -66.62
N GLY E 77 -0.97 6.94 -66.70
CA GLY E 77 -1.59 7.47 -65.50
C GLY E 77 -2.24 6.36 -64.70
N SER E 78 -3.30 5.78 -65.22
CA SER E 78 -4.06 4.78 -64.49
C SER E 78 -3.19 3.88 -63.64
N ASN E 79 -2.35 3.08 -64.26
CA ASN E 79 -1.57 2.10 -63.52
C ASN E 79 -0.44 2.74 -62.72
N PRO E 80 -0.50 4.05 -62.57
CA PRO E 80 0.37 4.75 -61.64
C PRO E 80 -0.43 5.12 -60.41
N ASN E 81 -1.63 5.62 -60.61
CA ASN E 81 -2.50 5.97 -59.51
C ASN E 81 -2.67 4.78 -58.57
N TYR E 82 -2.13 3.65 -58.97
CA TYR E 82 -2.13 2.46 -58.11
C TYR E 82 -1.18 2.62 -56.94
N THR E 83 -0.09 3.35 -57.15
CA THR E 83 0.84 3.74 -56.11
C THR E 83 0.78 5.24 -55.91
N ALA E 84 -0.22 5.87 -56.54
CA ALA E 84 -0.21 7.31 -56.70
C ALA E 84 -1.14 8.09 -55.81
N GLY E 85 -0.62 9.21 -55.33
CA GLY E 85 -1.41 10.17 -54.59
C GLY E 85 -1.91 11.21 -55.57
N ARG E 86 -0.99 12.02 -56.06
CA ARG E 86 -1.33 13.09 -56.98
C ARG E 86 -0.56 12.99 -58.30
N ILE E 87 -1.24 13.29 -59.40
CA ILE E 87 -0.66 13.28 -60.71
C ILE E 87 -1.02 14.58 -61.39
N LEU E 88 -0.04 15.26 -61.95
CA LEU E 88 -0.34 16.46 -62.68
C LEU E 88 -0.15 16.14 -64.14
N ALA E 89 -1.19 16.40 -64.96
CA ALA E 89 -1.14 16.09 -66.38
C ALA E 89 -1.31 17.30 -67.26
N MET E 90 -0.93 17.16 -68.52
CA MET E 90 -1.12 18.21 -69.50
C MET E 90 -1.45 17.55 -70.83
N ARG E 91 -2.66 17.78 -71.34
CA ARG E 91 -3.05 17.14 -72.58
C ARG E 91 -2.42 17.81 -73.79
N ILE E 92 -1.79 17.01 -74.63
CA ILE E 92 -1.24 17.51 -75.87
C ILE E 92 -2.28 17.47 -76.97
N GLU E 93 -2.62 18.63 -77.48
CA GLU E 93 -3.55 18.78 -78.58
C GLU E 93 -2.78 19.33 -79.75
N LEU E 105 -18.82 34.30 -78.77
CA LEU E 105 -17.44 34.46 -78.52
C LEU E 105 -16.94 33.29 -77.76
N LYS E 106 -16.03 32.59 -78.32
CA LYS E 106 -15.48 31.46 -77.68
C LYS E 106 -14.67 31.88 -76.52
N ILE E 107 -15.33 32.13 -75.45
CA ILE E 107 -14.70 32.62 -74.27
C ILE E 107 -13.59 31.78 -73.83
N THR E 108 -13.75 30.51 -73.95
CA THR E 108 -12.71 29.61 -73.61
C THR E 108 -12.66 28.48 -74.53
N SER E 109 -11.68 28.48 -75.38
CA SER E 109 -11.52 27.40 -76.29
C SER E 109 -11.36 26.20 -75.50
N LYS E 110 -12.08 25.19 -75.82
CA LYS E 110 -11.93 23.98 -75.10
C LYS E 110 -10.67 23.36 -75.48
N ILE E 111 -10.60 22.09 -75.29
CA ILE E 111 -9.55 21.33 -75.82
C ILE E 111 -10.17 20.05 -76.23
N TYR E 112 -9.51 19.32 -77.05
CA TYR E 112 -9.98 18.04 -77.43
C TYR E 112 -11.36 18.02 -77.97
N GLY E 113 -11.84 19.12 -78.42
CA GLY E 113 -13.06 19.15 -79.15
C GLY E 113 -12.77 18.77 -80.54
N ASN E 114 -13.77 18.62 -81.33
CA ASN E 114 -13.58 18.27 -82.70
C ASN E 114 -14.52 19.10 -83.50
N VAL E 115 -14.61 18.80 -84.75
CA VAL E 115 -15.45 19.54 -85.62
C VAL E 115 -16.90 19.58 -85.94
N ALA E 116 -17.60 18.55 -85.65
CA ALA E 116 -18.99 18.51 -85.90
C ALA E 116 -19.53 18.16 -84.57
N ASN E 117 -18.93 18.63 -83.53
CA ASN E 117 -19.47 18.44 -82.25
C ASN E 117 -20.55 19.41 -82.20
N ASN E 118 -21.70 18.98 -81.83
CA ASN E 118 -22.85 19.79 -81.93
C ASN E 118 -23.01 20.71 -80.78
N ILE E 119 -23.61 21.81 -81.04
CA ILE E 119 -23.79 22.80 -80.07
C ILE E 119 -25.23 23.01 -79.87
N GLN E 120 -25.60 23.37 -78.69
CA GLN E 120 -26.95 23.51 -78.35
C GLN E 120 -27.21 24.79 -77.67
N VAL E 121 -28.13 25.53 -78.18
CA VAL E 121 -28.47 26.77 -77.63
C VAL E 121 -29.72 26.62 -76.88
N GLY E 122 -29.68 26.90 -75.64
CA GLY E 122 -30.80 26.74 -74.81
C GLY E 122 -31.36 28.04 -74.40
N LEU E 123 -32.64 28.07 -74.22
CA LEU E 123 -33.26 29.18 -73.67
C LEU E 123 -33.73 28.84 -72.32
N GLU E 124 -33.00 29.25 -71.35
CA GLU E 124 -33.29 28.91 -70.02
C GLU E 124 -33.40 27.45 -69.88
N LYS E 125 -32.30 26.78 -69.93
CA LYS E 125 -32.25 25.38 -69.78
C LYS E 125 -33.26 24.69 -70.60
N ASN E 126 -33.51 25.21 -71.75
CA ASN E 126 -34.47 24.65 -72.62
C ASN E 126 -33.95 24.70 -74.01
N THR E 127 -33.95 23.59 -74.65
CA THR E 127 -33.36 23.48 -75.94
C THR E 127 -34.10 24.19 -77.00
N LEU E 128 -33.42 25.02 -77.72
CA LEU E 128 -33.99 25.72 -78.82
C LEU E 128 -33.36 25.26 -80.06
N SER E 129 -32.08 25.36 -80.11
CA SER E 129 -31.35 25.00 -81.25
C SER E 129 -30.36 23.97 -80.89
N ASP E 130 -30.22 22.99 -81.70
CA ASP E 130 -29.38 21.90 -81.40
C ASP E 130 -28.61 21.47 -82.58
N SER E 131 -28.46 22.33 -83.51
CA SER E 131 -27.79 22.00 -84.70
C SER E 131 -26.55 22.77 -84.88
N LEU E 132 -26.21 23.53 -83.90
CA LEU E 132 -24.99 24.20 -83.90
C LEU E 132 -23.92 23.19 -83.89
N ARG E 133 -22.74 23.60 -84.19
CA ARG E 133 -21.67 22.69 -84.24
C ARG E 133 -20.38 23.35 -84.40
N LEU E 134 -19.45 23.00 -83.57
CA LEU E 134 -18.12 23.42 -83.70
C LEU E 134 -17.72 23.17 -85.10
N ARG E 135 -16.96 24.04 -85.65
CA ARG E 135 -16.62 23.91 -87.02
C ARG E 135 -15.19 24.11 -87.29
N VAL E 136 -14.46 24.53 -86.33
CA VAL E 136 -13.07 24.65 -86.51
C VAL E 136 -12.35 24.55 -85.24
N ILE E 137 -11.55 23.56 -85.13
CA ILE E 137 -10.71 23.40 -84.02
C ILE E 137 -9.31 23.41 -84.50
N PHE E 138 -8.39 23.48 -83.61
CA PHE E 138 -7.03 23.38 -83.97
C PHE E 138 -6.53 22.02 -83.71
N GLN E 139 -5.28 21.91 -83.43
CA GLN E 139 -4.71 20.66 -83.22
C GLN E 139 -5.05 20.11 -81.89
N ASP E 140 -5.38 20.95 -80.99
CA ASP E 140 -5.61 20.55 -79.66
C ASP E 140 -7.05 20.43 -79.36
N ASP E 141 -7.85 20.74 -80.31
CA ASP E 141 -9.25 20.70 -80.11
C ASP E 141 -9.77 21.96 -79.58
N ARG E 142 -8.93 22.92 -79.47
CA ARG E 142 -9.33 24.20 -79.05
C ARG E 142 -10.32 24.72 -80.00
N PHE E 143 -11.45 25.10 -79.51
CA PHE E 143 -12.50 25.56 -80.35
C PHE E 143 -12.19 26.86 -80.98
N ASN E 144 -12.10 26.88 -82.26
CA ASN E 144 -11.79 28.06 -82.96
C ASN E 144 -12.98 28.66 -83.61
N GLU E 145 -13.87 27.86 -84.07
CA GLU E 145 -15.01 28.36 -84.74
C GLU E 145 -16.19 27.46 -84.65
N VAL E 146 -17.32 28.02 -84.49
CA VAL E 146 -18.53 27.29 -84.46
C VAL E 146 -19.52 27.89 -85.37
N TYR E 147 -20.62 27.24 -85.54
CA TYR E 147 -21.67 27.78 -86.32
C TYR E 147 -22.99 27.40 -85.80
N ASP E 148 -23.66 28.37 -85.25
CA ASP E 148 -24.95 28.18 -84.72
C ASP E 148 -25.99 28.72 -85.61
N ASN E 149 -26.87 27.88 -86.07
CA ASN E 149 -27.95 28.31 -86.87
C ASN E 149 -28.90 29.10 -86.04
N ILE E 150 -29.45 30.13 -86.57
CA ILE E 150 -30.27 30.98 -85.80
C ILE E 150 -31.70 30.94 -86.16
N GLY E 151 -32.05 30.10 -87.06
CA GLY E 151 -33.40 30.00 -87.46
C GLY E 151 -34.27 29.86 -86.29
N ASN E 152 -34.00 28.86 -85.52
CA ASN E 152 -34.82 28.53 -84.42
C ASN E 152 -34.76 29.56 -83.37
N ILE E 153 -33.61 30.05 -83.09
CA ILE E 153 -33.45 30.90 -81.99
C ILE E 153 -34.03 32.25 -82.20
N PHE E 154 -33.81 32.84 -83.32
CA PHE E 154 -34.38 34.12 -83.54
C PHE E 154 -35.86 34.00 -83.49
N THR E 155 -36.35 32.87 -83.84
CA THR E 155 -37.72 32.61 -83.73
C THR E 155 -38.12 32.70 -82.32
N ALA E 165 -37.67 31.79 -81.53
CA ALA E 165 -37.91 31.79 -80.15
C ALA E 165 -37.67 33.13 -79.57
N THR E 166 -36.65 33.78 -80.01
CA THR E 166 -36.27 35.02 -79.47
C THR E 166 -37.26 36.07 -79.79
N PHE E 167 -37.65 36.13 -81.02
CA PHE E 167 -38.67 37.03 -81.40
C PHE E 167 -39.85 36.75 -80.59
N SER E 168 -40.10 35.50 -80.39
CA SER E 168 -41.25 35.05 -79.72
C SER E 168 -41.32 35.46 -78.30
N VAL E 169 -40.22 35.86 -77.76
CA VAL E 169 -40.18 36.20 -76.38
C VAL E 169 -39.51 37.51 -76.12
N GLU E 170 -39.64 38.42 -77.02
CA GLU E 170 -39.17 39.71 -76.81
C GLU E 170 -37.72 39.88 -76.78
N HIS E 171 -37.02 38.79 -76.70
CA HIS E 171 -35.60 38.83 -76.63
C HIS E 171 -34.98 38.77 -77.96
N ASP E 172 -35.37 39.63 -78.83
CA ASP E 172 -34.79 39.71 -80.11
C ASP E 172 -34.47 41.10 -80.46
N GLU E 173 -33.25 41.36 -80.84
CA GLU E 173 -32.19 40.43 -80.87
C GLU E 173 -31.36 40.53 -79.65
N GLU E 174 -31.84 41.24 -78.68
CA GLU E 174 -31.16 41.35 -77.46
C GLU E 174 -30.51 40.07 -77.06
N THR E 175 -31.27 39.10 -76.70
CA THR E 175 -30.76 37.84 -76.32
C THR E 175 -29.90 37.88 -75.10
N GLN E 176 -28.99 36.97 -75.03
CA GLN E 176 -27.95 37.02 -74.10
C GLN E 176 -28.19 36.44 -72.76
N LYS E 177 -29.20 36.90 -72.11
CA LYS E 177 -29.34 36.66 -70.73
C LYS E 177 -29.68 35.26 -70.41
N ALA E 178 -30.70 34.77 -71.02
CA ALA E 178 -31.16 33.45 -70.76
C ALA E 178 -30.77 32.57 -71.87
N SER E 179 -30.04 33.12 -72.76
CA SER E 179 -29.62 32.38 -73.88
C SER E 179 -28.27 31.83 -73.65
N ARG E 180 -28.15 30.56 -73.80
CA ARG E 180 -26.96 29.89 -73.45
C ARG E 180 -26.59 28.89 -74.47
N LEU E 181 -25.36 28.54 -74.50
CA LEU E 181 -24.89 27.61 -75.46
C LEU E 181 -24.01 26.62 -74.85
N VAL E 182 -24.33 25.39 -75.02
CA VAL E 182 -23.54 24.33 -74.53
C VAL E 182 -23.14 23.44 -75.64
N LEU E 183 -22.20 22.60 -75.38
CA LEU E 183 -21.72 21.69 -76.35
C LEU E 183 -22.46 20.41 -76.31
N LYS E 184 -22.10 19.52 -77.17
CA LYS E 184 -22.65 18.24 -77.18
C LYS E 184 -22.41 17.65 -75.86
N VAL E 185 -23.19 16.70 -75.48
CA VAL E 185 -22.98 16.04 -74.26
C VAL E 185 -22.67 14.59 -74.49
N GLY E 186 -21.50 14.35 -74.97
CA GLY E 186 -20.59 15.37 -75.27
C GLY E 186 -19.70 15.08 -76.41
N ASP E 187 -19.04 16.07 -76.86
CA ASP E 187 -18.00 15.90 -77.78
C ASP E 187 -16.92 15.18 -77.10
N GLN E 188 -15.94 14.78 -77.82
CA GLN E 188 -14.82 14.15 -77.23
C GLN E 188 -14.26 15.00 -76.16
N GLU E 189 -14.09 16.25 -76.44
CA GLU E 189 -13.38 17.10 -75.60
C GLU E 189 -14.10 18.12 -74.82
N VAL E 190 -13.42 18.68 -73.88
CA VAL E 190 -14.00 19.51 -72.88
C VAL E 190 -13.66 20.96 -72.81
N LYS E 191 -13.95 21.54 -71.70
CA LYS E 191 -13.49 22.84 -71.34
C LYS E 191 -13.99 24.11 -71.91
N SER E 192 -14.82 24.04 -72.89
CA SER E 192 -15.13 25.16 -73.68
C SER E 192 -16.17 26.05 -73.13
N TYR E 193 -16.19 27.26 -73.65
CA TYR E 193 -17.11 28.26 -73.22
C TYR E 193 -17.51 29.13 -74.33
N ASP E 194 -18.64 28.89 -74.89
CA ASP E 194 -19.14 29.74 -75.90
C ASP E 194 -20.10 30.69 -75.30
N LEU E 195 -20.00 31.92 -75.64
CA LEU E 195 -20.81 32.92 -75.05
C LEU E 195 -21.65 33.66 -76.04
N THR E 196 -22.92 33.65 -75.83
CA THR E 196 -23.82 34.13 -76.79
C THR E 196 -24.19 35.55 -76.64
N GLY E 197 -24.08 36.28 -77.69
CA GLY E 197 -24.52 37.62 -77.70
C GLY E 197 -25.82 37.75 -78.36
N GLY E 198 -25.96 38.78 -79.14
CA GLY E 198 -27.20 39.05 -79.78
C GLY E 198 -27.24 38.58 -81.17
N ALA E 199 -28.38 38.62 -81.75
CA ALA E 199 -28.52 38.28 -83.12
C ALA E 199 -28.05 39.40 -83.93
N TYR E 200 -27.04 39.20 -84.69
CA TYR E 200 -26.46 40.27 -85.42
C TYR E 200 -27.40 40.75 -86.43
N ASP E 201 -27.73 41.99 -86.35
CA ASP E 201 -28.62 42.59 -87.28
C ASP E 201 -27.90 43.52 -88.17
N TYR E 202 -26.67 43.74 -87.89
CA TYR E 202 -25.88 44.58 -88.71
C TYR E 202 -25.24 43.75 -89.76
N THR E 203 -25.71 43.88 -90.95
CA THR E 203 -25.16 43.18 -92.03
C THR E 203 -23.72 43.40 -92.09
N ALA E 245 -52.28 56.65 -69.52
CA ALA E 245 -51.71 55.70 -68.75
C ALA E 245 -50.78 54.94 -69.47
N VAL E 246 -50.29 55.48 -70.45
CA VAL E 246 -49.27 54.93 -71.13
C VAL E 246 -48.12 55.69 -70.94
N TYR E 247 -47.06 55.08 -70.88
CA TYR E 247 -45.90 55.73 -70.65
C TYR E 247 -44.89 55.35 -71.52
N VAL E 248 -44.07 56.22 -71.80
CA VAL E 248 -43.01 55.97 -72.55
C VAL E 248 -41.96 55.58 -71.71
N LYS E 249 -41.43 54.51 -71.95
CA LYS E 249 -40.40 54.05 -71.23
C LYS E 249 -39.26 53.93 -72.03
N ALA E 250 -38.24 54.46 -71.62
CA ALA E 250 -37.10 54.38 -72.31
C ALA E 250 -36.05 53.95 -71.49
N VAL E 251 -35.66 52.80 -71.63
CA VAL E 251 -34.72 52.27 -70.83
C VAL E 251 -33.43 52.44 -71.34
N PHE E 252 -32.58 52.84 -70.56
CA PHE E 252 -31.32 53.11 -70.96
C PHE E 252 -30.37 52.47 -70.18
N GLY E 253 -29.45 51.93 -70.76
CA GLY E 253 -28.38 51.49 -70.10
C GLY E 253 -27.23 51.97 -70.72
N ASP E 254 -26.56 52.78 -70.09
CA ASP E 254 -25.46 53.34 -70.63
C ASP E 254 -25.77 54.25 -71.64
N LEU E 255 -26.71 54.99 -71.44
CA LEU E 255 -27.10 55.91 -72.34
C LEU E 255 -27.71 55.32 -73.45
N GLU E 256 -27.69 54.10 -73.50
CA GLU E 256 -28.24 53.43 -74.50
C GLU E 256 -29.62 53.27 -74.31
N LYS E 257 -30.35 53.55 -75.24
CA LYS E 257 -31.68 53.41 -75.16
C LYS E 257 -31.97 52.06 -75.40
N GLN E 258 -31.75 51.30 -74.45
CA GLN E 258 -31.89 49.97 -74.53
C GLN E 258 -33.18 49.50 -74.87
N THR E 259 -34.13 50.16 -74.49
CA THR E 259 -35.40 49.81 -74.78
C THR E 259 -36.26 50.92 -74.78
N ALA E 260 -37.22 50.87 -75.52
CA ALA E 260 -38.09 51.88 -75.61
C ALA E 260 -39.39 51.41 -75.83
N TYR E 261 -40.21 51.59 -74.95
CA TYR E 261 -41.44 51.09 -75.04
C TYR E 261 -42.38 51.96 -74.49
N ASN E 262 -43.56 51.76 -74.79
CA ASN E 262 -44.55 52.44 -74.25
C ASN E 262 -45.46 51.55 -73.63
N GLY E 263 -45.69 51.73 -72.45
CA GLY E 263 -46.48 50.91 -71.76
C GLY E 263 -47.52 51.57 -71.09
N ILE E 264 -48.43 50.87 -70.69
CA ILE E 264 -49.49 51.40 -70.07
C ILE E 264 -49.67 50.86 -68.79
N VAL E 265 -50.16 51.60 -67.96
CA VAL E 265 -50.41 51.18 -66.72
C VAL E 265 -51.72 50.72 -66.61
N SER E 266 -52.39 50.72 -67.64
CA SER E 266 -53.66 50.30 -67.64
C SER E 266 -53.80 49.09 -68.34
N PHE E 267 -54.24 48.15 -67.71
CA PHE E 267 -54.37 46.93 -68.25
C PHE E 267 -55.09 47.00 -69.46
N GLU E 268 -54.84 46.15 -70.28
CA GLU E 268 -55.49 46.09 -71.44
C GLU E 268 -54.91 46.87 -72.44
N GLN E 269 -54.68 48.03 -72.17
CA GLN E 269 -54.19 48.90 -73.07
C GLN E 269 -53.19 48.32 -73.87
N LEU E 270 -53.26 48.60 -75.05
CA LEU E 270 -52.41 48.07 -75.96
C LEU E 270 -51.90 49.08 -76.77
N ASN E 271 -50.90 48.79 -77.42
CA ASN E 271 -50.42 49.61 -78.35
C ASN E 271 -51.20 49.44 -79.51
N ALA E 272 -50.77 49.95 -80.53
CA ALA E 272 -51.43 49.84 -81.69
C ALA E 272 -51.33 48.56 -82.26
N GLU E 273 -51.07 47.65 -81.49
CA GLU E 273 -50.92 46.40 -81.93
C GLU E 273 -51.57 45.49 -81.08
N GLY E 274 -52.31 45.98 -80.24
CA GLY E 274 -52.92 45.23 -79.32
C GLY E 274 -52.02 44.46 -78.56
N GLU E 275 -50.90 44.93 -78.43
CA GLU E 275 -50.00 44.36 -77.63
C GLU E 275 -50.19 44.86 -76.33
N VAL E 276 -50.56 44.07 -75.49
CA VAL E 276 -50.76 44.45 -74.22
C VAL E 276 -49.64 45.09 -73.67
N PRO E 277 -49.72 46.32 -73.59
CA PRO E 277 -48.70 47.05 -73.12
C PRO E 277 -48.93 47.47 -71.79
N SER E 278 -49.66 46.78 -71.12
CA SER E 278 -49.80 47.00 -69.81
C SER E 278 -48.62 46.60 -69.17
N ASN E 279 -48.04 47.45 -68.53
CA ASN E 279 -46.84 47.23 -67.96
C ASN E 279 -46.67 45.94 -67.44
N VAL E 280 -47.32 45.65 -66.45
CA VAL E 280 -47.17 44.47 -65.81
C VAL E 280 -47.11 43.36 -66.66
N GLU E 281 -47.83 43.38 -67.65
CA GLU E 281 -47.85 42.35 -68.51
C GLU E 281 -46.77 42.39 -69.38
N VAL E 282 -46.57 43.45 -69.95
CA VAL E 282 -45.54 43.62 -70.80
C VAL E 282 -44.39 43.00 -70.32
N GLU E 283 -44.04 43.31 -69.19
CA GLU E 283 -42.92 42.81 -68.63
C GLU E 283 -43.11 41.49 -68.23
N ALA E 284 -44.27 41.20 -67.92
CA ALA E 284 -44.59 39.97 -67.48
C ALA E 284 -44.25 38.99 -68.44
N GLY E 285 -44.07 39.41 -69.58
CA GLY E 285 -43.81 38.59 -70.59
C GLY E 285 -42.67 39.01 -71.30
N GLU E 286 -41.59 38.77 -70.78
CA GLU E 286 -40.42 39.09 -71.36
C GLU E 286 -40.43 40.28 -72.08
N GLU E 287 -41.13 41.18 -71.63
CA GLU E 287 -41.27 42.33 -72.28
C GLU E 287 -40.10 43.06 -72.44
N THR E 319 2.10 16.43 -83.37
CA THR E 319 3.52 16.36 -83.65
C THR E 319 4.33 16.17 -82.36
N TRP E 320 5.47 15.52 -82.48
CA TRP E 320 6.34 15.30 -81.34
C TRP E 320 6.47 16.59 -80.55
N ALA E 321 6.79 17.68 -81.24
CA ALA E 321 6.95 18.97 -80.61
C ALA E 321 5.73 19.36 -79.81
N ASP E 322 4.56 19.09 -80.36
CA ASP E 322 3.30 19.39 -79.68
C ASP E 322 3.30 18.76 -78.31
N LYS E 323 4.07 17.70 -78.15
CA LYS E 323 4.24 17.07 -76.85
C LYS E 323 5.20 17.87 -75.98
N LEU E 324 6.30 18.28 -76.58
CA LEU E 324 7.33 19.01 -75.87
C LEU E 324 6.82 20.36 -75.40
N ASP E 325 6.00 21.01 -76.21
CA ASP E 325 5.36 22.25 -75.79
C ASP E 325 4.61 21.99 -74.50
N LYS E 326 3.97 20.83 -74.43
CA LYS E 326 3.19 20.46 -73.26
C LYS E 326 4.07 20.22 -72.06
N PHE E 327 4.97 19.27 -72.17
CA PHE E 327 5.87 18.94 -71.08
C PHE E 327 6.49 20.17 -70.45
N ALA E 328 9.72 27.38 -59.86
CA ALA E 328 9.04 28.58 -59.39
C ALA E 328 7.58 28.17 -59.41
N HIS E 329 7.21 27.43 -60.44
CA HIS E 329 5.80 27.21 -60.69
C HIS E 329 5.14 25.94 -60.20
N GLU E 330 5.71 24.80 -60.57
CA GLU E 330 5.11 23.53 -60.20
C GLU E 330 6.02 22.58 -59.44
N GLY E 331 5.59 22.22 -58.25
CA GLY E 331 6.32 21.27 -57.42
C GLY E 331 6.00 19.85 -57.82
N GLY E 332 6.76 19.30 -58.74
CA GLY E 332 6.53 17.95 -59.21
C GLY E 332 7.77 17.08 -59.01
N TYR E 333 7.62 16.02 -58.24
CA TYR E 333 8.75 15.22 -57.83
C TYR E 333 9.25 14.23 -58.88
N TYR E 334 8.32 13.54 -59.53
CA TYR E 334 8.69 12.48 -60.46
C TYR E 334 8.22 12.84 -61.85
N ILE E 335 8.81 12.21 -62.84
CA ILE E 335 8.49 12.50 -64.24
C ILE E 335 8.20 11.25 -65.03
N VAL E 336 6.93 10.99 -65.30
CA VAL E 336 6.60 9.85 -66.15
C VAL E 336 6.91 10.20 -67.58
N PRO E 337 7.85 9.49 -68.18
CA PRO E 337 8.33 9.89 -69.48
C PRO E 337 8.21 8.77 -70.49
N LEU E 338 8.42 7.54 -70.05
CA LEU E 338 8.35 6.40 -70.93
C LEU E 338 7.04 6.32 -71.67
N SER E 339 6.09 7.14 -71.25
CA SER E 339 4.76 7.17 -71.82
C SER E 339 4.78 7.37 -73.33
N SER E 340 10.16 10.28 -82.35
CA SER E 340 9.57 10.98 -81.23
C SER E 340 9.70 10.20 -79.93
N LYS E 341 9.67 8.88 -80.02
CA LYS E 341 9.86 8.04 -78.84
C LYS E 341 11.13 8.50 -78.14
N GLN E 342 12.16 8.75 -78.91
CA GLN E 342 13.44 9.17 -78.38
C GLN E 342 13.48 10.66 -78.13
N SER E 343 13.22 11.46 -79.15
CA SER E 343 13.42 12.89 -79.04
C SER E 343 12.54 13.61 -78.01
N VAL E 344 11.38 13.06 -77.71
CA VAL E 344 10.55 13.66 -76.67
C VAL E 344 11.20 13.45 -75.32
N HIS E 345 11.28 12.19 -74.91
CA HIS E 345 11.95 11.82 -73.67
C HIS E 345 13.27 12.56 -73.51
N ALA E 346 14.13 12.40 -74.49
CA ALA E 346 15.42 13.07 -74.51
C ALA E 346 15.25 14.49 -74.00
N GLU E 347 14.26 15.17 -74.52
CA GLU E 347 13.95 16.54 -74.13
C GLU E 347 13.41 16.63 -72.70
N VAL E 348 12.57 15.68 -72.32
CA VAL E 348 12.01 15.68 -70.98
C VAL E 348 13.12 15.61 -69.95
N ALA E 349 14.13 14.82 -70.25
CA ALA E 349 15.32 14.74 -69.40
C ALA E 349 15.95 16.11 -69.27
N SER E 350 15.92 16.86 -70.37
CA SER E 350 16.53 18.17 -70.39
C SER E 350 15.62 19.23 -69.77
N PHE E 351 14.72 18.77 -68.91
CA PHE E 351 13.86 19.65 -68.14
C PHE E 351 14.15 19.40 -66.67
N VAL E 352 14.30 18.13 -66.34
CA VAL E 352 14.70 17.74 -65.02
C VAL E 352 16.14 18.13 -64.81
N LYS E 353 16.94 18.00 -65.86
CA LYS E 353 18.32 18.42 -65.81
C LYS E 353 18.43 19.88 -65.39
N GLU E 354 17.82 20.75 -66.16
CA GLU E 354 17.96 22.18 -65.95
C GLU E 354 17.27 22.63 -64.67
N ARG E 355 16.47 21.80 -64.06
CA ARG E 355 15.75 22.21 -62.86
C ARG E 355 16.22 21.46 -61.61
N GLU E 360 16.64 20.23 -61.82
CA GLU E 360 17.22 19.41 -60.76
C GLU E 360 16.41 19.31 -59.48
N PRO E 361 15.10 19.28 -59.63
CA PRO E 361 14.19 18.95 -58.55
C PRO E 361 13.20 17.94 -59.08
N MET E 362 13.63 16.71 -59.24
CA MET E 362 12.82 15.69 -59.90
C MET E 362 13.56 14.41 -60.20
N ARG E 363 13.02 13.63 -61.11
CA ARG E 363 13.59 12.35 -61.47
C ARG E 363 12.84 12.35 -62.79
N ALA E 364 13.52 12.02 -63.87
CA ALA E 364 12.88 12.01 -65.17
C ALA E 364 13.23 10.53 -65.19
N ILE E 365 12.21 9.68 -65.34
CA ILE E 365 12.40 8.23 -65.36
C ILE E 365 11.89 8.02 -66.79
N VAL E 366 12.51 7.07 -67.50
CA VAL E 366 12.28 6.90 -68.93
C VAL E 366 12.44 5.46 -69.37
N GLY E 367 11.63 5.06 -70.33
CA GLY E 367 11.60 3.67 -70.82
C GLY E 367 11.83 3.49 -72.32
N GLY E 368 12.32 2.31 -72.73
CA GLY E 368 12.77 2.04 -74.10
C GLY E 368 11.64 2.02 -75.07
N GLY E 369 11.93 2.14 -76.36
CA GLY E 369 10.92 2.13 -77.41
C GLY E 369 10.41 0.73 -77.68
N PHE E 370 15.53 -11.86 -76.81
CA PHE E 370 16.49 -11.12 -76.02
C PHE E 370 17.85 -10.95 -76.69
N ASN E 371 18.28 -11.97 -77.42
CA ASN E 371 19.54 -11.90 -78.14
C ASN E 371 19.66 -10.57 -78.87
N GLU E 372 18.84 -10.37 -79.89
CA GLU E 372 18.79 -9.10 -80.59
C GLU E 372 18.44 -7.99 -79.60
N SER E 373 17.50 -8.27 -78.72
CA SER E 373 16.95 -7.27 -77.83
C SER E 373 18.01 -6.36 -77.23
N LYS E 374 18.93 -6.94 -76.50
CA LYS E 374 19.93 -6.15 -75.80
C LYS E 374 20.80 -5.36 -76.76
N GLU E 375 21.28 -6.03 -77.80
CA GLU E 375 22.06 -5.35 -78.82
C GLU E 375 21.39 -4.02 -79.12
N GLN E 376 20.11 -4.07 -79.41
CA GLN E 376 19.34 -2.88 -79.73
C GLN E 376 19.43 -1.84 -78.64
N LEU E 377 19.07 -2.23 -77.42
CA LEU E 377 19.07 -1.33 -76.29
C LEU E 377 20.38 -0.57 -76.14
N PHE E 378 21.50 -1.29 -76.24
CA PHE E 378 22.81 -0.68 -76.01
C PHE E 378 23.19 0.24 -77.16
N GLY E 379 22.91 -0.17 -78.37
CA GLY E 379 23.09 0.70 -79.51
C GLY E 379 22.36 2.01 -79.31
N ARG E 380 21.12 1.92 -78.86
CA ARG E 380 20.28 3.08 -78.67
C ARG E 380 20.82 4.01 -77.59
N GLN E 381 21.41 3.43 -76.56
CA GLN E 381 21.95 4.19 -75.44
C GLN E 381 23.25 4.90 -75.81
N ALA E 382 23.75 4.63 -77.01
CA ALA E 382 24.95 5.29 -77.52
C ALA E 382 24.76 5.93 -78.91
N SER E 383 24.61 5.10 -79.93
CA SER E 383 24.48 5.58 -81.28
C SER E 383 24.67 4.38 -82.19
N LEU E 384 21.37 8.94 -76.36
CA LEU E 384 22.72 9.07 -75.82
C LEU E 384 22.91 10.31 -74.95
N SER E 385 22.29 10.30 -73.79
CA SER E 385 22.44 11.37 -72.82
C SER E 385 22.86 10.73 -71.52
N ASN E 386 23.20 11.53 -70.53
CA ASN E 386 23.69 10.98 -69.27
C ASN E 386 23.41 11.83 -68.04
N PRO E 387 22.18 11.80 -67.57
CA PRO E 387 21.81 12.57 -66.40
C PRO E 387 21.71 11.71 -65.16
N ARG E 388 22.10 12.30 -64.04
CA ARG E 388 21.99 11.68 -62.75
C ARG E 388 20.54 11.70 -62.38
N VAL E 389 19.78 12.47 -63.16
CA VAL E 389 18.35 12.59 -62.99
C VAL E 389 17.63 11.68 -63.98
N SER E 390 18.41 11.16 -64.92
CA SER E 390 17.87 10.27 -65.93
C SER E 390 17.84 8.87 -65.41
N LEU E 391 16.66 8.28 -65.35
CA LEU E 391 16.53 6.89 -64.94
C LEU E 391 15.82 6.39 -66.20
N VAL E 392 16.47 5.48 -66.91
CA VAL E 392 15.83 4.77 -68.01
C VAL E 392 15.29 3.43 -67.56
N ALA E 393 14.65 2.72 -68.48
CA ALA E 393 13.48 1.93 -68.15
C ALA E 393 13.24 0.84 -69.19
N ASN E 394 13.27 -0.41 -68.75
CA ASN E 394 14.31 -1.33 -69.13
C ASN E 394 13.77 -2.51 -69.91
N SER E 395 12.49 -2.80 -69.73
CA SER E 395 11.68 -3.35 -70.80
C SER E 395 10.34 -2.64 -70.92
N GLY E 396 9.32 -3.40 -71.30
CA GLY E 396 8.00 -2.82 -71.54
C GLY E 396 6.90 -3.80 -71.16
N THR E 397 5.92 -3.31 -70.41
CA THR E 397 5.04 -4.17 -69.65
C THR E 397 3.85 -4.60 -70.48
N PHE E 398 3.29 -5.76 -70.15
CA PHE E 398 2.14 -6.29 -70.86
C PHE E 398 0.94 -6.34 -69.94
N VAL E 399 0.11 -5.31 -69.98
CA VAL E 399 -1.01 -5.17 -69.07
C VAL E 399 -2.31 -5.63 -69.71
N MET E 400 -3.40 -5.61 -68.96
CA MET E 400 -4.71 -5.85 -69.52
C MET E 400 -5.49 -4.56 -69.44
N ASP E 401 -6.25 -4.27 -70.49
CA ASP E 401 -6.92 -2.99 -70.60
C ASP E 401 -8.40 -3.12 -70.32
N ASP E 402 -8.78 -2.96 -69.06
CA ASP E 402 -10.15 -3.19 -68.65
C ASP E 402 -11.16 -2.41 -69.49
N GLY E 403 -10.68 -1.41 -70.21
CA GLY E 403 -11.57 -0.57 -70.99
C GLY E 403 -11.86 -1.14 -72.36
N ARG E 404 -10.86 -1.23 -73.21
CA ARG E 404 -11.06 -1.84 -74.51
C ARG E 404 -11.22 -3.33 -74.36
N ASN E 406 -10.87 -3.83 -73.19
CA ASN E 406 -10.91 -5.25 -72.89
C ASN E 406 -9.90 -6.02 -73.71
N HIS E 407 -8.66 -5.54 -73.72
CA HIS E 407 -7.62 -6.18 -74.50
C HIS E 407 -6.29 -6.16 -73.76
N VAL E 408 -5.45 -7.16 -74.04
CA VAL E 408 -4.11 -7.17 -73.50
C VAL E 408 -3.21 -6.29 -74.35
N PRO E 409 -2.36 -5.53 -73.70
CA PRO E 409 -1.69 -4.43 -74.36
C PRO E 409 -0.30 -4.19 -73.77
N ALA E 410 0.65 -3.82 -74.60
CA ALA E 410 1.97 -3.43 -74.11
C ALA E 410 2.01 -1.96 -73.72
N TYR E 411 2.48 -1.67 -72.53
CA TYR E 411 2.59 -0.29 -72.09
C TYR E 411 3.96 0.01 -71.51
N MET E 412 4.43 1.24 -71.66
CA MET E 412 5.71 1.67 -71.11
C MET E 412 5.75 1.41 -69.62
N VAL E 413 6.81 0.78 -69.15
CA VAL E 413 6.90 0.38 -67.76
C VAL E 413 7.22 1.56 -66.86
N ALA E 414 7.94 2.53 -67.39
CA ALA E 414 8.34 3.71 -66.62
C ALA E 414 7.18 4.30 -65.84
N VAL E 415 6.08 4.56 -66.53
CA VAL E 415 4.89 5.09 -65.91
C VAL E 415 4.61 4.42 -64.57
N ALA E 416 4.90 3.13 -64.51
CA ALA E 416 4.60 2.35 -63.34
C ALA E 416 5.63 2.57 -62.22
N LEU E 417 6.89 2.29 -62.52
CA LEU E 417 7.96 2.42 -61.53
C LEU E 417 7.93 3.78 -60.84
N GLY E 418 7.45 4.80 -61.54
CA GLY E 418 7.37 6.13 -60.99
C GLY E 418 6.44 6.19 -59.79
N GLY E 419 5.31 5.51 -59.87
CA GLY E 419 4.42 5.42 -58.75
C GLY E 419 5.06 4.54 -57.70
N LEU E 420 5.83 3.58 -58.17
CA LEU E 420 6.52 2.67 -57.30
C LEU E 420 7.58 3.42 -56.50
N ALA E 421 7.82 4.67 -56.88
CA ALA E 421 8.74 5.53 -56.14
C ALA E 421 8.01 6.38 -55.13
N SER E 422 6.90 6.99 -55.56
CA SER E 422 6.08 7.79 -54.68
C SER E 422 5.83 6.99 -53.43
N GLY E 423 5.85 5.68 -53.64
CA GLY E 423 5.77 4.72 -52.58
C GLY E 423 7.09 4.68 -51.86
N LEU E 424 7.81 3.59 -52.08
CA LEU E 424 9.05 3.27 -51.37
C LEU E 424 9.94 4.48 -51.11
N GLU E 425 10.31 4.64 -49.85
CA GLU E 425 11.06 5.79 -49.38
C GLU E 425 10.54 7.07 -49.99
N ILE E 426 11.41 8.06 -50.10
CA ILE E 426 10.99 9.29 -50.75
C ILE E 426 11.58 9.53 -52.14
N GLY E 427 10.96 10.47 -52.83
CA GLY E 427 11.03 10.53 -54.27
C GLY E 427 11.84 11.73 -54.77
N GLU E 428 11.96 -3.02 -57.88
CA GLU E 428 12.10 -2.39 -56.57
C GLU E 428 11.01 -2.86 -55.62
N SER E 429 10.47 -4.03 -55.89
CA SER E 429 9.29 -4.52 -55.22
C SER E 429 8.25 -4.73 -56.29
N ILE E 430 7.79 -5.96 -56.45
CA ILE E 430 7.05 -6.33 -57.63
C ILE E 430 5.99 -5.32 -58.02
N THR E 431 5.70 -5.26 -59.32
CA THR E 431 4.71 -4.36 -59.86
C THR E 431 3.38 -5.05 -59.89
N PHE E 432 2.33 -4.25 -59.88
CA PHE E 432 1.00 -4.75 -59.60
C PHE E 432 0.38 -5.59 -60.70
N LYS E 433 0.07 -4.97 -61.82
CA LYS E 433 -0.87 -5.57 -62.76
C LYS E 433 -0.22 -6.14 -63.99
N PRO E 434 1.09 -6.28 -63.95
CA PRO E 434 1.79 -6.94 -65.03
C PRO E 434 1.22 -8.33 -65.25
N LEU E 435 1.41 -8.87 -66.44
CA LEU E 435 0.97 -10.22 -66.70
C LEU E 435 1.98 -10.86 -67.62
N ARG E 436 3.09 -10.18 -67.81
CA ARG E 436 4.08 -10.57 -68.78
C ARG E 436 5.00 -9.39 -68.95
N VAL E 437 6.30 -9.66 -69.02
CA VAL E 437 7.25 -8.61 -69.37
C VAL E 437 8.05 -8.96 -70.63
N SER E 438 8.46 -7.94 -71.36
CA SER E 438 9.12 -8.18 -72.62
C SER E 438 10.31 -9.11 -72.43
N TYR E 444 11.01 -8.95 -71.33
CA TYR E 444 12.11 -9.84 -70.99
C TYR E 444 12.08 -10.21 -69.51
N GLU E 445 12.50 -11.43 -69.21
CA GLU E 445 12.46 -11.93 -67.85
C GLU E 445 13.44 -13.08 -67.66
N SER E 446 22.36 -13.22 -66.94
CA SER E 446 23.07 -12.66 -65.84
C SER E 446 24.05 -11.64 -66.35
N ILE E 447 24.77 -11.97 -67.42
CA ILE E 447 25.74 -11.05 -67.92
C ILE E 447 25.05 -9.81 -68.34
N ASP E 448 23.91 -9.95 -69.03
CA ASP E 448 23.19 -8.82 -69.51
C ASP E 448 22.70 -8.02 -68.36
N LEU E 449 22.20 -8.70 -67.31
CA LEU E 449 21.69 -8.03 -66.16
C LEU E 449 22.76 -7.20 -65.55
N ASP E 450 23.95 -7.79 -65.35
CA ASP E 450 24.98 -7.01 -64.74
C ASP E 450 25.27 -5.86 -65.64
N GLU E 451 25.20 -6.10 -66.95
CA GLU E 451 25.48 -5.08 -67.91
C GLU E 451 24.47 -3.99 -67.78
N LEU E 452 23.19 -4.35 -67.61
CA LEU E 452 22.16 -3.36 -67.53
C LEU E 452 22.37 -2.52 -66.30
N ASN E 453 22.67 -3.16 -65.16
CA ASN E 453 23.07 -2.47 -63.97
C ASN E 453 24.32 -1.78 -64.40
N GLU E 454 24.82 -0.76 -63.70
CA GLU E 454 26.05 -0.14 -64.12
C GLU E 454 25.73 0.80 -65.24
N ASN E 455 24.89 0.34 -66.19
CA ASN E 455 24.36 1.11 -67.27
C ASN E 455 23.41 2.02 -66.59
N GLY E 456 23.03 1.67 -65.36
CA GLY E 456 22.06 2.40 -64.61
C GLY E 456 20.73 2.27 -65.29
N ILE E 457 20.36 1.03 -65.59
CA ILE E 457 19.08 0.83 -66.17
C ILE E 457 18.28 -0.03 -65.23
N ILE E 458 16.94 0.18 -65.17
CA ILE E 458 16.08 -0.56 -64.28
C ILE E 458 15.56 -1.76 -64.99
N SER E 459 15.97 -2.91 -64.53
CA SER E 459 15.56 -4.16 -65.11
C SER E 459 14.44 -4.81 -64.37
N ILE E 460 13.75 -5.75 -65.02
CA ILE E 460 12.78 -6.55 -64.35
C ILE E 460 13.15 -7.95 -64.67
N GLU E 461 13.20 -8.83 -63.66
CA GLU E 461 13.53 -10.19 -63.97
C GLU E 461 12.49 -11.07 -63.36
N PHE E 462 12.30 -12.25 -63.96
CA PHE E 462 11.31 -13.13 -63.44
C PHE E 462 12.03 -14.35 -62.98
N VAL E 463 11.77 -14.76 -61.73
CA VAL E 463 12.43 -15.94 -61.27
C VAL E 463 11.40 -16.85 -60.69
N ARG E 464 11.30 -18.06 -61.24
CA ARG E 464 10.42 -19.04 -60.69
C ARG E 464 9.04 -18.49 -60.71
N ASN E 465 8.77 -17.57 -61.64
CA ASN E 465 7.45 -17.00 -61.70
C ASN E 465 7.52 -15.74 -60.91
N ARG E 466 6.60 -14.81 -61.23
CA ARG E 466 6.56 -13.53 -60.57
C ARG E 466 7.79 -12.78 -60.93
N THR E 467 7.62 -11.55 -61.44
CA THR E 467 8.76 -10.78 -61.81
C THR E 467 8.95 -9.74 -60.76
N ASN E 468 10.22 -9.37 -60.52
CA ASN E 468 10.51 -8.39 -59.51
C ASN E 468 11.53 -7.45 -60.04
N THR E 469 11.68 -6.29 -59.40
CA THR E 469 12.62 -5.32 -59.87
C THR E 469 13.99 -5.74 -59.48
N PHE E 470 14.90 -5.80 -60.46
CA PHE E 470 16.24 -6.21 -60.18
C PHE E 470 16.91 -5.20 -59.33
N PHE E 471 16.83 -3.92 -59.72
CA PHE E 471 17.58 -2.95 -59.00
C PHE E 471 16.76 -1.73 -58.85
N MET E 491 23.22 4.37 -57.35
CA MET E 491 22.04 4.46 -56.54
C MET E 491 21.36 5.78 -56.50
N ALA E 492 15.75 6.86 -54.55
CA ALA E 492 15.62 6.74 -53.14
C ALA E 492 16.78 7.38 -52.46
N VAL E 493 17.99 7.06 -52.91
CA VAL E 493 19.16 7.61 -52.29
C VAL E 493 19.18 9.09 -52.49
N GLY E 494 18.74 9.54 -53.67
CA GLY E 494 18.74 10.93 -54.03
C GLY E 494 17.85 11.71 -53.14
N GLU E 495 16.64 11.19 -52.88
CA GLU E 495 15.69 11.94 -52.13
C GLU E 495 16.22 12.20 -50.77
N ALA E 496 16.95 11.23 -50.20
CA ALA E 496 17.49 11.45 -48.90
C ALA E 496 18.38 12.64 -49.00
N ASN E 497 19.32 12.62 -49.95
CA ASN E 497 20.26 13.68 -50.04
C ASN E 497 19.62 14.98 -50.39
N ASP E 498 18.70 14.99 -51.36
CA ASP E 498 18.15 16.24 -51.76
C ASP E 498 17.48 16.86 -50.59
N PHE E 499 16.72 16.07 -49.83
CA PHE E 499 16.00 16.61 -48.72
C PHE E 499 16.95 17.20 -47.74
N LEU E 500 18.04 16.48 -47.43
CA LEU E 500 18.90 17.01 -46.42
C LEU E 500 19.47 18.31 -46.87
N VAL E 501 19.94 18.38 -48.12
CA VAL E 501 20.58 19.57 -48.58
C VAL E 501 19.62 20.71 -48.53
N SER E 502 18.36 20.49 -48.94
CA SER E 502 17.45 21.58 -48.96
C SER E 502 17.23 22.10 -47.58
N GLU E 503 17.04 21.20 -46.61
CA GLU E 503 16.77 21.61 -45.27
C GLU E 503 17.95 22.32 -44.70
N LEU E 504 19.16 21.86 -44.99
CA LEU E 504 20.31 22.44 -44.36
C LEU E 504 20.42 23.88 -44.74
N LYS E 505 20.18 24.21 -46.02
CA LYS E 505 20.34 25.55 -46.52
C LYS E 505 19.40 26.49 -45.85
N VAL E 506 18.16 26.06 -45.58
CA VAL E 506 17.17 26.92 -45.04
C VAL E 506 17.63 27.43 -43.71
N GLN E 507 18.39 26.61 -42.99
CA GLN E 507 18.87 26.96 -41.67
C GLN E 507 19.77 28.16 -41.76
N LEU E 508 20.05 28.64 -42.98
CA LEU E 508 20.93 29.75 -43.22
C LEU E 508 20.36 30.99 -42.60
N GLU E 509 19.06 31.03 -42.33
CA GLU E 509 18.48 32.22 -41.79
C GLU E 509 19.14 32.49 -40.49
N GLN E 511 19.52 31.42 -39.78
CA GLN E 511 20.10 31.49 -38.48
C GLN E 511 21.39 32.26 -38.54
N PHE E 512 22.16 32.13 -39.64
CA PHE E 512 23.45 32.75 -39.70
C PHE E 512 23.31 34.22 -39.53
N ILE E 513 22.30 34.83 -40.15
CA ILE E 513 22.19 36.24 -40.06
C ILE E 513 22.03 36.60 -38.63
N GLY E 514 21.35 35.73 -37.87
CA GLY E 514 21.03 36.03 -36.51
C GLY E 514 22.29 36.25 -35.73
N THR E 515 23.30 35.36 -35.83
CA THR E 515 24.46 35.56 -35.01
C THR E 515 25.70 35.70 -35.81
N ARG E 516 26.80 36.01 -35.09
CA ARG E 516 28.12 36.18 -35.64
C ARG E 516 28.74 34.83 -35.80
N THR E 517 29.92 34.77 -36.45
CA THR E 517 30.60 33.53 -36.68
C THR E 517 31.81 33.47 -35.80
N ILE E 518 31.99 32.33 -35.10
CA ILE E 518 33.10 32.14 -34.23
C ILE E 518 33.33 30.66 -34.12
N ASN E 519 34.27 30.25 -33.25
CA ASN E 519 34.51 28.86 -33.06
C ASN E 519 33.26 28.28 -32.52
N THR E 520 32.62 29.03 -31.62
CA THR E 520 31.41 28.60 -31.00
C THR E 520 30.36 28.45 -32.04
N SER E 521 30.35 29.35 -33.04
CA SER E 521 29.34 29.29 -34.04
C SER E 521 29.48 28.03 -34.80
N ALA E 522 30.71 27.50 -34.85
CA ALA E 522 30.93 26.22 -35.45
C ALA E 522 30.05 25.29 -34.69
N SER E 523 30.14 25.34 -33.36
CA SER E 523 29.26 24.56 -32.55
C SER E 523 27.96 25.27 -32.67
N ILE E 524 26.87 24.82 -32.06
CA ILE E 524 25.65 25.56 -32.23
C ILE E 524 25.12 25.24 -33.60
N ILE E 525 25.67 25.85 -34.67
CA ILE E 525 25.18 25.53 -35.97
C ILE E 525 25.39 24.07 -36.16
N LYS E 526 26.60 23.61 -35.82
CA LYS E 526 26.96 22.24 -35.97
C LYS E 526 26.04 21.43 -35.13
N ASP E 527 25.79 21.86 -33.88
CA ASP E 527 24.95 21.05 -33.06
C ASP E 527 23.59 21.01 -33.64
N PHE E 528 23.09 22.13 -34.18
CA PHE E 528 21.76 22.15 -34.70
C PHE E 528 21.62 21.22 -35.85
N ILE E 529 22.53 21.29 -36.83
CA ILE E 529 22.42 20.44 -37.97
C ILE E 529 22.62 19.03 -37.54
N GLN E 530 23.54 18.81 -36.60
CA GLN E 530 23.84 17.49 -36.17
C GLN E 530 22.62 16.87 -35.60
N SER E 531 21.86 17.66 -34.83
CA SER E 531 20.71 17.11 -34.20
C SER E 531 19.78 16.66 -35.29
N TYR E 532 19.67 17.44 -36.36
CA TYR E 532 18.80 17.08 -37.44
C TYR E 532 19.28 15.82 -38.06
N LEU E 533 20.59 15.74 -38.34
CA LEU E 533 21.13 14.58 -38.99
C LEU E 533 20.98 13.38 -38.14
N GLY E 534 21.22 13.51 -36.84
CA GLY E 534 21.16 12.37 -35.98
C GLY E 534 19.77 11.86 -35.97
N ARG E 535 18.79 12.76 -36.00
CA ARG E 535 17.42 12.34 -35.95
C ARG E 535 17.17 11.48 -37.13
N LYS E 536 17.73 11.84 -38.30
CA LYS E 536 17.50 11.09 -39.48
C LYS E 536 18.01 9.71 -39.28
N LYS E 537 19.15 9.57 -38.58
CA LYS E 537 19.72 8.27 -38.39
C LYS E 537 18.85 7.46 -37.49
N ARG E 538 18.38 8.06 -36.38
CA ARG E 538 17.62 7.33 -35.41
C ARG E 538 16.36 6.83 -36.03
N ASP E 539 15.67 7.70 -36.78
CA ASP E 539 14.44 7.30 -37.39
C ASP E 539 14.78 6.22 -38.35
N ASN E 540 15.94 6.37 -38.97
CA ASN E 540 16.32 5.45 -39.97
C ASN E 540 16.24 6.22 -41.23
N GLU E 541 17.17 5.98 -42.15
CA GLU E 541 17.19 6.78 -43.31
C GLU E 541 18.61 7.15 -43.53
N ILE E 542 19.37 7.34 -42.45
CA ILE E 542 20.77 7.57 -42.59
C ILE E 542 21.42 6.62 -41.65
N GLN E 543 22.58 6.07 -42.03
CA GLN E 543 23.23 5.12 -41.19
C GLN E 543 24.67 5.48 -41.11
N ASP E 544 25.35 4.97 -40.06
CA ASP E 544 26.75 5.18 -39.87
C ASP E 544 27.07 6.63 -39.99
N PHE E 545 26.39 7.47 -39.18
CA PHE E 545 26.67 8.87 -39.24
C PHE E 545 27.57 9.18 -38.10
N PRO E 546 30.82 16.30 -40.30
CA PRO E 546 30.23 17.57 -40.06
C PRO E 546 31.11 18.65 -40.64
N ALA E 547 30.94 19.92 -40.22
CA ALA E 547 31.58 21.02 -40.90
C ALA E 547 32.64 21.77 -40.16
N GLU E 548 33.68 22.14 -40.93
CA GLU E 548 34.74 23.03 -40.56
C GLU E 548 35.14 23.66 -41.86
N ASP E 549 34.75 24.92 -42.12
CA ASP E 549 35.05 25.46 -43.41
C ASP E 549 36.52 25.64 -43.56
N VAL E 550 37.16 26.22 -42.53
CA VAL E 550 38.54 26.44 -42.67
C VAL E 550 39.17 25.10 -42.55
N GLN E 551 40.38 25.02 -42.98
CA GLN E 551 41.05 23.77 -42.86
C GLN E 551 41.27 23.60 -41.41
N VAL E 552 41.44 22.35 -40.94
CA VAL E 552 41.61 22.22 -39.53
C VAL E 552 42.85 22.95 -39.17
N ILE E 553 42.68 24.11 -38.54
CA ILE E 553 43.78 24.94 -38.14
C ILE E 553 43.21 25.90 -37.16
N VAL E 554 44.06 26.76 -36.59
CA VAL E 554 43.58 27.75 -35.70
C VAL E 554 42.67 28.64 -36.48
N GLU E 555 43.09 28.96 -37.72
CA GLU E 555 42.35 29.85 -38.56
C GLU E 555 41.07 29.19 -38.95
N GLY E 556 40.05 30.01 -39.22
CA GLY E 556 38.74 29.55 -39.60
C GLY E 556 38.15 30.59 -40.48
N ASN E 557 37.00 30.27 -41.09
CA ASN E 557 36.34 31.19 -41.97
C ASN E 557 34.87 31.02 -41.73
N GLU E 558 34.04 31.50 -42.68
CA GLU E 558 32.63 31.36 -42.51
C GLU E 558 32.32 29.90 -42.62
N ALA E 559 31.12 29.49 -42.20
CA ALA E 559 30.87 28.09 -42.20
C ALA E 559 30.09 27.70 -43.41
N ARG E 560 30.49 26.58 -44.00
CA ARG E 560 29.74 26.00 -45.06
C ARG E 560 29.38 24.67 -44.52
N ILE E 561 28.19 24.16 -44.84
CA ILE E 561 27.90 22.89 -44.26
C ILE E 561 28.26 21.83 -45.24
N SER E 562 29.24 21.01 -44.87
CA SER E 562 29.63 19.92 -45.71
C SER E 562 29.35 18.72 -44.91
N MET E 563 28.74 17.71 -45.52
CA MET E 563 28.45 16.55 -44.76
C MET E 563 28.63 15.37 -45.61
N THR E 564 28.99 14.25 -44.97
CA THR E 564 29.13 13.03 -45.68
C THR E 564 28.03 12.19 -45.12
N VAL E 565 27.01 11.88 -45.92
CA VAL E 565 25.92 11.15 -45.36
C VAL E 565 25.73 9.93 -46.18
N TYR E 566 25.19 8.86 -45.58
CA TYR E 566 25.00 7.64 -46.30
C TYR E 566 23.56 7.25 -46.16
N PRO E 567 22.93 6.98 -47.27
CA PRO E 567 21.56 6.58 -47.25
C PRO E 567 21.54 5.20 -46.70
N ILE E 568 20.42 4.78 -46.08
CA ILE E 568 20.46 3.53 -45.39
C ILE E 568 20.84 2.41 -46.31
N ARG E 569 20.19 2.29 -47.48
CA ARG E 569 20.52 1.15 -48.27
C ARG E 569 21.45 1.55 -49.35
N SER E 570 22.75 1.62 -49.02
CA SER E 570 23.76 1.86 -50.00
C SER E 570 25.04 1.97 -49.26
N PHE E 571 26.06 1.19 -49.67
CA PHE E 571 27.27 1.30 -48.93
C PHE E 571 28.12 2.31 -49.61
N LYS E 572 27.79 3.59 -49.39
CA LYS E 572 28.55 4.64 -49.98
C LYS E 572 28.19 5.89 -49.22
N LYS E 573 29.18 6.74 -48.96
CA LYS E 573 28.94 7.96 -48.28
C LYS E 573 29.08 9.01 -49.32
N ILE E 574 28.14 9.96 -49.38
CA ILE E 574 28.29 10.94 -50.41
C ILE E 574 28.65 12.22 -49.75
N SER E 575 29.48 13.01 -50.44
CA SER E 575 29.91 14.25 -49.85
C SER E 575 29.12 15.35 -50.46
N VAL E 576 28.45 16.14 -49.60
CA VAL E 576 27.70 17.24 -50.10
C VAL E 576 28.16 18.45 -49.38
N SER E 577 28.30 19.57 -50.10
CA SER E 577 28.73 20.76 -49.46
C SER E 577 27.74 21.84 -49.79
N LEU E 578 27.27 22.56 -48.77
CA LEU E 578 26.41 23.67 -49.01
C LEU E 578 27.16 24.80 -48.38
N VAL E 579 27.09 26.02 -48.95
CA VAL E 579 27.95 26.98 -48.34
C VAL E 579 27.18 28.19 -47.93
N SER F 31 -35.37 28.73 -21.22
CA SER F 31 -35.92 27.38 -21.22
C SER F 31 -35.76 26.44 -22.40
N SER F 32 -33.95 28.66 -24.34
CA SER F 32 -34.18 30.01 -24.80
C SER F 32 -35.66 30.35 -24.80
N GLU F 33 -36.40 29.93 -23.89
CA GLU F 33 -37.71 30.44 -23.56
C GLU F 33 -38.69 30.49 -24.74
N LYS F 34 -38.94 29.33 -25.33
CA LYS F 34 -39.81 29.26 -26.49
C LYS F 34 -41.19 29.70 -26.10
N VAL F 35 -41.41 31.01 -26.07
CA VAL F 35 -42.71 31.54 -25.67
C VAL F 35 -43.35 31.79 -27.02
N PHE F 36 -44.45 31.09 -27.30
CA PHE F 36 -45.18 31.34 -28.52
C PHE F 36 -46.18 32.45 -28.29
N CYS F 37 -46.88 32.83 -29.34
CA CYS F 37 -47.90 33.85 -29.25
C CYS F 37 -48.91 33.59 -30.34
N LEU F 38 -50.18 33.55 -29.94
CA LEU F 38 -51.25 33.20 -30.86
C LEU F 38 -52.48 34.04 -30.58
N ILE F 39 -53.11 34.51 -31.64
CA ILE F 39 -54.33 35.23 -31.48
C ILE F 39 -55.30 34.79 -32.56
N GLY F 40 -56.54 34.56 -32.17
CA GLY F 40 -57.55 34.12 -33.10
C GLY F 40 -58.88 33.85 -32.45
N GLN F 41 -59.81 33.35 -33.25
CA GLN F 41 -61.17 33.14 -32.81
C GLN F 41 -61.33 31.83 -32.07
N ALA F 42 -62.01 31.86 -30.94
CA ALA F 42 -62.23 30.65 -30.15
C ALA F 42 -63.66 30.48 -29.68
N GLU F 43 -63.99 29.27 -29.26
CA GLU F 43 -65.33 28.93 -28.83
C GLU F 43 -65.61 29.50 -27.46
N GLY F 44 -64.56 29.93 -26.78
CA GLY F 44 -64.68 30.30 -25.37
C GLY F 44 -63.63 31.33 -24.98
N GLY F 45 -64.05 32.38 -24.28
CA GLY F 45 -63.17 33.43 -23.84
C GLY F 45 -62.22 32.89 -22.80
N GLU F 46 -61.37 33.75 -22.22
CA GLU F 46 -61.34 35.20 -22.17
C GLU F 46 -61.20 35.87 -23.50
N PRO F 47 -61.94 36.97 -23.64
CA PRO F 47 -61.83 37.82 -24.82
C PRO F 47 -60.82 38.92 -24.56
N ASN F 48 -59.94 39.13 -25.52
CA ASN F 48 -58.95 40.18 -25.41
C ASN F 48 -58.22 40.13 -24.09
N THR F 49 -57.66 38.98 -23.78
CA THR F 49 -56.83 38.82 -22.60
C THR F 49 -55.68 37.91 -22.92
N VAL F 50 -54.48 38.25 -22.45
CA VAL F 50 -53.31 37.43 -22.67
C VAL F 50 -53.26 36.28 -21.71
N TYR F 51 -54.31 35.48 -21.70
CA TYR F 51 -54.31 34.28 -20.89
C TYR F 51 -53.26 33.32 -21.41
N GLU F 52 -52.48 32.74 -20.51
CA GLU F 52 -51.45 31.78 -20.92
C GLU F 52 -51.97 30.36 -20.88
N LEU F 53 -51.42 29.52 -21.74
CA LEU F 53 -51.86 28.15 -21.88
C LEU F 53 -50.67 27.21 -21.94
N ARG F 54 -50.76 26.07 -21.28
CA ARG F 54 -49.63 25.14 -21.23
C ARG F 54 -49.96 23.73 -21.70
N ASN F 55 -51.16 23.26 -21.38
CA ASN F 55 -51.58 21.93 -21.81
C ASN F 55 -52.57 22.00 -22.96
N TYR F 56 -52.88 20.85 -23.54
CA TYR F 56 -53.95 20.76 -24.51
C TYR F 56 -55.24 20.74 -23.72
N SER F 57 -55.34 19.78 -22.82
CA SER F 57 -56.51 19.62 -21.97
C SER F 57 -56.75 20.86 -21.13
N GLN F 58 -55.80 21.78 -21.18
CA GLN F 58 -55.89 23.02 -20.44
C GLN F 58 -56.32 24.18 -21.34
N ALA F 59 -56.17 24.02 -22.63
CA ALA F 59 -56.69 25.03 -23.53
C ALA F 59 -58.12 24.70 -23.88
N LYS F 60 -58.43 23.41 -24.00
CA LYS F 60 -59.80 22.99 -24.19
C LYS F 60 -60.63 23.48 -23.03
N ARG F 61 -60.16 23.21 -21.83
CA ARG F 61 -60.78 23.74 -20.63
C ARG F 61 -61.14 25.21 -20.82
N LEU F 62 -60.30 25.94 -21.54
CA LEU F 62 -60.38 27.39 -21.54
C LEU F 62 -60.87 28.00 -22.85
N PHE F 63 -60.56 27.39 -23.97
CA PHE F 63 -61.03 27.89 -25.25
C PHE F 63 -61.41 26.71 -26.09
N ARG F 64 -61.96 25.71 -25.43
CA ARG F 64 -62.00 24.36 -25.92
C ARG F 64 -62.09 23.24 -26.92
N SER F 65 -63.14 23.34 -27.74
CA SER F 65 -63.35 22.47 -28.88
C SER F 65 -63.23 23.37 -30.09
N GLY F 66 -62.91 22.76 -31.24
CA GLY F 66 -62.75 23.51 -32.47
C GLY F 66 -64.04 23.54 -33.28
N GLU F 67 -64.68 24.69 -33.39
CA GLU F 67 -65.85 24.79 -34.24
C GLU F 67 -65.35 25.01 -35.64
N LEU F 68 -66.22 24.85 -36.63
CA LEU F 68 -65.83 25.00 -38.03
C LEU F 68 -65.45 26.44 -38.36
N LEU F 69 -65.58 27.31 -37.37
CA LEU F 69 -65.24 28.69 -37.49
C LEU F 69 -64.05 28.97 -36.59
N ASP F 70 -63.70 27.98 -35.79
CA ASP F 70 -62.61 28.10 -34.83
C ASP F 70 -61.43 27.21 -35.20
N ALA F 71 -61.76 26.06 -35.78
CA ALA F 71 -60.78 25.02 -36.10
C ALA F 71 -59.33 25.47 -36.17
N ILE F 72 -59.00 26.22 -37.20
CA ILE F 72 -57.61 26.52 -37.48
C ILE F 72 -56.87 27.21 -36.36
N GLU F 73 -57.58 27.67 -35.34
CA GLU F 73 -56.93 28.32 -34.22
C GLU F 73 -56.77 27.38 -33.06
N LEU F 74 -57.75 26.52 -32.86
CA LEU F 74 -57.61 25.49 -31.87
C LEU F 74 -56.42 24.64 -32.26
N ALA F 75 -56.49 24.04 -33.44
CA ALA F 75 -55.37 23.28 -33.98
C ALA F 75 -54.09 24.04 -33.82
N TRP F 76 -54.07 25.26 -34.35
CA TRP F 76 -52.89 26.11 -34.32
C TRP F 76 -52.19 25.95 -32.99
N GLY F 77 -52.94 26.15 -31.91
CA GLY F 77 -52.43 25.94 -30.58
C GLY F 77 -52.15 24.47 -30.35
N SER F 78 -53.19 23.66 -30.29
CA SER F 78 -53.03 22.25 -29.97
C SER F 78 -51.78 21.64 -30.55
N ASN F 79 -51.70 21.56 -31.87
CA ASN F 79 -50.58 20.88 -32.49
C ASN F 79 -49.28 21.68 -32.42
N PRO F 80 -49.28 22.69 -31.57
CA PRO F 80 -48.05 23.38 -31.22
C PRO F 80 -47.61 22.94 -29.84
N ASN F 81 -48.55 22.84 -28.92
CA ASN F 81 -48.25 22.40 -27.57
C ASN F 81 -47.56 21.05 -27.61
N TYR F 82 -47.47 20.46 -28.79
CA TYR F 82 -46.74 19.22 -29.01
C TYR F 82 -45.23 19.43 -28.87
N THR F 83 -44.77 20.61 -29.26
CA THR F 83 -43.39 21.03 -29.06
C THR F 83 -43.36 22.19 -28.08
N ALA F 84 -44.50 22.45 -27.44
CA ALA F 84 -44.70 23.69 -26.74
C ALA F 84 -44.64 23.64 -25.24
N GLY F 85 -44.00 24.66 -24.69
CA GLY F 85 -43.98 24.86 -23.25
C GLY F 85 -45.10 25.80 -22.90
N ARG F 86 -44.95 27.05 -23.29
CA ARG F 86 -45.95 28.07 -22.99
C ARG F 86 -46.47 28.75 -24.25
N ILE F 87 -47.77 29.03 -24.25
CA ILE F 87 -48.44 29.70 -25.33
C ILE F 87 -49.27 30.82 -24.75
N LEU F 88 -49.12 32.01 -25.30
CA LEU F 88 -49.94 33.10 -24.85
C LEU F 88 -50.95 33.38 -25.94
N ALA F 89 -52.24 33.36 -25.58
CA ALA F 89 -53.30 33.58 -26.57
C ALA F 89 -54.16 34.78 -26.26
N MET F 90 -54.89 35.23 -27.26
CA MET F 90 -55.84 36.32 -27.10
C MET F 90 -57.05 36.04 -27.98
N ARG F 91 -58.20 35.83 -27.37
CA ARG F 91 -59.38 35.51 -28.15
C ARG F 91 -59.96 36.72 -28.84
N ILE F 92 -60.19 36.62 -30.14
CA ILE F 92 -60.83 37.68 -30.89
C ILE F 92 -62.33 37.50 -30.85
N GLU F 93 -63.01 38.48 -30.26
CA GLU F 93 -64.45 38.51 -30.20
C GLU F 93 -64.92 39.68 -31.01
N LEU F 105 -75.00 44.42 -12.09
CA LEU F 105 -73.96 45.09 -12.73
C LEU F 105 -72.99 44.13 -13.27
N LYS F 106 -72.83 44.14 -14.54
CA LYS F 106 -71.91 43.25 -15.17
C LYS F 106 -70.53 43.61 -14.82
N ILE F 107 -70.11 43.19 -13.67
CA ILE F 107 -68.83 43.51 -13.16
C ILE F 107 -67.75 43.19 -14.09
N THR F 108 -67.87 42.10 -14.75
CA THR F 108 -66.90 41.73 -15.71
C THR F 108 -67.53 41.10 -16.89
N SER F 109 -67.58 41.81 -17.96
CA SER F 109 -68.14 41.28 -19.15
C SER F 109 -67.35 40.11 -19.49
N LYS F 110 -67.98 39.03 -19.77
CA LYS F 110 -67.27 37.88 -20.14
C LYS F 110 -66.74 38.06 -21.49
N ILE F 111 -66.48 36.98 -22.13
CA ILE F 111 -66.20 36.99 -23.50
C ILE F 111 -66.83 35.78 -24.04
N TYR F 112 -67.02 35.73 -25.31
CA TYR F 112 -67.54 34.56 -25.92
C TYR F 112 -68.82 34.07 -25.37
N GLY F 113 -69.54 34.91 -24.70
CA GLY F 113 -70.86 34.60 -24.32
C GLY F 113 -71.75 34.85 -25.47
N ASN F 114 -72.98 34.51 -25.36
CA ASN F 114 -73.90 34.75 -26.40
C ASN F 114 -75.16 35.24 -25.79
N VAL F 115 -76.17 35.35 -26.57
CA VAL F 115 -77.42 35.85 -26.12
C VAL F 115 -78.58 35.31 -25.35
N ALA F 116 -78.73 34.04 -25.32
CA ALA F 116 -79.79 33.45 -24.62
C ALA F 116 -79.08 32.49 -23.75
N ASN F 117 -77.91 32.84 -23.29
CA ASN F 117 -77.25 32.02 -22.36
C ASN F 117 -77.95 32.31 -21.12
N ASN F 118 -78.35 31.31 -20.42
CA ASN F 118 -79.18 31.48 -19.31
C ASN F 118 -78.44 31.81 -18.08
N ILE F 119 -79.08 32.54 -17.23
CA ILE F 119 -78.49 32.96 -16.03
C ILE F 119 -79.24 32.42 -14.90
N GLN F 120 -78.58 32.18 -13.82
CA GLN F 120 -79.17 31.58 -12.71
C GLN F 120 -78.87 32.30 -11.47
N VAL F 121 -79.88 32.65 -10.76
CA VAL F 121 -79.73 33.35 -9.56
C VAL F 121 -79.93 32.41 -8.45
N GLY F 122 -78.94 32.28 -7.64
CA GLY F 122 -78.99 31.37 -6.57
C GLY F 122 -79.10 32.06 -5.28
N LEU F 123 -79.75 31.44 -4.36
CA LEU F 123 -79.77 31.91 -3.05
C LEU F 123 -78.99 30.98 -2.21
N GLU F 124 -77.80 31.36 -1.91
CA GLU F 124 -76.93 30.53 -1.19
C GLU F 124 -76.81 29.22 -1.86
N LYS F 125 -76.12 29.19 -2.96
CA LYS F 125 -75.91 28.00 -3.68
C LYS F 125 -77.14 27.22 -3.87
N ASN F 126 -78.23 27.89 -4.05
CA ASN F 126 -79.47 27.26 -4.23
C ASN F 126 -80.23 27.97 -5.28
N THR F 127 -80.66 27.26 -6.25
CA THR F 127 -81.29 27.84 -7.38
C THR F 127 -82.62 28.42 -7.10
N LEU F 128 -82.80 29.64 -7.45
CA LEU F 128 -84.05 30.30 -7.31
C LEU F 128 -84.60 30.60 -8.65
N SER F 129 -83.85 31.29 -9.42
CA SER F 129 -84.26 31.68 -10.70
C SER F 129 -83.29 31.16 -11.70
N ASP F 130 -83.79 30.66 -12.77
CA ASP F 130 -82.97 30.06 -13.74
C ASP F 130 -83.38 30.43 -15.10
N SER F 131 -84.05 31.50 -15.23
CA SER F 131 -84.55 31.91 -16.48
C SER F 131 -83.96 33.18 -16.93
N LEU F 132 -83.02 33.66 -16.19
CA LEU F 132 -82.29 34.78 -16.59
C LEU F 132 -81.57 34.43 -17.82
N ARG F 133 -81.09 35.41 -18.49
CA ARG F 133 -80.42 35.15 -19.71
C ARG F 133 -79.75 36.36 -20.24
N LEU F 134 -78.52 36.23 -20.56
CA LEU F 134 -77.82 37.23 -21.25
C LEU F 134 -78.62 37.65 -22.40
N ARG F 135 -78.64 38.89 -22.69
CA ARG F 135 -79.48 39.37 -23.71
C ARG F 135 -78.81 40.29 -24.65
N VAL F 136 -77.63 40.67 -24.36
CA VAL F 136 -76.90 41.47 -25.27
C VAL F 136 -75.46 41.32 -25.07
N ILE F 137 -74.82 40.83 -26.08
CA ILE F 137 -73.42 40.75 -26.10
C ILE F 137 -72.92 41.54 -27.22
N PHE F 138 -71.66 41.75 -27.27
CA PHE F 138 -71.08 42.40 -28.39
C PHE F 138 -70.50 41.42 -29.32
N GLN F 139 -69.49 41.82 -30.01
CA GLN F 139 -68.89 40.98 -30.96
C GLN F 139 -68.04 39.95 -30.33
N ASP F 140 -67.59 40.23 -29.15
CA ASP F 140 -66.68 39.37 -28.51
C ASP F 140 -67.34 38.51 -27.51
N ASP F 141 -68.59 38.69 -27.33
CA ASP F 141 -69.32 37.95 -26.38
C ASP F 141 -69.30 38.59 -25.06
N ARG F 142 -68.74 39.74 -25.00
CA ARG F 142 -68.72 40.49 -23.81
C ARG F 142 -70.13 40.75 -23.41
N PHE F 143 -70.46 40.40 -22.23
CA PHE F 143 -71.80 40.57 -21.78
C PHE F 143 -72.17 41.98 -21.59
N ASN F 144 -73.11 42.44 -22.33
CA ASN F 144 -73.53 43.77 -22.25
C ASN F 144 -74.81 43.93 -21.52
N GLU F 145 -75.68 43.00 -21.65
CA GLU F 145 -76.94 43.10 -21.02
C GLU F 145 -77.56 41.79 -20.73
N VAL F 146 -78.17 41.68 -19.62
CA VAL F 146 -78.85 40.50 -19.25
C VAL F 146 -80.23 40.82 -18.80
N TYR F 147 -81.01 39.83 -18.54
CA TYR F 147 -82.30 40.03 -18.02
C TYR F 147 -82.70 38.95 -17.10
N ASP F 148 -82.75 39.27 -15.85
CA ASP F 148 -83.13 38.36 -14.85
C ASP F 148 -84.51 38.61 -14.38
N ASN F 149 -85.37 37.65 -14.55
CA ASN F 149 -86.68 37.75 -14.06
C ASN F 149 -86.68 37.71 -12.58
N ILE F 150 -87.49 38.48 -11.95
CA ILE F 150 -87.45 38.56 -10.54
C ILE F 150 -88.63 37.99 -9.87
N GLY F 151 -89.49 37.41 -10.60
CA GLY F 151 -90.64 36.82 -10.03
C GLY F 151 -90.28 35.95 -8.92
N ASN F 152 -89.45 34.99 -9.21
CA ASN F 152 -89.08 34.00 -8.29
C ASN F 152 -88.28 34.55 -7.17
N ILE F 153 -87.38 35.41 -7.48
CA ILE F 153 -86.47 35.85 -6.51
C ILE F 153 -87.07 36.75 -5.50
N PHE F 154 -87.83 37.70 -5.93
CA PHE F 154 -88.44 38.57 -4.99
C PHE F 154 -89.31 37.77 -4.09
N THR F 155 -89.82 36.72 -4.61
CA THR F 155 -90.59 35.83 -3.82
C THR F 155 -89.74 35.28 -2.75
N ALA F 165 -88.80 34.50 -3.11
CA ALA F 165 -87.88 33.95 -2.20
C ALA F 165 -87.34 34.99 -1.30
N THR F 166 -87.08 36.14 -1.82
CA THR F 166 -86.50 37.18 -1.08
C THR F 166 -87.42 37.69 -0.05
N PHE F 167 -88.62 37.95 -0.43
CA PHE F 167 -89.60 38.34 0.49
C PHE F 167 -89.69 37.30 1.52
N SER F 168 -89.63 36.09 1.10
CA SER F 168 -89.80 34.98 1.93
C SER F 168 -88.76 34.85 2.97
N VAL F 169 -87.68 35.52 2.81
CA VAL F 169 -86.60 35.39 3.72
C VAL F 169 -86.04 36.70 4.16
N GLU F 170 -86.87 37.68 4.26
CA GLU F 170 -86.48 38.91 4.80
C GLU F 170 -85.57 39.70 3.99
N HIS F 171 -85.01 39.10 3.00
CA HIS F 171 -84.07 39.76 2.16
C HIS F 171 -84.71 40.43 1.01
N ASP F 172 -85.69 41.22 1.27
CA ASP F 172 -86.32 41.95 0.24
C ASP F 172 -86.47 43.37 0.62
N GLU F 173 -86.02 44.26 -0.21
CA GLU F 173 -85.32 43.99 -1.41
C GLU F 173 -83.86 44.07 -1.21
N GLU F 174 -83.46 44.15 0.00
CA GLU F 174 -82.08 44.16 0.31
C GLU F 174 -81.28 43.28 -0.60
N THR F 175 -81.44 42.00 -0.45
CA THR F 175 -80.74 41.08 -1.27
C THR F 175 -79.27 41.12 -1.12
N GLN F 176 -78.60 40.77 -2.17
CA GLN F 176 -77.22 41.00 -2.28
C GLN F 176 -76.30 40.00 -1.73
N LYS F 177 -76.44 39.70 -0.48
CA LYS F 177 -75.44 39.01 0.23
C LYS F 177 -75.33 37.59 -0.17
N ALA F 178 -76.42 36.90 -0.12
CA ALA F 178 -76.43 35.52 -0.42
C ALA F 178 -77.00 35.31 -1.76
N SER F 179 -77.28 36.38 -2.42
CA SER F 179 -77.84 36.32 -3.69
C SER F 179 -76.78 36.40 -4.72
N ARG F 180 -76.76 35.45 -5.58
CA ARG F 180 -75.71 35.33 -6.51
C ARG F 180 -76.21 34.99 -7.85
N LEU F 181 -75.44 35.28 -8.83
CA LEU F 181 -75.85 35.02 -10.16
C LEU F 181 -74.77 34.41 -10.93
N VAL F 182 -75.04 33.30 -11.51
CA VAL F 182 -74.10 32.64 -12.33
C VAL F 182 -74.66 32.42 -13.68
N LEU F 183 -73.83 32.08 -14.60
CA LEU F 183 -74.24 31.85 -15.93
C LEU F 183 -74.60 30.43 -16.16
N LYS F 184 -74.99 30.13 -17.33
CA LYS F 184 -75.28 28.80 -17.71
C LYS F 184 -74.06 28.02 -17.48
N VAL F 185 -74.20 26.75 -17.28
CA VAL F 185 -73.09 25.92 -17.14
C VAL F 185 -73.00 24.94 -18.25
N GLY F 186 -72.62 25.41 -19.38
CA GLY F 186 -72.35 26.78 -19.55
C GLY F 186 -72.67 27.30 -20.89
N ASP F 187 -72.64 28.58 -21.00
CA ASP F 187 -72.71 29.21 -22.25
C ASP F 187 -71.46 28.89 -22.96
N GLN F 188 -71.39 29.23 -24.20
CA GLN F 188 -70.21 29.04 -24.93
C GLN F 188 -69.05 29.67 -24.23
N GLU F 189 -69.25 30.87 -23.80
CA GLU F 189 -68.19 31.65 -23.31
C GLU F 189 -68.08 31.92 -21.87
N VAL F 190 -66.96 32.40 -21.48
CA VAL F 190 -66.60 32.51 -20.12
C VAL F 190 -66.41 33.85 -19.49
N LYS F 191 -65.76 33.86 -18.37
CA LYS F 191 -65.26 35.03 -17.75
C LYS F 191 -66.09 36.04 -17.04
N SER F 192 -67.36 35.90 -17.10
CA SER F 192 -68.23 36.93 -16.70
C SER F 192 -68.51 37.03 -15.25
N TYR F 193 -68.99 38.18 -14.85
CA TYR F 193 -69.27 38.44 -13.49
C TYR F 193 -70.44 39.35 -13.36
N ASP F 194 -71.56 38.79 -13.08
CA ASP F 194 -72.71 39.58 -12.84
C ASP F 194 -72.90 39.75 -11.39
N LEU F 195 -73.17 40.92 -10.96
CA LEU F 195 -73.28 41.19 -9.57
C LEU F 195 -74.61 41.72 -9.18
N THR F 196 -75.23 41.06 -8.27
CA THR F 196 -76.58 41.34 -7.95
C THR F 196 -76.77 42.30 -6.85
N GLY F 197 -77.55 43.29 -7.08
CA GLY F 197 -77.90 44.20 -6.07
C GLY F 197 -79.25 43.93 -5.54
N GLY F 198 -80.00 44.95 -5.30
CA GLY F 198 -81.28 44.81 -4.72
C GLY F 198 -82.37 44.83 -5.72
N ALA F 199 -83.54 44.52 -5.30
CA ALA F 199 -84.67 44.60 -6.13
C ALA F 199 -85.06 46.00 -6.25
N TYR F 200 -85.02 46.54 -7.42
CA TYR F 200 -85.29 47.92 -7.59
C TYR F 200 -86.68 48.20 -7.27
N ASP F 201 -86.89 49.05 -6.34
CA ASP F 201 -88.20 49.43 -5.96
C ASP F 201 -88.50 50.81 -6.38
N TYR F 202 -87.53 51.48 -6.88
CA TYR F 202 -87.72 52.79 -7.36
C TYR F 202 -88.09 52.74 -8.79
N THR F 203 -89.32 52.99 -9.07
CA THR F 203 -89.77 52.99 -10.40
C THR F 203 -88.93 53.87 -11.21
N ALA F 245 -89.93 44.64 26.41
CA ALA F 245 -88.93 43.88 25.95
C ALA F 245 -88.87 43.90 24.54
N VAL F 246 -89.34 44.89 24.00
CA VAL F 246 -89.22 45.10 22.68
C VAL F 246 -88.38 46.21 22.48
N TYR F 247 -87.65 46.18 21.51
CA TYR F 247 -86.79 47.18 21.26
C TYR F 247 -86.81 47.61 19.94
N VAL F 248 -86.55 48.79 19.77
CA VAL F 248 -86.46 49.31 18.54
C VAL F 248 -85.13 49.21 18.12
N LYS F 249 -84.93 48.64 17.07
CA LYS F 249 -83.70 48.51 16.56
C LYS F 249 -83.60 49.18 15.34
N ALA F 250 -82.68 49.96 15.21
CA ALA F 250 -82.50 50.64 14.08
C ALA F 250 -81.18 50.51 13.62
N VAL F 251 -80.98 49.78 12.66
CA VAL F 251 -79.75 49.52 12.21
C VAL F 251 -79.34 50.42 11.21
N PHE F 252 -78.22 50.90 11.32
CA PHE F 252 -77.76 51.83 10.46
C PHE F 252 -76.52 51.49 9.94
N GLY F 253 -76.37 51.65 8.74
CA GLY F 253 -75.16 51.57 8.19
C GLY F 253 -74.96 52.70 7.39
N ASP F 254 -74.09 53.48 7.75
CA ASP F 254 -73.85 54.62 7.08
C ASP F 254 -74.89 55.55 7.23
N LEU F 255 -75.37 55.67 8.34
CA LEU F 255 -76.35 56.54 8.60
C LEU F 255 -77.57 56.11 8.06
N GLU F 256 -77.52 55.11 7.35
CA GLU F 256 -78.62 54.62 6.78
C GLU F 256 -79.32 53.79 7.66
N LYS F 257 -80.51 53.98 7.76
CA LYS F 257 -81.27 53.22 8.56
C LYS F 257 -81.57 52.04 7.88
N GLN F 258 -80.66 51.22 7.83
CA GLN F 258 -80.73 50.08 7.14
C GLN F 258 -81.78 49.20 7.50
N THR F 259 -82.11 49.19 8.68
CA THR F 259 -83.11 48.40 9.12
C THR F 259 -83.70 48.93 10.28
N ALA F 260 -84.88 48.67 10.46
CA ALA F 260 -85.55 49.14 11.52
C ALA F 260 -86.51 48.21 11.94
N TYR F 261 -86.35 47.72 13.05
CA TYR F 261 -87.16 46.76 13.50
C TYR F 261 -87.37 46.87 14.86
N ASN F 262 -88.32 46.25 15.33
CA ASN F 262 -88.55 46.19 16.64
C ASN F 262 -88.59 44.85 17.05
N GLY F 263 -87.83 44.53 17.94
CA GLY F 263 -87.74 43.25 18.36
C GLY F 263 -87.91 43.12 19.74
N ILE F 264 -88.12 41.99 20.14
CA ILE F 264 -88.34 41.76 21.44
C ILE F 264 -87.42 40.83 21.94
N VAL F 265 -87.12 40.95 23.12
CA VAL F 265 -86.29 40.10 23.72
C VAL F 265 -87.00 39.07 24.35
N SER F 266 -88.22 39.08 24.21
CA SER F 266 -89.00 38.15 24.78
C SER F 266 -89.56 37.30 23.82
N PHE F 267 -89.28 36.12 23.91
CA PHE F 267 -89.72 35.22 23.02
C PHE F 267 -91.11 35.33 22.86
N GLU F 268 -91.55 34.98 21.78
CA GLU F 268 -92.86 35.00 21.53
C GLU F 268 -93.31 36.23 21.05
N GLN F 269 -93.03 37.22 21.69
CA GLN F 269 -93.47 38.43 21.38
C GLN F 269 -93.43 38.67 20.00
N LEU F 270 -94.42 39.24 19.55
CA LEU F 270 -94.57 39.47 18.24
C LEU F 270 -94.93 40.81 18.02
N ASN F 271 -94.80 41.22 16.88
CA ASN F 271 -95.27 42.42 16.52
C ASN F 271 -96.64 42.29 16.29
N ALA F 272 -97.20 43.21 15.74
CA ALA F 272 -98.51 43.18 15.47
C ALA F 272 -98.81 42.35 14.40
N GLU F 273 -98.01 41.48 14.14
CA GLU F 273 -98.19 40.63 13.10
C GLU F 273 -97.88 39.32 13.48
N GLY F 274 -97.72 39.11 14.68
CA GLY F 274 -97.35 37.92 15.15
C GLY F 274 -96.15 37.47 14.56
N GLU F 275 -95.37 38.33 14.19
CA GLU F 275 -94.14 38.02 13.75
C GLU F 275 -93.28 37.96 14.85
N VAL F 276 -92.82 36.86 15.10
CA VAL F 276 -91.98 36.69 16.13
C VAL F 276 -90.90 37.56 16.08
N PRO F 277 -90.94 38.52 16.85
CA PRO F 277 -89.98 39.45 16.87
C PRO F 277 -89.11 39.28 17.97
N SER F 278 -89.01 38.15 18.42
CA SER F 278 -88.08 37.87 19.34
C SER F 278 -86.83 37.88 18.72
N ASN F 279 -86.00 38.67 19.18
CA ASN F 279 -84.80 38.85 18.62
C ASN F 279 -84.22 37.69 18.07
N VAL F 280 -83.85 36.84 18.86
CA VAL F 280 -83.18 35.74 18.45
C VAL F 280 -83.75 35.10 17.35
N GLU F 281 -84.97 35.10 17.26
CA GLU F 281 -85.60 34.50 16.24
C GLU F 281 -85.61 35.31 15.10
N VAL F 282 -85.99 36.46 15.25
CA VAL F 282 -86.01 37.33 14.25
C VAL F 282 -84.88 37.21 13.44
N GLU F 283 -83.80 37.28 14.00
CA GLU F 283 -82.64 37.20 13.33
C GLU F 283 -82.37 35.88 12.94
N ALA F 284 -82.82 35.02 13.67
CA ALA F 284 -82.63 33.71 13.42
C ALA F 284 -83.11 33.36 12.16
N GLY F 285 -83.91 34.14 11.65
CA GLY F 285 -84.49 33.89 10.48
C GLY F 285 -84.35 34.99 9.61
N GLU F 286 -83.26 35.12 9.08
CA GLU F 286 -83.00 36.11 8.21
C GLU F 286 -83.63 37.32 8.48
N GLU F 287 -83.75 37.62 9.66
CA GLU F 287 -84.42 38.70 10.03
C GLU F 287 -83.85 39.89 9.61
N THR F 319 -64.53 40.65 -37.66
CA THR F 319 -63.84 41.33 -38.75
C THR F 319 -62.33 41.16 -38.66
N TRP F 320 -61.68 41.18 -39.82
CA TRP F 320 -60.23 41.05 -39.85
C TRP F 320 -59.60 41.94 -38.79
N ALA F 321 -60.01 43.18 -38.77
CA ALA F 321 -59.49 44.14 -37.81
C ALA F 321 -59.65 43.66 -36.38
N ASP F 322 -60.79 43.06 -36.09
CA ASP F 322 -61.07 42.52 -34.77
C ASP F 322 -59.96 41.57 -34.37
N LYS F 323 -59.30 40.98 -35.36
CA LYS F 323 -58.14 40.14 -35.11
C LYS F 323 -56.92 40.98 -34.80
N LEU F 324 -56.72 42.01 -35.59
CA LEU F 324 -55.56 42.87 -35.45
C LEU F 324 -55.58 43.62 -34.12
N ASP F 325 -56.77 44.03 -33.68
CA ASP F 325 -56.91 44.62 -32.36
C ASP F 325 -56.36 43.66 -31.33
N LYS F 326 -56.63 42.39 -31.53
CA LYS F 326 -56.19 41.35 -30.61
C LYS F 326 -54.70 41.18 -30.64
N PHE F 327 -54.16 40.84 -31.80
CA PHE F 327 -52.74 40.65 -31.96
C PHE F 327 -51.94 41.76 -31.32
N ALA F 328 -42.06 45.94 -23.58
CA ALA F 328 -42.18 46.47 -22.24
C ALA F 328 -43.09 45.46 -21.57
N HIS F 329 -44.09 45.00 -22.29
CA HIS F 329 -45.15 44.25 -21.66
C HIS F 329 -45.10 42.74 -21.70
N GLU F 330 -44.97 42.16 -22.89
CA GLU F 330 -44.99 40.72 -23.01
C GLU F 330 -43.78 40.12 -23.70
N GLY F 331 -43.10 39.24 -22.98
CA GLY F 331 -41.95 38.53 -23.51
C GLY F 331 -42.38 37.32 -24.31
N GLY F 332 -42.59 37.51 -25.61
CA GLY F 332 -43.03 36.43 -26.46
C GLY F 332 -42.06 36.22 -27.60
N TYR F 333 -41.48 35.02 -27.68
CA TYR F 333 -40.41 34.76 -28.63
C TYR F 333 -40.87 34.49 -30.05
N TYR F 334 -41.91 33.69 -30.20
CA TYR F 334 -42.35 33.27 -31.53
C TYR F 334 -43.75 33.79 -31.79
N ILE F 335 -44.12 33.85 -33.05
CA ILE F 335 -45.42 34.38 -33.45
C ILE F 335 -46.15 33.44 -34.40
N VAL F 336 -47.14 32.73 -33.89
CA VAL F 336 -47.94 31.89 -34.77
C VAL F 336 -48.88 32.78 -35.56
N PRO F 337 -48.72 32.81 -36.87
CA PRO F 337 -49.45 33.76 -37.65
C PRO F 337 -50.26 33.10 -38.74
N LEU F 338 -49.72 32.04 -39.32
CA LEU F 338 -50.39 31.33 -40.39
C LEU F 338 -51.78 30.88 -40.01
N SER F 339 -52.09 31.00 -38.72
CA SER F 339 -53.37 30.60 -38.19
C SER F 339 -54.53 31.24 -38.91
N SER F 340 -58.36 38.95 -45.60
CA SER F 340 -57.90 38.91 -44.22
C SER F 340 -56.76 37.92 -44.04
N LYS F 341 -56.78 36.83 -44.79
CA LYS F 341 -55.69 35.86 -44.74
C LYS F 341 -54.37 36.60 -44.89
N GLN F 342 -54.35 37.53 -45.82
CA GLN F 342 -53.16 38.31 -46.11
C GLN F 342 -53.01 39.48 -45.16
N SER F 343 -54.01 40.34 -45.12
CA SER F 343 -53.87 41.59 -44.39
C SER F 343 -53.67 41.46 -42.89
N VAL F 344 -54.13 40.38 -42.28
CA VAL F 344 -53.87 40.16 -40.87
C VAL F 344 -52.41 39.87 -40.66
N HIS F 345 -51.96 38.73 -41.19
CA HIS F 345 -50.57 38.35 -41.14
C HIS F 345 -49.65 39.52 -41.47
N ALA F 346 -49.87 40.09 -42.64
CA ALA F 346 -49.12 41.25 -43.09
C ALA F 346 -48.90 42.19 -41.92
N GLU F 347 -49.98 42.46 -41.20
CA GLU F 347 -49.93 43.33 -40.04
C GLU F 347 -49.16 42.72 -38.87
N VAL F 348 -49.35 41.42 -38.65
CA VAL F 348 -48.64 40.74 -37.57
C VAL F 348 -47.15 40.87 -37.75
N ALA F 349 -46.70 40.79 -38.99
CA ALA F 349 -45.29 40.99 -39.33
C ALA F 349 -44.87 42.38 -38.89
N SER F 350 -45.78 43.33 -39.05
CA SER F 350 -45.50 44.71 -38.72
C SER F 350 -45.64 44.97 -37.22
N PHE F 351 -45.52 43.91 -36.44
CA PHE F 351 -45.50 44.01 -34.99
C PHE F 351 -44.16 43.48 -34.51
N VAL F 352 -43.74 42.39 -35.13
CA VAL F 352 -42.43 41.83 -34.87
C VAL F 352 -41.39 42.76 -35.45
N LYS F 353 -41.70 43.34 -36.59
CA LYS F 353 -40.82 44.32 -37.22
C LYS F 353 -40.51 45.45 -36.24
N GLU F 354 -41.53 46.13 -35.80
CA GLU F 354 -41.37 47.32 -34.99
C GLU F 354 -40.83 46.98 -33.61
N ARG F 355 -40.80 45.72 -33.22
CA ARG F 355 -40.34 45.36 -31.89
C ARG F 355 -39.04 44.56 -31.92
N GLU F 360 -38.86 43.80 -32.97
CA GLU F 360 -37.63 43.05 -33.23
C GLU F 360 -37.14 42.20 -32.07
N PRO F 361 -38.07 41.62 -31.34
CA PRO F 361 -37.78 40.59 -30.36
C PRO F 361 -38.76 39.45 -30.59
N MET F 362 -38.55 38.68 -31.64
CA MET F 362 -39.51 37.67 -32.04
C MET F 362 -39.21 37.04 -33.38
N ARG F 363 -40.22 36.43 -33.97
CA ARG F 363 -40.06 35.74 -35.24
C ARG F 363 -41.57 35.80 -35.48
N ALA F 364 -41.96 36.18 -36.69
CA ALA F 364 -43.38 36.28 -36.99
C ALA F 364 -43.09 35.22 -38.04
N ILE F 365 -43.80 34.09 -37.96
CA ILE F 365 -43.62 32.99 -38.89
C ILE F 365 -45.04 33.02 -39.46
N VAL F 366 -45.15 32.74 -40.76
CA VAL F 366 -46.40 32.94 -41.49
C VAL F 366 -46.56 31.95 -42.63
N GLY F 367 -47.80 31.54 -42.87
CA GLY F 367 -48.12 30.53 -43.88
C GLY F 367 -49.13 30.95 -44.95
N GLY F 368 -49.08 30.32 -46.13
CA GLY F 368 -49.85 30.73 -47.32
C GLY F 368 -51.32 30.51 -47.13
N GLY F 369 -52.14 31.15 -47.97
CA GLY F 369 -53.60 30.99 -47.89
C GLY F 369 -54.05 29.68 -48.50
N PHE F 370 -49.47 21.31 -58.23
CA PHE F 370 -48.30 22.13 -57.99
C PHE F 370 -47.98 23.10 -59.13
N ASN F 371 -48.22 22.69 -60.35
CA ASN F 371 -48.01 23.55 -61.51
C ASN F 371 -48.56 24.93 -61.24
N GLU F 372 -49.89 25.04 -61.17
CA GLU F 372 -50.53 26.28 -60.80
C GLU F 372 -50.04 26.74 -59.44
N SER F 373 -49.93 25.80 -58.51
CA SER F 373 -49.63 26.10 -57.13
C SER F 373 -48.55 27.15 -56.97
N LYS F 374 -47.38 26.87 -57.48
CA LYS F 374 -46.25 27.77 -57.27
C LYS F 374 -46.50 29.13 -57.92
N GLU F 375 -46.97 29.12 -59.16
CA GLU F 375 -47.32 30.35 -59.82
C GLU F 375 -48.03 31.25 -58.83
N GLN F 376 -49.07 30.71 -58.21
CA GLN F 376 -49.86 31.44 -57.25
C GLN F 376 -49.01 32.00 -56.13
N LEU F 377 -48.27 31.13 -55.46
CA LEU F 377 -47.44 31.54 -54.34
C LEU F 377 -46.54 32.72 -54.66
N PHE F 378 -45.88 32.67 -55.82
CA PHE F 378 -44.92 33.70 -56.18
C PHE F 378 -45.61 35.01 -56.53
N GLY F 379 -46.72 34.92 -57.25
CA GLY F 379 -47.54 36.08 -57.50
C GLY F 379 -47.91 36.77 -56.21
N ARG F 380 -48.33 35.98 -55.23
CA ARG F 380 -48.77 36.49 -53.94
C ARG F 380 -47.64 37.18 -53.19
N GLN F 381 -46.44 36.64 -53.32
CA GLN F 381 -45.28 37.19 -52.64
C GLN F 381 -44.79 38.48 -53.26
N ALA F 382 -45.39 38.87 -54.38
CA ALA F 382 -45.09 40.12 -55.05
C ALA F 382 -46.31 41.00 -55.33
N SER F 383 -47.16 40.55 -56.25
CA SER F 383 -48.32 41.32 -56.63
C SER F 383 -48.84 40.69 -57.90
N LEU F 384 -46.63 41.14 -50.13
CA LEU F 384 -45.36 41.71 -50.61
C LEU F 384 -44.63 42.55 -49.58
N SER F 385 -44.11 41.89 -48.55
CA SER F 385 -43.31 42.55 -47.54
C SER F 385 -42.00 41.80 -47.45
N ASN F 386 -41.07 42.32 -46.67
CA ASN F 386 -39.75 41.70 -46.61
C ASN F 386 -39.02 41.90 -45.29
N PRO F 387 -39.42 41.15 -44.26
CA PRO F 387 -38.78 41.25 -42.98
C PRO F 387 -37.83 40.11 -42.71
N ARG F 388 -36.74 40.43 -42.02
CA ARG F 388 -35.78 39.46 -41.59
C ARG F 388 -36.40 38.70 -40.46
N VAL F 389 -37.52 39.22 -39.99
CA VAL F 389 -38.30 38.60 -38.93
C VAL F 389 -39.47 37.84 -39.53
N SER F 390 -39.68 38.05 -40.81
CA SER F 390 -40.76 37.39 -41.51
C SER F 390 -40.28 36.04 -41.99
N LEU F 391 -40.94 34.99 -41.55
CA LEU F 391 -40.63 33.65 -42.00
C LEU F 391 -42.03 33.29 -42.52
N VAL F 392 -42.13 33.06 -43.82
CA VAL F 392 -43.34 32.52 -44.41
C VAL F 392 -43.27 31.01 -44.56
N ALA F 393 -44.33 30.42 -45.06
CA ALA F 393 -44.78 29.11 -44.58
C ALA F 393 -45.67 28.42 -45.60
N ASN F 394 -45.23 27.27 -46.07
CA ASN F 394 -44.84 27.10 -47.44
C ASN F 394 -45.71 26.11 -48.18
N SER F 395 -46.35 25.23 -47.44
CA SER F 395 -47.66 24.73 -47.82
C SER F 395 -48.64 24.74 -46.65
N GLY F 396 -49.53 23.76 -46.63
CA GLY F 396 -50.58 23.71 -45.61
C GLY F 396 -50.91 22.27 -45.25
N THR F 397 -50.96 21.99 -43.95
CA THR F 397 -50.88 20.63 -43.47
C THR F 397 -52.25 19.97 -43.41
N PHE F 398 -52.28 18.65 -43.52
CA PHE F 398 -53.51 17.91 -43.47
C PHE F 398 -53.55 17.02 -42.24
N VAL F 399 -54.15 17.51 -41.18
CA VAL F 399 -54.15 16.83 -39.89
C VAL F 399 -55.44 16.03 -39.68
N MET F 400 -55.53 15.31 -38.57
CA MET F 400 -56.77 14.69 -38.18
C MET F 400 -57.28 15.37 -36.93
N ASP F 401 -58.58 15.60 -36.86
CA ASP F 401 -59.16 16.39 -35.80
C ASP F 401 -59.85 15.50 -34.78
N ASP F 402 -59.12 15.06 -33.77
CA ASP F 402 -59.65 14.12 -32.81
C ASP F 402 -60.97 14.57 -32.20
N GLY F 403 -61.29 15.84 -32.34
CA GLY F 403 -62.50 16.37 -31.74
C GLY F 403 -63.73 16.19 -32.61
N ARG F 404 -63.75 16.84 -33.76
CA ARG F 404 -64.85 16.65 -34.68
C ARG F 404 -64.75 15.29 -35.33
N ASN F 406 -63.59 14.67 -35.18
CA ASN F 406 -63.30 13.38 -35.78
C ASN F 406 -63.28 13.47 -37.29
N HIS F 407 -62.53 14.43 -37.81
CA HIS F 407 -62.45 14.62 -39.24
C HIS F 407 -61.06 15.02 -39.67
N VAL F 408 -60.69 14.67 -40.90
CA VAL F 408 -59.43 15.11 -41.47
C VAL F 408 -59.58 16.52 -42.01
N PRO F 409 -58.58 17.35 -41.77
CA PRO F 409 -58.74 18.77 -41.93
C PRO F 409 -57.43 19.43 -42.35
N ALA F 410 -57.50 20.44 -43.20
CA ALA F 410 -56.31 21.21 -43.55
C ALA F 410 -56.06 22.33 -42.55
N TYR F 411 -54.85 22.42 -42.03
CA TYR F 411 -54.52 23.48 -41.11
C TYR F 411 -53.23 24.18 -41.48
N MET F 412 -53.12 25.47 -41.17
CA MET F 412 -51.91 26.24 -41.45
C MET F 412 -50.72 25.58 -40.80
N VAL F 413 -49.66 25.40 -41.57
CA VAL F 413 -48.49 24.68 -41.08
C VAL F 413 -47.65 25.52 -40.14
N ALA F 414 -47.67 26.83 -40.34
CA ALA F 414 -46.89 27.75 -39.53
C ALA F 414 -47.04 27.47 -38.05
N VAL F 415 -48.28 27.39 -37.59
CA VAL F 415 -48.58 27.07 -36.20
C VAL F 415 -47.66 25.98 -35.67
N ALA F 416 -47.37 25.02 -36.53
CA ALA F 416 -46.60 23.88 -36.14
C ALA F 416 -45.10 24.18 -36.06
N LEU F 417 -44.51 24.62 -37.17
CA LEU F 417 -43.09 24.92 -37.22
C LEU F 417 -42.65 25.81 -36.07
N GLY F 418 -43.55 26.65 -35.60
CA GLY F 418 -43.24 27.56 -34.51
C GLY F 418 -42.88 26.80 -33.24
N GLY F 419 -43.63 25.75 -32.95
CA GLY F 419 -43.31 24.90 -31.83
C GLY F 419 -42.04 24.14 -32.14
N LEU F 420 -41.88 23.84 -33.42
CA LEU F 420 -40.70 23.14 -33.89
C LEU F 420 -39.46 24.00 -33.70
N ALA F 421 -39.68 25.27 -33.36
CA ALA F 421 -38.58 26.17 -33.07
C ALA F 421 -38.29 26.23 -31.58
N SER F 422 -39.35 26.35 -30.77
CA SER F 422 -39.23 26.37 -29.33
C SER F 422 -38.37 25.20 -28.95
N GLY F 423 -38.44 24.18 -29.79
CA GLY F 423 -37.62 23.02 -29.70
C GLY F 423 -36.23 23.37 -30.16
N LEU F 424 -35.89 22.87 -31.34
CA LEU F 424 -34.55 22.96 -31.90
C LEU F 424 -33.86 24.29 -31.66
N GLU F 425 -32.64 24.19 -31.12
CA GLU F 425 -31.87 25.36 -30.70
C GLU F 425 -32.74 26.37 -30.00
N ILE F 426 -32.34 27.63 -30.05
CA ILE F 426 -33.19 28.65 -29.47
C ILE F 426 -33.90 29.56 -30.45
N GLY F 427 -34.88 30.27 -29.92
CA GLY F 427 -35.96 30.80 -30.71
C GLY F 427 -35.91 32.32 -30.83
N GLU F 428 -37.46 21.11 -40.78
CA GLU F 428 -36.38 21.28 -39.80
C GLU F 428 -36.30 20.10 -38.85
N SER F 429 -36.78 18.95 -39.31
CA SER F 429 -36.97 17.80 -38.47
C SER F 429 -38.43 17.48 -38.53
N ILE F 430 -38.78 16.29 -39.00
CA ILE F 430 -40.15 16.01 -39.38
C ILE F 430 -41.17 16.48 -38.37
N THR F 431 -42.35 16.80 -38.86
CA THR F 431 -43.45 17.27 -38.03
C THR F 431 -44.27 16.09 -37.59
N PHE F 432 -44.95 16.26 -36.49
CA PHE F 432 -45.54 15.14 -35.76
C PHE F 432 -46.74 14.49 -36.44
N LYS F 433 -47.84 15.22 -36.52
CA LYS F 433 -49.12 14.59 -36.77
C LYS F 433 -49.65 14.80 -38.16
N PRO F 434 -48.80 15.27 -39.05
CA PRO F 434 -49.16 15.39 -40.44
C PRO F 434 -49.61 14.04 -40.97
N LEU F 435 -50.37 14.05 -42.03
CA LEU F 435 -50.79 12.81 -42.65
C LEU F 435 -50.85 13.02 -44.14
N ARG F 436 -50.34 14.16 -44.56
CA ARG F 436 -50.45 14.59 -45.94
C ARG F 436 -50.07 16.06 -45.96
N VAL F 437 -49.30 16.46 -46.96
CA VAL F 437 -49.04 17.87 -47.16
C VAL F 437 -49.50 18.34 -48.54
N SER F 438 -49.87 19.61 -48.64
CA SER F 438 -50.42 20.11 -49.88
C SER F 438 -49.48 19.82 -51.03
N TYR F 444 -48.19 19.94 -50.79
CA TYR F 444 -47.19 19.60 -51.78
C TYR F 444 -46.05 18.81 -51.17
N GLU F 445 -45.48 17.89 -51.95
CA GLU F 445 -44.42 17.04 -51.46
C GLU F 445 -43.59 16.47 -52.61
N SER F 446 -37.44 20.26 -57.91
CA SER F 446 -36.17 20.71 -57.44
C SER F 446 -36.01 22.15 -57.78
N ILE F 447 -36.38 22.56 -59.00
CA ILE F 447 -36.21 23.92 -59.37
C ILE F 447 -37.04 24.77 -58.47
N ASP F 448 -38.28 24.34 -58.21
CA ASP F 448 -39.17 25.10 -57.40
C ASP F 448 -38.61 25.18 -56.02
N LEU F 449 -38.07 24.06 -55.51
CA LEU F 449 -37.55 24.01 -54.19
C LEU F 449 -36.45 25.01 -54.07
N ASP F 450 -35.52 25.01 -55.04
CA ASP F 450 -34.43 25.94 -54.91
C ASP F 450 -35.01 27.30 -54.95
N GLU F 451 -36.07 27.48 -55.76
CA GLU F 451 -36.70 28.76 -55.89
C GLU F 451 -37.28 29.15 -54.58
N LEU F 452 -37.93 28.21 -53.87
CA LEU F 452 -38.56 28.54 -52.63
C LEU F 452 -37.54 28.95 -51.65
N ASN F 453 -36.42 28.20 -51.56
CA ASN F 453 -35.28 28.58 -50.78
C ASN F 453 -34.87 29.87 -51.42
N GLU F 454 -34.07 30.72 -50.79
CA GLU F 454 -33.66 31.94 -51.45
C GLU F 454 -34.78 32.92 -51.33
N ASN F 455 -36.03 32.46 -51.58
CA ASN F 455 -37.23 33.18 -51.41
C ASN F 455 -37.36 33.29 -49.93
N GLY F 456 -36.60 32.43 -49.22
CA GLY F 456 -36.69 32.36 -47.79
C GLY F 456 -38.02 31.86 -47.40
N ILE F 457 -38.43 30.74 -48.02
CA ILE F 457 -39.67 30.17 -47.63
C ILE F 457 -39.39 28.79 -47.11
N ILE F 458 -40.18 28.33 -46.11
CA ILE F 458 -39.99 27.05 -45.49
C ILE F 458 -40.81 26.02 -46.21
N SER F 459 -40.13 25.11 -46.87
CA SER F 459 -40.77 24.07 -47.61
C SER F 459 -40.86 22.79 -46.86
N ILE F 460 -41.75 21.89 -47.31
CA ILE F 460 -41.79 20.57 -46.77
C ILE F 460 -41.73 19.67 -47.95
N GLU F 461 -40.86 18.64 -47.92
CA GLU F 461 -40.82 17.78 -49.05
C GLU F 461 -40.95 16.38 -48.56
N PHE F 462 -41.47 15.49 -49.41
CA PHE F 462 -41.62 14.14 -49.00
C PHE F 462 -40.77 13.31 -49.87
N VAL F 463 -39.92 12.47 -49.26
CA VAL F 463 -39.09 11.65 -50.09
C VAL F 463 -39.23 10.24 -49.62
N ARG F 464 -39.65 9.36 -50.53
CA ARG F 464 -39.72 7.97 -50.21
C ARG F 464 -40.63 7.79 -49.05
N ASN F 465 -41.58 8.71 -48.88
CA ASN F 465 -42.47 8.60 -47.77
C ASN F 465 -41.89 9.43 -46.68
N ARG F 466 -42.76 9.89 -45.76
CA ARG F 466 -42.35 10.72 -44.67
C ARG F 466 -41.89 12.03 -45.22
N THR F 467 -42.46 13.12 -44.72
CA THR F 467 -42.09 14.40 -45.20
C THR F 467 -41.20 15.03 -44.17
N ASN F 468 -40.24 15.85 -44.63
CA ASN F 468 -39.33 16.48 -43.72
C ASN F 468 -39.17 17.90 -44.14
N THR F 469 -38.63 18.74 -43.24
CA THR F 469 -38.46 20.12 -43.54
C THR F 469 -37.28 20.28 -44.43
N PHE F 470 -37.47 20.96 -45.57
CA PHE F 470 -36.39 21.15 -46.49
C PHE F 470 -35.36 22.03 -45.89
N PHE F 471 -35.79 23.18 -45.35
CA PHE F 471 -34.81 24.10 -44.88
C PHE F 471 -35.28 24.70 -43.61
N MET F 491 -30.41 32.27 -43.47
CA MET F 491 -30.53 31.55 -42.25
C MET F 491 -30.99 32.32 -41.06
N ALA F 492 -33.03 30.01 -35.87
CA ALA F 492 -32.00 29.41 -35.09
C ALA F 492 -30.79 30.27 -35.09
N VAL F 493 -30.35 30.71 -36.28
CA VAL F 493 -29.17 31.51 -36.37
C VAL F 493 -29.40 32.81 -35.67
N GLY F 494 -30.62 33.34 -35.79
CA GLY F 494 -30.98 34.61 -35.22
C GLY F 494 -30.88 34.57 -33.74
N GLU F 495 -31.41 33.51 -33.12
CA GLU F 495 -31.46 33.45 -31.71
C GLU F 495 -30.09 33.49 -31.15
N ALA F 496 -29.13 32.85 -31.84
CA ALA F 496 -27.80 32.86 -31.34
C ALA F 496 -27.38 34.30 -31.30
N ASN F 497 -27.54 35.01 -32.43
CA ASN F 497 -27.07 36.35 -32.48
C ASN F 497 -27.81 37.25 -31.55
N ASP F 498 -29.15 37.15 -31.50
CA ASP F 498 -29.87 38.05 -30.66
C ASP F 498 -29.41 37.88 -29.25
N PHE F 499 -29.24 36.63 -28.82
CA PHE F 499 -28.87 36.41 -27.45
C PHE F 499 -27.54 37.04 -27.19
N LEU F 500 -26.58 36.83 -28.10
CA LEU F 500 -25.28 37.37 -27.81
C LEU F 500 -25.36 38.85 -27.69
N VAL F 501 -26.04 39.52 -28.63
CA VAL F 501 -26.06 40.94 -28.61
C VAL F 501 -26.69 41.43 -27.35
N SER F 502 -27.77 40.79 -26.90
CA SER F 502 -28.43 41.28 -25.74
C SER F 502 -27.52 41.19 -24.56
N GLU F 503 -26.82 40.04 -24.41
CA GLU F 503 -25.98 39.84 -23.28
C GLU F 503 -24.83 40.81 -23.32
N LEU F 504 -24.27 41.07 -24.51
CA LEU F 504 -23.11 41.89 -24.56
C LEU F 504 -23.40 43.25 -24.04
N LYS F 505 -24.57 43.82 -24.40
CA LYS F 505 -24.92 45.15 -24.02
C LYS F 505 -25.05 45.29 -22.55
N VAL F 506 -25.60 44.27 -21.87
CA VAL F 506 -25.84 44.37 -20.47
C VAL F 506 -24.54 44.59 -19.75
N GLN F 507 -23.45 44.04 -20.30
CA GLN F 507 -22.15 44.13 -19.69
C GLN F 507 -21.72 45.57 -19.63
N LEU F 508 -22.53 46.49 -20.21
CA LEU F 508 -22.22 47.88 -20.27
C LEU F 508 -22.15 48.46 -18.89
N GLU F 509 -22.77 47.80 -17.91
CA GLU F 509 -22.78 48.36 -16.59
C GLU F 509 -21.36 48.49 -16.15
N GLN F 511 -20.52 47.55 -16.59
CA GLN F 511 -19.15 47.48 -16.21
C GLN F 511 -18.44 48.72 -16.63
N PHE F 512 -18.81 49.31 -17.79
CA PHE F 512 -18.08 50.45 -18.29
C PHE F 512 -18.10 51.54 -17.29
N ILE F 513 -19.25 51.78 -16.66
CA ILE F 513 -19.34 52.87 -15.76
C ILE F 513 -18.34 52.66 -14.68
N GLY F 514 -18.12 51.38 -14.31
CA GLY F 514 -17.28 51.06 -13.21
C GLY F 514 -15.89 51.58 -13.46
N THR F 515 -15.30 51.34 -14.64
CA THR F 515 -13.94 51.78 -14.80
C THR F 515 -13.79 52.71 -15.95
N ARG F 516 -12.58 53.26 -16.08
CA ARG F 516 -12.18 54.18 -17.12
C ARG F 516 -11.84 53.39 -18.34
N THR F 517 -11.60 54.09 -19.46
CA THR F 517 -11.30 53.46 -20.71
C THR F 517 -9.85 53.68 -21.03
N ILE F 518 -9.13 52.60 -21.39
CA ILE F 518 -7.74 52.67 -21.72
C ILE F 518 -7.44 51.53 -22.63
N ASN F 519 -6.15 51.35 -22.97
CA ASN F 519 -5.78 50.24 -23.79
C ASN F 519 -6.11 49.01 -23.04
N THR F 520 -5.85 49.06 -21.72
CA THR F 520 -6.09 47.95 -20.87
C THR F 520 -7.55 47.67 -20.84
N SER F 521 -8.38 48.71 -20.89
CA SER F 521 -9.80 48.52 -20.83
C SER F 521 -10.23 47.78 -22.03
N ALA F 522 -9.47 47.92 -23.12
CA ALA F 522 -9.73 47.15 -24.30
C ALA F 522 -9.64 45.73 -23.86
N SER F 523 -8.54 45.40 -23.15
CA SER F 523 -8.43 44.09 -22.59
C SER F 523 -9.37 44.12 -21.45
N ILE F 524 -9.55 43.05 -20.67
CA ILE F 524 -10.49 43.15 -19.59
C ILE F 524 -11.87 43.07 -20.18
N ILE F 525 -12.39 44.17 -20.76
CA ILE F 525 -13.70 44.08 -21.35
C ILE F 525 -13.63 43.03 -22.39
N LYS F 526 -12.57 43.09 -23.22
CA LYS F 526 -12.39 42.17 -24.28
C LYS F 526 -12.28 40.80 -23.70
N ASP F 527 -11.49 40.66 -22.63
CA ASP F 527 -11.32 39.35 -22.10
C ASP F 527 -12.62 38.86 -21.59
N PHE F 528 -13.41 39.73 -20.94
CA PHE F 528 -14.65 39.30 -20.37
C PHE F 528 -15.58 38.81 -21.43
N ILE F 529 -15.78 39.60 -22.49
CA ILE F 529 -16.70 39.19 -23.51
C ILE F 529 -16.16 37.99 -24.20
N GLN F 530 -14.84 37.94 -24.38
CA GLN F 530 -14.24 36.84 -25.08
C GLN F 530 -14.52 35.60 -24.33
N SER F 531 -14.44 35.65 -23.00
CA SER F 531 -14.65 34.46 -22.23
C SER F 531 -16.05 34.01 -22.50
N TYR F 532 -17.00 34.95 -22.57
CA TYR F 532 -18.36 34.58 -22.80
C TYR F 532 -18.47 33.94 -24.15
N LEU F 533 -17.86 34.56 -25.17
CA LEU F 533 -17.98 34.06 -26.51
C LEU F 533 -17.34 32.72 -26.62
N GLY F 534 -16.18 32.54 -25.99
CA GLY F 534 -15.47 31.30 -26.11
C GLY F 534 -16.32 30.23 -25.52
N ARG F 535 -17.01 30.54 -24.42
CA ARG F 535 -17.81 29.55 -23.76
C ARG F 535 -18.84 29.08 -24.73
N LYS F 536 -19.41 30.00 -25.51
CA LYS F 536 -20.44 29.64 -26.43
C LYS F 536 -19.88 28.65 -27.41
N LYS F 537 -18.63 28.86 -27.82
CA LYS F 537 -18.05 27.98 -28.79
C LYS F 537 -17.84 26.62 -28.20
N ARG F 538 -17.31 26.57 -26.96
CA ARG F 538 -16.98 25.30 -26.38
C ARG F 538 -18.23 24.50 -26.19
N ASP F 539 -19.29 25.13 -25.68
CA ASP F 539 -20.51 24.42 -25.45
C ASP F 539 -20.98 23.99 -26.78
N ASN F 540 -20.75 24.84 -27.79
CA ASN F 540 -21.25 24.56 -29.08
C ASN F 540 -22.31 25.56 -29.28
N GLU F 541 -22.44 26.07 -30.50
CA GLU F 541 -23.37 27.12 -30.70
C GLU F 541 -22.68 28.14 -31.52
N ILE F 542 -21.37 28.30 -31.29
CA ILE F 542 -20.62 29.19 -32.13
C ILE F 542 -19.43 28.41 -32.56
N GLN F 543 -18.97 28.61 -33.80
CA GLN F 543 -17.85 27.85 -34.27
C GLN F 543 -16.91 28.79 -34.93
N ASP F 544 -15.65 28.36 -35.07
CA ASP F 544 -14.64 29.12 -35.73
C ASP F 544 -14.61 30.51 -35.19
N PHE F 545 -14.44 30.65 -33.87
CA PHE F 545 -14.40 31.95 -33.29
C PHE F 545 -12.96 32.27 -33.07
N PRO F 546 -13.03 40.36 -32.38
CA PRO F 546 -13.28 41.08 -31.16
C PRO F 546 -13.25 42.55 -31.44
N ALA F 547 -13.09 43.40 -30.39
CA ALA F 547 -13.29 44.82 -30.56
C ALA F 547 -12.08 45.70 -30.41
N GLU F 548 -12.06 46.73 -31.27
CA GLU F 548 -11.16 47.85 -31.25
C GLU F 548 -11.95 48.96 -31.87
N ASP F 549 -12.47 49.91 -31.06
CA ASP F 549 -13.30 50.90 -31.65
C ASP F 549 -12.52 51.77 -32.55
N VAL F 550 -11.35 52.22 -32.08
CA VAL F 550 -10.60 53.08 -32.91
C VAL F 550 -10.05 52.24 -33.97
N GLN F 551 -9.62 52.85 -35.02
CA GLN F 551 -9.05 52.09 -36.06
C GLN F 551 -7.77 51.60 -35.51
N VAL F 552 -7.22 50.49 -36.05
CA VAL F 552 -6.01 50.02 -35.47
C VAL F 552 -4.99 51.09 -35.66
N ILE F 553 -4.68 51.78 -34.56
CA ILE F 553 -3.72 52.84 -34.56
C ILE F 553 -3.37 53.08 -33.13
N VAL F 554 -2.45 54.00 -32.90
CA VAL F 554 -2.10 54.32 -31.55
C VAL F 554 -3.32 54.90 -30.92
N GLU F 555 -4.05 55.73 -31.67
CA GLU F 555 -5.21 56.39 -31.18
C GLU F 555 -6.28 55.38 -30.95
N GLY F 556 -7.17 55.67 -29.99
CA GLY F 556 -8.25 54.82 -29.63
C GLY F 556 -9.38 55.68 -29.16
N ASN F 557 -10.56 55.06 -28.95
CA ASN F 557 -11.70 55.80 -28.50
C ASN F 557 -12.42 54.91 -27.55
N GLU F 558 -13.70 55.21 -27.27
CA GLU F 558 -14.45 54.39 -26.36
C GLU F 558 -14.65 53.09 -27.04
N ALA F 559 -15.04 52.04 -26.29
CA ALA F 559 -15.13 50.77 -26.91
C ALA F 559 -16.53 50.47 -27.28
N ARG F 560 -16.68 49.90 -28.49
CA ARG F 560 -17.94 49.41 -28.91
C ARG F 560 -17.69 47.97 -29.11
N ILE F 561 -18.64 47.09 -28.83
CA ILE F 561 -18.30 45.72 -29.03
C ILE F 561 -18.77 45.33 -30.38
N SER F 562 -17.84 44.97 -31.25
CA SER F 562 -18.19 44.51 -32.55
C SER F 562 -17.67 43.13 -32.61
N MET F 563 -18.48 42.20 -33.12
CA MET F 563 -17.99 40.87 -33.17
C MET F 563 -18.48 40.23 -34.40
N THR F 564 -17.70 39.28 -34.90
CA THR F 564 -18.10 38.54 -36.05
C THR F 564 -18.30 37.17 -35.52
N VAL F 565 -19.55 36.69 -35.48
CA VAL F 565 -19.75 35.40 -34.90
C VAL F 565 -20.45 34.56 -35.91
N TYR F 566 -20.25 33.24 -35.82
CA TYR F 566 -20.86 32.35 -36.77
C TYR F 566 -21.65 31.32 -36.01
N PRO F 567 -22.88 31.16 -36.36
CA PRO F 567 -23.70 30.17 -35.71
C PRO F 567 -23.21 28.86 -36.16
N ILE F 568 -23.40 27.80 -35.35
CA ILE F 568 -22.76 26.57 -35.70
C ILE F 568 -23.19 26.10 -37.05
N ARG F 569 -24.50 26.06 -37.34
CA ARG F 569 -24.84 25.52 -38.62
C ARG F 569 -25.13 26.61 -39.57
N SER F 570 -24.06 27.17 -40.18
CA SER F 570 -24.21 28.15 -41.20
C SER F 570 -22.85 28.60 -41.56
N PHE F 571 -22.48 28.55 -42.85
CA PHE F 571 -21.15 28.96 -43.15
C PHE F 571 -21.21 30.41 -43.49
N LYS F 572 -21.31 31.25 -42.46
CA LYS F 572 -21.34 32.65 -42.66
C LYS F 572 -21.05 33.28 -41.34
N LYS F 573 -20.27 34.37 -41.35
CA LYS F 573 -19.95 35.06 -40.15
C LYS F 573 -20.74 36.32 -40.23
N ILE F 574 -21.42 36.70 -39.14
CA ILE F 574 -22.19 37.90 -39.25
C ILE F 574 -21.53 38.92 -38.42
N SER F 575 -21.59 40.18 -38.87
CA SER F 575 -20.93 41.22 -38.14
C SER F 575 -21.95 41.96 -37.36
N VAL F 576 -21.74 42.04 -36.03
CA VAL F 576 -22.67 42.77 -35.22
C VAL F 576 -21.88 43.76 -34.45
N SER F 577 -22.42 44.98 -34.31
CA SER F 577 -21.72 45.97 -33.56
C SER F 577 -22.65 46.51 -32.53
N LEU F 578 -22.19 46.57 -31.28
CA LEU F 578 -22.97 47.17 -30.25
C LEU F 578 -22.09 48.26 -29.76
N VAL F 579 -22.63 49.41 -29.35
CA VAL F 579 -21.67 50.41 -29.02
C VAL F 579 -21.91 50.94 -27.64
N ALA G 5 -0.15 21.55 -15.14
CA ALA G 5 1.20 21.12 -14.68
C ALA G 5 2.01 22.36 -14.35
N GLN G 6 2.92 22.72 -15.23
CA GLN G 6 3.76 23.89 -15.02
C GLN G 6 3.11 25.13 -15.62
N ASN G 7 1.92 24.94 -16.19
CA ASN G 7 1.15 26.02 -16.81
C ASN G 7 0.45 26.77 -15.68
N THR G 8 1.13 26.78 -14.54
CA THR G 8 0.65 27.40 -13.31
C THR G 8 0.97 28.90 -13.26
N ILE G 9 0.52 29.55 -12.18
CA ILE G 9 0.70 30.97 -11.98
C ILE G 9 0.38 31.23 -10.52
N SER G 10 1.17 32.03 -9.84
CA SER G 10 0.88 32.30 -8.45
C SER G 10 1.52 33.61 -8.03
N GLY G 11 1.01 34.20 -6.96
CA GLY G 11 1.58 35.44 -6.51
C GLY G 11 1.45 35.74 -5.04
N LYS G 12 2.50 36.34 -4.49
CA LYS G 12 2.52 36.70 -3.08
C LYS G 12 1.45 37.74 -2.76
N GLU G 13 1.36 38.05 -1.47
CA GLU G 13 0.41 38.99 -0.89
C GLU G 13 -0.46 39.76 -1.87
N GLY G 14 -1.76 39.53 -1.80
CA GLY G 14 -2.69 40.20 -2.69
C GLY G 14 -3.94 40.69 -2.01
N ARG G 15 -4.76 41.42 -2.73
CA ARG G 15 -6.01 41.94 -2.19
C ARG G 15 -7.11 41.80 -3.25
N LEU G 16 -8.30 41.36 -2.83
CA LEU G 16 -9.41 41.20 -3.79
C LEU G 16 -10.45 42.28 -3.55
N PHE G 17 -10.94 42.90 -4.62
CA PHE G 17 -11.90 43.99 -4.47
C PHE G 17 -13.27 43.66 -5.01
N LEU G 18 -14.31 43.89 -4.21
CA LEU G 18 -15.66 43.62 -4.69
C LEU G 18 -16.23 44.95 -5.13
N ASP G 19 -16.26 45.12 -6.44
CA ASP G 19 -16.72 46.34 -7.09
C ASP G 19 -16.17 47.62 -6.46
N GLY G 20 -14.99 47.56 -5.86
CA GLY G 20 -14.41 48.75 -5.28
C GLY G 20 -14.06 48.66 -3.82
N GLU G 21 -14.64 47.72 -3.12
CA GLU G 21 -14.33 47.59 -1.71
C GLU G 21 -13.30 46.49 -1.49
N GLU G 22 -12.23 46.82 -0.78
CA GLU G 22 -11.22 45.83 -0.49
C GLU G 22 -11.91 44.91 0.52
N MET G 23 -11.75 43.60 0.39
CA MET G 23 -12.45 42.73 1.32
C MET G 23 -11.71 41.53 1.90
N ALA G 24 -10.39 41.53 1.79
CA ALA G 24 -9.58 40.45 2.34
C ALA G 24 -8.15 40.51 1.84
N HIS G 25 -7.21 40.66 2.77
CA HIS G 25 -5.82 40.71 2.39
C HIS G 25 -5.39 39.28 2.22
N ILE G 26 -5.67 38.74 1.04
CA ILE G 26 -5.34 37.37 0.73
C ILE G 26 -3.84 37.17 0.48
N LYS G 27 -3.27 36.26 1.24
CA LYS G 27 -1.85 35.94 1.14
C LYS G 27 -1.61 35.07 -0.08
N THR G 28 -0.70 34.11 0.05
CA THR G 28 -0.38 33.21 -1.03
C THR G 28 -1.57 32.67 -1.80
N PHE G 29 -1.51 32.78 -3.11
CA PHE G 29 -2.58 32.26 -3.95
C PHE G 29 -1.91 31.63 -5.16
N GLU G 30 -2.53 30.61 -5.74
CA GLU G 30 -1.93 29.96 -6.91
C GLU G 30 -2.98 29.45 -7.91
N ALA G 31 -3.05 30.08 -9.08
CA ALA G 31 -4.02 29.70 -10.09
C ALA G 31 -3.50 28.75 -11.13
N ASN G 32 -4.32 28.52 -12.15
CA ASN G 32 -4.01 27.59 -13.22
C ASN G 32 -4.72 27.89 -14.54
N VAL G 33 -4.12 28.69 -15.43
CA VAL G 33 -4.81 28.94 -16.70
C VAL G 33 -5.12 27.62 -17.36
N GLU G 34 -6.40 27.38 -17.64
CA GLU G 34 -6.78 26.14 -18.27
C GLU G 34 -6.38 26.09 -19.72
N ALA G 55 -8.19 32.98 -20.85
CA ALA G 55 -7.35 32.91 -19.66
C ALA G 55 -8.23 32.53 -18.47
N ASN G 56 -9.33 31.85 -18.77
CA ASN G 56 -10.24 31.40 -17.74
C ASN G 56 -9.47 30.30 -17.02
N GLY G 57 -9.79 30.02 -15.76
CA GLY G 57 -9.08 28.94 -15.07
C GLY G 57 -9.57 28.58 -13.68
N THR G 58 -8.87 27.68 -13.00
CA THR G 58 -9.26 27.37 -11.63
C THR G 58 -8.06 27.65 -10.80
N GLY G 59 -8.22 27.65 -9.49
CA GLY G 59 -7.08 27.93 -8.64
C GLY G 59 -7.37 27.73 -7.17
N THR G 60 -6.47 28.23 -6.35
CA THR G 60 -6.64 28.10 -4.92
C THR G 60 -5.87 29.22 -4.26
N ALA G 61 -6.26 29.56 -3.05
CA ALA G 61 -5.57 30.63 -2.37
C ALA G 61 -5.95 30.61 -0.92
N THR G 62 -5.10 31.18 -0.09
CA THR G 62 -5.36 31.21 1.33
C THR G 62 -5.45 32.65 1.83
N PHE G 63 -6.45 32.93 2.65
CA PHE G 63 -6.60 34.28 3.17
C PHE G 63 -5.70 34.51 4.39
N SER G 68 -10.03 41.76 9.53
CA SER G 68 -10.38 40.39 9.20
C SER G 68 -11.76 40.42 8.59
N LYS G 69 -12.67 41.10 9.27
CA LYS G 69 -14.04 41.20 8.81
C LYS G 69 -14.04 41.49 7.32
N PHE G 70 -13.37 42.57 6.94
CA PHE G 70 -13.31 42.96 5.54
C PHE G 70 -12.85 41.81 4.64
N VAL G 71 -11.70 41.22 4.96
CA VAL G 71 -11.20 40.12 4.17
C VAL G 71 -12.30 39.10 3.99
N LEU G 72 -12.73 38.52 5.10
CA LEU G 72 -13.80 37.55 5.06
C LEU G 72 -14.96 38.11 4.24
N LEU G 73 -15.25 39.40 4.41
CA LEU G 73 -16.34 39.97 3.64
C LEU G 73 -16.03 39.81 2.16
N MET G 74 -14.86 40.27 1.75
CA MET G 74 -14.47 40.17 0.35
C MET G 74 -14.54 38.76 -0.17
N MET G 75 -14.22 37.81 0.68
CA MET G 75 -14.24 36.42 0.29
C MET G 75 -15.65 36.02 -0.11
N ASP G 76 -16.62 36.38 0.72
CA ASP G 76 -18.01 36.05 0.41
C ASP G 76 -18.42 36.67 -0.91
N TYR G 77 -17.69 37.70 -1.32
CA TYR G 77 -17.97 38.38 -2.57
C TYR G 77 -17.41 37.64 -3.76
N VAL G 78 -16.13 37.28 -3.66
CA VAL G 78 -15.47 36.55 -4.73
C VAL G 78 -16.17 35.21 -4.84
N LYS G 79 -16.77 34.77 -3.74
CA LYS G 79 -17.49 33.51 -3.75
C LYS G 79 -18.55 33.67 -4.83
N LYS G 80 -19.44 34.64 -4.61
CA LYS G 80 -20.51 34.92 -5.55
C LYS G 80 -19.93 35.45 -6.85
N THR G 87 -12.32 40.70 -7.68
CA THR G 87 -11.18 40.91 -8.55
C THR G 87 -9.96 40.80 -7.66
N LEU G 88 -9.18 39.74 -7.85
CA LEU G 88 -8.02 39.55 -7.00
C LEU G 88 -6.77 40.19 -7.56
N GLN G 89 -6.31 41.25 -6.92
CA GLN G 89 -5.13 41.92 -7.42
C GLN G 89 -3.91 41.76 -6.53
N ALA G 90 -3.03 40.84 -6.89
CA ALA G 90 -1.83 40.57 -6.11
C ALA G 90 -0.53 40.95 -6.80
N VAL G 91 0.56 40.56 -6.15
CA VAL G 91 1.91 40.79 -6.66
C VAL G 91 2.48 39.45 -7.12
N LEU G 92 2.81 39.37 -8.40
CA LEU G 92 3.34 38.16 -8.98
C LEU G 92 4.60 37.63 -8.32
N ASP G 93 4.68 36.32 -8.17
CA ASP G 93 5.85 35.71 -7.55
C ASP G 93 6.58 34.73 -8.47
N ASP G 94 6.86 35.16 -9.68
CA ASP G 94 7.58 34.29 -10.59
C ASP G 94 9.06 34.50 -10.27
N GLN G 95 9.71 33.46 -9.76
CA GLN G 95 11.12 33.56 -9.40
C GLN G 95 12.03 33.65 -10.60
N SER G 96 11.59 33.08 -11.73
CA SER G 96 12.39 33.13 -12.92
C SER G 96 12.79 34.57 -13.21
N SER G 97 11.92 35.50 -12.84
CA SER G 97 12.16 36.93 -13.03
C SER G 97 12.51 37.25 -14.48
N GLY G 98 11.75 36.70 -15.41
CA GLY G 98 12.00 36.96 -16.82
C GLY G 98 12.13 38.45 -17.06
N ARG G 99 11.59 39.25 -16.16
CA ARG G 99 11.62 40.70 -16.26
C ARG G 99 11.98 41.33 -14.91
N GLY G 100 11.03 41.27 -13.98
CA GLY G 100 11.22 41.82 -12.64
C GLY G 100 10.09 41.37 -11.74
N THR G 101 9.23 42.30 -11.34
CA THR G 101 8.07 41.97 -10.49
C THR G 101 6.85 42.84 -10.84
N GLU G 102 5.82 42.20 -11.38
CA GLU G 102 4.59 42.89 -11.78
C GLU G 102 3.36 42.46 -11.02
N ARG G 103 2.30 43.26 -11.15
CA ARG G 103 1.04 42.95 -10.50
C ARG G 103 0.27 41.97 -11.36
N VAL G 104 -0.49 41.13 -10.70
CA VAL G 104 -1.30 40.15 -11.37
C VAL G 104 -2.71 40.35 -10.89
N THR G 105 -3.66 40.43 -11.81
CA THR G 105 -5.03 40.56 -11.40
C THR G 105 -5.75 39.32 -11.91
N LEU G 106 -6.79 38.89 -11.24
CA LEU G 106 -7.54 37.73 -11.66
C LEU G 106 -8.97 38.12 -11.84
N TYR G 107 -9.31 38.58 -13.02
CA TYR G 107 -10.66 39.00 -13.23
C TYR G 107 -11.65 37.91 -12.95
N ASP G 108 -12.71 38.31 -12.27
CA ASP G 108 -13.80 37.44 -11.90
C ASP G 108 -13.49 36.19 -11.11
N ASP G 112 -24.89 29.38 -3.74
CA ASP G 112 -23.57 29.09 -4.28
C ASP G 112 -22.86 28.31 -3.19
N SER G 113 -22.47 27.09 -3.54
CA SER G 113 -21.80 26.18 -2.62
C SER G 113 -20.82 26.91 -1.72
N ALA G 114 -19.76 27.37 -2.35
CA ALA G 114 -18.68 28.11 -1.71
C ALA G 114 -19.22 29.08 -0.68
N LYS G 115 -20.19 29.88 -1.13
CA LYS G 115 -20.79 30.87 -0.25
C LYS G 115 -21.23 30.22 1.04
N ILE G 116 -21.71 28.99 0.97
CA ILE G 116 -22.12 28.30 2.16
C ILE G 116 -20.96 27.73 2.94
N ALA G 117 -19.97 27.16 2.27
CA ALA G 117 -18.82 26.62 2.96
C ALA G 117 -18.24 27.73 3.81
N SER G 118 -18.23 28.93 3.26
CA SER G 118 -17.68 30.11 3.92
C SER G 118 -18.42 30.56 5.19
N LEU G 119 -19.44 29.81 5.59
CA LEU G 119 -20.18 30.16 6.79
C LEU G 119 -19.41 29.89 8.07
N ASP G 120 -18.31 29.17 7.96
CA ASP G 120 -17.49 28.85 9.13
C ASP G 120 -16.04 28.57 8.75
N GLU G 127 -10.50 23.95 5.80
CA GLU G 127 -9.14 24.46 5.83
C GLU G 127 -9.06 25.89 5.30
N GLU G 128 -7.84 26.43 5.21
CA GLU G 128 -7.64 27.80 4.74
C GLU G 128 -7.47 27.92 3.24
N GLU G 129 -7.06 26.84 2.59
CA GLU G 129 -6.89 26.87 1.13
C GLU G 129 -8.23 26.82 0.46
N VAL G 130 -8.73 27.97 0.08
CA VAL G 130 -10.02 28.00 -0.55
C VAL G 130 -9.92 27.96 -2.05
N PRO G 131 -10.85 27.26 -2.69
CA PRO G 131 -10.85 27.15 -4.16
C PRO G 131 -11.55 28.34 -4.78
N PHE G 132 -11.32 28.60 -6.05
CA PHE G 132 -11.98 29.74 -6.68
C PHE G 132 -11.76 29.63 -8.18
N THR G 133 -12.59 30.28 -8.96
CA THR G 133 -12.42 30.16 -10.39
C THR G 133 -12.51 31.46 -11.15
N PHE G 134 -11.34 32.06 -11.38
CA PHE G 134 -11.28 33.33 -12.10
C PHE G 134 -11.71 33.08 -13.53
N GLU G 135 -12.07 34.13 -14.25
CA GLU G 135 -12.48 33.98 -15.64
C GLU G 135 -11.46 34.60 -16.58
N ASP G 136 -10.44 35.24 -16.01
CA ASP G 136 -9.36 35.84 -16.78
C ASP G 136 -8.28 36.37 -15.89
N PHE G 137 -7.04 36.28 -16.35
CA PHE G 137 -5.93 36.75 -15.56
C PHE G 137 -5.22 37.88 -16.30
N ASP G 138 -4.24 38.50 -15.67
CA ASP G 138 -3.55 39.63 -16.30
C ASP G 138 -2.32 40.10 -15.52
N VAL G 139 -1.34 40.68 -16.20
CA VAL G 139 -0.13 41.19 -15.56
C VAL G 139 0.09 42.57 -16.13
N PRO G 140 -0.83 43.48 -15.87
CA PRO G 140 -0.83 44.86 -16.34
C PRO G 140 0.37 45.74 -16.15
N GLU G 141 0.82 45.89 -14.92
CA GLU G 141 1.93 46.80 -14.66
C GLU G 141 3.10 46.13 -13.96
N LYS G 142 4.24 46.82 -13.91
CA LYS G 142 5.40 46.25 -13.24
C LYS G 142 5.27 46.55 -11.77
N LEU G 143 6.19 47.32 -11.21
CA LEU G 143 6.10 47.64 -9.79
C LEU G 143 7.27 48.51 -9.30
N ALA H 5 -12.97 22.40 4.06
CA ALA H 5 -11.74 22.51 3.21
C ALA H 5 -11.04 23.81 3.57
N GLN H 6 -11.19 24.82 2.72
CA GLN H 6 -10.56 26.10 2.96
C GLN H 6 -11.50 27.02 3.72
N ASN H 7 -12.68 26.49 4.06
CA ASN H 7 -13.70 27.23 4.81
C ASN H 7 -13.30 27.17 6.27
N THR H 8 -11.99 27.14 6.48
CA THR H 8 -11.36 27.05 7.78
C THR H 8 -11.21 28.42 8.45
N ILE H 9 -10.69 28.43 9.67
CA ILE H 9 -10.49 29.63 10.46
C ILE H 9 -9.57 29.23 11.60
N SER H 10 -8.59 30.05 11.91
CA SER H 10 -7.71 29.71 13.01
C SER H 10 -7.05 30.96 13.56
N GLY H 11 -6.57 30.88 14.78
CA GLY H 11 -5.93 32.03 15.37
C GLY H 11 -4.88 31.77 16.41
N LYS H 12 -3.83 32.58 16.38
CA LYS H 12 -2.75 32.45 17.33
C LYS H 12 -3.22 32.72 18.75
N GLU H 13 -2.29 32.53 19.69
CA GLU H 13 -2.48 32.69 21.13
C GLU H 13 -3.83 33.24 21.56
N GLY H 14 -4.57 32.42 22.29
CA GLY H 14 -5.88 32.83 22.76
C GLY H 14 -6.16 32.44 24.20
N ARG H 15 -7.28 32.90 24.73
CA ARG H 15 -7.68 32.59 26.09
C ARG H 15 -9.17 32.29 26.14
N LEU H 16 -9.58 31.25 26.87
CA LEU H 16 -11.00 30.90 26.95
C LEU H 16 -11.51 31.24 28.35
N PHE H 17 -12.69 31.86 28.41
CA PHE H 17 -13.23 32.28 29.69
C PHE H 17 -14.50 31.54 30.08
N LEU H 18 -14.53 31.00 31.30
CA LEU H 18 -15.74 30.30 31.74
C LEU H 18 -16.51 31.29 32.59
N ASP H 19 -17.56 31.82 32.00
CA ASP H 19 -18.42 32.82 32.61
C ASP H 19 -17.66 33.94 33.32
N GLY H 20 -16.45 34.25 32.87
CA GLY H 20 -15.71 35.33 33.47
C GLY H 20 -14.34 34.96 33.99
N GLU H 21 -14.10 33.68 34.22
CA GLU H 21 -12.80 33.29 34.73
C GLU H 21 -11.94 32.78 33.59
N GLU H 22 -10.73 33.32 33.48
CA GLU H 22 -9.81 32.88 32.44
C GLU H 22 -9.41 31.49 32.92
N MET H 23 -9.34 30.51 32.03
CA MET H 23 -9.01 29.18 32.50
C MET H 23 -8.03 28.33 31.69
N ALA H 24 -7.29 28.98 30.79
CA ALA H 24 -6.29 28.28 29.98
C ALA H 24 -5.79 29.15 28.85
N HIS H 25 -4.50 29.42 28.85
CA HIS H 25 -3.92 30.22 27.79
C HIS H 25 -3.70 29.29 26.63
N ILE H 26 -4.76 29.07 25.87
CA ILE H 26 -4.72 28.18 24.73
C ILE H 26 -3.98 28.79 23.54
N LYS H 27 -2.97 28.06 23.08
CA LYS H 27 -2.14 28.48 21.96
C LYS H 27 -2.89 28.25 20.66
N THR H 28 -2.17 27.83 19.63
CA THR H 28 -2.77 27.57 18.34
C THR H 28 -4.08 26.81 18.38
N PHE H 29 -5.07 27.35 17.68
CA PHE H 29 -6.36 26.68 17.61
C PHE H 29 -6.86 26.84 16.19
N GLU H 30 -7.63 25.89 15.69
CA GLU H 30 -8.14 25.99 14.32
C GLU H 30 -9.54 25.39 14.14
N ALA H 31 -10.53 26.25 13.91
CA ALA H 31 -11.91 25.80 13.76
C ALA H 31 -12.34 25.57 12.33
N ASN H 32 -13.63 25.32 12.17
CA ASN H 32 -14.22 25.03 10.88
C ASN H 32 -15.70 25.36 10.77
N VAL H 33 -16.07 26.58 10.36
CA VAL H 33 -17.50 26.86 10.23
C VAL H 33 -18.15 25.83 9.34
N GLU H 34 -19.14 25.13 9.85
CA GLU H 34 -19.80 24.12 9.07
C GLU H 34 -20.68 24.72 7.99
N ALA H 55 -23.07 29.95 12.35
CA ALA H 55 -21.61 29.90 12.43
C ALA H 55 -21.22 28.82 13.41
N ASN H 56 -22.10 27.84 13.57
CA ASN H 56 -21.84 26.73 14.44
C ASN H 56 -20.74 25.94 13.75
N GLY H 57 -19.94 25.17 14.48
CA GLY H 57 -18.91 24.38 13.82
C GLY H 57 -18.10 23.42 14.68
N THR H 58 -17.09 22.79 14.11
CA THR H 58 -16.26 21.93 14.93
C THR H 58 -14.86 22.46 14.78
N GLY H 59 -13.95 21.97 15.59
CA GLY H 59 -12.59 22.47 15.49
C GLY H 59 -11.61 21.71 16.36
N THR H 60 -10.44 22.28 16.52
CA THR H 60 -9.43 21.66 17.34
C THR H 60 -8.49 22.73 17.83
N ALA H 61 -7.80 22.45 18.92
CA ALA H 61 -6.91 23.45 19.46
C ALA H 61 -6.03 22.81 20.47
N THR H 62 -4.87 23.41 20.69
CA THR H 62 -3.93 22.87 21.67
C THR H 62 -3.68 23.87 22.77
N PHE H 63 -3.68 23.39 24.01
CA PHE H 63 -3.45 24.28 25.13
C PHE H 63 -1.95 24.50 25.37
N SER H 68 -1.04 26.93 34.91
CA SER H 68 -1.44 25.73 34.19
C SER H 68 -2.78 25.30 34.75
N LYS H 69 -2.86 25.23 36.06
CA LYS H 69 -4.08 24.83 36.72
C LYS H 69 -5.26 25.54 36.07
N PHE H 70 -5.20 26.86 36.05
CA PHE H 70 -6.27 27.65 35.47
C PHE H 70 -6.62 27.19 34.05
N VAL H 71 -5.62 27.13 33.17
CA VAL H 71 -5.87 26.70 31.81
C VAL H 71 -6.63 25.40 31.85
N LEU H 72 -6.00 24.36 32.40
CA LEU H 72 -6.65 23.08 32.51
C LEU H 72 -8.04 23.27 33.11
N LEU H 73 -8.16 24.15 34.09
CA LEU H 73 -9.47 24.36 34.68
C LEU H 73 -10.43 24.83 33.59
N MET H 74 -10.05 25.89 32.89
CA MET H 74 -10.88 26.42 31.83
C MET H 74 -11.25 25.37 30.81
N MET H 75 -10.34 24.47 30.54
CA MET H 75 -10.58 23.42 29.57
C MET H 75 -11.75 22.58 30.02
N ASP H 76 -11.73 22.16 31.27
CA ASP H 76 -12.82 21.35 31.80
C ASP H 76 -14.13 22.08 31.68
N TYR H 77 -14.06 23.40 31.57
CA TYR H 77 -15.25 24.23 31.45
C TYR H 77 -15.78 24.24 30.03
N VAL H 78 -14.88 24.50 29.09
CA VAL H 78 -15.27 24.54 27.69
C VAL H 78 -15.71 23.14 27.31
N LYS H 79 -15.21 22.15 28.05
CA LYS H 79 -15.60 20.77 27.80
C LYS H 79 -17.11 20.76 27.97
N LYS H 80 -17.54 21.08 29.18
CA LYS H 80 -18.96 21.11 29.51
C LYS H 80 -19.64 22.22 28.72
N THR H 87 -15.81 30.35 26.39
CA THR H 87 -15.79 31.33 25.32
C THR H 87 -14.33 31.51 24.97
N LEU H 88 -13.93 31.06 23.79
CA LEU H 88 -12.54 31.18 23.42
C LEU H 88 -12.23 32.45 22.68
N GLN H 89 -11.51 33.35 23.33
CA GLN H 89 -11.18 34.60 22.68
C GLN H 89 -9.73 34.76 22.31
N ALA H 90 -9.41 34.51 21.05
CA ALA H 90 -8.03 34.60 20.57
C ALA H 90 -7.78 35.73 19.58
N VAL H 91 -6.58 35.71 19.04
CA VAL H 91 -6.13 36.68 18.04
C VAL H 91 -6.06 35.97 16.69
N LEU H 92 -6.85 36.46 15.74
CA LEU H 92 -6.90 35.87 14.41
C LEU H 92 -5.57 35.81 13.69
N ASP H 93 -5.33 34.71 13.00
CA ASP H 93 -4.08 34.55 12.26
C ASP H 93 -4.29 34.36 10.76
N ASP H 94 -5.08 35.23 10.16
CA ASP H 94 -5.29 35.13 8.72
C ASP H 94 -4.13 35.87 8.08
N GLN H 95 -3.27 35.15 7.37
CA GLN H 95 -2.12 35.78 6.74
C GLN H 95 -2.49 36.65 5.57
N SER H 96 -3.60 36.32 4.91
CA SER H 96 -4.04 37.11 3.79
C SER H 96 -4.09 38.58 4.18
N SER H 97 -4.40 38.83 5.44
CA SER H 97 -4.48 40.19 5.98
C SER H 97 -5.40 41.07 5.14
N GLY H 98 -6.58 40.56 4.81
CA GLY H 98 -7.52 41.32 4.03
C GLY H 98 -7.72 42.69 4.64
N ARG H 99 -7.40 42.82 5.92
CA ARG H 99 -7.54 44.08 6.65
C ARG H 99 -6.29 44.34 7.51
N GLY H 100 -6.16 43.57 8.58
CA GLY H 100 -5.04 43.70 9.49
C GLY H 100 -5.01 42.52 10.44
N THR H 101 -5.29 42.76 11.72
CA THR H 101 -5.33 41.70 12.73
C THR H 101 -6.41 41.96 13.79
N GLU H 102 -7.44 41.12 13.78
CA GLU H 102 -8.56 41.26 14.72
C GLU H 102 -8.72 40.09 15.67
N ARG H 103 -9.52 40.31 16.71
CA ARG H 103 -9.79 39.27 17.69
C ARG H 103 -10.89 38.37 17.16
N VAL H 104 -10.80 37.11 17.55
CA VAL H 104 -11.78 36.14 17.14
C VAL H 104 -12.28 35.50 18.39
N THR H 105 -13.60 35.41 18.54
CA THR H 105 -14.15 34.76 19.70
C THR H 105 -14.93 33.56 19.18
N LEU H 106 -15.03 32.51 19.98
CA LEU H 106 -15.77 31.33 19.56
C LEU H 106 -16.82 31.05 20.59
N TYR H 107 -17.98 31.65 20.42
CA TYR H 107 -19.01 31.44 21.38
C TYR H 107 -19.35 29.98 21.56
N ASP H 108 -19.50 29.62 22.82
CA ASP H 108 -19.85 28.28 23.22
C ASP H 108 -18.98 27.14 22.76
N ASP H 112 -19.99 13.92 30.17
CA ASP H 112 -19.56 14.46 28.90
C ASP H 112 -18.23 13.79 28.61
N SER H 113 -18.18 13.07 27.49
CA SER H 113 -17.01 12.34 27.06
C SER H 113 -15.73 13.12 27.34
N ALA H 114 -15.59 14.19 26.58
CA ALA H 114 -14.45 15.10 26.67
C ALA H 114 -14.05 15.33 28.11
N LYS H 115 -15.04 15.69 28.91
CA LYS H 115 -14.79 15.96 30.32
C LYS H 115 -14.01 14.81 30.94
N ILE H 116 -14.31 13.60 30.52
CA ILE H 116 -13.60 12.46 31.05
C ILE H 116 -12.23 12.28 30.43
N ALA H 117 -12.11 12.48 29.12
CA ALA H 117 -10.82 12.34 28.47
C ALA H 117 -9.85 13.26 29.18
N SER H 118 -10.34 14.44 29.54
CA SER H 118 -9.55 15.46 30.22
C SER H 118 -9.04 15.10 31.62
N LEU H 119 -9.33 13.88 32.06
CA LEU H 119 -8.89 13.46 33.38
C LEU H 119 -7.39 13.19 33.44
N ASP H 120 -6.75 13.13 32.28
CA ASP H 120 -5.31 12.88 32.23
C ASP H 120 -4.68 13.43 30.95
N GLU H 127 -3.27 13.08 23.30
CA GLU H 127 -2.42 14.12 22.75
C GLU H 127 -2.86 15.51 23.20
N GLU H 128 -2.20 16.55 22.69
CA GLU H 128 -2.51 17.92 23.05
C GLU H 128 -3.59 18.58 22.20
N GLU H 129 -3.78 18.07 20.99
CA GLU H 129 -4.80 18.63 20.10
C GLU H 129 -6.15 18.17 20.56
N VAL H 130 -6.83 19.02 21.30
CA VAL H 130 -8.12 18.64 21.79
C VAL H 130 -9.23 19.12 20.88
N PRO H 131 -10.27 18.31 20.72
CA PRO H 131 -11.41 18.67 19.87
C PRO H 131 -12.40 19.54 20.65
N PHE H 132 -13.26 20.26 19.95
CA PHE H 132 -14.23 21.09 20.64
C PHE H 132 -15.25 21.57 19.63
N THR H 133 -16.42 21.98 20.09
CA THR H 133 -17.41 22.40 19.12
C THR H 133 -18.12 23.67 19.50
N PHE H 134 -17.62 24.79 18.97
CA PHE H 134 -18.21 26.09 19.24
C PHE H 134 -19.57 26.12 18.60
N GLU H 135 -20.41 27.06 19.01
CA GLU H 135 -21.75 27.18 18.43
C GLU H 135 -21.88 28.46 17.62
N ASP H 136 -20.83 29.28 17.64
CA ASP H 136 -20.80 30.53 16.87
C ASP H 136 -19.44 31.18 16.98
N PHE H 137 -19.03 31.82 15.90
CA PHE H 137 -17.75 32.48 15.89
C PHE H 137 -17.94 33.97 15.66
N ASP H 138 -16.86 34.75 15.74
CA ASP H 138 -16.99 36.20 15.59
C ASP H 138 -15.64 36.91 15.50
N VAL H 139 -15.59 38.06 14.83
CA VAL H 139 -14.35 38.84 14.69
C VAL H 139 -14.74 40.27 15.00
N PRO H 140 -15.17 40.52 16.24
CA PRO H 140 -15.61 41.81 16.75
C PRO H 140 -14.76 43.03 16.58
N GLU H 141 -13.53 42.99 17.05
CA GLU H 141 -12.67 44.17 17.00
C GLU H 141 -11.37 43.94 16.27
N LYS H 142 -10.65 45.02 15.97
CA LYS H 142 -9.37 44.87 15.29
C LYS H 142 -8.33 44.61 16.33
N LEU H 143 -7.37 45.50 16.49
CA LEU H 143 -6.33 45.27 17.49
C LEU H 143 -5.27 46.39 17.51
N ALA I 5 -6.08 11.19 23.04
CA ALA I 5 -5.97 12.12 21.87
C ALA I 5 -5.33 13.41 22.35
N GLN I 6 -6.14 14.44 22.53
CA GLN I 6 -5.63 15.72 22.99
C GLN I 6 -5.68 15.81 24.50
N ASN I 7 -6.12 14.73 25.13
CA ASN I 7 -6.22 14.64 26.59
C ASN I 7 -4.82 14.31 27.11
N THR I 8 -3.85 14.83 26.38
CA THR I 8 -2.43 14.63 26.65
C THR I 8 -1.88 15.64 27.67
N ILE I 9 -0.61 15.50 28.00
CA ILE I 9 0.06 16.35 28.98
C ILE I 9 1.55 16.08 28.80
N SER I 10 2.36 17.12 28.81
CA SER I 10 3.78 16.90 28.66
C SER I 10 4.55 18.08 29.24
N GLY I 11 5.81 17.85 29.56
CA GLY I 11 6.59 18.92 30.12
C GLY I 11 8.08 18.85 29.87
N LYS I 12 8.67 20.02 29.64
CA LYS I 12 10.10 20.13 29.40
C LYS I 12 10.90 19.67 30.64
N GLU I 13 12.21 19.66 30.45
CA GLU I 13 13.20 19.26 31.44
C GLU I 13 12.67 18.96 32.83
N GLY I 14 12.82 17.71 33.24
CA GLY I 14 12.35 17.29 34.55
C GLY I 14 13.31 16.39 35.30
N ARG I 15 12.99 16.10 36.54
CA ARG I 15 13.83 15.23 37.36
C ARG I 15 12.94 14.28 38.16
N LEU I 16 13.31 13.00 38.23
CA LEU I 16 12.52 12.03 38.98
C LEU I 16 13.25 11.64 40.25
N PHE I 17 12.54 11.59 41.37
CA PHE I 17 13.18 11.28 42.65
C PHE I 17 12.73 9.96 43.24
N LEU I 18 13.68 9.12 43.64
CA LEU I 18 13.31 7.85 44.24
C LEU I 18 13.44 8.04 45.73
N ASP I 19 12.29 8.18 46.38
CA ASP I 19 12.18 8.43 47.80
C ASP I 19 13.13 9.50 48.33
N GLY I 20 13.52 10.45 47.49
CA GLY I 20 14.40 11.50 47.95
C GLY I 20 15.69 11.65 47.17
N GLU I 21 16.09 10.64 46.44
CA GLU I 21 17.31 10.75 45.68
C GLU I 21 16.99 11.09 44.23
N GLU I 22 17.64 12.12 43.71
CA GLU I 22 17.43 12.50 42.32
C GLU I 22 18.12 11.38 41.57
N MET I 23 17.53 10.88 40.49
CA MET I 23 18.17 9.78 39.79
C MET I 23 18.19 9.79 38.27
N ALA I 24 17.93 10.95 37.67
CA ALA I 24 17.95 11.08 36.22
C ALA I 24 17.34 12.39 35.77
N HIS I 25 18.14 13.20 35.10
CA HIS I 25 17.63 14.47 34.60
C HIS I 25 16.91 14.15 33.32
N ILE I 26 15.67 13.72 33.46
CA ILE I 26 14.85 13.36 32.32
C ILE I 26 14.37 14.58 31.53
N LYS I 27 14.67 14.58 30.25
CA LYS I 27 14.29 15.66 29.36
C LYS I 27 12.83 15.52 28.99
N THR I 28 12.50 15.83 27.74
CA THR I 28 11.14 15.75 27.26
C THR I 28 10.38 14.50 27.70
N PHE I 29 9.20 14.70 28.24
CA PHE I 29 8.37 13.57 28.64
C PHE I 29 6.94 13.93 28.26
N GLU I 30 6.12 12.93 27.96
CA GLU I 30 4.73 13.21 27.58
C GLU I 30 3.76 12.12 28.04
N ALA I 31 2.91 12.44 29.01
CA ALA I 31 1.95 11.48 29.54
C ALA I 31 0.58 11.54 28.91
N ASN I 32 -0.33 10.79 29.50
CA ASN I 32 -1.69 10.67 29.01
C ASN I 32 -2.72 10.30 30.07
N VAL I 33 -3.34 11.27 30.74
CA VAL I 33 -4.35 10.89 31.73
C VAL I 33 -5.39 10.01 31.08
N GLU I 34 -5.57 8.81 31.60
CA GLU I 34 -6.54 7.90 31.03
C GLU I 34 -7.96 8.33 31.34
N ALA I 55 -6.35 10.22 38.11
CA ALA I 55 -5.38 10.83 37.21
C ALA I 55 -4.30 9.80 36.90
N ASN I 56 -4.68 8.54 36.99
CA ASN I 56 -3.77 7.46 36.69
C ASN I 56 -3.58 7.53 35.18
N GLY I 57 -2.47 7.03 34.64
CA GLY I 57 -2.30 7.06 33.20
C GLY I 57 -1.08 6.37 32.63
N THR I 58 -0.85 6.49 31.33
CA THR I 58 0.35 5.90 30.77
C THR I 58 1.08 7.02 30.11
N GLY I 59 2.31 6.80 29.71
CA GLY I 59 3.06 7.86 29.07
C GLY I 59 4.39 7.41 28.51
N THR I 60 5.21 8.38 28.16
CA THR I 60 6.52 8.07 27.63
C THR I 60 7.43 9.24 27.91
N ALA I 61 8.72 8.98 27.92
CA ALA I 61 9.64 10.06 28.20
C ALA I 61 11.01 9.62 27.84
N THR I 62 11.88 10.59 27.57
CA THR I 62 13.25 10.27 27.20
C THR I 62 14.23 10.87 28.21
N PHE I 63 15.21 10.09 28.62
CA PHE I 63 16.18 10.58 29.56
C PHE I 63 17.28 11.38 28.88
N SER I 68 25.15 10.84 34.85
CA SER I 68 24.41 9.88 34.04
C SER I 68 24.03 8.74 34.95
N LYS I 69 25.01 8.24 35.67
CA LYS I 69 24.78 7.13 36.58
C LYS I 69 23.50 7.38 37.36
N PHE I 70 23.45 8.51 38.05
CA PHE I 70 22.28 8.85 38.83
C PHE I 70 20.98 8.75 38.03
N VAL I 71 20.93 9.44 36.89
CA VAL I 71 19.73 9.39 36.07
C VAL I 71 19.36 7.94 35.85
N LEU I 72 20.24 7.20 35.18
CA LEU I 72 19.99 5.80 34.94
C LEU I 72 19.57 5.14 36.24
N LEU I 73 20.22 5.50 37.34
CA LEU I 73 19.84 4.89 38.61
C LEU I 73 18.37 5.18 38.87
N MET I 74 18.00 6.45 38.84
CA MET I 74 16.63 6.84 39.08
C MET I 74 15.66 6.12 38.18
N MET I 75 16.08 5.87 36.95
CA MET I 75 15.22 5.19 36.00
C MET I 75 14.88 3.81 36.51
N ASP I 76 15.90 3.08 36.96
CA ASP I 76 15.68 1.74 37.48
C ASP I 76 14.72 1.78 38.65
N TYR I 77 14.61 2.94 39.26
CA TYR I 77 13.72 3.12 40.41
C TYR I 77 12.29 3.33 39.98
N VAL I 78 12.10 4.25 39.05
CA VAL I 78 10.77 4.54 38.55
C VAL I 78 10.28 3.29 37.84
N LYS I 79 11.22 2.48 37.38
CA LYS I 79 10.86 1.23 36.73
C LYS I 79 10.04 0.47 37.75
N LYS I 80 10.70 0.16 38.87
CA LYS I 80 10.06 -0.58 39.95
C LYS I 80 8.97 0.28 40.57
N THR I 87 9.10 9.52 41.41
CA THR I 87 8.22 10.68 41.34
C THR I 87 8.85 11.61 40.34
N LEU I 88 8.21 11.79 39.20
CA LEU I 88 8.78 12.65 38.18
C LEU I 88 8.33 14.08 38.29
N GLN I 89 9.24 14.96 38.69
CA GLN I 89 8.87 16.34 38.83
C GLN I 89 9.49 17.26 37.79
N ALA I 90 8.71 17.60 36.76
CA ALA I 90 9.19 18.46 35.69
C ALA I 90 8.52 19.82 35.63
N VAL I 91 8.85 20.53 34.55
CA VAL I 91 8.30 21.85 34.27
C VAL I 91 7.33 21.72 33.09
N LEU I 92 6.07 22.05 33.34
CA LEU I 92 5.03 21.96 32.33
C LEU I 92 5.31 22.74 31.08
N ASP I 93 4.98 22.16 29.93
CA ASP I 93 5.19 22.83 28.65
C ASP I 93 3.91 23.04 27.87
N ASP I 94 2.89 23.59 28.51
CA ASP I 94 1.64 23.85 27.81
C ASP I 94 1.84 25.21 27.15
N GLN I 95 1.86 25.23 25.81
CA GLN I 95 2.06 26.48 25.10
C GLN I 95 0.86 27.39 25.18
N SER I 96 -0.32 26.81 25.34
CA SER I 96 -1.52 27.62 25.43
C SER I 96 -1.33 28.69 26.49
N SER I 97 -0.55 28.36 27.52
CA SER I 97 -0.25 29.29 28.61
C SER I 97 -1.54 29.85 29.23
N GLY I 98 -2.49 28.99 29.49
CA GLY I 98 -3.74 29.43 30.09
C GLY I 98 -3.47 30.29 31.31
N ARG I 99 -2.27 30.15 31.88
CA ARG I 99 -1.86 30.90 33.05
C ARG I 99 -0.42 31.42 32.88
N GLY I 100 0.54 30.51 32.96
CA GLY I 100 1.94 30.85 32.82
C GLY I 100 2.76 29.59 32.67
N THR I 101 3.57 29.27 33.67
CA THR I 101 4.39 28.04 33.66
C THR I 101 4.53 27.43 35.06
N GLU I 102 3.92 26.26 35.24
CA GLU I 102 3.94 25.57 36.53
C GLU I 102 4.65 24.23 36.50
N ARG I 103 4.95 23.71 37.69
CA ARG I 103 5.60 22.42 37.83
C ARG I 103 4.56 21.33 37.72
N VAL I 104 4.97 20.20 37.18
CA VAL I 104 4.10 19.07 37.04
C VAL I 104 4.79 17.92 37.68
N THR I 105 4.09 17.19 38.55
CA THR I 105 4.69 16.04 39.16
C THR I 105 3.86 14.84 38.70
N LEU I 106 4.47 13.68 38.61
CA LEU I 106 3.76 12.48 38.20
C LEU I 106 3.91 11.44 39.27
N TYR I 107 3.02 11.46 40.23
CA TYR I 107 3.14 10.51 41.29
C TYR I 107 3.14 9.09 40.79
N ASP I 108 4.05 8.32 41.38
CA ASP I 108 4.22 6.93 41.07
C ASP I 108 4.48 6.52 39.63
N ASP I 112 10.33 -7.23 36.99
CA ASP I 112 9.58 -6.19 36.32
C ASP I 112 10.22 -6.03 34.95
N SER I 113 9.42 -6.27 33.92
CA SER I 113 9.87 -6.20 32.53
C SER I 113 10.84 -5.05 32.32
N ALA I 114 10.28 -3.85 32.41
CA ALA I 114 11.00 -2.61 32.24
C ALA I 114 12.36 -2.67 32.90
N LYS I 115 12.35 -3.08 34.17
CA LYS I 115 13.59 -3.18 34.92
C LYS I 115 14.62 -3.97 34.14
N ILE I 116 14.17 -4.98 33.42
CA ILE I 116 15.09 -5.77 32.63
C ILE I 116 15.47 -5.09 31.32
N ALA I 117 14.52 -4.47 30.65
CA ALA I 117 14.83 -3.78 29.41
C ALA I 117 15.94 -2.79 29.70
N SER I 118 15.85 -2.15 30.86
CA SER I 118 16.81 -1.14 31.29
C SER I 118 18.24 -1.65 31.53
N LEU I 119 18.47 -2.94 31.28
CA LEU I 119 19.80 -3.49 31.48
C LEU I 119 20.80 -3.04 30.43
N ASP I 120 20.30 -2.43 29.35
CA ASP I 120 21.17 -1.96 28.29
C ASP I 120 20.54 -0.82 27.50
N GLU I 127 15.48 1.93 22.26
CA GLU I 127 15.52 3.36 21.99
C GLU I 127 15.52 4.18 23.28
N GLU I 128 15.48 5.50 23.17
CA GLU I 128 15.50 6.38 24.32
C GLU I 128 14.13 6.70 24.89
N GLU I 129 13.09 6.56 24.08
CA GLU I 129 11.73 6.83 24.55
C GLU I 129 11.27 5.69 25.40
N VAL I 130 11.37 5.84 26.70
CA VAL I 130 10.96 4.78 27.56
C VAL I 130 9.55 4.95 28.04
N PRO I 131 8.82 3.84 28.16
CA PRO I 131 7.42 3.88 28.62
C PRO I 131 7.36 3.91 30.13
N PHE I 132 6.23 4.33 30.69
CA PHE I 132 6.12 4.36 32.14
C PHE I 132 4.68 4.60 32.50
N THR I 133 4.27 4.26 33.71
CA THR I 133 2.88 4.44 34.05
C THR I 133 2.65 5.06 35.41
N PHE I 134 2.49 6.38 35.42
CA PHE I 134 2.27 7.10 36.66
C PHE I 134 0.91 6.72 37.18
N GLU I 135 0.66 6.97 38.45
CA GLU I 135 -0.64 6.63 39.05
C GLU I 135 -1.42 7.89 39.40
N ASP I 136 -0.79 9.04 39.21
CA ASP I 136 -1.44 10.33 39.46
C ASP I 136 -0.55 11.47 39.03
N PHE I 137 -1.16 12.54 38.53
CA PHE I 137 -0.40 13.67 38.08
C PHE I 137 -0.78 14.89 38.91
N ASP I 138 -0.10 16.01 38.70
CA ASP I 138 -0.38 17.20 39.51
C ASP I 138 0.36 18.45 39.00
N VAL I 139 -0.19 19.63 39.25
CA VAL I 139 0.43 20.90 38.82
C VAL I 139 0.35 21.80 40.04
N PRO I 140 1.04 21.43 41.11
CA PRO I 140 1.09 22.14 42.38
C PRO I 140 1.42 23.60 42.43
N GLU I 141 2.56 23.98 41.89
CA GLU I 141 2.99 25.37 41.98
C GLU I 141 3.25 26.01 40.63
N LYS I 142 3.40 27.34 40.62
CA LYS I 142 3.67 28.02 39.36
C LYS I 142 5.16 27.95 39.12
N LEU I 143 5.83 29.08 39.09
CA LEU I 143 7.27 29.07 38.86
C LEU I 143 7.88 30.48 38.82
N ALA J 5 13.63 -0.85 22.83
CA ALA J 5 12.73 0.33 22.65
C ALA J 5 13.43 1.55 23.21
N GLN J 6 13.02 1.98 24.39
CA GLN J 6 13.61 3.14 25.04
C GLN J 6 14.76 2.71 25.93
N ASN J 7 15.03 1.42 25.96
CA ASN J 7 16.11 0.84 26.76
C ASN J 7 17.41 1.05 25.98
N THR J 8 17.42 2.16 25.25
CA THR J 8 18.53 2.57 24.40
C THR J 8 19.60 3.33 25.18
N ILE J 9 20.68 3.70 24.48
CA ILE J 9 21.80 4.41 25.06
C ILE J 9 22.61 4.93 23.89
N SER J 10 23.06 6.17 23.95
CA SER J 10 23.85 6.69 22.85
C SER J 10 24.71 7.84 23.34
N GLY J 11 25.76 8.13 22.59
CA GLY J 11 26.63 9.21 22.99
C GLY J 11 27.38 9.92 21.89
N LYS J 12 27.50 11.23 22.04
CA LYS J 12 28.21 12.05 21.06
C LYS J 12 29.68 11.66 20.98
N GLU J 13 30.36 12.31 20.04
CA GLU J 13 31.78 12.13 19.74
C GLU J 13 32.54 11.20 20.66
N GLY J 14 33.03 10.10 20.10
CA GLY J 14 33.78 9.13 20.89
C GLY J 14 35.00 8.60 20.19
N ARG J 15 35.79 7.82 20.89
CA ARG J 15 37.00 7.23 20.33
C ARG J 15 37.12 5.78 20.80
N LEU J 16 37.48 4.87 19.89
CA LEU J 16 37.62 3.45 20.27
C LEU J 16 39.09 3.07 20.28
N PHE J 17 39.51 2.36 21.32
CA PHE J 17 40.93 2.00 21.44
C PHE J 17 41.18 0.51 21.31
N LEU J 18 42.13 0.13 20.45
CA LEU J 18 42.44 -1.29 20.32
C LEU J 18 43.67 -1.54 21.16
N ASP J 19 43.44 -2.15 22.31
CA ASP J 19 44.46 -2.44 23.30
C ASP J 19 45.42 -1.28 23.56
N GLY J 20 44.96 -0.04 23.39
CA GLY J 20 45.81 1.09 23.67
C GLY J 20 46.00 2.06 22.52
N GLU J 21 45.73 1.62 21.31
CA GLU J 21 45.90 2.52 20.19
C GLU J 21 44.55 3.10 19.79
N GLU J 22 44.49 4.42 19.68
CA GLU J 22 43.26 5.07 19.27
C GLU J 22 43.16 4.70 17.78
N MET J 23 41.99 4.35 17.30
CA MET J 23 41.91 3.95 15.91
C MET J 23 40.73 4.44 15.06
N ALA J 24 40.04 5.47 15.55
CA ALA J 24 38.91 6.04 14.82
C ALA J 24 38.11 6.98 15.68
N HIS J 25 38.03 8.24 15.27
CA HIS J 25 37.27 9.21 16.02
C HIS J 25 35.84 9.01 15.60
N ILE J 26 35.19 8.04 16.22
CA ILE J 26 33.82 7.72 15.91
C ILE J 26 32.83 8.75 16.46
N LYS J 27 32.03 9.29 15.57
CA LYS J 27 31.03 10.29 15.92
C LYS J 27 29.84 9.62 16.57
N THR J 28 28.64 10.11 16.27
CA THR J 28 27.43 9.56 16.82
C THR J 28 27.36 8.04 16.84
N PHE J 29 27.02 7.50 17.99
CA PHE J 29 26.89 6.05 18.11
C PHE J 29 25.68 5.80 18.99
N GLU J 30 24.98 4.69 18.79
CA GLU J 30 23.81 4.40 19.62
C GLU J 30 23.62 2.90 19.87
N ALA J 31 23.82 2.47 21.12
CA ALA J 31 23.69 1.07 21.48
C ALA J 31 22.34 0.69 22.03
N ASN J 32 22.27 -0.55 22.50
CA ASN J 32 21.04 -1.12 23.03
C ASN J 32 21.25 -2.23 24.05
N VAL J 33 21.33 -1.92 25.34
CA VAL J 33 21.49 -3.01 26.30
C VAL J 33 20.38 -4.02 26.12
N GLU J 34 20.74 -5.27 25.85
CA GLU J 34 19.74 -6.29 25.66
C GLU J 34 19.06 -6.68 26.95
N ALA J 55 25.24 -6.48 30.68
CA ALA J 55 25.11 -5.25 29.90
C ALA J 55 25.60 -5.50 28.49
N ASN J 56 25.50 -6.76 28.07
CA ASN J 56 25.90 -7.14 26.73
C ASN J 56 24.84 -6.53 25.84
N GLY J 57 25.14 -6.26 24.57
CA GLY J 57 24.12 -5.70 23.69
C GLY J 57 24.49 -5.54 22.23
N THR J 58 23.61 -4.93 21.45
CA THR J 58 23.96 -4.69 20.05
C THR J 58 23.83 -3.21 19.86
N GLY J 59 24.31 -2.71 18.74
CA GLY J 59 24.22 -1.28 18.52
C GLY J 59 24.64 -0.87 17.13
N THR J 60 24.83 0.43 16.96
CA THR J 60 25.25 0.94 15.67
C THR J 60 25.97 2.24 15.90
N ALA J 61 26.80 2.62 14.95
CA ALA J 61 27.53 3.86 15.13
C ALA J 61 28.13 4.24 13.81
N THR J 62 28.42 5.52 13.65
CA THR J 62 29.00 6.01 12.42
C THR J 62 30.36 6.64 12.68
N PHE J 63 31.33 6.32 11.85
CA PHE J 63 32.66 6.88 12.03
C PHE J 63 32.76 8.27 11.41
N SER J 68 42.36 9.59 9.41
CA SER J 68 41.32 8.70 8.91
C SER J 68 41.85 7.29 9.01
N LYS J 69 43.06 7.10 8.51
CA LYS J 69 43.69 5.79 8.53
C LYS J 69 43.48 5.17 9.89
N PHE J 70 43.91 5.87 10.93
CA PHE J 70 43.78 5.37 12.29
C PHE J 70 42.34 4.94 12.61
N VAL J 71 41.39 5.84 12.40
CA VAL J 71 40.01 5.50 12.67
C VAL J 71 39.68 4.20 11.99
N LEU J 72 39.75 4.20 10.67
CA LEU J 72 39.48 2.99 9.91
C LEU J 72 40.28 1.84 10.52
N LEU J 73 41.51 2.10 10.91
CA LEU J 73 42.29 1.02 11.50
C LEU J 73 41.57 0.50 12.73
N MET J 74 41.24 1.40 13.64
CA MET J 74 40.55 1.01 14.86
C MET J 74 39.28 0.25 14.58
N MET J 75 38.60 0.61 13.51
CA MET J 75 37.36 -0.04 13.16
C MET J 75 37.62 -1.50 12.87
N ASP J 76 38.65 -1.78 12.08
CA ASP J 76 38.98 -3.16 11.75
C ASP J 76 39.30 -3.94 13.02
N TYR J 77 39.65 -3.21 14.07
CA TYR J 77 39.97 -3.83 15.35
C TYR J 77 38.73 -4.19 16.13
N VAL J 78 37.83 -3.22 16.26
CA VAL J 78 36.59 -3.43 16.98
C VAL J 78 35.81 -4.48 16.21
N LYS J 79 36.08 -4.58 14.92
CA LYS J 79 35.41 -5.58 14.10
C LYS J 79 35.75 -6.91 14.75
N LYS J 80 37.04 -7.21 14.77
CA LYS J 80 37.54 -8.45 15.36
C LYS J 80 37.29 -8.44 16.85
N THR J 87 37.50 -0.96 22.36
CA THR J 87 36.85 -0.39 23.52
C THR J 87 36.41 0.99 23.09
N LEU J 88 35.10 1.20 22.97
CA LEU J 88 34.62 2.50 22.52
C LEU J 88 34.35 3.44 23.66
N GLN J 89 35.18 4.47 23.79
CA GLN J 89 34.97 5.40 24.88
C GLN J 89 34.51 6.78 24.43
N ALA J 90 33.21 7.02 24.54
CA ALA J 90 32.62 8.29 24.13
C ALA J 90 32.08 9.13 25.27
N VAL J 91 31.41 10.20 24.88
CA VAL J 91 30.77 11.13 25.80
C VAL J 91 29.25 10.94 25.70
N LEU J 92 28.65 10.56 26.82
CA LEU J 92 27.22 10.32 26.87
C LEU J 92 26.36 11.49 26.44
N ASP J 93 25.30 11.21 25.70
CA ASP J 93 24.40 12.26 25.24
C ASP J 93 22.97 12.10 25.74
N ASP J 94 22.82 11.88 27.04
CA ASP J 94 21.48 11.74 27.58
C ASP J 94 21.00 13.16 27.85
N GLN J 95 19.98 13.60 27.13
CA GLN J 95 19.47 14.96 27.30
C GLN J 95 18.73 15.15 28.61
N SER J 96 18.15 14.06 29.12
CA SER J 96 17.43 14.15 30.37
C SER J 96 18.32 14.80 31.42
N SER J 97 19.62 14.56 31.31
CA SER J 97 20.61 15.13 32.23
C SER J 97 20.25 14.82 33.68
N GLY J 98 19.92 13.57 33.96
CA GLY J 98 19.57 13.18 35.31
C GLY J 98 20.65 13.64 36.27
N ARG J 99 21.84 13.89 35.75
CA ARG J 99 22.98 14.34 36.55
C ARG J 99 23.71 15.49 35.85
N GLY J 100 24.42 15.15 34.78
CA GLY J 100 25.17 16.13 34.00
C GLY J 100 25.64 15.51 32.71
N THR J 101 26.94 15.30 32.56
CA THR J 101 27.51 14.66 31.36
C THR J 101 28.72 13.78 31.71
N GLU J 102 28.55 12.47 31.54
CA GLU J 102 29.61 11.50 31.83
C GLU J 102 30.10 10.73 30.64
N ARG J 103 31.24 10.06 30.81
CA ARG J 103 31.82 9.26 29.75
C ARG J 103 31.15 7.90 29.76
N VAL J 104 31.04 7.33 28.57
CA VAL J 104 30.45 6.03 28.42
C VAL J 104 31.46 5.18 27.69
N THR J 105 31.72 3.99 28.20
CA THR J 105 32.64 3.11 27.52
C THR J 105 31.83 1.89 27.13
N LEU J 106 32.21 1.22 26.05
CA LEU J 106 31.51 0.03 25.61
C LEU J 106 32.49 -1.09 25.52
N TYR J 107 32.68 -1.79 26.62
CA TYR J 107 33.64 -2.86 26.59
C TYR J 107 33.33 -3.88 25.53
N ASP J 108 34.39 -4.28 24.85
CA ASP J 108 34.34 -5.26 23.81
C ASP J 108 33.40 -5.03 22.64
N ASP J 112 35.76 -12.92 9.88
CA ASP J 112 34.71 -12.20 10.57
C ASP J 112 34.04 -11.35 9.51
N SER J 113 32.74 -11.59 9.32
CA SER J 113 31.95 -10.90 8.33
C SER J 113 32.32 -9.43 8.23
N ALA J 114 31.98 -8.72 9.30
CA ALA J 114 32.23 -7.30 9.45
C ALA J 114 33.59 -6.93 8.91
N LYS J 115 34.59 -7.67 9.38
CA LYS J 115 35.96 -7.42 8.95
C LYS J 115 36.04 -7.35 7.44
N ILE J 116 35.26 -8.18 6.77
CA ILE J 116 35.25 -8.15 5.33
C ILE J 116 34.44 -7.01 4.76
N ALA J 117 33.29 -6.72 5.33
CA ALA J 117 32.48 -5.62 4.84
C ALA J 117 33.34 -4.38 4.85
N SER J 118 34.15 -4.25 5.89
CA SER J 118 35.03 -3.10 6.08
C SER J 118 36.14 -2.94 5.03
N LEU J 119 36.17 -3.82 4.04
CA LEU J 119 37.18 -3.73 3.00
C LEU J 119 36.96 -2.57 2.05
N ASP J 120 35.79 -1.96 2.12
CA ASP J 120 35.47 -0.83 1.25
C ASP J 120 34.40 0.07 1.85
N GLU J 127 27.00 1.66 3.70
CA GLU J 127 26.74 2.94 4.32
C GLU J 127 27.71 3.21 5.48
N GLU J 128 27.51 4.33 6.17
CA GLU J 128 28.38 4.71 7.28
C GLU J 128 27.95 4.16 8.63
N GLU J 129 26.67 3.83 8.76
CA GLU J 129 26.17 3.28 10.03
C GLU J 129 26.61 1.84 10.15
N VAL J 130 27.67 1.62 10.87
CA VAL J 130 28.16 0.28 11.02
C VAL J 130 27.63 -0.38 12.26
N PRO J 131 27.33 -1.68 12.18
CA PRO J 131 26.80 -2.43 13.33
C PRO J 131 27.94 -2.91 14.20
N PHE J 132 27.66 -3.25 15.44
CA PHE J 132 28.72 -3.73 16.32
C PHE J 132 28.08 -4.31 17.56
N THR J 133 28.79 -5.16 18.28
CA THR J 133 28.17 -5.75 19.45
C THR J 133 29.05 -5.77 20.67
N PHE J 134 28.89 -4.75 21.51
CA PHE J 134 29.67 -4.64 22.73
C PHE J 134 29.25 -5.76 23.65
N GLU J 135 30.07 -6.06 24.64
CA GLU J 135 29.75 -7.12 25.60
C GLU J 135 29.46 -6.55 26.97
N ASP J 136 29.64 -5.23 27.11
CA ASP J 136 29.36 -4.54 28.37
C ASP J 136 29.51 -3.05 28.21
N PHE J 137 28.69 -2.30 28.92
CA PHE J 137 28.75 -0.86 28.82
C PHE J 137 29.09 -0.28 30.19
N ASP J 138 29.29 1.03 30.27
CA ASP J 138 29.68 1.64 31.54
C ASP J 138 29.68 3.17 31.49
N VAL J 139 29.46 3.82 32.62
CA VAL J 139 29.45 5.29 32.71
C VAL J 139 30.30 5.63 33.91
N PRO J 140 31.58 5.30 33.87
CA PRO J 140 32.56 5.51 34.92
C PRO J 140 32.73 6.87 35.54
N GLU J 141 33.00 7.88 34.75
CA GLU J 141 33.26 9.21 35.29
C GLU J 141 32.34 10.28 34.76
N LYS J 142 32.35 11.45 35.39
CA LYS J 142 31.50 12.53 34.90
C LYS J 142 32.25 13.24 33.81
N LEU J 143 32.58 14.50 33.99
CA LEU J 143 33.31 15.23 32.95
C LEU J 143 33.58 16.69 33.32
N ALA K 5 26.45 -1.70 3.64
CA ALA K 5 25.67 -1.07 4.76
C ALA K 5 26.49 0.09 5.30
N GLN K 6 27.12 -0.11 6.44
CA GLN K 6 27.92 0.93 7.06
C GLN K 6 29.37 0.82 6.59
N ASN K 7 29.63 -0.14 5.71
CA ASN K 7 30.96 -0.36 5.15
C ASN K 7 31.16 0.65 4.04
N THR K 8 30.54 1.80 4.24
CA THR K 8 30.54 2.92 3.31
C THR K 8 31.78 3.81 3.47
N ILE K 9 31.88 4.83 2.63
CA ILE K 9 33.00 5.76 2.62
C ILE K 9 32.56 6.93 1.77
N SER K 10 32.82 8.14 2.20
CA SER K 10 32.43 9.28 1.39
C SER K 10 33.29 10.49 1.74
N GLY K 11 33.34 11.45 0.84
CA GLY K 11 34.14 12.62 1.11
C GLY K 11 33.71 13.89 0.44
N LYS K 12 33.83 14.99 1.17
CA LYS K 12 33.47 16.30 0.65
C LYS K 12 34.35 16.68 -0.53
N GLU K 13 34.01 17.83 -1.11
CA GLU K 13 34.67 18.43 -2.27
C GLU K 13 35.91 17.72 -2.77
N GLY K 14 35.84 17.20 -3.98
CA GLY K 14 36.97 16.50 -4.57
C GLY K 14 37.22 16.85 -6.02
N ARG K 15 38.31 16.34 -6.57
CA ARG K 15 38.66 16.58 -7.95
C ARG K 15 39.18 15.29 -8.59
N LEU K 16 38.75 14.98 -9.81
CA LEU K 16 39.20 13.75 -10.47
C LEU K 16 40.15 14.12 -11.61
N PHE K 17 41.27 13.39 -11.71
CA PHE K 17 42.26 13.71 -12.72
C PHE K 17 42.41 12.63 -13.78
N LEU K 18 42.35 13.02 -15.05
CA LEU K 18 42.52 12.03 -16.11
C LEU K 18 43.96 12.13 -16.56
N ASP K 19 44.74 11.16 -16.14
CA ASP K 19 46.17 11.08 -16.41
C ASP K 19 46.91 12.40 -16.22
N GLY K 20 46.42 13.27 -15.34
CA GLY K 20 47.11 14.51 -15.09
C GLY K 20 46.28 15.76 -15.29
N GLU K 21 45.19 15.65 -16.03
CA GLU K 21 44.37 16.83 -16.24
C GLU K 21 43.19 16.81 -15.29
N GLU K 22 42.99 17.92 -14.59
CA GLU K 22 41.86 18.02 -13.67
C GLU K 22 40.67 18.13 -14.62
N MET K 23 39.57 17.44 -14.34
CA MET K 23 38.46 17.51 -15.27
C MET K 23 37.05 17.64 -14.73
N ALA K 24 36.93 18.01 -13.45
CA ALA K 24 35.63 18.20 -12.83
C ALA K 24 35.75 18.34 -11.32
N HIS K 25 35.32 19.48 -10.81
CA HIS K 25 35.37 19.70 -9.38
C HIS K 25 34.15 19.00 -8.81
N ILE K 26 34.28 17.71 -8.61
CA ILE K 26 33.20 16.91 -8.09
C ILE K 26 32.96 17.13 -6.60
N LYS K 27 31.72 17.49 -6.28
CA LYS K 27 31.32 17.75 -4.90
C LYS K 27 31.12 16.44 -4.17
N THR K 28 30.11 16.39 -3.31
CA THR K 28 29.81 15.19 -2.55
C THR K 28 29.87 13.90 -3.34
N PHE K 29 30.59 12.93 -2.81
CA PHE K 29 30.67 11.63 -3.45
C PHE K 29 30.62 10.59 -2.35
N GLU K 30 30.09 9.41 -2.64
CA GLU K 30 30.02 8.37 -1.61
C GLU K 30 30.18 6.95 -2.18
N ALA K 31 31.30 6.31 -1.87
CA ALA K 31 31.57 4.97 -2.37
C ALA K 31 31.18 3.86 -1.43
N ASN K 32 31.57 2.65 -1.81
CA ASN K 32 31.25 1.45 -1.07
C ASN K 32 32.23 0.29 -1.26
N VAL K 33 33.28 0.19 -0.44
CA VAL K 33 34.19 -0.94 -0.63
C VAL K 33 33.40 -2.24 -0.59
N GLU K 34 33.48 -3.02 -1.64
CA GLU K 34 32.76 -4.26 -1.68
C GLU K 34 33.37 -5.30 -0.77
N ALA K 55 40.11 -3.45 -2.53
CA ALA K 55 39.37 -2.24 -2.18
C ALA K 55 38.59 -1.80 -3.40
N ASN K 56 38.27 -2.75 -4.26
CA ASN K 56 37.50 -2.47 -5.44
C ASN K 56 36.11 -2.17 -4.93
N GLY K 57 35.29 -1.41 -5.66
CA GLY K 57 33.94 -1.15 -5.19
C GLY K 57 33.02 -0.38 -6.13
N THR K 58 31.83 -0.05 -5.66
CA THR K 58 30.95 0.75 -6.51
C THR K 58 30.64 1.98 -5.71
N GLY K 59 30.04 2.97 -6.34
CA GLY K 59 29.72 4.19 -5.61
C GLY K 59 28.88 5.15 -6.41
N THR K 60 28.80 6.37 -5.91
CA THR K 60 28.04 7.39 -6.59
C THR K 60 28.59 8.74 -6.19
N ALA K 61 28.34 9.73 -7.01
CA ALA K 61 28.87 11.04 -6.71
C ALA K 61 28.21 12.04 -7.58
N THR K 62 28.19 13.29 -7.13
CA THR K 62 27.57 14.35 -7.91
C THR K 62 28.59 15.41 -8.26
N PHE K 63 28.56 15.86 -9.51
CA PHE K 63 29.50 16.88 -9.93
C PHE K 63 29.01 18.28 -9.57
N SER K 68 33.37 24.42 -15.97
CA SER K 68 32.38 23.37 -16.09
C SER K 68 32.87 22.41 -17.15
N LYS K 69 33.25 22.96 -18.28
CA LYS K 69 33.73 22.16 -19.38
C LYS K 69 34.70 21.11 -18.86
N PHE K 70 35.74 21.58 -18.18
CA PHE K 70 36.74 20.68 -17.64
C PHE K 70 36.11 19.56 -16.80
N VAL K 71 35.31 19.93 -15.81
CA VAL K 71 34.67 18.93 -14.97
C VAL K 71 34.01 17.91 -15.87
N LEU K 72 33.02 18.35 -16.63
CA LEU K 72 32.33 17.46 -17.54
C LEU K 72 33.36 16.69 -18.36
N LEU K 73 34.43 17.35 -18.77
CA LEU K 73 35.43 16.63 -19.54
C LEU K 73 35.97 15.48 -18.70
N MET K 74 36.43 15.79 -17.50
CA MET K 74 36.96 14.77 -16.62
C MET K 74 35.99 13.64 -16.40
N MET K 75 34.72 13.96 -16.35
CA MET K 75 33.69 12.96 -16.13
C MET K 75 33.73 11.95 -17.25
N ASP K 76 33.76 12.44 -18.48
CA ASP K 76 33.80 11.54 -19.63
C ASP K 76 35.01 10.66 -19.58
N TYR K 77 36.01 11.09 -18.82
CA TYR K 77 37.24 10.33 -18.67
C TYR K 77 37.10 9.21 -17.66
N VAL K 78 36.58 9.57 -16.49
CA VAL K 78 36.39 8.58 -15.44
C VAL K 78 35.36 7.60 -15.94
N LYS K 79 34.52 8.05 -16.88
CA LYS K 79 33.52 7.16 -17.45
C LYS K 79 34.31 6.01 -18.05
N LYS K 80 35.16 6.35 -19.02
CA LYS K 80 35.99 5.36 -19.70
C LYS K 80 36.99 4.79 -18.72
N THR K 87 41.00 9.39 -11.71
CA THR K 87 41.46 9.20 -10.35
C THR K 87 40.78 10.28 -9.54
N LEU K 88 39.86 9.88 -8.67
CA LEU K 88 39.15 10.87 -7.89
C LEU K 88 39.81 11.18 -6.58
N GLN K 89 40.37 12.37 -6.45
CA GLN K 89 41.03 12.72 -5.22
C GLN K 89 40.33 13.78 -4.41
N ALA K 90 39.59 13.34 -3.39
CA ALA K 90 38.83 14.26 -2.54
C ALA K 90 39.32 14.35 -1.11
N VAL K 91 38.54 15.06 -0.31
CA VAL K 91 38.81 15.24 1.11
C VAL K 91 37.80 14.42 1.89
N LEU K 92 38.30 13.48 2.68
CA LEU K 92 37.46 12.60 3.47
C LEU K 92 36.53 13.31 4.43
N ASP K 93 35.31 12.82 4.54
CA ASP K 93 34.33 13.42 5.44
C ASP K 93 33.84 12.47 6.52
N ASP K 94 34.76 11.81 7.20
CA ASP K 94 34.35 10.91 8.27
C ASP K 94 34.19 11.79 9.50
N GLN K 95 32.96 11.90 9.99
CA GLN K 95 32.71 12.74 11.16
C GLN K 95 33.25 12.15 12.43
N SER K 96 33.34 10.82 12.48
CA SER K 96 33.87 10.17 13.66
C SER K 96 35.20 10.79 14.03
N SER K 97 35.94 11.24 13.02
CA SER K 97 37.25 11.87 13.22
C SER K 97 38.17 11.00 14.06
N GLY K 98 38.24 9.72 13.73
CA GLY K 98 39.10 8.81 14.46
C GLY K 98 40.50 9.39 14.57
N ARG K 99 40.83 10.32 13.67
CA ARG K 99 42.13 10.96 13.65
C ARG K 99 41.98 12.47 13.43
N GLY K 100 41.61 12.86 12.22
CA GLY K 100 41.42 14.25 11.87
C GLY K 100 40.74 14.36 10.52
N THR K 101 41.46 14.83 9.50
CA THR K 101 40.91 14.94 8.14
C THR K 101 41.98 14.66 7.08
N GLU K 102 41.81 13.55 6.37
CA GLU K 102 42.76 13.13 5.33
C GLU K 102 42.18 13.09 3.94
N ARG K 103 43.06 13.01 2.95
CA ARG K 103 42.64 12.94 1.56
C ARG K 103 42.30 11.50 1.23
N VAL K 104 41.35 11.35 0.33
CA VAL K 104 40.93 10.04 -0.10
C VAL K 104 41.03 10.03 -1.59
N THR K 105 41.67 9.01 -2.15
CA THR K 105 41.76 8.92 -3.58
C THR K 105 41.02 7.64 -3.97
N LEU K 106 40.45 7.61 -5.16
CA LEU K 106 39.73 6.43 -5.61
C LEU K 106 40.34 5.98 -6.90
N TYR K 107 41.36 5.15 -6.82
CA TYR K 107 41.99 4.71 -8.02
C TYR K 107 41.03 4.05 -8.98
N ASP K 108 41.18 4.42 -10.23
CA ASP K 108 40.39 3.90 -11.31
C ASP K 108 38.88 4.02 -11.23
N ASP K 112 30.86 2.53 -24.03
CA ASP K 112 30.70 2.44 -22.60
C ASP K 112 29.40 3.17 -22.28
N SER K 113 28.46 2.43 -21.71
CA SER K 113 27.15 2.94 -21.36
C SER K 113 27.23 4.36 -20.82
N ALA K 114 27.81 4.46 -19.64
CA ALA K 114 28.00 5.72 -18.93
C ALA K 114 28.42 6.82 -19.88
N LYS K 115 29.44 6.52 -20.66
CA LYS K 115 29.96 7.49 -21.62
C LYS K 115 28.82 8.05 -22.45
N ILE K 116 27.86 7.21 -22.78
CA ILE K 116 26.73 7.69 -23.56
C ILE K 116 25.72 8.44 -22.73
N ALA K 117 25.43 7.96 -21.52
CA ALA K 117 24.48 8.66 -20.67
C ALA K 117 24.96 10.09 -20.52
N SER K 118 26.27 10.24 -20.39
CA SER K 118 26.91 11.54 -20.21
C SER K 118 26.77 12.51 -21.39
N LEU K 119 26.06 12.10 -22.43
CA LEU K 119 25.88 12.97 -23.58
C LEU K 119 24.93 14.13 -23.32
N ASP K 120 24.22 14.07 -22.20
CA ASP K 120 23.29 15.13 -21.86
C ASP K 120 23.04 15.20 -20.35
N GLU K 127 19.77 12.53 -13.81
CA GLU K 127 20.01 13.28 -12.60
C GLU K 127 21.50 13.60 -12.42
N GLU K 128 21.87 14.22 -11.30
CA GLU K 128 23.24 14.59 -11.03
C GLU K 128 24.06 13.51 -10.33
N GLU K 129 23.39 12.60 -9.64
CA GLU K 129 24.09 11.52 -8.94
C GLU K 129 24.53 10.49 -9.94
N VAL K 130 25.78 10.57 -10.34
CA VAL K 130 26.26 9.64 -11.31
C VAL K 130 26.94 8.45 -10.67
N PRO K 131 26.75 7.27 -11.24
CA PRO K 131 27.36 6.05 -10.71
C PRO K 131 28.79 5.90 -11.22
N PHE K 132 29.59 5.09 -10.55
CA PHE K 132 30.97 4.91 -11.00
C PHE K 132 31.56 3.74 -10.24
N THR K 133 32.62 3.14 -10.78
CA THR K 133 33.17 2.00 -10.07
C THR K 133 34.67 2.02 -9.98
N PHE K 134 35.17 2.53 -8.85
CA PHE K 134 36.60 2.60 -8.62
C PHE K 134 37.11 1.19 -8.47
N GLU K 135 38.42 1.01 -8.61
CA GLU K 135 39.02 -0.32 -8.48
C GLU K 135 39.87 -0.41 -7.23
N ASP K 136 40.03 0.72 -6.54
CA ASP K 136 40.80 0.78 -5.29
C ASP K 136 40.68 2.14 -4.65
N PHE K 137 40.67 2.16 -3.34
CA PHE K 137 40.56 3.41 -2.62
C PHE K 137 41.81 3.62 -1.77
N ASP K 138 41.92 4.78 -1.14
CA ASP K 138 43.12 5.07 -0.35
C ASP K 138 42.99 6.36 0.48
N VAL K 139 43.71 6.44 1.60
CA VAL K 139 43.68 7.63 2.45
C VAL K 139 45.13 7.93 2.78
N PRO K 140 45.92 8.26 1.76
CA PRO K 140 47.34 8.57 1.83
C PRO K 140 47.86 9.57 2.81
N GLU K 141 47.35 10.79 2.77
CA GLU K 141 47.86 11.84 3.64
C GLU K 141 46.81 12.47 4.52
N LYS K 142 47.24 13.25 5.51
CA LYS K 142 46.27 13.91 6.38
C LYS K 142 45.85 15.18 5.70
N LEU K 143 46.14 16.33 6.29
CA LEU K 143 45.74 17.59 5.68
C LEU K 143 46.12 18.81 6.51
N ALA L 5 19.56 9.51 -15.35
CA ALA L 5 19.91 9.33 -13.91
C ALA L 5 20.78 10.49 -13.48
N GLN L 6 22.08 10.26 -13.37
CA GLN L 6 23.00 11.30 -12.97
C GLN L 6 23.54 12.03 -14.19
N ASN L 7 23.08 11.63 -15.36
CA ASN L 7 23.48 12.23 -16.64
C ASN L 7 22.68 13.51 -16.80
N THR L 8 22.39 14.11 -15.66
CA THR L 8 21.60 15.34 -15.55
C THR L 8 22.45 16.59 -15.74
N ILE L 9 21.81 17.75 -15.70
CA ILE L 9 22.45 19.04 -15.90
C ILE L 9 21.44 20.08 -15.44
N SER L 10 21.88 21.07 -14.69
CA SER L 10 20.95 22.09 -14.26
C SER L 10 21.69 23.37 -13.93
N GLY L 11 20.97 24.48 -13.94
CA GLY L 11 21.61 25.73 -13.64
C GLY L 11 20.74 26.80 -13.02
N LYS L 12 21.33 27.54 -12.09
CA LYS L 12 20.63 28.62 -11.42
C LYS L 12 20.23 29.72 -12.41
N GLU L 13 19.51 30.70 -11.88
CA GLU L 13 18.98 31.86 -12.59
C GLU L 13 19.41 32.00 -14.03
N GLY L 14 18.45 31.92 -14.94
CA GLY L 14 18.74 32.04 -16.35
C GLY L 14 17.75 32.89 -17.12
N ARG L 15 18.04 33.14 -18.38
CA ARG L 15 17.16 33.94 -19.23
C ARG L 15 17.07 33.30 -20.61
N LEU L 16 15.86 33.23 -21.17
CA LEU L 16 15.69 32.63 -22.50
C LEU L 16 15.39 33.71 -23.51
N PHE L 17 16.04 33.66 -24.67
CA PHE L 17 15.85 34.70 -25.68
C PHE L 17 15.18 34.20 -26.94
N LEU L 18 14.14 34.90 -27.39
CA LEU L 18 13.46 34.48 -28.61
C LEU L 18 14.01 35.37 -29.70
N ASP L 19 14.89 34.79 -30.51
CA ASP L 19 15.57 35.47 -31.59
C ASP L 19 16.12 36.85 -31.23
N GLY L 20 16.45 37.07 -29.96
CA GLY L 20 16.99 38.34 -29.57
C GLY L 20 16.25 39.06 -28.47
N GLU L 21 15.00 38.70 -28.24
CA GLU L 21 14.26 39.36 -27.19
C GLU L 21 14.26 38.51 -25.94
N GLU L 22 14.62 39.11 -24.81
CA GLU L 22 14.62 38.40 -23.55
C GLU L 22 13.14 38.23 -23.27
N MET L 23 12.71 37.07 -22.80
CA MET L 23 11.28 36.90 -22.57
C MET L 23 10.83 36.18 -21.30
N ALA L 24 11.72 36.04 -20.34
CA ALA L 24 11.38 35.41 -19.06
C ALA L 24 12.62 35.11 -18.25
N HIS L 25 12.68 35.69 -17.06
CA HIS L 25 13.82 35.45 -16.19
C HIS L 25 13.54 34.14 -15.50
N ILE L 26 13.85 33.06 -16.20
CA ILE L 26 13.63 31.73 -15.68
C ILE L 26 14.62 31.34 -14.59
N LYS L 27 14.09 30.97 -13.44
CA LYS L 27 14.89 30.57 -12.30
C LYS L 27 15.40 29.16 -12.49
N THR L 28 15.44 28.39 -11.42
CA THR L 28 15.91 27.02 -11.47
C THR L 28 15.40 26.22 -12.66
N PHE L 29 16.32 25.58 -13.36
CA PHE L 29 15.94 24.74 -14.48
C PHE L 29 16.83 23.51 -14.43
N GLU L 30 16.34 22.37 -14.91
CA GLU L 30 17.15 21.15 -14.88
C GLU L 30 16.88 20.23 -16.07
N ALA L 31 17.86 20.11 -16.97
CA ALA L 31 17.72 19.28 -18.16
C ALA L 31 18.26 17.89 -18.02
N ASN L 32 18.28 17.18 -19.14
CA ASN L 32 18.72 15.80 -19.20
C ASN L 32 19.25 15.36 -20.56
N VAL L 33 20.54 15.50 -20.82
CA VAL L 33 21.04 15.03 -22.12
C VAL L 33 20.65 13.58 -22.33
N GLU L 34 19.91 13.31 -23.39
CA GLU L 34 19.50 11.95 -23.65
C GLU L 34 20.65 11.08 -24.12
N ALA L 55 23.40 16.28 -28.28
CA ALA L 55 23.14 16.83 -26.96
C ALA L 55 21.67 17.22 -26.88
N ASN L 56 20.86 16.55 -27.68
CA ASN L 56 19.44 16.80 -27.69
C ASN L 56 18.95 16.24 -26.36
N GLY L 57 17.83 16.73 -25.83
CA GLY L 57 17.33 16.18 -24.57
C GLY L 57 15.99 16.67 -24.08
N THR L 58 15.59 16.26 -22.88
CA THR L 58 14.34 16.78 -22.35
C THR L 58 14.70 17.42 -21.04
N GLY L 59 13.77 18.15 -20.46
CA GLY L 59 14.07 18.79 -19.19
C GLY L 59 12.88 19.45 -18.56
N THR L 60 13.15 20.27 -17.55
CA THR L 60 12.09 20.97 -16.88
C THR L 60 12.67 22.23 -16.27
N ALA L 61 11.81 23.20 -16.01
CA ALA L 61 12.32 24.43 -15.45
C ALA L 61 11.16 25.23 -14.96
N THR L 62 11.43 26.11 -14.01
CA THR L 62 10.38 26.95 -13.45
C THR L 62 10.68 28.42 -13.70
N PHE L 63 9.68 29.17 -14.12
CA PHE L 63 9.88 30.57 -14.37
C PHE L 63 9.77 31.40 -13.08
N SER L 68 7.18 40.51 -15.91
CA SER L 68 6.53 39.21 -15.94
C SER L 68 6.06 38.97 -17.35
N LYS L 69 5.38 39.96 -17.89
CA LYS L 69 4.87 39.86 -19.24
C LYS L 69 5.94 39.27 -20.15
N PHE L 70 7.09 39.93 -20.18
CA PHE L 70 8.18 39.48 -21.01
C PHE L 70 8.52 37.99 -20.78
N VAL L 71 8.76 37.62 -19.53
CA VAL L 71 9.08 36.24 -19.24
C VAL L 71 8.02 35.36 -19.86
N LEU L 72 6.78 35.51 -19.41
CA LEU L 72 5.69 34.74 -19.96
C LEU L 72 5.75 34.82 -21.49
N LEU L 73 6.04 36.00 -22.02
CA LEU L 73 6.11 36.11 -23.47
C LEU L 73 7.16 35.13 -23.98
N MET L 74 8.38 35.23 -23.45
CA MET L 74 9.44 34.35 -23.87
C MET L 74 9.08 32.89 -23.77
N MET L 75 8.30 32.55 -22.75
CA MET L 75 7.90 31.18 -22.55
C MET L 75 7.09 30.71 -23.74
N ASP L 76 6.13 31.52 -24.17
CA ASP L 76 5.30 31.16 -25.31
C ASP L 76 6.16 30.96 -26.54
N TYR L 77 7.34 31.55 -26.51
CA TYR L 77 8.28 31.43 -27.63
C TYR L 77 9.03 30.12 -27.61
N VAL L 78 9.60 29.82 -26.45
CA VAL L 78 10.35 28.58 -26.30
C VAL L 78 9.37 27.44 -26.47
N LYS L 79 8.10 27.72 -26.21
CA LYS L 79 7.07 26.71 -26.38
C LYS L 79 7.16 26.30 -27.84
N LYS L 80 6.92 27.28 -28.71
CA LYS L 80 6.96 27.05 -30.14
C LYS L 80 8.39 26.73 -30.56
N THR L 87 16.09 30.22 -26.73
CA THR L 87 17.45 29.85 -26.38
C THR L 87 17.59 30.18 -24.91
N LEU L 88 17.72 29.15 -24.08
CA LEU L 88 17.83 29.40 -22.65
C LEU L 88 19.25 29.55 -22.19
N GLN L 89 19.63 30.77 -21.82
CA GLN L 89 20.98 30.98 -21.37
C GLN L 89 21.11 31.27 -19.89
N ALA L 90 21.47 30.25 -19.11
CA ALA L 90 21.61 30.40 -17.66
C ALA L 90 23.03 30.26 -17.15
N VAL L 91 23.12 30.24 -15.83
CA VAL L 91 24.38 30.07 -15.13
C VAL L 91 24.41 28.67 -14.51
N LEU L 92 25.39 27.88 -14.93
CA LEU L 92 25.53 26.51 -14.45
C LEU L 92 25.65 26.38 -12.95
N ASP L 93 25.00 25.37 -12.40
CA ASP L 93 25.05 25.14 -10.96
C ASP L 93 25.64 23.79 -10.59
N ASP L 94 26.78 23.45 -11.16
CA ASP L 94 27.41 22.18 -10.83
C ASP L 94 28.22 22.45 -9.56
N GLN L 95 27.83 21.83 -8.45
CA GLN L 95 28.53 22.04 -7.20
C GLN L 95 29.90 21.40 -7.18
N SER L 96 30.06 20.33 -7.95
CA SER L 96 31.35 19.66 -7.98
C SER L 96 32.44 20.68 -8.28
N SER L 97 32.09 21.71 -9.05
CA SER L 97 33.02 22.77 -9.41
C SER L 97 34.30 22.21 -10.03
N GLY L 98 34.15 21.29 -10.95
CA GLY L 98 35.31 20.70 -11.60
C GLY L 98 36.25 21.79 -12.10
N ARG L 99 35.70 22.99 -12.29
CA ARG L 99 36.46 24.14 -12.76
C ARG L 99 36.11 25.39 -11.94
N GLY L 100 34.91 25.92 -12.16
CA GLY L 100 34.45 27.10 -11.46
C GLY L 100 32.97 27.29 -11.70
N THR L 101 32.60 28.33 -12.45
CA THR L 101 31.19 28.59 -12.78
C THR L 101 31.04 29.19 -14.19
N GLU L 102 30.44 28.41 -15.09
CA GLU L 102 30.26 28.82 -16.47
C GLU L 102 28.80 28.96 -16.89
N ARG L 103 28.59 29.61 -18.03
CA ARG L 103 27.26 29.79 -18.57
C ARG L 103 26.86 28.54 -19.33
N VAL L 104 25.58 28.25 -19.30
CA VAL L 104 25.05 27.11 -19.99
C VAL L 104 23.96 27.61 -20.88
N THR L 105 23.98 27.23 -22.15
CA THR L 105 22.92 27.64 -23.04
C THR L 105 22.23 26.36 -23.49
N LEU L 106 20.95 26.44 -23.80
CA LEU L 106 20.21 25.28 -24.25
C LEU L 106 19.61 25.58 -25.59
N TYR L 107 20.36 25.33 -26.63
CA TYR L 107 19.84 25.64 -27.93
C TYR L 107 18.53 24.94 -28.21
N ASP L 108 17.63 25.71 -28.79
CA ASP L 108 16.32 25.25 -29.17
C ASP L 108 15.43 24.64 -28.11
N ASP L 112 0.53 23.69 -30.85
CA ASP L 112 1.56 23.08 -30.03
C ASP L 112 0.95 22.99 -28.63
N SER L 113 0.86 21.77 -28.14
CA SER L 113 0.28 21.48 -26.83
C SER L 113 0.66 22.53 -25.81
N ALA L 114 1.94 22.51 -25.47
CA ALA L 114 2.54 23.42 -24.51
C ALA L 114 2.01 24.82 -24.68
N LYS L 115 2.05 25.30 -25.92
CA LYS L 115 1.58 26.63 -26.22
C LYS L 115 0.19 26.84 -25.65
N ILE L 116 -0.62 25.80 -25.69
CA ILE L 116 -1.95 25.91 -25.14
C ILE L 116 -1.98 25.81 -23.63
N ALA L 117 -1.20 24.91 -23.05
CA ALA L 117 -1.17 24.77 -21.61
C ALA L 117 -0.83 26.14 -21.03
N SER L 118 0.08 26.83 -21.70
CA SER L 118 0.55 28.15 -21.28
C SER L 118 -0.51 29.26 -21.30
N LEU L 119 -1.75 28.92 -21.65
CA LEU L 119 -2.80 29.91 -21.69
C LEU L 119 -3.25 30.36 -20.31
N ASP L 120 -2.82 29.63 -19.28
CA ASP L 120 -3.19 29.97 -17.91
C ASP L 120 -2.19 29.45 -16.90
N GLU L 127 1.01 23.68 -12.76
CA GLU L 127 2.08 24.04 -11.84
C GLU L 127 3.13 24.93 -12.51
N GLU L 128 4.19 25.27 -11.78
CA GLU L 128 5.24 26.13 -12.30
C GLU L 128 6.35 25.39 -13.02
N GLU L 129 6.52 24.11 -12.73
CA GLU L 129 7.56 23.32 -13.39
C GLU L 129 7.11 22.98 -14.78
N VAL L 130 7.57 23.75 -15.75
CA VAL L 130 7.17 23.49 -17.09
C VAL L 130 8.16 22.63 -17.82
N PRO L 131 7.66 21.74 -18.68
CA PRO L 131 8.53 20.83 -19.45
C PRO L 131 9.03 21.52 -20.70
N PHE L 132 10.10 21.02 -21.29
CA PHE L 132 10.62 21.64 -22.51
C PHE L 132 11.64 20.72 -23.11
N THR L 133 11.93 20.87 -24.40
CA THR L 133 12.87 19.96 -25.00
C THR L 133 13.90 20.63 -25.89
N PHE L 134 15.05 20.93 -25.30
CA PHE L 134 16.12 21.58 -26.03
C PHE L 134 16.64 20.60 -27.06
N GLU L 135 17.35 21.10 -28.06
CA GLU L 135 17.90 20.23 -29.10
C GLU L 135 19.42 20.16 -29.01
N ASP L 136 19.98 20.96 -28.11
CA ASP L 136 21.43 20.97 -27.88
C ASP L 136 21.79 21.85 -26.71
N PHE L 137 22.81 21.45 -25.96
CA PHE L 137 23.21 22.22 -24.81
C PHE L 137 24.65 22.70 -25.02
N ASP L 138 25.16 23.52 -24.10
CA ASP L 138 26.50 24.07 -24.27
C ASP L 138 27.00 24.82 -23.03
N VAL L 139 28.31 24.87 -22.82
CA VAL L 139 28.90 25.58 -21.67
C VAL L 139 30.04 26.39 -22.26
N PRO L 140 29.71 27.35 -23.11
CA PRO L 140 30.64 28.24 -23.80
C PRO L 140 31.68 29.00 -23.03
N GLU L 141 31.26 29.79 -22.06
CA GLU L 141 32.20 30.63 -21.33
C GLU L 141 32.19 30.40 -19.84
N LYS L 142 33.19 30.94 -19.14
CA LYS L 142 33.23 30.76 -17.69
C LYS L 142 32.36 31.84 -17.09
N LEU L 143 32.94 32.74 -16.31
CA LEU L 143 32.14 33.79 -15.70
C LEU L 143 32.97 34.73 -14.80
#